data_8DBF
#
_entry.id   8DBF
#
_cell.length_a   1.00
_cell.length_b   1.00
_cell.length_c   1.00
_cell.angle_alpha   90.00
_cell.angle_beta   90.00
_cell.angle_gamma   90.00
#
_symmetry.space_group_name_H-M   'P 1'
#
loop_
_entity.id
_entity.type
_entity.pdbx_description
1 polymer 'Ribose-phosphate pyrophosphokinase 1'
2 non-polymer 5-O-phosphono-alpha-D-ribofuranose
3 non-polymer "ADENOSINE-5'-DIPHOSPHATE"
4 non-polymer 'MAGNESIUM ION'
5 water water
#
_entity_poly.entity_id   1
_entity_poly.type   'polypeptide(L)'
_entity_poly.pdbx_seq_one_letter_code
;SPNIKIFSGSSHQDLSQKIADRLGLELGKVVTKKFSNQETCVEIGESVRGEDVYIVQSGCGEINDNLMELLIMINACKIA
SASRVTAVIPCFPYARQDKKDKSRAPISAKLVANMLSVAGADHIITMDLHASQIQGFFDIPVDNLYAEPAVLKWIRENIS
EWRNCTIVSPDAGGAKRVTSIADRLNVDFALIHKERKKANEVDRMVLVGDVKDRVAILVDDMADTCGTICHAADKLLSAG
ATRVYAILTHGIFSGPAISRINNACFEAVVVTNTIPQEDKMKHCSKIQVIDISMILAEAIRRTHNGESVSYLFSHVPL
;
_entity_poly.pdbx_strand_id   A,B,C,D,E,F,G,H,I,J,K,L
#
# COMPACT_ATOMS: atom_id res chain seq x y z
N PRO A 2 -4.83 0.14 -6.30
CA PRO A 2 -5.90 0.29 -7.30
C PRO A 2 -5.39 0.82 -8.63
N ASN A 3 -5.98 0.35 -9.72
CA ASN A 3 -5.61 0.78 -11.06
C ASN A 3 -6.75 1.57 -11.70
N ILE A 4 -6.39 2.46 -12.63
CA ILE A 4 -7.40 3.19 -13.37
C ILE A 4 -8.13 2.24 -14.30
N LYS A 5 -9.46 2.21 -14.18
CA LYS A 5 -10.32 1.52 -15.12
C LYS A 5 -11.23 2.56 -15.75
N ILE A 6 -11.14 2.71 -17.07
CA ILE A 6 -11.94 3.69 -17.81
C ILE A 6 -13.04 2.92 -18.53
N PHE A 7 -14.30 3.25 -18.22
CA PHE A 7 -15.44 2.64 -18.87
C PHE A 7 -16.22 3.70 -19.63
N SER A 8 -16.66 3.35 -20.82
CA SER A 8 -17.42 4.26 -21.67
C SER A 8 -18.89 3.88 -21.67
N GLY A 9 -19.75 4.88 -21.50
CA GLY A 9 -21.15 4.73 -21.84
C GLY A 9 -21.36 4.88 -23.33
N SER A 10 -22.63 4.83 -23.74
CA SER A 10 -22.96 4.90 -25.15
C SER A 10 -22.92 6.33 -25.68
N SER A 11 -22.84 7.33 -24.81
CA SER A 11 -23.02 8.71 -25.24
C SER A 11 -21.85 9.19 -26.11
N HIS A 12 -20.63 9.19 -25.53
CA HIS A 12 -19.47 9.76 -26.22
C HIS A 12 -18.31 8.75 -26.10
N GLN A 13 -18.32 7.77 -27.00
CA GLN A 13 -17.31 6.72 -26.92
C GLN A 13 -16.00 7.15 -27.58
N ASP A 14 -16.06 8.06 -28.56
CA ASP A 14 -14.83 8.59 -29.15
C ASP A 14 -14.02 9.37 -28.12
N LEU A 15 -14.70 10.18 -27.30
CA LEU A 15 -14.01 10.91 -26.24
C LEU A 15 -13.42 9.95 -25.21
N SER A 16 -14.16 8.90 -24.87
CA SER A 16 -13.64 7.90 -23.94
C SER A 16 -12.40 7.24 -24.52
N GLN A 17 -12.41 6.93 -25.80
CA GLN A 17 -11.25 6.34 -26.45
C GLN A 17 -10.06 7.29 -26.41
N LYS A 18 -10.29 8.58 -26.68
CA LYS A 18 -9.21 9.55 -26.62
C LYS A 18 -8.63 9.66 -25.22
N ILE A 19 -9.49 9.66 -24.21
CA ILE A 19 -9.03 9.72 -22.83
C ILE A 19 -8.19 8.49 -22.49
N ALA A 20 -8.68 7.31 -22.89
CA ALA A 20 -7.95 6.07 -22.61
C ALA A 20 -6.59 6.06 -23.31
N ASP A 21 -6.54 6.51 -24.56
CA ASP A 21 -5.26 6.57 -25.27
C ASP A 21 -4.31 7.53 -24.59
N ARG A 22 -4.79 8.69 -24.16
CA ARG A 22 -3.93 9.64 -23.48
C ARG A 22 -3.46 9.11 -22.13
N LEU A 23 -4.25 8.23 -21.51
CA LEU A 23 -3.84 7.57 -20.28
C LEU A 23 -3.04 6.30 -20.54
N GLY A 24 -2.83 5.93 -21.79
CA GLY A 24 -2.13 4.69 -22.11
C GLY A 24 -2.86 3.45 -21.65
N LEU A 25 -4.19 3.45 -21.76
CA LEU A 25 -5.01 2.34 -21.30
C LEU A 25 -5.97 1.92 -22.40
N GLU A 26 -6.44 0.68 -22.30
CA GLU A 26 -7.58 0.25 -23.08
C GLU A 26 -8.86 0.49 -22.29
N LEU A 27 -9.92 0.84 -23.01
CA LEU A 27 -11.21 1.02 -22.39
C LEU A 27 -11.64 -0.28 -21.73
N GLY A 28 -12.26 -0.17 -20.55
CA GLY A 28 -12.77 -1.34 -19.89
C GLY A 28 -13.85 -2.02 -20.70
N LYS A 29 -13.95 -3.33 -20.55
CA LYS A 29 -14.91 -4.11 -21.33
C LYS A 29 -16.29 -3.91 -20.74
N VAL A 30 -17.16 -3.25 -21.49
CA VAL A 30 -18.55 -3.06 -21.10
C VAL A 30 -19.43 -3.24 -22.33
N VAL A 31 -20.53 -3.95 -22.16
CA VAL A 31 -21.60 -4.00 -23.15
C VAL A 31 -22.73 -3.13 -22.62
N THR A 32 -23.01 -2.05 -23.34
CA THR A 32 -24.05 -1.09 -22.97
C THR A 32 -25.07 -1.10 -24.09
N LYS A 33 -26.13 -1.88 -23.92
CA LYS A 33 -27.16 -2.00 -24.94
C LYS A 33 -28.54 -1.77 -24.35
N LYS A 34 -29.58 -2.07 -25.11
CA LYS A 34 -30.95 -2.03 -24.61
C LYS A 34 -31.59 -3.39 -24.70
N PHE A 35 -32.31 -3.77 -23.64
CA PHE A 35 -33.21 -4.90 -23.71
C PHE A 35 -34.30 -4.60 -24.73
N SER A 36 -35.08 -5.63 -25.06
CA SER A 36 -36.13 -5.46 -26.05
C SER A 36 -37.15 -4.40 -25.63
N ASN A 37 -37.51 -4.39 -24.35
CA ASN A 37 -38.47 -3.41 -23.84
C ASN A 37 -37.84 -2.06 -23.55
N GLN A 38 -36.65 -1.79 -24.11
CA GLN A 38 -35.95 -0.52 -24.04
C GLN A 38 -35.40 -0.21 -22.66
N GLU A 39 -35.33 -1.19 -21.77
CA GLU A 39 -34.63 -1.01 -20.51
C GLU A 39 -33.12 -1.08 -20.75
N THR A 40 -32.37 -0.27 -20.00
CA THR A 40 -30.94 -0.22 -20.17
C THR A 40 -30.30 -1.52 -19.70
N CYS A 41 -29.44 -2.11 -20.54
CA CYS A 41 -28.70 -3.30 -20.21
C CYS A 41 -27.23 -2.96 -20.10
N VAL A 42 -26.64 -3.23 -18.94
CA VAL A 42 -25.23 -2.95 -18.70
C VAL A 42 -24.55 -4.25 -18.30
N GLU A 43 -23.51 -4.63 -19.03
CA GLU A 43 -22.77 -5.86 -18.81
C GLU A 43 -21.29 -5.51 -18.72
N ILE A 44 -20.82 -5.26 -17.50
CA ILE A 44 -19.40 -5.03 -17.27
C ILE A 44 -18.67 -6.34 -17.48
N GLY A 45 -17.70 -6.34 -18.38
CA GLY A 45 -17.03 -7.55 -18.80
C GLY A 45 -15.73 -7.88 -18.10
N GLU A 46 -15.41 -7.22 -17.01
CA GLU A 46 -14.18 -7.51 -16.28
C GLU A 46 -14.34 -7.13 -14.83
N SER A 47 -13.46 -7.67 -14.00
CA SER A 47 -13.46 -7.35 -12.58
C SER A 47 -13.04 -5.90 -12.37
N VAL A 48 -13.73 -5.23 -11.45
CA VAL A 48 -13.34 -3.89 -10.99
C VAL A 48 -13.05 -3.89 -9.49
N ARG A 49 -12.83 -5.07 -8.92
CA ARG A 49 -12.61 -5.20 -7.48
C ARG A 49 -11.38 -4.39 -7.06
N GLY A 50 -11.59 -3.47 -6.12
CA GLY A 50 -10.51 -2.64 -5.64
C GLY A 50 -9.90 -1.74 -6.68
N GLU A 51 -10.61 -1.47 -7.76
CA GLU A 51 -10.12 -0.63 -8.84
C GLU A 51 -10.63 0.79 -8.69
N ASP A 52 -9.92 1.72 -9.32
CA ASP A 52 -10.31 3.12 -9.39
C ASP A 52 -11.04 3.31 -10.71
N VAL A 53 -12.36 3.27 -10.66
CA VAL A 53 -13.19 3.20 -11.86
C VAL A 53 -13.61 4.60 -12.27
N TYR A 54 -13.39 4.94 -13.53
CA TYR A 54 -13.85 6.19 -14.12
C TYR A 54 -14.81 5.85 -15.24
N ILE A 55 -16.03 6.33 -15.14
CA ILE A 55 -17.06 6.10 -16.14
C ILE A 55 -17.31 7.40 -16.88
N VAL A 56 -17.06 7.40 -18.19
CA VAL A 56 -17.23 8.58 -19.03
C VAL A 56 -18.60 8.50 -19.67
N GLN A 57 -19.43 9.51 -19.40
CA GLN A 57 -20.77 9.57 -19.97
C GLN A 57 -21.19 11.04 -19.98
N SER A 58 -21.36 11.59 -21.17
CA SER A 58 -21.79 12.97 -21.31
C SER A 58 -23.30 13.06 -21.31
N GLY A 59 -23.83 14.20 -20.87
CA GLY A 59 -25.24 14.42 -20.96
C GLY A 59 -25.57 14.99 -22.33
N CYS A 60 -25.93 14.10 -23.25
CA CYS A 60 -26.16 14.46 -24.64
C CYS A 60 -26.86 13.28 -25.31
N GLY A 61 -27.29 13.50 -26.54
CA GLY A 61 -28.01 12.46 -27.25
C GLY A 61 -29.28 12.09 -26.52
N GLU A 62 -29.48 10.79 -26.34
CA GLU A 62 -30.61 10.27 -25.58
C GLU A 62 -30.31 10.51 -24.11
N ILE A 63 -30.74 11.66 -23.61
CA ILE A 63 -30.29 12.17 -22.31
C ILE A 63 -30.66 11.19 -21.20
N ASN A 64 -31.93 10.81 -21.13
CA ASN A 64 -32.37 9.95 -20.03
C ASN A 64 -31.82 8.54 -20.18
N ASP A 65 -31.74 8.06 -21.41
CA ASP A 65 -31.06 6.80 -21.71
C ASP A 65 -29.63 6.81 -21.17
N ASN A 66 -28.89 7.86 -21.49
CA ASN A 66 -27.48 7.94 -21.10
C ASN A 66 -27.33 8.08 -19.60
N LEU A 67 -28.17 8.90 -18.98
CA LEU A 67 -28.08 9.08 -17.53
C LEU A 67 -28.42 7.78 -16.80
N MET A 68 -29.43 7.05 -17.26
CA MET A 68 -29.74 5.77 -16.65
C MET A 68 -28.61 4.79 -16.86
N GLU A 69 -28.01 4.79 -18.04
CA GLU A 69 -26.83 3.96 -18.31
C GLU A 69 -25.72 4.26 -17.32
N LEU A 70 -25.44 5.55 -17.11
CA LEU A 70 -24.40 5.96 -16.18
C LEU A 70 -24.71 5.53 -14.76
N LEU A 71 -25.95 5.71 -14.32
CA LEU A 71 -26.33 5.32 -12.96
C LEU A 71 -26.20 3.82 -12.76
N ILE A 72 -26.66 3.04 -13.74
CA ILE A 72 -26.60 1.58 -13.63
C ILE A 72 -25.14 1.12 -13.62
N MET A 73 -24.30 1.73 -14.45
CA MET A 73 -22.88 1.37 -14.46
C MET A 73 -22.19 1.74 -13.15
N ILE A 74 -22.53 2.90 -12.59
CA ILE A 74 -21.97 3.28 -11.29
C ILE A 74 -22.38 2.29 -10.23
N ASN A 75 -23.67 1.93 -10.19
CA ASN A 75 -24.13 1.01 -9.18
C ASN A 75 -23.52 -0.37 -9.35
N ALA A 76 -23.39 -0.83 -10.59
CA ALA A 76 -22.76 -2.13 -10.84
C ALA A 76 -21.32 -2.12 -10.36
N CYS A 77 -20.59 -1.04 -10.64
CA CYS A 77 -19.20 -0.97 -10.19
C CYS A 77 -19.12 -0.94 -8.66
N LYS A 78 -20.02 -0.21 -8.01
CA LYS A 78 -20.02 -0.16 -6.55
C LYS A 78 -20.32 -1.52 -5.94
N ILE A 79 -21.35 -2.20 -6.44
CA ILE A 79 -21.67 -3.52 -5.92
C ILE A 79 -20.59 -4.53 -6.29
N ALA A 80 -19.89 -4.30 -7.39
CA ALA A 80 -18.74 -5.13 -7.77
C ALA A 80 -17.48 -4.77 -6.99
N SER A 81 -17.62 -4.01 -5.90
CA SER A 81 -16.54 -3.76 -4.95
C SER A 81 -15.40 -2.95 -5.56
N ALA A 82 -15.74 -1.99 -6.41
CA ALA A 82 -14.74 -1.04 -6.88
C ALA A 82 -14.24 -0.19 -5.70
N SER A 83 -12.95 0.11 -5.70
CA SER A 83 -12.39 0.94 -4.65
C SER A 83 -12.99 2.34 -4.67
N ARG A 84 -13.17 2.90 -5.86
CA ARG A 84 -13.73 4.24 -6.02
C ARG A 84 -14.37 4.32 -7.40
N VAL A 85 -15.54 4.95 -7.46
CA VAL A 85 -16.25 5.13 -8.72
C VAL A 85 -16.36 6.63 -8.99
N THR A 86 -15.83 7.07 -10.12
CA THR A 86 -15.88 8.46 -10.52
C THR A 86 -16.71 8.57 -11.80
N ALA A 87 -17.68 9.48 -11.79
CA ALA A 87 -18.48 9.76 -12.98
C ALA A 87 -17.83 10.93 -13.72
N VAL A 88 -17.29 10.66 -14.89
CA VAL A 88 -16.74 11.69 -15.75
C VAL A 88 -17.87 12.14 -16.68
N ILE A 89 -18.48 13.26 -16.36
CA ILE A 89 -19.64 13.75 -17.10
C ILE A 89 -19.25 15.06 -17.76
N PRO A 90 -18.72 15.03 -18.98
CA PRO A 90 -18.23 16.28 -19.60
C PRO A 90 -19.30 17.36 -19.71
N CYS A 91 -20.53 17.01 -20.05
CA CYS A 91 -21.65 17.95 -20.07
C CYS A 91 -22.70 17.43 -19.09
N PHE A 92 -22.86 18.14 -17.98
CA PHE A 92 -23.75 17.68 -16.92
C PHE A 92 -25.21 17.79 -17.36
N PRO A 93 -25.97 16.69 -17.37
CA PRO A 93 -27.37 16.77 -17.79
C PRO A 93 -28.22 17.50 -16.77
N TYR A 94 -29.27 18.15 -17.27
CA TYR A 94 -30.22 18.90 -16.45
C TYR A 94 -29.58 20.04 -15.70
N ALA A 95 -28.40 20.49 -16.13
CA ALA A 95 -27.68 21.53 -15.42
C ALA A 95 -28.43 22.86 -15.46
N ARG A 96 -29.22 23.10 -16.50
CA ARG A 96 -29.99 24.33 -16.59
C ARG A 96 -31.18 24.36 -15.65
N GLN A 97 -31.56 23.23 -15.08
CA GLN A 97 -32.62 23.19 -14.07
C GLN A 97 -32.00 23.17 -12.68
N ASP A 98 -31.37 24.29 -12.34
CA ASP A 98 -30.52 24.42 -11.16
C ASP A 98 -31.15 25.24 -10.05
N LYS A 99 -32.41 25.63 -10.19
CA LYS A 99 -33.06 26.47 -9.19
C LYS A 99 -34.56 26.34 -9.37
N LYS A 100 -35.29 26.78 -8.35
CA LYS A 100 -36.75 26.83 -8.39
C LYS A 100 -37.16 28.30 -8.43
N ASP A 101 -37.27 28.85 -9.64
CA ASP A 101 -37.74 30.20 -9.84
C ASP A 101 -39.16 30.22 -10.41
N LYS A 102 -39.85 29.08 -10.37
CA LYS A 102 -41.23 28.98 -10.80
C LYS A 102 -41.97 28.13 -9.78
N SER A 103 -43.28 28.33 -9.70
CA SER A 103 -44.10 27.50 -8.82
C SER A 103 -44.04 26.05 -9.28
N ARG A 104 -43.85 25.15 -8.32
CA ARG A 104 -43.84 23.70 -8.54
C ARG A 104 -42.72 23.23 -9.44
N ALA A 105 -41.74 24.10 -9.73
CA ALA A 105 -40.66 23.71 -10.61
C ALA A 105 -39.70 22.76 -9.90
N PRO A 106 -39.29 21.68 -10.55
CA PRO A 106 -38.27 20.81 -9.96
C PRO A 106 -36.89 21.41 -10.14
N ILE A 107 -36.00 21.07 -9.21
CA ILE A 107 -34.58 21.34 -9.37
C ILE A 107 -34.00 20.03 -9.89
N SER A 108 -34.04 19.86 -11.22
CA SER A 108 -33.66 18.59 -11.82
C SER A 108 -32.16 18.32 -11.68
N ALA A 109 -31.34 19.37 -11.65
CA ALA A 109 -29.91 19.16 -11.44
C ALA A 109 -29.65 18.56 -10.06
N LYS A 110 -30.36 19.04 -9.04
CA LYS A 110 -30.22 18.47 -7.71
C LYS A 110 -30.71 17.02 -7.68
N LEU A 111 -31.79 16.72 -8.40
CA LEU A 111 -32.26 15.35 -8.46
C LEU A 111 -31.24 14.44 -9.13
N VAL A 112 -30.61 14.92 -10.21
CA VAL A 112 -29.58 14.15 -10.88
C VAL A 112 -28.38 13.93 -9.95
N ALA A 113 -28.00 14.97 -9.20
CA ALA A 113 -26.93 14.83 -8.24
C ALA A 113 -27.26 13.79 -7.17
N ASN A 114 -28.49 13.82 -6.66
CA ASN A 114 -28.91 12.85 -5.65
C ASN A 114 -28.92 11.45 -6.23
N MET A 115 -29.36 11.30 -7.48
CA MET A 115 -29.38 9.99 -8.11
C MET A 115 -27.96 9.46 -8.31
N LEU A 116 -27.03 10.33 -8.71
CA LEU A 116 -25.63 9.90 -8.84
C LEU A 116 -25.06 9.52 -7.47
N SER A 117 -25.40 10.27 -6.43
CA SER A 117 -24.92 9.95 -5.09
C SER A 117 -25.46 8.61 -4.61
N VAL A 118 -26.74 8.35 -4.84
CA VAL A 118 -27.34 7.11 -4.36
C VAL A 118 -26.89 5.93 -5.22
N ALA A 119 -26.52 6.17 -6.48
CA ALA A 119 -25.94 5.11 -7.28
C ALA A 119 -24.57 4.70 -6.77
N GLY A 120 -23.88 5.59 -6.05
CA GLY A 120 -22.64 5.24 -5.41
C GLY A 120 -21.42 5.98 -5.93
N ALA A 121 -21.64 7.05 -6.69
CA ALA A 121 -20.52 7.85 -7.15
C ALA A 121 -19.77 8.47 -5.99
N ASP A 122 -18.45 8.37 -6.02
CA ASP A 122 -17.59 8.97 -5.00
C ASP A 122 -16.95 10.26 -5.46
N HIS A 123 -17.01 10.56 -6.76
CA HIS A 123 -16.30 11.69 -7.33
C HIS A 123 -16.94 12.02 -8.67
N ILE A 124 -17.06 13.31 -8.95
CA ILE A 124 -17.61 13.78 -10.22
C ILE A 124 -16.58 14.67 -10.90
N ILE A 125 -16.30 14.39 -12.17
CA ILE A 125 -15.46 15.24 -12.99
C ILE A 125 -16.31 15.73 -14.15
N THR A 126 -16.40 17.05 -14.28
CA THR A 126 -17.24 17.66 -15.29
C THR A 126 -16.55 18.91 -15.82
N MET A 127 -17.03 19.41 -16.96
CA MET A 127 -16.46 20.59 -17.58
C MET A 127 -17.51 21.68 -17.71
N ASP A 128 -17.19 22.86 -17.19
CA ASP A 128 -17.98 24.07 -17.39
C ASP A 128 -19.46 23.84 -17.06
N LEU A 129 -19.71 23.56 -15.79
CA LEU A 129 -21.07 23.46 -15.30
C LEU A 129 -21.84 24.73 -15.63
N HIS A 130 -23.10 24.56 -16.07
CA HIS A 130 -23.93 25.71 -16.37
C HIS A 130 -24.01 26.65 -15.18
N ALA A 131 -24.09 26.09 -13.98
CA ALA A 131 -23.94 26.85 -12.74
C ALA A 131 -22.90 26.14 -11.89
N SER A 132 -21.86 26.87 -11.49
CA SER A 132 -20.81 26.29 -10.67
C SER A 132 -21.33 25.82 -9.31
N GLN A 133 -22.45 26.37 -8.85
CA GLN A 133 -23.03 25.95 -7.58
C GLN A 133 -23.53 24.51 -7.63
N ILE A 134 -23.62 23.92 -8.83
CA ILE A 134 -23.96 22.50 -8.93
C ILE A 134 -22.93 21.64 -8.19
N GLN A 135 -21.70 22.14 -8.04
CA GLN A 135 -20.73 21.47 -7.18
C GLN A 135 -21.30 21.27 -5.79
N GLY A 136 -22.07 22.23 -5.29
CA GLY A 136 -22.69 22.14 -4.00
C GLY A 136 -23.91 21.25 -3.95
N PHE A 137 -24.36 20.73 -5.08
CA PHE A 137 -25.47 19.79 -5.09
C PHE A 137 -25.06 18.41 -4.62
N PHE A 138 -23.76 18.13 -4.56
CA PHE A 138 -23.22 16.87 -4.08
C PHE A 138 -22.59 17.06 -2.70
N ASP A 139 -22.43 15.95 -1.99
CA ASP A 139 -21.58 15.91 -0.81
C ASP A 139 -20.24 15.23 -1.07
N ILE A 140 -19.94 14.96 -2.33
CA ILE A 140 -18.68 14.36 -2.75
C ILE A 140 -17.88 15.42 -3.51
N PRO A 141 -16.58 15.27 -3.67
CA PRO A 141 -15.84 16.24 -4.49
C PRO A 141 -16.34 16.27 -5.91
N VAL A 142 -16.44 17.46 -6.46
CA VAL A 142 -16.89 17.68 -7.84
C VAL A 142 -15.88 18.57 -8.53
N ASP A 143 -15.23 18.03 -9.57
CA ASP A 143 -14.26 18.79 -10.35
C ASP A 143 -14.99 19.50 -11.47
N ASN A 144 -14.98 20.82 -11.45
CA ASN A 144 -15.61 21.63 -12.47
C ASN A 144 -14.49 22.23 -13.31
N LEU A 145 -14.07 21.49 -14.33
CA LEU A 145 -12.98 21.92 -15.20
C LEU A 145 -13.45 23.02 -16.15
N TYR A 146 -12.52 23.89 -16.50
CA TYR A 146 -12.81 24.99 -17.41
C TYR A 146 -12.25 24.68 -18.79
N ALA A 147 -13.02 25.00 -19.81
CA ALA A 147 -12.50 25.01 -21.17
C ALA A 147 -11.87 26.35 -21.52
N GLU A 148 -11.84 27.29 -20.58
CA GLU A 148 -11.34 28.63 -20.86
C GLU A 148 -9.90 28.67 -21.35
N PRO A 149 -8.93 27.93 -20.77
CA PRO A 149 -7.58 27.96 -21.35
C PRO A 149 -7.55 27.50 -22.80
N ALA A 150 -8.30 26.45 -23.13
CA ALA A 150 -8.36 25.99 -24.52
C ALA A 150 -9.02 27.04 -25.40
N VAL A 151 -10.05 27.72 -24.89
CA VAL A 151 -10.71 28.77 -25.65
C VAL A 151 -9.74 29.91 -25.93
N LEU A 152 -8.97 30.33 -24.92
CA LEU A 152 -7.99 31.38 -25.10
C LEU A 152 -6.93 30.98 -26.10
N LYS A 153 -6.48 29.72 -26.04
CA LYS A 153 -5.52 29.22 -27.02
C LYS A 153 -6.08 29.30 -28.42
N TRP A 154 -7.33 28.85 -28.61
CA TRP A 154 -7.95 28.90 -29.92
C TRP A 154 -8.08 30.34 -30.42
N ILE A 155 -8.48 31.25 -29.53
CA ILE A 155 -8.64 32.64 -29.95
C ILE A 155 -7.31 33.22 -30.40
N ARG A 156 -6.26 33.02 -29.60
CA ARG A 156 -4.96 33.57 -29.94
C ARG A 156 -4.36 32.93 -31.18
N GLU A 157 -4.73 31.69 -31.51
CA GLU A 157 -4.15 31.04 -32.68
C GLU A 157 -4.99 31.15 -33.94
N ASN A 158 -6.28 31.51 -33.85
CA ASN A 158 -7.16 31.46 -35.00
C ASN A 158 -7.79 32.79 -35.38
N ILE A 159 -7.71 33.81 -34.54
CA ILE A 159 -8.28 35.12 -34.82
C ILE A 159 -7.13 36.11 -34.87
N SER A 160 -6.84 36.64 -36.06
CA SER A 160 -5.66 37.48 -36.23
C SER A 160 -5.77 38.77 -35.43
N GLU A 161 -6.96 39.38 -35.41
CA GLU A 161 -7.19 40.64 -34.72
C GLU A 161 -7.78 40.44 -33.33
N TRP A 162 -7.36 39.40 -32.64
CA TRP A 162 -7.93 39.11 -31.32
C TRP A 162 -7.59 40.19 -30.30
N ARG A 163 -6.47 40.88 -30.48
CA ARG A 163 -6.11 41.93 -29.52
C ARG A 163 -7.01 43.15 -29.62
N ASN A 164 -7.72 43.33 -30.73
CA ASN A 164 -8.68 44.41 -30.87
C ASN A 164 -10.11 43.91 -30.85
N CYS A 165 -10.33 42.64 -30.52
CA CYS A 165 -11.67 42.09 -30.51
C CYS A 165 -12.42 42.49 -29.26
N THR A 166 -13.72 42.21 -29.26
CA THR A 166 -14.55 42.35 -28.08
C THR A 166 -15.26 41.04 -27.82
N ILE A 167 -15.20 40.57 -26.58
CA ILE A 167 -15.85 39.33 -26.21
C ILE A 167 -17.27 39.67 -25.76
N VAL A 168 -18.26 39.00 -26.34
CA VAL A 168 -19.66 39.37 -26.18
C VAL A 168 -20.39 38.26 -25.43
N SER A 169 -21.11 38.64 -24.38
CA SER A 169 -22.00 37.72 -23.71
C SER A 169 -23.35 37.68 -24.44
N PRO A 170 -23.84 36.50 -24.83
CA PRO A 170 -25.14 36.43 -25.49
C PRO A 170 -26.33 36.63 -24.55
N ASP A 171 -26.13 36.55 -23.24
CA ASP A 171 -27.19 36.83 -22.27
C ASP A 171 -26.56 37.38 -21.01
N ALA A 172 -27.41 37.76 -20.05
CA ALA A 172 -26.93 38.33 -18.80
C ALA A 172 -26.16 37.30 -17.97
N GLY A 173 -26.55 36.02 -18.04
CA GLY A 173 -25.92 35.00 -17.22
C GLY A 173 -24.49 34.69 -17.62
N GLY A 174 -24.10 34.99 -18.84
CA GLY A 174 -22.75 34.74 -19.31
C GLY A 174 -21.75 35.81 -18.98
N ALA A 175 -22.15 36.84 -18.22
CA ALA A 175 -21.32 38.01 -18.02
C ALA A 175 -20.02 37.66 -17.33
N LYS A 176 -20.05 36.79 -16.32
CA LYS A 176 -18.84 36.44 -15.59
C LYS A 176 -17.84 35.74 -16.51
N ARG A 177 -18.31 34.80 -17.31
CA ARG A 177 -17.44 34.08 -18.24
C ARG A 177 -16.81 35.03 -19.24
N VAL A 178 -17.63 35.92 -19.82
CA VAL A 178 -17.11 36.88 -20.79
C VAL A 178 -16.14 37.86 -20.16
N THR A 179 -16.42 38.34 -18.95
CA THR A 179 -15.50 39.27 -18.32
C THR A 179 -14.18 38.58 -18.00
N SER A 180 -14.23 37.32 -17.56
CA SER A 180 -13.01 36.58 -17.28
C SER A 180 -12.17 36.43 -18.55
N ILE A 181 -12.81 36.06 -19.66
CA ILE A 181 -12.08 35.87 -20.91
C ILE A 181 -11.51 37.20 -21.40
N ALA A 182 -12.29 38.28 -21.31
CA ALA A 182 -11.81 39.59 -21.75
C ALA A 182 -10.64 40.07 -20.90
N ASP A 183 -10.70 39.82 -19.59
CA ASP A 183 -9.57 40.13 -18.72
C ASP A 183 -8.32 39.35 -19.12
N ARG A 184 -8.47 38.05 -19.37
CA ARG A 184 -7.31 37.25 -19.74
C ARG A 184 -6.74 37.67 -21.09
N LEU A 185 -7.58 38.13 -22.02
CA LEU A 185 -7.11 38.61 -23.30
C LEU A 185 -6.79 40.09 -23.30
N ASN A 186 -7.10 40.81 -22.23
CA ASN A 186 -6.94 42.25 -22.15
C ASN A 186 -7.65 42.94 -23.31
N VAL A 187 -8.92 42.61 -23.49
CA VAL A 187 -9.74 43.16 -24.56
C VAL A 187 -11.04 43.69 -23.96
N ASP A 188 -11.77 44.44 -24.78
CA ASP A 188 -13.08 44.93 -24.38
C ASP A 188 -14.08 43.79 -24.32
N PHE A 189 -15.17 44.02 -23.61
CA PHE A 189 -16.27 43.08 -23.58
C PHE A 189 -17.58 43.83 -23.78
N ALA A 190 -18.59 43.10 -24.25
CA ALA A 190 -19.93 43.63 -24.42
C ALA A 190 -20.92 42.58 -23.94
N LEU A 191 -22.13 43.02 -23.65
CA LEU A 191 -23.18 42.12 -23.21
C LEU A 191 -24.43 42.37 -24.05
N ILE A 192 -25.09 41.28 -24.42
CA ILE A 192 -26.35 41.34 -25.16
C ILE A 192 -27.43 40.73 -24.30
N HIS A 193 -28.55 41.42 -24.16
CA HIS A 193 -29.67 40.93 -23.37
C HIS A 193 -30.92 40.90 -24.23
N LYS A 194 -31.62 39.78 -24.22
CA LYS A 194 -32.95 39.68 -24.80
C LYS A 194 -33.96 40.00 -23.71
N GLU A 195 -34.70 41.09 -23.85
CA GLU A 195 -35.57 41.47 -22.74
C GLU A 195 -36.77 40.54 -22.67
N ARG A 196 -37.39 40.53 -21.49
CA ARG A 196 -38.38 39.51 -21.16
C ARG A 196 -39.62 39.65 -22.03
N LYS A 197 -40.22 38.50 -22.36
CA LYS A 197 -41.35 38.43 -23.27
C LYS A 197 -42.63 38.71 -22.48
N LYS A 198 -42.98 39.99 -22.39
CA LYS A 198 -44.18 40.37 -21.65
C LYS A 198 -45.43 40.04 -22.46
N ALA A 199 -45.34 40.09 -23.77
CA ALA A 199 -46.48 39.79 -24.65
C ALA A 199 -45.93 39.18 -25.93
N ASN A 200 -46.75 39.15 -26.98
CA ASN A 200 -46.40 38.49 -28.22
C ASN A 200 -45.83 39.45 -29.27
N GLU A 201 -45.17 40.52 -28.85
CA GLU A 201 -44.53 41.39 -29.82
C GLU A 201 -43.17 40.81 -30.24
N VAL A 202 -42.43 41.60 -31.01
CA VAL A 202 -41.15 41.14 -31.54
C VAL A 202 -40.13 41.07 -30.41
N ASP A 203 -39.38 39.96 -30.37
CA ASP A 203 -38.22 39.87 -29.49
C ASP A 203 -37.18 40.91 -29.91
N ARG A 204 -36.79 41.76 -28.97
CA ARG A 204 -35.79 42.78 -29.24
C ARG A 204 -34.62 42.61 -28.29
N MET A 205 -33.42 42.85 -28.81
CA MET A 205 -32.19 42.62 -28.08
C MET A 205 -31.49 43.94 -27.82
N VAL A 206 -31.06 44.14 -26.59
CA VAL A 206 -30.30 45.32 -26.21
C VAL A 206 -28.84 44.94 -26.07
N LEU A 207 -27.97 45.78 -26.63
CA LEU A 207 -26.53 45.59 -26.54
C LEU A 207 -25.92 46.71 -25.71
N VAL A 208 -25.14 46.34 -24.70
CA VAL A 208 -24.37 47.27 -23.91
C VAL A 208 -22.90 47.03 -24.20
N GLY A 209 -22.19 48.06 -24.59
CA GLY A 209 -20.83 47.94 -25.06
C GLY A 209 -20.70 48.26 -26.53
N ASP A 210 -19.46 48.51 -26.94
CA ASP A 210 -19.16 48.96 -28.30
C ASP A 210 -18.53 47.81 -29.07
N VAL A 211 -19.16 47.43 -30.18
CA VAL A 211 -18.65 46.38 -31.06
C VAL A 211 -18.46 46.88 -32.48
N LYS A 212 -18.62 48.18 -32.71
CA LYS A 212 -18.60 48.72 -34.07
C LYS A 212 -17.21 48.59 -34.69
N ASP A 213 -17.16 48.05 -35.91
CA ASP A 213 -15.93 47.90 -36.69
C ASP A 213 -14.89 47.05 -35.99
N ARG A 214 -15.34 46.15 -35.11
CA ARG A 214 -14.45 45.23 -34.43
C ARG A 214 -14.95 43.81 -34.60
N VAL A 215 -14.04 42.86 -34.48
CA VAL A 215 -14.43 41.46 -34.43
C VAL A 215 -15.10 41.18 -33.10
N ALA A 216 -16.25 40.54 -33.14
CA ALA A 216 -17.00 40.18 -31.95
C ALA A 216 -16.91 38.67 -31.76
N ILE A 217 -16.52 38.26 -30.56
CA ILE A 217 -16.46 36.85 -30.20
C ILE A 217 -17.56 36.60 -29.19
N LEU A 218 -18.55 35.81 -29.57
CA LEU A 218 -19.59 35.37 -28.66
C LEU A 218 -19.06 34.18 -27.87
N VAL A 219 -19.07 34.29 -26.54
CA VAL A 219 -18.64 33.22 -25.66
C VAL A 219 -19.78 32.88 -24.72
N ASP A 220 -20.17 31.61 -24.71
CA ASP A 220 -21.21 31.12 -23.83
C ASP A 220 -20.85 29.71 -23.39
N ASP A 221 -21.56 29.23 -22.38
CA ASP A 221 -21.31 27.88 -21.88
C ASP A 221 -21.87 26.81 -22.78
N MET A 222 -22.95 27.10 -23.52
CA MET A 222 -23.54 26.06 -24.36
C MET A 222 -24.39 26.72 -25.43
N ALA A 223 -24.61 25.96 -26.51
CA ALA A 223 -25.52 26.36 -27.59
C ALA A 223 -26.43 25.16 -27.85
N ASP A 224 -27.63 25.19 -27.29
CA ASP A 224 -28.58 24.08 -27.45
C ASP A 224 -29.34 24.21 -28.77
N THR A 225 -30.18 25.22 -28.87
CA THR A 225 -30.91 25.50 -30.10
C THR A 225 -30.26 26.60 -30.93
N CYS A 226 -29.23 27.25 -30.38
CA CYS A 226 -28.51 28.34 -31.00
C CYS A 226 -29.38 29.57 -31.21
N GLY A 227 -30.54 29.62 -30.57
CA GLY A 227 -31.33 30.84 -30.61
C GLY A 227 -30.60 32.01 -29.97
N THR A 228 -29.96 31.76 -28.83
CA THR A 228 -29.24 32.82 -28.13
C THR A 228 -28.10 33.36 -28.99
N ILE A 229 -27.23 32.47 -29.50
CA ILE A 229 -26.09 32.95 -30.25
C ILE A 229 -26.50 33.51 -31.61
N CYS A 230 -27.53 32.94 -32.24
CA CYS A 230 -27.95 33.47 -33.53
C CYS A 230 -28.57 34.85 -33.39
N HIS A 231 -29.44 35.03 -32.40
CA HIS A 231 -30.01 36.35 -32.16
C HIS A 231 -28.93 37.36 -31.79
N ALA A 232 -27.98 36.93 -30.96
CA ALA A 232 -26.86 37.80 -30.61
C ALA A 232 -26.03 38.16 -31.84
N ALA A 233 -25.87 37.22 -32.77
CA ALA A 233 -25.09 37.48 -33.97
C ALA A 233 -25.78 38.49 -34.87
N ASP A 234 -27.11 38.35 -35.03
CA ASP A 234 -27.84 39.36 -35.79
C ASP A 234 -27.70 40.74 -35.14
N LYS A 235 -27.84 40.79 -33.81
CA LYS A 235 -27.68 42.07 -33.12
C LYS A 235 -26.29 42.64 -33.31
N LEU A 236 -25.26 41.79 -33.23
CA LEU A 236 -23.88 42.26 -33.36
C LEU A 236 -23.61 42.81 -34.75
N LEU A 237 -24.09 42.12 -35.80
CA LEU A 237 -23.93 42.66 -37.13
C LEU A 237 -24.70 43.97 -37.31
N SER A 238 -25.92 44.03 -36.78
CA SER A 238 -26.70 45.26 -36.85
C SER A 238 -26.01 46.40 -36.12
N ALA A 239 -25.17 46.08 -35.13
CA ALA A 239 -24.46 47.08 -34.36
C ALA A 239 -23.11 47.46 -34.97
N GLY A 240 -22.75 46.88 -36.11
CA GLY A 240 -21.54 47.25 -36.80
C GLY A 240 -20.34 46.36 -36.58
N ALA A 241 -20.52 45.17 -36.03
CA ALA A 241 -19.40 44.24 -35.92
C ALA A 241 -18.94 43.78 -37.30
N THR A 242 -17.63 43.71 -37.49
CA THR A 242 -17.10 43.26 -38.77
C THR A 242 -17.30 41.76 -38.96
N ARG A 243 -16.77 40.97 -38.04
CA ARG A 243 -16.92 39.53 -38.07
C ARG A 243 -17.43 39.07 -36.71
N VAL A 244 -18.17 37.96 -36.70
CA VAL A 244 -18.75 37.43 -35.48
C VAL A 244 -18.33 35.96 -35.35
N TYR A 245 -17.71 35.63 -34.23
CA TYR A 245 -17.39 34.26 -33.86
C TYR A 245 -18.28 33.83 -32.70
N ALA A 246 -18.52 32.54 -32.61
CA ALA A 246 -19.21 31.95 -31.47
C ALA A 246 -18.34 30.83 -30.93
N ILE A 247 -18.01 30.92 -29.64
CA ILE A 247 -17.24 29.89 -28.96
C ILE A 247 -18.05 29.38 -27.78
N LEU A 248 -18.33 28.09 -27.77
CA LEU A 248 -19.06 27.43 -26.71
C LEU A 248 -18.19 26.31 -26.18
N THR A 249 -18.48 25.85 -24.96
CA THR A 249 -17.83 24.63 -24.54
C THR A 249 -18.70 23.41 -24.80
N HIS A 250 -20.01 23.52 -24.68
CA HIS A 250 -20.92 22.41 -24.95
C HIS A 250 -21.71 22.72 -26.21
N GLY A 251 -21.42 21.99 -27.28
CA GLY A 251 -22.22 22.11 -28.48
C GLY A 251 -23.31 21.05 -28.50
N ILE A 252 -24.50 21.42 -28.04
CA ILE A 252 -25.62 20.49 -28.04
C ILE A 252 -26.24 20.43 -29.42
N PHE A 253 -26.50 21.59 -30.02
CA PHE A 253 -26.97 21.71 -31.40
C PHE A 253 -28.22 20.87 -31.64
N SER A 254 -29.14 20.90 -30.69
CA SER A 254 -30.38 20.17 -30.84
C SER A 254 -31.38 20.97 -31.69
N GLY A 255 -32.34 20.26 -32.25
CA GLY A 255 -33.42 20.87 -33.00
C GLY A 255 -32.97 21.63 -34.22
N PRO A 256 -33.36 22.90 -34.32
CA PRO A 256 -33.07 23.70 -35.50
C PRO A 256 -31.71 24.37 -35.50
N ALA A 257 -30.80 23.94 -34.62
CA ALA A 257 -29.54 24.67 -34.45
C ALA A 257 -28.69 24.66 -35.71
N ILE A 258 -28.63 23.52 -36.41
CA ILE A 258 -27.74 23.42 -37.56
C ILE A 258 -28.22 24.34 -38.69
N SER A 259 -29.53 24.35 -38.96
CA SER A 259 -30.06 25.25 -39.96
C SER A 259 -29.89 26.71 -39.54
N ARG A 260 -30.05 26.98 -38.24
CA ARG A 260 -29.86 28.34 -37.75
C ARG A 260 -28.42 28.81 -37.98
N ILE A 261 -27.44 27.96 -37.68
CA ILE A 261 -26.05 28.34 -37.84
C ILE A 261 -25.71 28.48 -39.32
N ASN A 262 -26.18 27.56 -40.14
CA ASN A 262 -25.89 27.63 -41.57
C ASN A 262 -26.45 28.89 -42.20
N ASN A 263 -27.54 29.43 -41.65
CA ASN A 263 -28.14 30.65 -42.15
C ASN A 263 -27.69 31.88 -41.37
N ALA A 264 -26.81 31.71 -40.40
CA ALA A 264 -26.28 32.83 -39.63
C ALA A 264 -25.01 33.37 -40.28
N CYS A 265 -24.40 34.35 -39.65
CA CYS A 265 -23.26 35.07 -40.19
C CYS A 265 -21.96 34.73 -39.50
N PHE A 266 -21.92 33.61 -38.79
CA PHE A 266 -20.75 33.27 -37.98
C PHE A 266 -19.55 32.99 -38.86
N GLU A 267 -18.40 33.55 -38.49
CA GLU A 267 -17.15 33.15 -39.11
C GLU A 267 -16.81 31.71 -38.76
N ALA A 268 -17.03 31.33 -37.50
CA ALA A 268 -16.84 29.97 -37.04
C ALA A 268 -17.62 29.78 -35.76
N VAL A 269 -18.16 28.58 -35.58
CA VAL A 269 -18.79 28.17 -34.33
C VAL A 269 -17.87 27.14 -33.71
N VAL A 270 -17.26 27.48 -32.58
CA VAL A 270 -16.23 26.66 -31.95
C VAL A 270 -16.81 26.04 -30.69
N VAL A 271 -16.74 24.72 -30.60
CA VAL A 271 -17.20 23.99 -29.44
C VAL A 271 -16.10 23.01 -29.03
N THR A 272 -16.16 22.57 -27.79
CA THR A 272 -15.33 21.46 -27.37
C THR A 272 -16.00 20.14 -27.75
N ASN A 273 -15.28 19.04 -27.55
CA ASN A 273 -15.85 17.72 -27.79
C ASN A 273 -16.35 17.07 -26.52
N THR A 274 -16.87 17.87 -25.57
CA THR A 274 -17.62 17.30 -24.46
C THR A 274 -18.86 16.56 -24.95
N ILE A 275 -19.37 16.93 -26.12
CA ILE A 275 -20.47 16.25 -26.78
C ILE A 275 -19.94 15.82 -28.14
N PRO A 276 -20.29 14.64 -28.65
CA PRO A 276 -19.83 14.25 -30.00
C PRO A 276 -20.34 15.24 -31.04
N GLN A 277 -19.43 15.64 -31.92
CA GLN A 277 -19.74 16.64 -32.93
C GLN A 277 -19.60 16.12 -34.35
N GLU A 278 -19.26 14.85 -34.53
CA GLU A 278 -18.99 14.33 -35.86
C GLU A 278 -20.19 14.52 -36.78
N ASP A 279 -21.38 14.18 -36.30
CA ASP A 279 -22.59 14.35 -37.09
C ASP A 279 -22.88 15.82 -37.37
N LYS A 280 -22.68 16.67 -36.36
CA LYS A 280 -22.96 18.10 -36.53
C LYS A 280 -22.03 18.73 -37.56
N MET A 281 -20.74 18.37 -37.54
CA MET A 281 -19.80 18.95 -38.48
C MET A 281 -20.10 18.54 -39.92
N LYS A 282 -20.73 17.40 -40.13
CA LYS A 282 -21.03 16.96 -41.49
C LYS A 282 -22.10 17.82 -42.15
N HIS A 283 -22.96 18.47 -41.37
CA HIS A 283 -24.01 19.32 -41.91
C HIS A 283 -23.76 20.81 -41.72
N CYS A 284 -22.72 21.19 -40.99
CA CYS A 284 -22.41 22.60 -40.77
C CYS A 284 -20.90 22.77 -40.83
N SER A 285 -20.42 23.34 -41.93
CA SER A 285 -18.98 23.56 -42.10
C SER A 285 -18.44 24.60 -41.13
N LYS A 286 -19.29 25.47 -40.59
CA LYS A 286 -18.84 26.50 -39.67
C LYS A 286 -18.36 25.93 -38.33
N ILE A 287 -18.77 24.72 -37.97
CA ILE A 287 -18.44 24.17 -36.66
C ILE A 287 -17.00 23.68 -36.67
N GLN A 288 -16.23 24.11 -35.67
CA GLN A 288 -14.90 23.59 -35.40
C GLN A 288 -14.86 23.11 -33.96
N VAL A 289 -14.00 22.14 -33.69
CA VAL A 289 -14.00 21.42 -32.43
C VAL A 289 -12.65 21.61 -31.74
N ILE A 290 -12.68 22.02 -30.47
CA ILE A 290 -11.52 22.00 -29.61
C ILE A 290 -11.53 20.69 -28.84
N ASP A 291 -10.48 19.90 -29.01
CA ASP A 291 -10.37 18.66 -28.26
C ASP A 291 -10.03 18.98 -26.81
N ILE A 292 -10.85 18.51 -25.88
CA ILE A 292 -10.58 18.65 -24.46
C ILE A 292 -10.27 17.31 -23.82
N SER A 293 -10.04 16.26 -24.62
CA SER A 293 -9.75 14.95 -24.07
C SER A 293 -8.47 14.96 -23.24
N MET A 294 -7.50 15.81 -23.60
CA MET A 294 -6.28 15.88 -22.80
C MET A 294 -6.57 16.47 -21.42
N ILE A 295 -7.48 17.44 -21.35
CA ILE A 295 -7.84 18.01 -20.05
C ILE A 295 -8.50 16.96 -19.17
N LEU A 296 -9.45 16.21 -19.73
CA LEU A 296 -10.13 15.18 -18.96
C LEU A 296 -9.17 14.06 -18.56
N ALA A 297 -8.29 13.66 -19.48
CA ALA A 297 -7.33 12.62 -19.18
C ALA A 297 -6.38 13.04 -18.08
N GLU A 298 -5.89 14.29 -18.13
CA GLU A 298 -5.03 14.79 -17.06
C GLU A 298 -5.78 14.88 -15.74
N ALA A 299 -7.05 15.28 -15.78
CA ALA A 299 -7.83 15.32 -14.55
C ALA A 299 -7.98 13.94 -13.94
N ILE A 300 -8.27 12.93 -14.77
CA ILE A 300 -8.41 11.57 -14.27
C ILE A 300 -7.09 11.06 -13.71
N ARG A 301 -6.00 11.32 -14.43
CA ARG A 301 -4.69 10.86 -13.98
C ARG A 301 -4.29 11.50 -12.67
N ARG A 302 -4.53 12.81 -12.52
CA ARG A 302 -4.18 13.49 -11.29
C ARG A 302 -5.09 13.05 -10.14
N THR A 303 -6.37 12.80 -10.42
CA THR A 303 -7.26 12.27 -9.40
C THR A 303 -6.78 10.92 -8.90
N HIS A 304 -6.37 10.06 -9.82
CA HIS A 304 -5.85 8.75 -9.44
C HIS A 304 -4.56 8.87 -8.65
N ASN A 305 -3.68 9.78 -9.05
CA ASN A 305 -2.38 9.93 -8.41
C ASN A 305 -2.42 10.82 -7.18
N GLY A 306 -3.58 11.37 -6.82
CA GLY A 306 -3.65 12.25 -5.68
C GLY A 306 -2.90 13.55 -5.88
N GLU A 307 -2.99 14.14 -7.06
CA GLU A 307 -2.35 15.41 -7.37
C GLU A 307 -3.38 16.47 -7.69
N SER A 308 -3.00 17.72 -7.46
CA SER A 308 -3.90 18.85 -7.71
C SER A 308 -4.22 18.96 -9.19
N VAL A 309 -5.46 19.36 -9.50
CA VAL A 309 -5.85 19.66 -10.87
C VAL A 309 -5.83 21.15 -11.15
N SER A 310 -5.26 21.95 -10.25
CA SER A 310 -5.22 23.39 -10.44
C SER A 310 -4.42 23.77 -11.69
N TYR A 311 -3.45 22.94 -12.06
CA TYR A 311 -2.67 23.20 -13.26
C TYR A 311 -3.56 23.27 -14.51
N LEU A 312 -4.67 22.54 -14.52
CA LEU A 312 -5.56 22.50 -15.66
C LEU A 312 -6.32 23.81 -15.87
N PHE A 313 -6.33 24.70 -14.88
CA PHE A 313 -7.06 25.95 -14.98
C PHE A 313 -6.20 27.09 -15.52
N SER A 314 -4.92 26.84 -15.80
CA SER A 314 -4.04 27.83 -16.40
C SER A 314 -3.36 27.36 -17.66
N HIS A 315 -3.36 26.06 -17.94
CA HIS A 315 -2.62 25.51 -19.07
C HIS A 315 -3.45 24.44 -19.76
N VAL A 316 -3.22 24.26 -21.05
CA VAL A 316 -3.78 23.17 -21.82
C VAL A 316 -2.70 22.13 -22.02
N PRO A 317 -2.82 20.94 -21.43
CA PRO A 317 -1.79 19.89 -21.52
C PRO A 317 -1.63 19.33 -22.92
N PRO B 2 -56.04 16.94 3.58
CA PRO B 2 -55.46 16.70 2.26
C PRO B 2 -56.44 16.08 1.29
N ASN B 3 -56.35 16.44 0.02
CA ASN B 3 -57.21 15.92 -1.02
C ASN B 3 -56.40 15.06 -1.99
N ILE B 4 -57.08 14.11 -2.62
CA ILE B 4 -56.44 13.30 -3.65
C ILE B 4 -56.15 14.17 -4.86
N LYS B 5 -54.88 14.18 -5.28
CA LYS B 5 -54.48 14.78 -6.54
C LYS B 5 -53.88 13.67 -7.40
N ILE B 6 -54.48 13.42 -8.55
CA ILE B 6 -54.01 12.38 -9.46
C ILE B 6 -53.31 13.06 -10.62
N PHE B 7 -52.03 12.75 -10.81
CA PHE B 7 -51.25 13.27 -11.90
C PHE B 7 -50.82 12.13 -12.82
N SER B 8 -50.88 12.39 -14.12
CA SER B 8 -50.51 11.40 -15.12
C SER B 8 -49.17 11.75 -15.73
N GLY B 9 -48.29 10.75 -15.84
CA GLY B 9 -47.14 10.86 -16.71
C GLY B 9 -47.54 10.59 -18.15
N SER B 10 -46.54 10.59 -19.03
CA SER B 10 -46.79 10.39 -20.45
C SER B 10 -47.03 8.93 -20.80
N SER B 11 -46.73 8.00 -19.89
CA SER B 11 -46.72 6.59 -20.26
C SER B 11 -48.11 6.06 -20.53
N HIS B 12 -49.01 6.13 -19.54
CA HIS B 12 -50.34 5.52 -19.65
C HIS B 12 -51.37 6.55 -19.17
N GLN B 13 -51.74 7.47 -20.07
CA GLN B 13 -52.65 8.53 -19.69
C GLN B 13 -54.11 8.07 -19.73
N ASP B 14 -54.43 7.09 -20.58
CA ASP B 14 -55.77 6.53 -20.59
C ASP B 14 -56.10 5.85 -19.26
N LEU B 15 -55.14 5.09 -18.72
CA LEU B 15 -55.34 4.47 -17.42
C LEU B 15 -55.49 5.52 -16.32
N SER B 16 -54.69 6.58 -16.38
CA SER B 16 -54.82 7.66 -15.41
C SER B 16 -56.20 8.29 -15.49
N GLN B 17 -56.70 8.50 -16.70
CA GLN B 17 -58.03 9.05 -16.88
C GLN B 17 -59.09 8.12 -16.30
N LYS B 18 -58.96 6.82 -16.53
CA LYS B 18 -59.92 5.87 -15.98
C LYS B 18 -59.89 5.89 -14.45
N ILE B 19 -58.70 5.95 -13.86
CA ILE B 19 -58.58 6.00 -12.41
C ILE B 19 -59.24 7.28 -11.88
N ALA B 20 -58.97 8.41 -12.54
CA ALA B 20 -59.55 9.67 -12.08
C ALA B 20 -61.07 9.66 -12.18
N ASP B 21 -61.61 9.10 -13.27
CA ASP B 21 -63.06 9.01 -13.41
C ASP B 21 -63.65 8.12 -12.33
N ARG B 22 -63.01 6.99 -12.04
CA ARG B 22 -63.53 6.11 -11.00
C ARG B 22 -63.42 6.76 -9.63
N LEU B 23 -62.47 7.67 -9.44
CA LEU B 23 -62.37 8.45 -8.20
C LEU B 23 -63.22 9.70 -8.23
N GLY B 24 -63.93 9.97 -9.32
CA GLY B 24 -64.71 11.20 -9.43
C GLY B 24 -63.88 12.46 -9.40
N LEU B 25 -62.70 12.42 -10.03
CA LEU B 25 -61.78 13.55 -10.03
C LEU B 25 -61.35 13.86 -11.44
N GLU B 26 -60.90 15.10 -11.64
CA GLU B 26 -60.16 15.46 -12.84
C GLU B 26 -58.68 15.25 -12.61
N LEU B 27 -57.98 14.83 -13.65
CA LEU B 27 -56.54 14.68 -13.58
C LEU B 27 -55.91 16.02 -13.24
N GLY B 28 -54.88 15.99 -12.41
CA GLY B 28 -54.16 17.21 -12.10
C GLY B 28 -53.50 17.80 -13.33
N LYS B 29 -53.38 19.11 -13.33
CA LYS B 29 -52.82 19.82 -14.48
C LYS B 29 -51.31 19.64 -14.48
N VAL B 30 -50.80 18.90 -15.46
CA VAL B 30 -49.36 18.72 -15.64
C VAL B 30 -49.05 18.79 -17.12
N VAL B 31 -47.98 19.50 -17.46
CA VAL B 31 -47.39 19.45 -18.79
C VAL B 31 -46.14 18.60 -18.69
N THR B 32 -46.14 17.47 -19.36
CA THR B 32 -45.02 16.53 -19.36
C THR B 32 -44.53 16.42 -20.81
N LYS B 33 -43.50 17.20 -21.13
CA LYS B 33 -42.96 17.22 -22.48
C LYS B 33 -41.46 17.02 -22.45
N LYS B 34 -40.81 17.24 -23.58
CA LYS B 34 -39.36 17.20 -23.67
C LYS B 34 -38.82 18.55 -24.12
N PHE B 35 -37.76 18.99 -23.46
CA PHE B 35 -36.97 20.10 -23.97
C PHE B 35 -36.37 19.70 -25.32
N SER B 36 -35.81 20.69 -26.01
CA SER B 36 -35.23 20.43 -27.33
C SER B 36 -34.11 19.39 -27.25
N ASN B 37 -33.26 19.47 -26.22
CA ASN B 37 -32.17 18.52 -26.05
C ASN B 37 -32.61 17.20 -25.45
N GLN B 38 -33.92 16.91 -25.46
CA GLN B 38 -34.52 15.66 -25.01
C GLN B 38 -34.47 15.47 -23.51
N GLU B 39 -34.20 16.52 -22.74
CA GLU B 39 -34.34 16.46 -21.30
C GLU B 39 -35.82 16.54 -20.93
N THR B 40 -36.19 15.80 -19.88
CA THR B 40 -37.58 15.76 -19.47
C THR B 40 -38.00 17.11 -18.88
N CYS B 41 -39.13 17.63 -19.35
CA CYS B 41 -39.69 18.88 -18.86
C CYS B 41 -41.00 18.56 -18.15
N VAL B 42 -41.09 18.94 -16.89
CA VAL B 42 -42.28 18.70 -16.07
C VAL B 42 -42.77 20.04 -15.55
N GLU B 43 -44.02 20.37 -15.84
CA GLU B 43 -44.63 21.63 -15.43
C GLU B 43 -45.94 21.31 -14.74
N ILE B 44 -45.89 21.16 -13.41
CA ILE B 44 -47.10 20.97 -12.62
C ILE B 44 -47.88 22.29 -12.63
N GLY B 45 -49.13 22.23 -13.08
CA GLY B 45 -49.93 23.40 -13.29
C GLY B 45 -50.85 23.82 -12.17
N GLU B 46 -50.70 23.24 -10.98
CA GLU B 46 -51.55 23.61 -9.85
C GLU B 46 -50.81 23.35 -8.56
N SER B 47 -51.30 23.98 -7.49
CA SER B 47 -50.74 23.76 -6.17
C SER B 47 -51.01 22.34 -5.69
N VAL B 48 -50.01 21.74 -5.06
CA VAL B 48 -50.16 20.46 -4.39
C VAL B 48 -49.84 20.57 -2.91
N ARG B 49 -49.83 21.80 -2.39
CA ARG B 49 -49.47 22.05 -1.00
C ARG B 49 -50.40 21.29 -0.06
N GLY B 50 -49.82 20.45 0.79
CA GLY B 50 -50.61 19.69 1.73
C GLY B 50 -51.57 18.71 1.09
N GLU B 51 -51.35 18.35 -0.16
CA GLU B 51 -52.21 17.43 -0.89
C GLU B 51 -51.66 16.02 -0.84
N ASP B 52 -52.54 15.06 -1.06
CA ASP B 52 -52.19 13.65 -1.16
C ASP B 52 -52.04 13.34 -2.65
N VAL B 53 -50.81 13.36 -3.13
CA VAL B 53 -50.52 13.32 -4.56
C VAL B 53 -50.28 11.87 -4.98
N TYR B 54 -50.97 11.45 -6.02
CA TYR B 54 -50.75 10.15 -6.64
C TYR B 54 -50.34 10.38 -8.08
N ILE B 55 -49.16 9.88 -8.43
CA ILE B 55 -48.62 10.02 -9.78
C ILE B 55 -48.66 8.65 -10.44
N VAL B 56 -49.40 8.56 -11.54
CA VAL B 56 -49.56 7.32 -12.28
C VAL B 56 -48.56 7.32 -13.42
N GLN B 57 -47.67 6.32 -13.42
CA GLN B 57 -46.68 6.18 -14.46
C GLN B 57 -46.26 4.73 -14.53
N SER B 58 -46.57 4.07 -15.64
CA SER B 58 -46.21 2.68 -15.82
C SER B 58 -44.82 2.57 -16.42
N GLY B 59 -44.14 1.46 -16.12
CA GLY B 59 -42.87 1.21 -16.76
C GLY B 59 -43.11 0.53 -18.09
N CYS B 60 -43.16 1.32 -19.14
CA CYS B 60 -43.49 0.85 -20.48
C CYS B 60 -43.13 1.95 -21.46
N GLY B 61 -43.22 1.64 -22.74
CA GLY B 61 -42.86 2.60 -23.77
C GLY B 61 -41.42 3.02 -23.62
N GLU B 62 -41.19 4.32 -23.64
CA GLU B 62 -39.85 4.88 -23.44
C GLU B 62 -39.53 4.77 -21.95
N ILE B 63 -38.92 3.64 -21.58
CA ILE B 63 -38.82 3.26 -20.17
C ILE B 63 -38.06 4.31 -19.38
N ASN B 64 -36.86 4.69 -19.85
CA ASN B 64 -36.04 5.61 -19.09
C ASN B 64 -36.63 7.01 -19.12
N ASP B 65 -37.20 7.40 -20.25
CA ASP B 65 -37.95 8.65 -20.35
C ASP B 65 -39.05 8.70 -19.30
N ASN B 66 -39.85 7.63 -19.21
CA ASN B 66 -40.98 7.62 -18.30
C ASN B 66 -40.53 7.59 -16.85
N LEU B 67 -39.50 6.82 -16.54
CA LEU B 67 -39.00 6.76 -15.17
C LEU B 67 -38.42 8.10 -14.74
N MET B 68 -37.69 8.77 -15.62
CA MET B 68 -37.18 10.09 -15.29
C MET B 68 -38.32 11.08 -15.11
N GLU B 69 -39.34 10.99 -15.95
CA GLU B 69 -40.54 11.82 -15.80
C GLU B 69 -41.16 11.61 -14.42
N LEU B 70 -41.32 10.36 -14.03
CA LEU B 70 -41.90 10.03 -12.74
C LEU B 70 -41.06 10.58 -11.59
N LEU B 71 -39.74 10.41 -11.66
CA LEU B 71 -38.86 10.90 -10.60
C LEU B 71 -38.92 12.42 -10.50
N ILE B 72 -38.90 13.10 -11.64
CA ILE B 72 -38.95 14.56 -11.62
C ILE B 72 -40.28 15.04 -11.07
N MET B 73 -41.38 14.39 -11.45
CA MET B 73 -42.69 14.78 -10.93
C MET B 73 -42.80 14.51 -9.42
N ILE B 74 -42.25 13.40 -8.95
CA ILE B 74 -42.23 13.13 -7.51
C ILE B 74 -41.45 14.20 -6.78
N ASN B 75 -40.27 14.55 -7.29
CA ASN B 75 -39.44 15.53 -6.61
C ASN B 75 -40.10 16.91 -6.64
N ALA B 76 -40.72 17.27 -7.76
CA ALA B 76 -41.41 18.55 -7.84
C ALA B 76 -42.55 18.61 -6.83
N CYS B 77 -43.32 17.53 -6.71
CA CYS B 77 -44.40 17.51 -5.74
C CYS B 77 -43.88 17.60 -4.31
N LYS B 78 -42.77 16.91 -4.02
CA LYS B 78 -42.21 16.97 -2.67
C LYS B 78 -41.71 18.38 -2.34
N ILE B 79 -40.98 19.00 -3.27
CA ILE B 79 -40.49 20.35 -3.02
C ILE B 79 -41.65 21.35 -3.01
N ALA B 80 -42.73 21.04 -3.73
CA ALA B 80 -43.94 21.86 -3.68
C ALA B 80 -44.78 21.58 -2.44
N SER B 81 -44.22 20.91 -1.44
CA SER B 81 -44.83 20.76 -0.12
C SER B 81 -46.10 19.92 -0.16
N ALA B 82 -46.10 18.88 -0.99
CA ALA B 82 -47.20 17.91 -0.95
C ALA B 82 -47.17 17.18 0.38
N SER B 83 -48.36 16.89 0.92
CA SER B 83 -48.44 16.16 2.18
C SER B 83 -47.87 14.76 2.02
N ARG B 84 -48.16 14.10 0.91
CA ARG B 84 -47.69 12.75 0.65
C ARG B 84 -47.66 12.54 -0.84
N VAL B 85 -46.60 11.88 -1.33
CA VAL B 85 -46.44 11.59 -2.75
C VAL B 85 -46.41 10.08 -2.92
N THR B 86 -47.34 9.56 -3.70
CA THR B 86 -47.43 8.13 -3.99
C THR B 86 -47.18 7.91 -5.46
N ALA B 87 -46.27 6.99 -5.77
CA ALA B 87 -46.00 6.60 -7.15
C ALA B 87 -46.87 5.39 -7.47
N VAL B 88 -47.83 5.58 -8.36
CA VAL B 88 -48.67 4.48 -8.84
C VAL B 88 -47.99 3.95 -10.10
N ILE B 89 -47.28 2.84 -9.96
CA ILE B 89 -46.50 2.28 -11.06
C ILE B 89 -47.10 0.92 -11.40
N PRO B 90 -48.07 0.86 -12.32
CA PRO B 90 -48.74 -0.43 -12.59
C PRO B 90 -47.79 -1.54 -13.02
N CYS B 91 -46.80 -1.22 -13.84
CA CYS B 91 -45.77 -2.18 -14.23
C CYS B 91 -44.42 -1.60 -13.80
N PHE B 92 -43.82 -2.22 -12.80
CA PHE B 92 -42.59 -1.70 -12.21
C PHE B 92 -41.42 -1.86 -13.18
N PRO B 93 -40.75 -0.78 -13.57
CA PRO B 93 -39.63 -0.92 -14.51
C PRO B 93 -38.43 -1.58 -13.85
N TYR B 94 -37.65 -2.28 -14.67
CA TYR B 94 -36.44 -2.98 -14.25
C TYR B 94 -36.72 -4.05 -13.21
N ALA B 95 -37.96 -4.51 -13.10
CA ALA B 95 -38.32 -5.47 -12.08
C ALA B 95 -37.63 -6.82 -12.30
N ARG B 96 -37.31 -7.14 -13.55
CA ARG B 96 -36.62 -8.40 -13.84
C ARG B 96 -35.16 -8.38 -13.45
N GLN B 97 -34.60 -7.21 -13.17
CA GLN B 97 -33.23 -7.11 -12.68
C GLN B 97 -33.25 -6.96 -11.16
N ASP B 98 -33.66 -8.05 -10.51
CA ASP B 98 -33.98 -8.05 -9.09
C ASP B 98 -32.95 -8.81 -8.25
N LYS B 99 -31.85 -9.23 -8.85
CA LYS B 99 -30.83 -9.99 -8.12
C LYS B 99 -29.53 -9.90 -8.88
N LYS B 100 -28.45 -10.27 -8.21
CA LYS B 100 -27.13 -10.34 -8.81
C LYS B 100 -26.75 -11.83 -8.89
N ASP B 101 -27.11 -12.46 -10.00
CA ASP B 101 -26.73 -13.84 -10.27
C ASP B 101 -25.67 -13.93 -11.36
N LYS B 102 -25.04 -12.81 -11.68
CA LYS B 102 -23.94 -12.76 -12.63
C LYS B 102 -22.86 -11.83 -12.06
N SER B 103 -21.62 -12.06 -12.48
CA SER B 103 -20.54 -11.18 -12.07
C SER B 103 -20.79 -9.77 -12.58
N ARG B 104 -20.61 -8.78 -11.71
CA ARG B 104 -20.73 -7.35 -12.02
C ARG B 104 -22.13 -6.94 -12.43
N ALA B 105 -23.12 -7.81 -12.25
CA ALA B 105 -24.47 -7.49 -12.65
C ALA B 105 -25.08 -6.46 -11.70
N PRO B 106 -25.74 -5.43 -12.22
CA PRO B 106 -26.46 -4.50 -11.35
C PRO B 106 -27.78 -5.08 -10.91
N ILE B 107 -28.22 -4.67 -9.73
CA ILE B 107 -29.60 -4.91 -9.30
C ILE B 107 -30.36 -3.64 -9.65
N SER B 108 -30.85 -3.59 -10.89
CA SER B 108 -31.46 -2.36 -11.39
C SER B 108 -32.77 -2.06 -10.69
N ALA B 109 -33.51 -3.08 -10.27
CA ALA B 109 -34.74 -2.84 -9.51
C ALA B 109 -34.45 -2.13 -8.20
N LYS B 110 -33.38 -2.53 -7.51
CA LYS B 110 -32.99 -1.85 -6.28
C LYS B 110 -32.56 -0.42 -6.57
N LEU B 111 -31.85 -0.20 -7.68
CA LEU B 111 -31.46 1.16 -8.03
C LEU B 111 -32.69 2.03 -8.30
N VAL B 112 -33.68 1.47 -9.01
CA VAL B 112 -34.91 2.21 -9.27
C VAL B 112 -35.64 2.52 -7.98
N ALA B 113 -35.68 1.55 -7.05
CA ALA B 113 -36.29 1.80 -5.76
C ALA B 113 -35.58 2.90 -4.99
N ASN B 114 -34.24 2.89 -5.00
CA ASN B 114 -33.48 3.93 -4.34
C ASN B 114 -33.72 5.30 -4.97
N MET B 115 -33.80 5.33 -6.30
CA MET B 115 -34.07 6.58 -7.00
C MET B 115 -35.45 7.12 -6.65
N LEU B 116 -36.45 6.24 -6.58
CA LEU B 116 -37.78 6.67 -6.18
C LEU B 116 -37.79 7.17 -4.74
N SER B 117 -37.05 6.51 -3.87
CA SER B 117 -36.96 6.94 -2.47
C SER B 117 -36.30 8.30 -2.35
N VAL B 118 -35.21 8.53 -3.08
CA VAL B 118 -34.50 9.79 -2.98
C VAL B 118 -35.27 10.90 -3.69
N ALA B 119 -36.09 10.57 -4.68
CA ALA B 119 -36.98 11.57 -5.27
C ALA B 119 -38.04 12.04 -4.29
N GLY B 120 -38.35 11.23 -3.29
CA GLY B 120 -39.26 11.64 -2.24
C GLY B 120 -40.56 10.89 -2.18
N ALA B 121 -40.66 9.75 -2.86
CA ALA B 121 -41.86 8.95 -2.78
C ALA B 121 -42.07 8.44 -1.37
N ASP B 122 -43.30 8.54 -0.89
CA ASP B 122 -43.66 8.04 0.43
C ASP B 122 -44.42 6.73 0.37
N HIS B 123 -44.88 6.33 -0.82
CA HIS B 123 -45.74 5.16 -0.96
C HIS B 123 -45.67 4.72 -2.42
N ILE B 124 -45.65 3.41 -2.63
CA ILE B 124 -45.64 2.83 -3.97
C ILE B 124 -46.84 1.91 -4.09
N ILE B 125 -47.60 2.09 -5.17
CA ILE B 125 -48.69 1.19 -5.53
C ILE B 125 -48.35 0.59 -6.88
N THR B 126 -48.29 -0.74 -6.93
CA THR B 126 -47.92 -1.44 -8.15
C THR B 126 -48.74 -2.71 -8.25
N MET B 127 -48.75 -3.31 -9.43
CA MET B 127 -49.50 -4.53 -9.69
C MET B 127 -48.57 -5.64 -10.14
N ASP B 128 -48.64 -6.77 -9.44
CA ASP B 128 -47.97 -8.01 -9.84
C ASP B 128 -46.49 -7.78 -10.14
N LEU B 129 -45.76 -7.41 -9.09
CA LEU B 129 -44.31 -7.28 -9.20
C LEU B 129 -43.72 -8.59 -9.71
N HIS B 130 -42.74 -8.47 -10.61
CA HIS B 130 -42.08 -9.66 -11.13
C HIS B 130 -41.52 -10.50 -10.00
N ALA B 131 -40.98 -9.84 -8.98
CA ALA B 131 -40.61 -10.50 -7.72
C ALA B 131 -41.24 -9.71 -6.59
N SER B 132 -42.02 -10.39 -5.75
CA SER B 132 -42.67 -9.72 -4.63
C SER B 132 -41.67 -9.16 -3.64
N GLN B 133 -40.45 -9.69 -3.62
CA GLN B 133 -39.41 -9.18 -2.72
C GLN B 133 -39.01 -7.76 -3.07
N ILE B 134 -39.40 -7.26 -4.25
CA ILE B 134 -39.15 -5.86 -4.60
C ILE B 134 -39.81 -4.94 -3.58
N GLN B 135 -40.88 -5.40 -2.92
CA GLN B 135 -41.45 -4.65 -1.79
C GLN B 135 -40.37 -4.34 -0.76
N GLY B 136 -39.46 -5.27 -0.54
CA GLY B 136 -38.36 -5.09 0.39
C GLY B 136 -37.24 -4.22 -0.12
N PHE B 137 -37.29 -3.80 -1.38
CA PHE B 137 -36.28 -2.88 -1.90
C PHE B 137 -36.51 -1.45 -1.41
N PHE B 138 -37.68 -1.15 -0.87
CA PHE B 138 -38.01 0.15 -0.32
C PHE B 138 -38.04 0.08 1.20
N ASP B 139 -37.92 1.24 1.84
CA ASP B 139 -38.22 1.40 3.25
C ASP B 139 -39.57 2.07 3.48
N ILE B 140 -40.35 2.25 2.42
CA ILE B 140 -41.69 2.84 2.51
C ILE B 140 -42.69 1.73 2.20
N PRO B 141 -43.97 1.89 2.56
CA PRO B 141 -44.96 0.87 2.19
C PRO B 141 -45.06 0.72 0.68
N VAL B 142 -45.16 -0.53 0.23
CA VAL B 142 -45.29 -0.85 -1.19
C VAL B 142 -46.48 -1.77 -1.35
N ASP B 143 -47.49 -1.32 -2.08
CA ASP B 143 -48.67 -2.12 -2.34
C ASP B 143 -48.45 -2.92 -3.61
N ASN B 144 -48.42 -4.23 -3.47
CA ASN B 144 -48.23 -5.14 -4.60
C ASN B 144 -49.59 -5.79 -4.88
N LEU B 145 -50.39 -5.12 -5.70
CA LEU B 145 -51.72 -5.61 -6.02
C LEU B 145 -51.65 -6.78 -6.99
N TYR B 146 -52.63 -7.67 -6.88
CA TYR B 146 -52.71 -8.84 -7.73
C TYR B 146 -53.77 -8.64 -8.80
N ALA B 147 -53.46 -9.04 -10.01
CA ALA B 147 -54.48 -9.15 -11.05
C ALA B 147 -55.18 -10.52 -11.02
N GLU B 148 -54.82 -11.37 -10.06
CA GLU B 148 -55.36 -12.72 -10.02
C GLU B 148 -56.88 -12.77 -9.89
N PRO B 149 -57.55 -11.98 -9.04
CA PRO B 149 -59.02 -12.03 -9.03
C PRO B 149 -59.63 -11.68 -10.37
N ALA B 150 -59.09 -10.68 -11.06
CA ALA B 150 -59.59 -10.34 -12.39
C ALA B 150 -59.32 -11.45 -13.38
N VAL B 151 -58.17 -12.12 -13.26
CA VAL B 151 -57.84 -13.23 -14.13
C VAL B 151 -58.82 -14.38 -13.92
N LEU B 152 -59.12 -14.69 -12.65
CA LEU B 152 -60.07 -15.75 -12.35
C LEU B 152 -61.45 -15.40 -12.87
N LYS B 153 -61.86 -14.14 -12.74
CA LYS B 153 -63.14 -13.71 -13.29
C LYS B 153 -63.18 -13.90 -14.80
N TRP B 154 -62.11 -13.49 -15.50
CA TRP B 154 -62.06 -13.66 -16.93
C TRP B 154 -62.12 -15.13 -17.33
N ILE B 155 -61.39 -15.98 -16.60
CA ILE B 155 -61.37 -17.40 -16.94
C ILE B 155 -62.76 -18.00 -16.76
N ARG B 156 -63.42 -17.71 -15.64
CA ARG B 156 -64.74 -18.27 -15.39
C ARG B 156 -65.79 -17.72 -16.35
N GLU B 157 -65.60 -16.52 -16.89
CA GLU B 157 -66.60 -15.95 -17.78
C GLU B 157 -66.33 -16.18 -19.27
N ASN B 158 -65.11 -16.56 -19.65
CA ASN B 158 -64.75 -16.60 -21.07
C ASN B 158 -64.30 -17.97 -21.55
N ILE B 159 -64.03 -18.92 -20.67
CA ILE B 159 -63.60 -20.26 -21.05
C ILE B 159 -64.65 -21.23 -20.56
N SER B 160 -65.38 -21.85 -21.48
CA SER B 160 -66.51 -22.68 -21.11
C SER B 160 -66.09 -23.91 -20.32
N GLU B 161 -64.98 -24.52 -20.72
CA GLU B 161 -64.46 -25.73 -20.09
C GLU B 161 -63.37 -25.43 -19.07
N TRP B 162 -63.51 -24.33 -18.34
CA TRP B 162 -62.47 -23.94 -17.39
C TRP B 162 -62.36 -24.93 -16.24
N ARG B 163 -63.44 -25.63 -15.90
CA ARG B 163 -63.38 -26.59 -14.79
C ARG B 163 -62.56 -27.82 -15.15
N ASN B 164 -62.36 -28.10 -16.43
CA ASN B 164 -61.51 -29.21 -16.85
C ASN B 164 -60.19 -28.73 -17.45
N CYS B 165 -59.89 -27.45 -17.32
CA CYS B 165 -58.66 -26.91 -17.90
C CYS B 165 -57.47 -27.23 -17.01
N THR B 166 -56.28 -26.96 -17.54
CA THR B 166 -55.05 -27.03 -16.78
C THR B 166 -54.32 -25.71 -16.94
N ILE B 167 -53.89 -25.14 -15.82
CA ILE B 167 -53.16 -23.88 -15.84
C ILE B 167 -51.68 -24.21 -15.97
N VAL B 168 -51.02 -23.61 -16.94
CA VAL B 168 -49.65 -23.99 -17.31
C VAL B 168 -48.71 -22.84 -17.00
N SER B 169 -47.62 -23.14 -16.31
CA SER B 169 -46.55 -22.18 -16.11
C SER B 169 -45.61 -22.23 -17.31
N PRO B 170 -45.33 -21.09 -17.96
CA PRO B 170 -44.40 -21.10 -19.09
C PRO B 170 -42.93 -21.24 -18.69
N ASP B 171 -42.60 -21.06 -17.41
CA ASP B 171 -41.24 -21.27 -16.93
C ASP B 171 -41.31 -21.71 -15.48
N ALA B 172 -40.13 -22.01 -14.91
CA ALA B 172 -40.09 -22.48 -13.53
C ALA B 172 -40.47 -21.38 -12.55
N GLY B 173 -40.15 -20.11 -12.86
CA GLY B 173 -40.43 -19.02 -11.96
C GLY B 173 -41.91 -18.71 -11.78
N GLY B 174 -42.74 -19.11 -12.72
CA GLY B 174 -44.17 -18.87 -12.62
C GLY B 174 -44.94 -19.90 -11.84
N ALA B 175 -44.26 -20.87 -11.24
CA ALA B 175 -44.92 -22.01 -10.62
C ALA B 175 -45.85 -21.57 -9.49
N LYS B 176 -45.43 -20.63 -8.66
CA LYS B 176 -46.26 -20.21 -7.55
C LYS B 176 -47.56 -19.57 -8.04
N ARG B 177 -47.45 -18.69 -9.04
CA ARG B 177 -48.64 -18.04 -9.59
C ARG B 177 -49.60 -19.06 -10.19
N VAL B 178 -49.06 -20.01 -10.96
CA VAL B 178 -49.90 -21.03 -11.57
C VAL B 178 -50.53 -21.94 -10.53
N THR B 179 -49.78 -22.34 -9.50
CA THR B 179 -50.36 -23.19 -8.48
C THR B 179 -51.46 -22.45 -7.73
N SER B 180 -51.26 -21.17 -7.44
CA SER B 180 -52.28 -20.39 -6.77
C SER B 180 -53.56 -20.32 -7.61
N ILE B 181 -53.41 -20.04 -8.91
CA ILE B 181 -54.58 -19.96 -9.78
C ILE B 181 -55.28 -21.30 -9.89
N ALA B 182 -54.51 -22.39 -10.02
CA ALA B 182 -55.11 -23.71 -10.14
C ALA B 182 -55.83 -24.11 -8.85
N ASP B 183 -55.27 -23.76 -7.70
CA ASP B 183 -55.95 -23.97 -6.43
C ASP B 183 -57.26 -23.21 -6.37
N ARG B 184 -57.25 -21.94 -6.76
CA ARG B 184 -58.48 -21.15 -6.71
C ARG B 184 -59.53 -21.67 -7.68
N LEU B 185 -59.12 -22.21 -8.82
CA LEU B 185 -60.05 -22.78 -9.77
C LEU B 185 -60.32 -24.26 -9.52
N ASN B 186 -59.59 -24.90 -8.60
CA ASN B 186 -59.69 -26.33 -8.36
C ASN B 186 -59.49 -27.12 -9.64
N VAL B 187 -58.39 -26.82 -10.34
CA VAL B 187 -58.06 -27.47 -11.60
C VAL B 187 -56.62 -27.97 -11.52
N ASP B 188 -56.26 -28.80 -12.50
CA ASP B 188 -54.89 -29.28 -12.61
C ASP B 188 -53.96 -28.15 -13.05
N PHE B 189 -52.68 -28.34 -12.82
CA PHE B 189 -51.67 -27.42 -13.30
C PHE B 189 -50.54 -28.21 -13.95
N ALA B 190 -49.81 -27.53 -14.82
CA ALA B 190 -48.64 -28.09 -15.46
C ALA B 190 -47.56 -27.02 -15.50
N LEU B 191 -46.32 -27.46 -15.68
CA LEU B 191 -45.20 -26.54 -15.78
C LEU B 191 -44.38 -26.88 -17.02
N ILE B 192 -43.94 -25.85 -17.70
CA ILE B 192 -43.08 -25.99 -18.88
C ILE B 192 -41.75 -25.31 -18.57
N HIS B 193 -40.65 -26.01 -18.83
CA HIS B 193 -39.33 -25.48 -18.58
C HIS B 193 -38.53 -25.55 -19.87
N LYS B 194 -37.89 -24.44 -20.23
CA LYS B 194 -36.90 -24.42 -21.29
C LYS B 194 -35.54 -24.65 -20.67
N GLU B 195 -34.90 -25.77 -21.01
CA GLU B 195 -33.65 -26.06 -20.31
C GLU B 195 -32.53 -25.16 -20.79
N ARG B 196 -31.50 -25.06 -19.96
CA ARG B 196 -30.48 -24.04 -20.14
C ARG B 196 -29.68 -24.27 -21.41
N LYS B 197 -29.28 -23.16 -22.03
CA LYS B 197 -28.60 -23.17 -23.33
C LYS B 197 -27.12 -23.41 -23.08
N LYS B 198 -26.74 -24.70 -23.03
CA LYS B 198 -25.34 -25.03 -22.81
C LYS B 198 -24.51 -24.79 -24.07
N ALA B 199 -25.11 -24.94 -25.24
CA ALA B 199 -24.42 -24.73 -26.50
C ALA B 199 -25.44 -24.22 -27.51
N ASN B 200 -25.10 -24.28 -28.80
CA ASN B 200 -25.93 -23.73 -29.85
C ASN B 200 -26.85 -24.75 -30.51
N GLU B 201 -27.28 -25.78 -29.78
CA GLU B 201 -28.25 -26.71 -30.34
C GLU B 201 -29.66 -26.15 -30.22
N VAL B 202 -30.64 -26.97 -30.58
CA VAL B 202 -32.02 -26.53 -30.59
C VAL B 202 -32.52 -26.36 -29.16
N ASP B 203 -33.21 -25.24 -28.92
CA ASP B 203 -33.92 -25.07 -27.66
C ASP B 203 -35.02 -26.11 -27.55
N ARG B 204 -35.00 -26.88 -26.47
CA ARG B 204 -36.00 -27.90 -26.23
C ARG B 204 -36.70 -27.64 -24.91
N MET B 205 -38.00 -27.90 -24.89
CA MET B 205 -38.86 -27.59 -23.76
C MET B 205 -39.36 -28.88 -23.13
N VAL B 206 -39.27 -28.96 -21.83
CA VAL B 206 -39.80 -30.10 -21.08
C VAL B 206 -41.09 -29.69 -20.40
N LEU B 207 -42.10 -30.55 -20.51
CA LEU B 207 -43.39 -30.33 -19.88
C LEU B 207 -43.60 -31.37 -18.78
N VAL B 208 -43.92 -30.90 -17.58
CA VAL B 208 -44.30 -31.77 -16.47
C VAL B 208 -45.77 -31.52 -16.16
N GLY B 209 -46.56 -32.57 -16.17
CA GLY B 209 -47.99 -32.46 -16.05
C GLY B 209 -48.69 -32.90 -17.33
N ASP B 210 -49.99 -33.16 -17.20
CA ASP B 210 -50.80 -33.71 -18.29
C ASP B 210 -51.69 -32.61 -18.83
N VAL B 211 -51.56 -32.34 -20.13
CA VAL B 211 -52.40 -31.36 -20.82
C VAL B 211 -53.13 -31.96 -22.01
N LYS B 212 -53.06 -33.28 -22.18
CA LYS B 212 -53.61 -33.92 -23.36
C LYS B 212 -55.12 -33.81 -23.38
N ASP B 213 -55.66 -33.38 -24.53
CA ASP B 213 -57.10 -33.28 -24.77
C ASP B 213 -57.79 -32.35 -23.78
N ARG B 214 -57.05 -31.39 -23.23
CA ARG B 214 -57.61 -30.40 -22.33
C ARG B 214 -57.24 -29.01 -22.80
N VAL B 215 -58.04 -28.04 -22.39
CA VAL B 215 -57.69 -26.65 -22.62
C VAL B 215 -56.56 -26.28 -21.69
N ALA B 216 -55.52 -25.65 -22.25
CA ALA B 216 -54.36 -25.21 -21.48
C ALA B 216 -54.40 -23.70 -21.39
N ILE B 217 -54.29 -23.18 -20.17
CA ILE B 217 -54.23 -21.75 -19.93
C ILE B 217 -52.83 -21.43 -19.45
N LEU B 218 -52.07 -20.70 -20.28
CA LEU B 218 -50.77 -20.20 -19.87
C LEU B 218 -50.96 -18.95 -19.04
N VAL B 219 -50.43 -18.95 -17.82
CA VAL B 219 -50.50 -17.80 -16.93
C VAL B 219 -49.07 -17.41 -16.55
N ASP B 220 -48.74 -16.14 -16.79
CA ASP B 220 -47.44 -15.61 -16.44
C ASP B 220 -47.62 -14.16 -16.01
N ASP B 221 -46.57 -13.60 -15.40
CA ASP B 221 -46.64 -12.23 -14.95
C ASP B 221 -46.49 -11.24 -16.09
N MET B 222 -45.79 -11.59 -17.17
CA MET B 222 -45.59 -10.65 -18.25
C MET B 222 -45.23 -11.39 -19.52
N ALA B 223 -45.46 -10.74 -20.65
CA ALA B 223 -45.06 -11.22 -21.96
C ALA B 223 -44.34 -10.07 -22.66
N ASP B 224 -43.01 -10.08 -22.63
CA ASP B 224 -42.22 -9.00 -23.23
C ASP B 224 -42.05 -9.24 -24.73
N THR B 225 -41.29 -10.28 -25.09
CA THR B 225 -41.12 -10.67 -26.47
C THR B 225 -42.01 -11.82 -26.88
N CYS B 226 -42.73 -12.40 -25.92
CA CYS B 226 -43.63 -13.53 -26.12
C CYS B 226 -42.89 -14.78 -26.56
N GLY B 227 -41.56 -14.81 -26.43
CA GLY B 227 -40.84 -16.05 -26.68
C GLY B 227 -41.23 -17.14 -25.71
N THR B 228 -41.38 -16.79 -24.43
CA THR B 228 -41.75 -17.77 -23.42
C THR B 228 -43.12 -18.37 -23.71
N ILE B 229 -44.13 -17.51 -23.90
CA ILE B 229 -45.48 -18.02 -24.11
C ILE B 229 -45.62 -18.69 -25.46
N CYS B 230 -44.94 -18.20 -26.50
CA CYS B 230 -45.06 -18.83 -27.80
C CYS B 230 -44.41 -20.21 -27.80
N HIS B 231 -43.21 -20.33 -27.23
CA HIS B 231 -42.57 -21.64 -27.13
C HIS B 231 -43.40 -22.59 -26.28
N ALA B 232 -43.95 -22.09 -25.17
CA ALA B 232 -44.83 -22.90 -24.35
C ALA B 232 -46.07 -23.34 -25.11
N ALA B 233 -46.60 -22.48 -25.97
CA ALA B 233 -47.78 -22.81 -26.74
C ALA B 233 -47.49 -23.90 -27.76
N ASP B 234 -46.35 -23.81 -28.44
CA ASP B 234 -45.95 -24.89 -29.34
C ASP B 234 -45.79 -26.20 -28.58
N LYS B 235 -45.15 -26.16 -27.42
CA LYS B 235 -44.99 -27.37 -26.62
C LYS B 235 -46.34 -27.93 -26.20
N LEU B 236 -47.27 -27.06 -25.79
CA LEU B 236 -48.57 -27.52 -25.33
C LEU B 236 -49.36 -28.17 -26.44
N LEU B 237 -49.35 -27.57 -27.64
CA LEU B 237 -50.02 -28.22 -28.76
C LEU B 237 -49.36 -29.54 -29.12
N SER B 238 -48.02 -29.58 -29.12
CA SER B 238 -47.32 -30.82 -29.39
C SER B 238 -47.64 -31.89 -28.36
N ALA B 239 -48.03 -31.48 -27.15
CA ALA B 239 -48.37 -32.40 -26.08
C ALA B 239 -49.83 -32.81 -26.08
N GLY B 240 -50.63 -32.32 -27.02
CA GLY B 240 -52.01 -32.73 -27.14
C GLY B 240 -53.04 -31.80 -26.54
N ALA B 241 -52.68 -30.57 -26.21
CA ALA B 241 -53.67 -29.61 -25.73
C ALA B 241 -54.64 -29.26 -26.84
N THR B 242 -55.93 -29.18 -26.50
CA THR B 242 -56.93 -28.83 -27.50
C THR B 242 -56.85 -27.36 -27.87
N ARG B 243 -56.98 -26.48 -26.89
CA ARG B 243 -56.88 -25.05 -27.09
C ARG B 243 -55.89 -24.49 -26.08
N VAL B 244 -55.22 -23.40 -26.46
CA VAL B 244 -54.21 -22.78 -25.62
C VAL B 244 -54.56 -21.31 -25.45
N TYR B 245 -54.70 -20.88 -24.20
CA TYR B 245 -54.86 -19.48 -23.85
C TYR B 245 -53.60 -18.97 -23.17
N ALA B 246 -53.37 -17.68 -23.29
CA ALA B 246 -52.29 -17.01 -22.57
C ALA B 246 -52.89 -15.84 -21.82
N ILE B 247 -52.68 -15.81 -20.51
CA ILE B 247 -53.14 -14.71 -19.66
C ILE B 247 -51.93 -14.13 -18.95
N LEU B 248 -51.70 -12.85 -19.15
CA LEU B 248 -50.62 -12.12 -18.52
C LEU B 248 -51.22 -10.94 -17.77
N THR B 249 -50.47 -10.40 -16.81
CA THR B 249 -50.93 -9.13 -16.27
C THR B 249 -50.26 -7.94 -16.96
N HIS B 250 -49.00 -8.08 -17.35
CA HIS B 250 -48.29 -7.01 -18.05
C HIS B 250 -48.06 -7.43 -19.50
N GLY B 251 -48.77 -6.78 -20.41
CA GLY B 251 -48.51 -7.00 -21.82
C GLY B 251 -47.53 -5.98 -22.35
N ILE B 252 -46.25 -6.33 -22.37
CA ILE B 252 -45.24 -5.43 -22.90
C ILE B 252 -45.21 -5.48 -24.41
N PHE B 253 -45.20 -6.70 -24.96
CA PHE B 253 -45.31 -6.92 -26.41
C PHE B 253 -44.27 -6.13 -27.18
N SER B 254 -43.04 -6.11 -26.68
CA SER B 254 -41.97 -5.40 -27.37
C SER B 254 -41.39 -6.29 -28.47
N GLY B 255 -40.73 -5.64 -29.43
CA GLY B 255 -40.03 -6.33 -30.48
C GLY B 255 -40.93 -7.18 -31.36
N PRO B 256 -40.57 -8.45 -31.50
CA PRO B 256 -41.29 -9.35 -32.41
C PRO B 256 -42.53 -9.99 -31.81
N ALA B 257 -43.03 -9.48 -30.69
CA ALA B 257 -44.11 -10.16 -29.97
C ALA B 257 -45.39 -10.24 -30.79
N ILE B 258 -45.74 -9.16 -31.48
CA ILE B 258 -47.01 -9.14 -32.21
C ILE B 258 -46.99 -10.15 -33.35
N SER B 259 -45.90 -10.20 -34.12
CA SER B 259 -45.79 -11.19 -35.17
C SER B 259 -45.76 -12.60 -34.60
N ARG B 260 -45.11 -12.78 -33.46
CA ARG B 260 -45.06 -14.10 -32.82
C ARG B 260 -46.46 -14.56 -32.42
N ILE B 261 -47.25 -13.67 -31.83
CA ILE B 261 -48.60 -14.03 -31.40
C ILE B 261 -49.49 -14.29 -32.60
N ASN B 262 -49.40 -13.45 -33.62
CA ASN B 262 -50.23 -13.63 -34.81
C ASN B 262 -49.95 -14.95 -35.50
N ASN B 263 -48.72 -15.45 -35.39
CA ASN B 263 -48.35 -16.73 -35.98
C ASN B 263 -48.42 -17.88 -34.99
N ALA B 264 -48.86 -17.62 -33.77
CA ALA B 264 -49.02 -18.66 -32.76
C ALA B 264 -50.42 -19.23 -32.82
N CYS B 265 -50.72 -20.15 -31.90
CA CYS B 265 -51.97 -20.90 -31.90
C CYS B 265 -52.90 -20.47 -30.78
N PHE B 266 -52.68 -19.29 -30.20
CA PHE B 266 -53.43 -18.87 -29.03
C PHE B 266 -54.90 -18.65 -29.38
N GLU B 267 -55.78 -19.16 -28.54
CA GLU B 267 -57.19 -18.79 -28.64
C GLU B 267 -57.38 -17.32 -28.31
N ALA B 268 -56.68 -16.85 -27.28
CA ALA B 268 -56.71 -15.44 -26.90
C ALA B 268 -55.48 -15.16 -26.05
N VAL B 269 -54.93 -13.96 -26.19
CA VAL B 269 -53.87 -13.47 -25.32
C VAL B 269 -54.49 -12.37 -24.47
N VAL B 270 -54.58 -12.61 -23.17
CA VAL B 270 -55.30 -11.73 -22.25
C VAL B 270 -54.27 -11.02 -21.38
N VAL B 271 -54.34 -9.70 -21.38
CA VAL B 271 -53.47 -8.87 -20.55
C VAL B 271 -54.32 -7.84 -19.83
N THR B 272 -53.78 -7.32 -18.75
CA THR B 272 -54.40 -6.16 -18.13
C THR B 272 -53.95 -4.89 -18.84
N ASN B 273 -54.56 -3.77 -18.47
CA ASN B 273 -54.15 -2.48 -19.02
C ASN B 273 -53.20 -1.74 -18.10
N THR B 274 -52.33 -2.46 -17.38
CA THR B 274 -51.21 -1.83 -16.71
C THR B 274 -50.28 -1.14 -17.71
N ILE B 275 -50.28 -1.61 -18.94
CA ILE B 275 -49.53 -1.00 -20.04
C ILE B 275 -50.57 -0.67 -21.11
N PRO B 276 -50.46 0.46 -21.81
CA PRO B 276 -51.43 0.73 -22.88
C PRO B 276 -51.36 -0.34 -23.96
N GLN B 277 -52.53 -0.80 -24.37
CA GLN B 277 -52.64 -1.88 -25.35
C GLN B 277 -53.33 -1.48 -26.63
N GLU B 278 -53.75 -0.22 -26.76
CA GLU B 278 -54.52 0.20 -27.92
C GLU B 278 -53.78 -0.09 -29.21
N ASP B 279 -52.50 0.28 -29.28
CA ASP B 279 -51.71 0.03 -30.47
C ASP B 279 -51.52 -1.46 -30.71
N LYS B 280 -51.30 -2.23 -29.65
CA LYS B 280 -51.08 -3.68 -29.80
C LYS B 280 -52.33 -4.37 -30.32
N MET B 281 -53.51 -3.99 -29.82
CA MET B 281 -54.75 -4.63 -30.26
C MET B 281 -55.05 -4.34 -31.73
N LYS B 282 -54.56 -3.23 -32.26
CA LYS B 282 -54.83 -2.91 -33.66
C LYS B 282 -54.10 -3.84 -34.62
N HIS B 283 -53.00 -4.44 -34.19
CA HIS B 283 -52.22 -5.33 -35.04
C HIS B 283 -52.35 -6.80 -34.65
N CYS B 284 -53.01 -7.11 -33.53
CA CYS B 284 -53.19 -8.50 -33.10
C CYS B 284 -54.61 -8.64 -32.54
N SER B 285 -55.47 -9.29 -33.31
CA SER B 285 -56.85 -9.50 -32.87
C SER B 285 -56.95 -10.45 -31.69
N LYS B 286 -55.92 -11.28 -31.46
CA LYS B 286 -55.97 -12.22 -30.36
C LYS B 286 -55.89 -11.55 -29.00
N ILE B 287 -55.39 -10.33 -28.93
CA ILE B 287 -55.19 -9.66 -27.64
C ILE B 287 -56.51 -9.15 -27.11
N GLN B 288 -56.82 -9.49 -25.86
CA GLN B 288 -57.93 -8.92 -25.13
C GLN B 288 -57.41 -8.33 -23.83
N VAL B 289 -58.12 -7.32 -23.33
CA VAL B 289 -57.63 -6.51 -22.22
C VAL B 289 -58.59 -6.62 -21.04
N ILE B 290 -58.05 -6.93 -19.88
CA ILE B 290 -58.78 -6.82 -18.62
C ILE B 290 -58.49 -5.46 -18.03
N ASP B 291 -59.53 -4.65 -17.82
CA ASP B 291 -59.35 -3.36 -17.20
C ASP B 291 -59.09 -3.55 -15.71
N ILE B 292 -57.97 -3.02 -15.23
CA ILE B 292 -57.66 -3.05 -13.81
C ILE B 292 -57.71 -1.66 -13.20
N SER B 293 -58.25 -0.68 -13.93
CA SER B 293 -58.33 0.68 -13.42
C SER B 293 -59.17 0.76 -12.16
N MET B 294 -60.19 -0.10 -12.03
CA MET B 294 -60.99 -0.08 -10.80
C MET B 294 -60.17 -0.57 -9.62
N ILE B 295 -59.28 -1.54 -9.82
CA ILE B 295 -58.43 -2.02 -8.74
C ILE B 295 -57.49 -0.91 -8.28
N LEU B 296 -56.85 -0.23 -9.23
CA LEU B 296 -55.94 0.86 -8.87
C LEU B 296 -56.69 2.02 -8.23
N ALA B 297 -57.87 2.36 -8.75
CA ALA B 297 -58.64 3.45 -8.17
C ALA B 297 -59.07 3.12 -6.75
N GLU B 298 -59.52 1.88 -6.51
CA GLU B 298 -59.88 1.48 -5.16
C GLU B 298 -58.67 1.50 -4.24
N ALA B 299 -57.51 1.07 -4.74
CA ALA B 299 -56.30 1.11 -3.93
C ALA B 299 -55.95 2.54 -3.53
N ILE B 300 -56.03 3.46 -4.49
CA ILE B 300 -55.73 4.86 -4.21
C ILE B 300 -56.72 5.43 -3.21
N ARG B 301 -58.01 5.14 -3.41
CA ARG B 301 -59.04 5.66 -2.52
C ARG B 301 -58.88 5.12 -1.10
N ARG B 302 -58.57 3.84 -0.96
CA ARG B 302 -58.38 3.26 0.36
C ARG B 302 -57.11 3.77 1.02
N THR B 303 -56.06 3.97 0.23
CA THR B 303 -54.83 4.57 0.77
C THR B 303 -55.11 5.97 1.31
N HIS B 304 -55.87 6.76 0.55
CA HIS B 304 -56.21 8.10 1.00
C HIS B 304 -57.08 8.07 2.25
N ASN B 305 -58.03 7.15 2.31
CA ASN B 305 -58.97 7.07 3.42
C ASN B 305 -58.43 6.28 4.61
N GLY B 306 -57.22 5.74 4.51
CA GLY B 306 -56.68 4.94 5.60
C GLY B 306 -57.43 3.65 5.83
N GLU B 307 -57.79 2.97 4.76
CA GLU B 307 -58.49 1.70 4.83
C GLU B 307 -57.64 0.59 4.21
N SER B 308 -57.89 -0.64 4.66
CA SER B 308 -57.15 -1.78 4.18
C SER B 308 -57.44 -2.03 2.71
N VAL B 309 -56.42 -2.47 1.97
CA VAL B 309 -56.60 -2.88 0.58
C VAL B 309 -56.70 -4.40 0.45
N SER B 310 -56.84 -5.11 1.56
CA SER B 310 -56.94 -6.56 1.53
C SER B 310 -58.16 -7.02 0.73
N TYR B 311 -59.22 -6.21 0.70
CA TYR B 311 -60.41 -6.55 -0.07
C TYR B 311 -60.08 -6.74 -1.55
N LEU B 312 -59.08 -6.02 -2.06
CA LEU B 312 -58.72 -6.10 -3.47
C LEU B 312 -58.08 -7.43 -3.85
N PHE B 313 -57.66 -8.23 -2.88
CA PHE B 313 -57.02 -9.50 -3.16
C PHE B 313 -57.99 -10.67 -3.22
N SER B 314 -59.27 -10.42 -3.00
CA SER B 314 -60.31 -11.44 -3.11
C SER B 314 -61.44 -11.06 -4.03
N HIS B 315 -61.57 -9.79 -4.40
CA HIS B 315 -62.71 -9.32 -5.17
C HIS B 315 -62.23 -8.32 -6.21
N VAL B 316 -62.97 -8.25 -7.32
CA VAL B 316 -62.77 -7.23 -8.35
C VAL B 316 -63.87 -6.19 -8.17
N PRO B 317 -63.54 -4.95 -7.78
CA PRO B 317 -64.53 -3.90 -7.53
C PRO B 317 -65.25 -3.45 -8.80
N PRO C 2 -4.02 -4.49 5.18
CA PRO C 2 -4.98 -5.17 6.05
C PRO C 2 -4.84 -6.69 6.00
N ASN C 3 -5.06 -7.34 7.13
CA ASN C 3 -4.98 -8.79 7.24
C ASN C 3 -6.36 -9.38 7.52
N ILE C 4 -6.55 -10.62 7.10
CA ILE C 4 -7.79 -11.32 7.40
C ILE C 4 -7.85 -11.60 8.90
N LYS C 5 -8.93 -11.16 9.54
CA LYS C 5 -9.25 -11.54 10.90
C LYS C 5 -10.58 -12.27 10.88
N ILE C 6 -10.58 -13.52 11.32
CA ILE C 6 -11.78 -14.34 11.34
C ILE C 6 -12.26 -14.44 12.78
N PHE C 7 -13.48 -13.97 13.03
CA PHE C 7 -14.08 -14.05 14.35
C PHE C 7 -15.31 -14.93 14.30
N SER C 8 -15.47 -15.75 15.33
CA SER C 8 -16.60 -16.66 15.42
C SER C 8 -17.61 -16.16 16.43
N GLY C 9 -18.88 -16.17 16.07
CA GLY C 9 -19.94 -16.07 17.04
C GLY C 9 -20.19 -17.41 17.71
N SER C 10 -21.20 -17.43 18.57
CA SER C 10 -21.51 -18.65 19.32
C SER C 10 -22.27 -19.67 18.48
N SER C 11 -22.78 -19.29 17.31
CA SER C 11 -23.70 -20.16 16.59
C SER C 11 -23.00 -21.38 16.02
N HIS C 12 -22.00 -21.18 15.16
CA HIS C 12 -21.34 -22.29 14.45
C HIS C 12 -19.83 -22.10 14.56
N GLN C 13 -19.27 -22.52 15.69
CA GLN C 13 -17.85 -22.32 15.91
C GLN C 13 -17.00 -23.39 15.23
N ASP C 14 -17.55 -24.59 15.03
CA ASP C 14 -16.83 -25.61 14.29
C ASP C 14 -16.60 -25.18 12.84
N LEU C 15 -17.63 -24.59 12.22
CA LEU C 15 -17.47 -24.08 10.85
C LEU C 15 -16.46 -22.96 10.81
N SER C 16 -16.48 -22.06 11.80
CA SER C 16 -15.50 -20.99 11.85
C SER C 16 -14.10 -21.55 11.96
N GLN C 17 -13.92 -22.59 12.78
CA GLN C 17 -12.62 -23.23 12.92
C GLN C 17 -12.18 -23.84 11.59
N LYS C 18 -13.09 -24.51 10.89
CA LYS C 18 -12.74 -25.10 9.60
C LYS C 18 -12.33 -24.03 8.60
N ILE C 19 -13.06 -22.91 8.58
CA ILE C 19 -12.72 -21.82 7.67
C ILE C 19 -11.35 -21.26 8.02
N ALA C 20 -11.08 -21.06 9.30
CA ALA C 20 -9.79 -20.53 9.71
C ALA C 20 -8.64 -21.47 9.36
N ASP C 21 -8.84 -22.77 9.56
CA ASP C 21 -7.81 -23.74 9.19
C ASP C 21 -7.57 -23.73 7.69
N ARG C 22 -8.63 -23.67 6.89
CA ARG C 22 -8.45 -23.63 5.45
C ARG C 22 -7.79 -22.34 4.99
N LEU C 23 -7.95 -21.26 5.76
CA LEU C 23 -7.25 -20.01 5.50
C LEU C 23 -5.87 -19.96 6.14
N GLY C 24 -5.47 -21.00 6.87
CA GLY C 24 -4.19 -20.98 7.57
C GLY C 24 -4.12 -19.92 8.64
N LEU C 25 -5.21 -19.70 9.37
CA LEU C 25 -5.27 -18.67 10.39
C LEU C 25 -5.81 -19.25 11.69
N GLU C 26 -5.50 -18.59 12.79
CA GLU C 26 -6.20 -18.83 14.03
C GLU C 26 -7.40 -17.91 14.14
N LEU C 27 -8.46 -18.43 14.76
CA LEU C 27 -9.64 -17.61 14.99
C LEU C 27 -9.28 -16.43 15.87
N GLY C 28 -9.85 -15.27 15.57
CA GLY C 28 -9.63 -14.11 16.39
C GLY C 28 -10.13 -14.31 17.80
N LYS C 29 -9.47 -13.67 18.75
CA LYS C 29 -9.82 -13.82 20.15
C LYS C 29 -11.08 -13.03 20.45
N VAL C 30 -12.17 -13.74 20.73
CA VAL C 30 -13.42 -13.12 21.13
C VAL C 30 -14.04 -13.93 22.26
N VAL C 31 -14.55 -13.24 23.25
CA VAL C 31 -15.40 -13.84 24.27
C VAL C 31 -16.83 -13.43 23.97
N THR C 32 -17.66 -14.40 23.64
CA THR C 32 -19.06 -14.17 23.30
C THR C 32 -19.89 -14.92 24.33
N LYS C 33 -20.33 -14.21 25.37
CA LYS C 33 -21.10 -14.83 26.44
C LYS C 33 -22.38 -14.04 26.69
N LYS C 34 -23.06 -14.35 27.78
CA LYS C 34 -24.22 -13.60 28.21
C LYS C 34 -23.98 -12.99 29.59
N PHE C 35 -24.38 -11.73 29.74
CA PHE C 35 -24.49 -11.15 31.06
C PHE C 35 -25.55 -11.90 31.85
N SER C 36 -25.61 -11.62 33.16
CA SER C 36 -26.56 -12.31 34.01
C SER C 36 -28.00 -12.07 33.56
N ASN C 37 -28.33 -10.85 33.15
CA ASN C 37 -29.67 -10.52 32.69
C ASN C 37 -29.92 -10.94 31.24
N GLN C 38 -29.08 -11.83 30.70
CA GLN C 38 -29.21 -12.42 29.37
C GLN C 38 -28.95 -11.44 28.25
N GLU C 39 -28.34 -10.29 28.53
CA GLU C 39 -27.87 -9.41 27.48
C GLU C 39 -26.59 -9.96 26.88
N THR C 40 -26.43 -9.79 25.57
CA THR C 40 -25.27 -10.31 24.89
C THR C 40 -24.02 -9.55 25.31
N CYS C 41 -22.98 -10.29 25.68
CA CYS C 41 -21.69 -9.72 26.04
C CYS C 41 -20.66 -10.13 24.99
N VAL C 42 -20.04 -9.14 24.37
CA VAL C 42 -19.03 -9.37 23.34
C VAL C 42 -17.75 -8.68 23.78
N GLU C 43 -16.66 -9.47 23.86
CA GLU C 43 -15.37 -8.97 24.28
C GLU C 43 -14.34 -9.39 23.24
N ILE C 44 -14.10 -8.51 22.27
CA ILE C 44 -13.05 -8.75 21.27
C ILE C 44 -11.71 -8.62 21.97
N GLY C 45 -10.90 -9.67 21.88
CA GLY C 45 -9.66 -9.76 22.63
C GLY C 45 -8.41 -9.32 21.90
N GLU C 46 -8.53 -8.67 20.75
CA GLU C 46 -7.35 -8.22 20.03
C GLU C 46 -7.71 -7.02 19.17
N SER C 47 -6.69 -6.30 18.75
CA SER C 47 -6.89 -5.16 17.87
C SER C 47 -7.36 -5.61 16.50
N VAL C 48 -8.30 -4.86 15.93
CA VAL C 48 -8.74 -5.06 14.55
C VAL C 48 -8.51 -3.80 13.73
N ARG C 49 -7.67 -2.90 14.23
CA ARG C 49 -7.43 -1.62 13.56
C ARG C 49 -6.89 -1.85 12.17
N GLY C 50 -7.58 -1.29 11.17
CA GLY C 50 -7.15 -1.45 9.80
C GLY C 50 -7.14 -2.87 9.29
N GLU C 51 -7.87 -3.76 9.94
CA GLU C 51 -7.93 -5.16 9.56
C GLU C 51 -9.16 -5.43 8.70
N ASP C 52 -9.08 -6.52 7.95
CA ASP C 52 -10.20 -7.02 7.14
C ASP C 52 -10.89 -8.09 7.97
N VAL C 53 -11.96 -7.71 8.65
CA VAL C 53 -12.60 -8.54 9.66
C VAL C 53 -13.73 -9.33 9.01
N TYR C 54 -13.73 -10.65 9.22
CA TYR C 54 -14.81 -11.51 8.80
C TYR C 54 -15.39 -12.17 10.03
N ILE C 55 -16.68 -11.95 10.25
CA ILE C 55 -17.39 -12.51 11.40
C ILE C 55 -18.32 -13.60 10.90
N VAL C 56 -18.10 -14.82 11.36
CA VAL C 56 -18.89 -15.97 10.96
C VAL C 56 -19.98 -16.19 11.99
N GLN C 57 -21.24 -16.12 11.55
CA GLN C 57 -22.37 -16.32 12.44
C GLN C 57 -23.55 -16.78 11.59
N SER C 58 -24.00 -18.01 11.80
CA SER C 58 -25.11 -18.55 11.06
C SER C 58 -26.42 -18.21 11.76
N GLY C 59 -27.49 -18.11 10.98
CA GLY C 59 -28.79 -17.94 11.58
C GLY C 59 -29.37 -19.29 11.94
N CYS C 60 -29.16 -19.68 13.19
CA CYS C 60 -29.54 -21.01 13.67
C CYS C 60 -29.45 -20.98 15.19
N GLY C 61 -29.91 -22.06 15.79
CA GLY C 61 -29.92 -22.13 17.25
C GLY C 61 -30.76 -21.02 17.83
N GLU C 62 -30.20 -20.32 18.81
CA GLU C 62 -30.85 -19.17 19.43
C GLU C 62 -30.75 -18.02 18.44
N ILE C 63 -31.77 -17.90 17.58
CA ILE C 63 -31.68 -17.04 16.41
C ILE C 63 -31.45 -15.59 16.80
N ASN C 64 -32.28 -15.07 17.70
CA ASN C 64 -32.18 -13.66 18.05
C ASN C 64 -30.93 -13.39 18.87
N ASP C 65 -30.58 -14.33 19.75
CA ASP C 65 -29.30 -14.28 20.47
C ASP C 65 -28.14 -14.17 19.50
N ASN C 66 -28.11 -15.04 18.49
CA ASN C 66 -26.99 -15.07 17.55
C ASN C 66 -26.96 -13.82 16.69
N LEU C 67 -28.13 -13.35 16.24
CA LEU C 67 -28.16 -12.15 15.41
C LEU C 67 -27.72 -10.93 16.20
N MET C 68 -28.14 -10.82 17.46
CA MET C 68 -27.69 -9.71 18.28
C MET C 68 -26.19 -9.80 18.53
N GLU C 69 -25.68 -11.02 18.76
CA GLU C 69 -24.24 -11.23 18.90
C GLU C 69 -23.50 -10.72 17.66
N LEU C 70 -23.99 -11.10 16.48
CA LEU C 70 -23.38 -10.68 15.23
C LEU C 70 -23.40 -9.17 15.07
N LEU C 71 -24.54 -8.55 15.36
CA LEU C 71 -24.64 -7.09 15.23
C LEU C 71 -23.69 -6.38 16.19
N ILE C 72 -23.63 -6.85 17.43
CA ILE C 72 -22.76 -6.22 18.42
C ILE C 72 -21.30 -6.39 18.01
N MET C 73 -20.93 -7.57 17.52
CA MET C 73 -19.55 -7.79 17.07
C MET C 73 -19.21 -6.93 15.86
N ILE C 74 -20.14 -6.79 14.92
CA ILE C 74 -19.92 -5.91 13.77
C ILE C 74 -19.70 -4.48 14.23
N ASN C 75 -20.56 -3.99 15.13
CA ASN C 75 -20.44 -2.62 15.59
C ASN C 75 -19.15 -2.41 16.37
N ALA C 76 -18.78 -3.38 17.21
CA ALA C 76 -17.53 -3.26 17.95
C ALA C 76 -16.34 -3.20 17.00
N CYS C 77 -16.33 -4.03 15.97
CA CYS C 77 -15.24 -3.99 15.01
C CYS C 77 -15.20 -2.67 14.25
N LYS C 78 -16.38 -2.14 13.88
CA LYS C 78 -16.41 -0.86 13.18
C LYS C 78 -15.89 0.28 14.06
N ILE C 79 -16.35 0.34 15.31
CA ILE C 79 -15.88 1.38 16.22
C ILE C 79 -14.42 1.17 16.57
N ALA C 80 -13.95 -0.08 16.55
CA ALA C 80 -12.54 -0.38 16.74
C ALA C 80 -11.71 -0.13 15.49
N SER C 81 -12.26 0.58 14.51
CA SER C 81 -11.51 1.07 13.36
C SER C 81 -11.02 -0.06 12.46
N ALA C 82 -11.84 -1.09 12.31
CA ALA C 82 -11.54 -2.11 11.30
C ALA C 82 -11.62 -1.50 9.91
N SER C 83 -10.72 -1.95 9.04
CA SER C 83 -10.73 -1.45 7.66
C SER C 83 -12.02 -1.85 6.95
N ARG C 84 -12.48 -3.07 7.16
CA ARG C 84 -13.68 -3.59 6.53
C ARG C 84 -14.24 -4.68 7.41
N VAL C 85 -15.56 -4.70 7.57
CA VAL C 85 -16.24 -5.72 8.36
C VAL C 85 -17.18 -6.49 7.44
N THR C 86 -16.97 -7.79 7.35
CA THR C 86 -17.80 -8.67 6.54
C THR C 86 -18.53 -9.65 7.44
N ALA C 87 -19.84 -9.74 7.26
CA ALA C 87 -20.65 -10.71 8.00
C ALA C 87 -20.77 -11.97 7.14
N VAL C 88 -20.16 -13.05 7.60
CA VAL C 88 -20.27 -14.34 6.94
C VAL C 88 -21.44 -15.06 7.61
N ILE C 89 -22.59 -15.05 6.94
CA ILE C 89 -23.81 -15.61 7.50
C ILE C 89 -24.24 -16.79 6.64
N PRO C 90 -23.76 -18.00 6.94
CA PRO C 90 -24.05 -19.14 6.06
C PRO C 90 -25.54 -19.38 5.84
N CYS C 91 -26.35 -19.25 6.88
CA CYS C 91 -27.80 -19.34 6.77
C CYS C 91 -28.39 -18.01 7.23
N PHE C 92 -28.95 -17.25 6.30
CA PHE C 92 -29.43 -15.91 6.61
C PHE C 92 -30.69 -15.99 7.47
N PRO C 93 -30.70 -15.40 8.65
CA PRO C 93 -31.90 -15.45 9.50
C PRO C 93 -33.03 -14.61 8.93
N TYR C 94 -34.25 -15.04 9.21
CA TYR C 94 -35.48 -14.36 8.78
C TYR C 94 -35.58 -14.27 7.27
N ALA C 95 -34.86 -15.12 6.55
CA ALA C 95 -34.85 -15.05 5.08
C ALA C 95 -36.22 -15.41 4.50
N ARG C 96 -37.00 -16.23 5.20
CA ARG C 96 -38.33 -16.59 4.72
C ARG C 96 -39.34 -15.46 4.87
N GLN C 97 -39.02 -14.43 5.64
CA GLN C 97 -39.88 -13.26 5.76
C GLN C 97 -39.37 -12.17 4.83
N ASP C 98 -39.50 -12.44 3.53
CA ASP C 98 -38.87 -11.64 2.49
C ASP C 98 -39.86 -10.81 1.70
N LYS C 99 -41.12 -10.77 2.10
CA LYS C 99 -42.14 -10.02 1.37
C LYS C 99 -43.31 -9.77 2.30
N LYS C 100 -44.17 -8.85 1.89
CA LYS C 100 -45.40 -8.54 2.60
C LYS C 100 -46.56 -9.03 1.75
N ASP C 101 -46.95 -10.28 1.95
CA ASP C 101 -48.11 -10.86 1.28
C ASP C 101 -49.28 -11.04 2.24
N LYS C 102 -49.21 -10.41 3.40
CA LYS C 102 -50.29 -10.40 4.38
C LYS C 102 -50.43 -8.99 4.93
N SER C 103 -51.63 -8.67 5.40
CA SER C 103 -51.85 -7.37 6.03
C SER C 103 -50.98 -7.24 7.27
N ARG C 104 -50.32 -6.10 7.41
CA ARG C 104 -49.50 -5.75 8.57
C ARG C 104 -48.30 -6.65 8.75
N ALA C 105 -47.98 -7.49 7.75
CA ALA C 105 -46.86 -8.39 7.88
C ALA C 105 -45.54 -7.63 7.77
N PRO C 106 -44.58 -7.91 8.66
CA PRO C 106 -43.26 -7.31 8.52
C PRO C 106 -42.45 -8.03 7.45
N ILE C 107 -41.54 -7.29 6.84
CA ILE C 107 -40.51 -7.88 5.99
C ILE C 107 -39.28 -8.00 6.90
N SER C 108 -39.21 -9.11 7.64
CA SER C 108 -38.18 -9.26 8.65
C SER C 108 -36.80 -9.40 8.04
N ALA C 109 -36.70 -9.98 6.84
CA ALA C 109 -35.41 -10.06 6.17
C ALA C 109 -34.86 -8.67 5.85
N LYS C 110 -35.74 -7.76 5.41
CA LYS C 110 -35.30 -6.40 5.16
C LYS C 110 -34.90 -5.70 6.45
N LEU C 111 -35.62 -5.96 7.54
CA LEU C 111 -35.23 -5.38 8.83
C LEU C 111 -33.87 -5.90 9.27
N VAL C 112 -33.61 -7.19 9.08
CA VAL C 112 -32.31 -7.75 9.44
C VAL C 112 -31.22 -7.14 8.58
N ALA C 113 -31.49 -6.95 7.28
CA ALA C 113 -30.53 -6.31 6.40
C ALA C 113 -30.23 -4.88 6.86
N ASN C 114 -31.27 -4.13 7.22
CA ASN C 114 -31.08 -2.76 7.70
C ASN C 114 -30.29 -2.74 9.00
N MET C 115 -30.56 -3.70 9.90
CA MET C 115 -29.83 -3.78 11.15
C MET C 115 -28.36 -4.08 10.91
N LEU C 116 -28.07 -5.00 9.98
CA LEU C 116 -26.69 -5.30 9.64
C LEU C 116 -26.00 -4.09 9.03
N SER C 117 -26.72 -3.35 8.18
CA SER C 117 -26.16 -2.16 7.57
C SER C 117 -25.85 -1.09 8.61
N VAL C 118 -26.76 -0.87 9.55
CA VAL C 118 -26.56 0.16 10.56
C VAL C 118 -25.52 -0.27 11.59
N ALA C 119 -25.35 -1.58 11.80
CA ALA C 119 -24.25 -2.03 12.64
C ALA C 119 -22.90 -1.77 12.01
N GLY C 120 -22.84 -1.62 10.69
CA GLY C 120 -21.62 -1.23 10.03
C GLY C 120 -21.03 -2.26 9.10
N ALA C 121 -21.79 -3.30 8.76
CA ALA C 121 -21.31 -4.29 7.82
C ALA C 121 -21.05 -3.66 6.46
N ASP C 122 -19.91 -3.99 5.88
CA ASP C 122 -19.55 -3.51 4.55
C ASP C 122 -19.74 -4.57 3.47
N HIS C 123 -19.94 -5.82 3.86
CA HIS C 123 -19.98 -6.93 2.93
C HIS C 123 -20.69 -8.09 3.62
N ILE C 124 -21.52 -8.81 2.86
CA ILE C 124 -22.22 -9.98 3.36
C ILE C 124 -21.86 -11.16 2.48
N ILE C 125 -21.46 -12.26 3.12
CA ILE C 125 -21.24 -13.53 2.45
C ILE C 125 -22.21 -14.54 3.03
N THR C 126 -23.03 -15.13 2.17
CA THR C 126 -24.05 -16.06 2.60
C THR C 126 -24.17 -17.17 1.57
N MET C 127 -24.84 -18.26 1.95
CA MET C 127 -25.03 -19.40 1.08
C MET C 127 -26.50 -19.66 0.87
N ASP C 128 -26.91 -19.73 -0.40
CA ASP C 128 -28.25 -20.16 -0.80
C ASP C 128 -29.34 -19.42 -0.03
N LEU C 129 -29.41 -18.11 -0.28
CA LEU C 129 -30.48 -17.29 0.26
C LEU C 129 -31.83 -17.89 -0.13
N HIS C 130 -32.76 -17.91 0.83
CA HIS C 130 -34.10 -18.40 0.54
C HIS C 130 -34.70 -17.67 -0.65
N ALA C 131 -34.46 -16.36 -0.74
CA ALA C 131 -34.78 -15.59 -1.92
C ALA C 131 -33.53 -14.82 -2.32
N SER C 132 -33.09 -14.99 -3.56
CA SER C 132 -31.89 -14.29 -4.03
C SER C 132 -32.07 -12.79 -4.03
N GLN C 133 -33.31 -12.31 -4.07
CA GLN C 133 -33.57 -10.87 -4.04
C GLN C 133 -33.17 -10.25 -2.71
N ILE C 134 -32.90 -11.07 -1.69
CA ILE C 134 -32.39 -10.54 -0.43
C ILE C 134 -31.07 -9.81 -0.65
N GLN C 135 -30.32 -10.17 -1.70
CA GLN C 135 -29.15 -9.39 -2.09
C GLN C 135 -29.52 -7.93 -2.29
N GLY C 136 -30.70 -7.66 -2.83
CA GLY C 136 -31.19 -6.32 -3.02
C GLY C 136 -31.70 -5.63 -1.77
N PHE C 137 -31.76 -6.34 -0.66
CA PHE C 137 -32.15 -5.72 0.60
C PHE C 137 -31.03 -4.89 1.21
N PHE C 138 -29.80 -5.04 0.72
CA PHE C 138 -28.65 -4.27 1.16
C PHE C 138 -28.24 -3.27 0.08
N ASP C 139 -27.50 -2.26 0.50
CA ASP C 139 -26.79 -1.38 -0.43
C ASP C 139 -25.30 -1.70 -0.49
N ILE C 140 -24.88 -2.80 0.12
CA ILE C 140 -23.49 -3.26 0.10
C ILE C 140 -23.44 -4.53 -0.73
N PRO C 141 -22.26 -4.94 -1.21
CA PRO C 141 -22.19 -6.22 -1.94
C PRO C 141 -22.60 -7.38 -1.05
N VAL C 142 -23.37 -8.30 -1.64
CA VAL C 142 -23.84 -9.49 -0.94
C VAL C 142 -23.49 -10.70 -1.80
N ASP C 143 -22.65 -11.58 -1.27
CA ASP C 143 -22.27 -12.79 -1.97
C ASP C 143 -23.25 -13.90 -1.61
N ASN C 144 -23.99 -14.36 -2.60
CA ASN C 144 -24.96 -15.43 -2.42
C ASN C 144 -24.36 -16.69 -3.05
N LEU C 145 -23.59 -17.42 -2.25
CA LEU C 145 -22.92 -18.62 -2.73
C LEU C 145 -23.91 -19.76 -2.88
N TYR C 146 -23.64 -20.64 -3.83
CA TYR C 146 -24.49 -21.79 -4.08
C TYR C 146 -23.84 -23.05 -3.53
N ALA C 147 -24.65 -23.90 -2.90
CA ALA C 147 -24.22 -25.24 -2.56
C ALA C 147 -24.45 -26.22 -3.71
N GLU C 148 -24.95 -25.74 -4.85
CA GLU C 148 -25.29 -26.62 -5.96
C GLU C 148 -24.11 -27.42 -6.48
N PRO C 149 -22.92 -26.86 -6.70
CA PRO C 149 -21.80 -27.73 -7.14
C PRO C 149 -21.50 -28.85 -6.17
N ALA C 150 -21.53 -28.57 -4.87
CA ALA C 150 -21.31 -29.62 -3.88
C ALA C 150 -22.44 -30.64 -3.90
N VAL C 151 -23.68 -30.18 -4.13
CA VAL C 151 -24.80 -31.10 -4.22
C VAL C 151 -24.65 -32.02 -5.44
N LEU C 152 -24.25 -31.46 -6.58
CA LEU C 152 -24.03 -32.26 -7.77
C LEU C 152 -22.91 -33.27 -7.56
N LYS C 153 -21.83 -32.85 -6.89
CA LYS C 153 -20.76 -33.77 -6.57
C LYS C 153 -21.25 -34.92 -5.71
N TRP C 154 -22.02 -34.60 -4.66
CA TRP C 154 -22.55 -35.64 -3.80
C TRP C 154 -23.46 -36.59 -4.56
N ILE C 155 -24.32 -36.06 -5.44
CA ILE C 155 -25.23 -36.90 -6.19
C ILE C 155 -24.45 -37.85 -7.09
N ARG C 156 -23.47 -37.31 -7.83
CA ARG C 156 -22.70 -38.15 -8.74
C ARG C 156 -21.84 -39.17 -8.02
N GLU C 157 -21.46 -38.91 -6.76
CA GLU C 157 -20.59 -39.85 -6.05
C GLU C 157 -21.35 -40.81 -5.14
N ASN C 158 -22.61 -40.54 -4.80
CA ASN C 158 -23.30 -41.33 -3.80
C ASN C 158 -24.56 -42.02 -4.28
N ILE C 159 -25.07 -41.67 -5.45
CA ILE C 159 -26.28 -42.28 -6.00
C ILE C 159 -25.89 -42.97 -7.30
N SER C 160 -25.94 -44.30 -7.29
CA SER C 160 -25.43 -45.07 -8.43
C SER C 160 -26.26 -44.81 -9.69
N GLU C 161 -27.58 -44.73 -9.54
CA GLU C 161 -28.49 -44.53 -10.66
C GLU C 161 -28.88 -43.08 -10.84
N TRP C 162 -27.95 -42.16 -10.61
CA TRP C 162 -28.26 -40.74 -10.69
C TRP C 162 -28.60 -40.31 -12.11
N ARG C 163 -28.07 -41.02 -13.12
CA ARG C 163 -28.37 -40.65 -14.49
C ARG C 163 -29.80 -40.97 -14.89
N ASN C 164 -30.47 -41.85 -14.17
CA ASN C 164 -31.87 -42.15 -14.42
C ASN C 164 -32.78 -41.60 -13.34
N CYS C 165 -32.25 -40.77 -12.45
CA CYS C 165 -33.04 -40.22 -11.36
C CYS C 165 -33.90 -39.06 -11.84
N THR C 166 -34.81 -38.64 -10.97
CA THR C 166 -35.59 -37.44 -11.19
C THR C 166 -35.46 -36.54 -9.98
N ILE C 167 -35.14 -35.27 -10.21
CA ILE C 167 -34.99 -34.31 -9.14
C ILE C 167 -36.35 -33.70 -8.88
N VAL C 168 -36.79 -33.71 -7.62
CA VAL C 168 -38.16 -33.35 -7.26
C VAL C 168 -38.15 -32.09 -6.41
N SER C 169 -38.96 -31.11 -6.80
CA SER C 169 -39.19 -29.95 -5.97
C SER C 169 -40.27 -30.26 -4.94
N PRO C 170 -40.01 -30.04 -3.65
CA PRO C 170 -41.05 -30.29 -2.64
C PRO C 170 -42.14 -29.23 -2.60
N ASP C 171 -41.95 -28.08 -3.24
CA ASP C 171 -42.99 -27.06 -3.34
C ASP C 171 -42.79 -26.29 -4.64
N ALA C 172 -43.72 -25.37 -4.91
CA ALA C 172 -43.65 -24.58 -6.14
C ALA C 172 -42.45 -23.64 -6.14
N GLY C 173 -42.05 -23.13 -4.97
CA GLY C 173 -40.96 -22.18 -4.91
C GLY C 173 -39.60 -22.76 -5.21
N GLY C 174 -39.44 -24.07 -5.09
CA GLY C 174 -38.17 -24.71 -5.38
C GLY C 174 -37.95 -25.07 -6.83
N ALA C 175 -38.88 -24.68 -7.71
CA ALA C 175 -38.84 -25.15 -9.09
C ALA C 175 -37.57 -24.72 -9.81
N LYS C 176 -37.13 -23.48 -9.60
CA LYS C 176 -35.93 -23.00 -10.27
C LYS C 176 -34.70 -23.80 -9.86
N ARG C 177 -34.55 -24.05 -8.56
CA ARG C 177 -33.42 -24.82 -8.07
C ARG C 177 -33.43 -26.23 -8.63
N VAL C 178 -34.60 -26.87 -8.62
CA VAL C 178 -34.70 -28.24 -9.15
C VAL C 178 -34.45 -28.29 -10.64
N THR C 179 -34.98 -27.32 -11.40
CA THR C 179 -34.73 -27.32 -12.83
C THR C 179 -33.26 -27.10 -13.13
N SER C 180 -32.61 -26.22 -12.38
CA SER C 180 -31.18 -26.01 -12.58
C SER C 180 -30.39 -27.28 -12.31
N ILE C 181 -30.70 -27.97 -11.21
CA ILE C 181 -29.98 -29.21 -10.89
C ILE C 181 -30.24 -30.28 -11.93
N ALA C 182 -31.49 -30.41 -12.38
CA ALA C 182 -31.83 -31.41 -13.38
C ALA C 182 -31.15 -31.13 -14.71
N ASP C 183 -31.06 -29.85 -15.10
CA ASP C 183 -30.31 -29.46 -16.27
C ASP C 183 -28.84 -29.84 -16.16
N ARG C 184 -28.23 -29.53 -15.01
CA ARG C 184 -26.81 -29.86 -14.84
C ARG C 184 -26.57 -31.36 -14.83
N LEU C 185 -27.52 -32.15 -14.32
CA LEU C 185 -27.38 -33.59 -14.35
C LEU C 185 -27.96 -34.23 -15.60
N ASN C 186 -28.63 -33.46 -16.45
CA ASN C 186 -29.30 -33.97 -17.64
C ASN C 186 -30.26 -35.10 -17.26
N VAL C 187 -31.14 -34.81 -16.29
CA VAL C 187 -32.11 -35.79 -15.80
C VAL C 187 -33.48 -35.13 -15.80
N ASP C 188 -34.50 -35.96 -15.61
CA ASP C 188 -35.86 -35.46 -15.50
C ASP C 188 -36.05 -34.74 -14.17
N PHE C 189 -37.09 -33.92 -14.11
CA PHE C 189 -37.48 -33.27 -12.87
C PHE C 189 -38.97 -33.41 -12.67
N ALA C 190 -39.39 -33.31 -11.42
CA ALA C 190 -40.79 -33.31 -11.05
C ALA C 190 -41.02 -32.24 -9.99
N LEU C 191 -42.28 -31.87 -9.83
CA LEU C 191 -42.64 -30.88 -8.84
C LEU C 191 -43.81 -31.41 -8.01
N ILE C 192 -43.75 -31.16 -6.71
CA ILE C 192 -44.81 -31.55 -5.79
C ILE C 192 -45.36 -30.28 -5.17
N HIS C 193 -46.68 -30.13 -5.18
CA HIS C 193 -47.33 -28.97 -4.61
C HIS C 193 -48.36 -29.43 -3.57
N LYS C 194 -48.29 -28.82 -2.40
CA LYS C 194 -49.34 -28.98 -1.39
C LYS C 194 -50.36 -27.87 -1.60
N GLU C 195 -51.58 -28.23 -1.97
CA GLU C 195 -52.53 -27.17 -2.30
C GLU C 195 -53.00 -26.44 -1.05
N ARG C 196 -53.51 -25.24 -1.26
CA ARG C 196 -53.76 -24.32 -0.15
C ARG C 196 -54.86 -24.84 0.76
N LYS C 197 -54.70 -24.56 2.05
CA LYS C 197 -55.60 -25.06 3.10
C LYS C 197 -56.81 -24.14 3.18
N LYS C 198 -57.83 -24.46 2.36
CA LYS C 198 -59.03 -23.65 2.37
C LYS C 198 -59.89 -23.94 3.61
N ALA C 199 -59.82 -25.15 4.12
CA ALA C 199 -60.58 -25.55 5.30
C ALA C 199 -59.78 -26.59 6.06
N ASN C 200 -60.43 -27.32 6.96
CA ASN C 200 -59.75 -28.27 7.83
C ASN C 200 -59.81 -29.70 7.31
N GLU C 201 -59.87 -29.90 5.99
CA GLU C 201 -59.82 -31.25 5.47
C GLU C 201 -58.37 -31.74 5.39
N VAL C 202 -58.20 -32.91 4.79
CA VAL C 202 -56.87 -33.52 4.72
C VAL C 202 -55.99 -32.73 3.74
N ASP C 203 -54.76 -32.47 4.16
CA ASP C 203 -53.75 -31.94 3.24
C ASP C 203 -53.49 -32.96 2.15
N ARG C 204 -53.65 -32.54 0.90
CA ARG C 204 -53.39 -33.40 -0.25
C ARG C 204 -52.33 -32.78 -1.14
N MET C 205 -51.47 -33.63 -1.68
CA MET C 205 -50.33 -33.19 -2.46
C MET C 205 -50.50 -33.63 -3.90
N VAL C 206 -50.26 -32.72 -4.82
CA VAL C 206 -50.32 -33.00 -6.25
C VAL C 206 -48.89 -33.11 -6.77
N LEU C 207 -48.63 -34.13 -7.57
CA LEU C 207 -47.34 -34.33 -8.20
C LEU C 207 -47.47 -34.15 -9.70
N VAL C 208 -46.62 -33.31 -10.28
CA VAL C 208 -46.52 -33.15 -11.72
C VAL C 208 -45.16 -33.67 -12.15
N GLY C 209 -45.16 -34.59 -13.09
CA GLY C 209 -43.96 -35.29 -13.49
C GLY C 209 -44.01 -36.76 -13.13
N ASP C 210 -43.14 -37.53 -13.75
CA ASP C 210 -43.12 -38.98 -13.62
C ASP C 210 -41.95 -39.40 -12.74
N VAL C 211 -42.24 -40.09 -11.64
CA VAL C 211 -41.24 -40.61 -10.74
C VAL C 211 -41.34 -42.11 -10.56
N LYS C 212 -42.20 -42.77 -11.34
CA LYS C 212 -42.47 -44.19 -11.13
C LYS C 212 -41.24 -45.03 -11.46
N ASP C 213 -40.88 -45.93 -10.54
CA ASP C 213 -39.78 -46.88 -10.70
C ASP C 213 -38.45 -46.18 -10.92
N ARG C 214 -38.32 -44.95 -10.42
CA ARG C 214 -37.07 -44.22 -10.50
C ARG C 214 -36.70 -43.71 -9.12
N VAL C 215 -35.40 -43.47 -8.94
CA VAL C 215 -34.93 -42.81 -7.74
C VAL C 215 -35.35 -41.34 -7.79
N ALA C 216 -35.94 -40.86 -6.71
CA ALA C 216 -36.37 -39.48 -6.60
C ALA C 216 -35.44 -38.76 -5.63
N ILE C 217 -34.90 -37.63 -6.07
CA ILE C 217 -34.06 -36.79 -5.22
C ILE C 217 -34.83 -35.51 -4.93
N LEU C 218 -35.22 -35.33 -3.67
CA LEU C 218 -35.83 -34.09 -3.24
C LEU C 218 -34.74 -33.06 -2.98
N VAL C 219 -34.81 -31.92 -3.67
CA VAL C 219 -33.86 -30.83 -3.49
C VAL C 219 -34.63 -29.59 -3.08
N ASP C 220 -34.23 -29.00 -1.95
CA ASP C 220 -34.82 -27.77 -1.47
C ASP C 220 -33.74 -26.93 -0.81
N ASP C 221 -34.07 -25.67 -0.54
CA ASP C 221 -33.10 -24.78 0.09
C ASP C 221 -32.95 -25.05 1.58
N MET C 222 -34.00 -25.54 2.24
CA MET C 222 -33.91 -25.77 3.67
C MET C 222 -34.96 -26.76 4.11
N ALA C 223 -34.71 -27.39 5.25
CA ALA C 223 -35.67 -28.27 5.92
C ALA C 223 -35.75 -27.83 7.37
N ASP C 224 -36.78 -27.05 7.71
CA ASP C 224 -36.92 -26.53 9.08
C ASP C 224 -37.61 -27.58 9.96
N THR C 225 -38.88 -27.85 9.68
CA THR C 225 -39.63 -28.87 10.40
C THR C 225 -39.70 -30.18 9.63
N CYS C 226 -39.22 -30.18 8.39
CA CYS C 226 -39.23 -31.34 7.50
C CYS C 226 -40.64 -31.77 7.13
N GLY C 227 -41.64 -30.93 7.40
CA GLY C 227 -42.97 -31.23 6.91
C GLY C 227 -43.03 -31.28 5.40
N THR C 228 -42.37 -30.32 4.74
CA THR C 228 -42.37 -30.28 3.29
C THR C 228 -41.73 -31.53 2.69
N ILE C 229 -40.51 -31.86 3.13
CA ILE C 229 -39.83 -33.00 2.55
C ILE C 229 -40.48 -34.31 2.96
N CYS C 230 -40.99 -34.41 4.18
CA CYS C 230 -41.63 -35.67 4.58
C CYS C 230 -42.92 -35.90 3.82
N HIS C 231 -43.75 -34.87 3.67
CA HIS C 231 -44.97 -35.01 2.89
C HIS C 231 -44.64 -35.33 1.43
N ALA C 232 -43.62 -34.66 0.89
CA ALA C 232 -43.20 -34.95 -0.48
C ALA C 232 -42.69 -36.39 -0.60
N ALA C 233 -42.02 -36.90 0.42
CA ALA C 233 -41.51 -38.26 0.39
C ALA C 233 -42.65 -39.28 0.40
N ASP C 234 -43.67 -39.04 1.24
CA ASP C 234 -44.83 -39.92 1.20
C ASP C 234 -45.49 -39.89 -0.17
N LYS C 235 -45.66 -38.69 -0.74
CA LYS C 235 -46.26 -38.60 -2.07
C LYS C 235 -45.42 -39.33 -3.12
N LEU C 236 -44.09 -39.19 -3.04
CA LEU C 236 -43.21 -39.82 -4.03
C LEU C 236 -43.29 -41.34 -3.94
N LEU C 237 -43.28 -41.89 -2.73
CA LEU C 237 -43.44 -43.33 -2.60
C LEU C 237 -44.81 -43.78 -3.09
N SER C 238 -45.87 -43.03 -2.76
CA SER C 238 -47.19 -43.37 -3.23
C SER C 238 -47.28 -43.31 -4.75
N ALA C 239 -46.41 -42.51 -5.38
CA ALA C 239 -46.39 -42.39 -6.83
C ALA C 239 -45.49 -43.41 -7.51
N GLY C 240 -44.85 -44.29 -6.76
CA GLY C 240 -44.05 -45.35 -7.33
C GLY C 240 -42.55 -45.11 -7.39
N ALA C 241 -42.04 -44.13 -6.65
CA ALA C 241 -40.59 -43.95 -6.60
C ALA C 241 -39.95 -45.12 -5.87
N THR C 242 -38.82 -45.59 -6.39
CA THR C 242 -38.12 -46.70 -5.76
C THR C 242 -37.43 -46.25 -4.47
N ARG C 243 -36.56 -45.26 -4.57
CA ARG C 243 -35.87 -44.70 -3.41
C ARG C 243 -36.05 -43.20 -3.43
N VAL C 244 -36.04 -42.59 -2.25
CA VAL C 244 -36.23 -41.16 -2.11
C VAL C 244 -35.06 -40.59 -1.31
N TYR C 245 -34.37 -39.62 -1.88
CA TYR C 245 -33.34 -38.86 -1.19
C TYR C 245 -33.84 -37.44 -0.95
N ALA C 246 -33.31 -36.82 0.09
CA ALA C 246 -33.56 -35.40 0.35
C ALA C 246 -32.23 -34.70 0.49
N ILE C 247 -32.02 -33.67 -0.31
CA ILE C 247 -30.80 -32.87 -0.25
C ILE C 247 -31.20 -31.43 0.00
N LEU C 248 -30.70 -30.86 1.09
CA LEU C 248 -30.94 -29.48 1.47
C LEU C 248 -29.59 -28.80 1.61
N THR C 249 -29.60 -27.47 1.54
CA THR C 249 -28.37 -26.79 1.92
C THR C 249 -28.40 -26.36 3.38
N HIS C 250 -29.55 -25.96 3.91
CA HIS C 250 -29.69 -25.55 5.30
C HIS C 250 -30.49 -26.62 6.04
N GLY C 251 -29.83 -27.37 6.91
CA GLY C 251 -30.55 -28.28 7.77
C GLY C 251 -30.86 -27.63 9.11
N ILE C 252 -32.05 -27.07 9.23
CA ILE C 252 -32.45 -26.45 10.49
C ILE C 252 -32.92 -27.50 11.47
N PHE C 253 -33.78 -28.42 11.01
CA PHE C 253 -34.22 -29.57 11.78
C PHE C 253 -34.78 -29.16 13.14
N SER C 254 -35.57 -28.09 13.16
CA SER C 254 -36.18 -27.65 14.40
C SER C 254 -37.45 -28.46 14.69
N GLY C 255 -37.84 -28.46 15.95
CA GLY C 255 -39.07 -29.09 16.38
C GLY C 255 -39.11 -30.58 16.14
N PRO C 256 -40.15 -31.05 15.45
CA PRO C 256 -40.35 -32.48 15.25
C PRO C 256 -39.60 -33.07 14.06
N ALA C 257 -38.62 -32.35 13.52
CA ALA C 257 -37.98 -32.77 12.28
C ALA C 257 -37.26 -34.11 12.43
N ILE C 258 -36.56 -34.32 13.54
CA ILE C 258 -35.77 -35.53 13.69
C ILE C 258 -36.67 -36.75 13.75
N SER C 259 -37.75 -36.68 14.53
CA SER C 259 -38.69 -37.79 14.60
C SER C 259 -39.37 -38.00 13.25
N ARG C 260 -39.67 -36.91 12.54
CA ARG C 260 -40.28 -37.03 11.22
C ARG C 260 -39.36 -37.76 10.25
N ILE C 261 -38.07 -37.42 10.25
CA ILE C 261 -37.14 -38.05 9.33
C ILE C 261 -36.92 -39.51 9.72
N ASN C 262 -36.78 -39.78 11.02
CA ASN C 262 -36.56 -41.15 11.46
C ASN C 262 -37.74 -42.05 11.08
N ASN C 263 -38.95 -41.50 11.01
CA ASN C 263 -40.12 -42.25 10.63
C ASN C 263 -40.45 -42.13 9.15
N ALA C 264 -39.63 -41.42 8.39
CA ALA C 264 -39.84 -41.28 6.95
C ALA C 264 -39.08 -42.38 6.21
N CYS C 265 -39.13 -42.32 4.89
CA CYS C 265 -38.60 -43.36 4.02
C CYS C 265 -37.33 -42.93 3.31
N PHE C 266 -36.67 -41.89 3.79
CA PHE C 266 -35.52 -41.33 3.09
C PHE C 266 -34.36 -42.31 3.08
N GLU C 267 -33.73 -42.47 1.92
CA GLU C 267 -32.47 -43.19 1.86
C GLU C 267 -31.38 -42.41 2.59
N ALA C 268 -31.37 -41.10 2.42
CA ALA C 268 -30.45 -40.22 3.11
C ALA C 268 -31.00 -38.81 3.08
N VAL C 269 -30.77 -38.06 4.15
CA VAL C 269 -31.06 -36.63 4.21
C VAL C 269 -29.73 -35.92 4.22
N VAL C 270 -29.44 -35.19 3.15
CA VAL C 270 -28.14 -34.57 2.95
C VAL C 270 -28.27 -33.07 3.13
N VAL C 271 -27.47 -32.51 4.04
CA VAL C 271 -27.44 -31.08 4.29
C VAL C 271 -25.99 -30.63 4.27
N THR C 272 -25.80 -29.33 4.06
CA THR C 272 -24.49 -28.75 4.27
C THR C 272 -24.31 -28.42 5.75
N ASN C 273 -23.09 -28.01 6.11
CA ASN C 273 -22.81 -27.59 7.48
C ASN C 273 -22.88 -26.08 7.63
N THR C 274 -23.76 -25.41 6.88
CA THR C 274 -24.08 -24.02 7.18
C THR C 274 -24.68 -23.87 8.57
N ILE C 275 -25.30 -24.93 9.08
CA ILE C 275 -25.82 -24.99 10.45
C ILE C 275 -25.12 -26.17 11.10
N PRO C 276 -24.74 -26.09 12.38
CA PRO C 276 -24.15 -27.26 13.02
C PRO C 276 -25.10 -28.44 13.03
N GLN C 277 -24.57 -29.61 12.67
CA GLN C 277 -25.39 -30.81 12.54
C GLN C 277 -24.96 -31.92 13.49
N GLU C 278 -23.96 -31.68 14.34
CA GLU C 278 -23.43 -32.74 15.19
C GLU C 278 -24.53 -33.34 16.06
N ASP C 279 -25.32 -32.48 16.70
CA ASP C 279 -26.41 -32.96 17.55
C ASP C 279 -27.47 -33.69 16.73
N LYS C 280 -27.80 -33.17 15.55
CA LYS C 280 -28.82 -33.78 14.72
C LYS C 280 -28.40 -35.17 14.25
N MET C 281 -27.14 -35.33 13.85
CA MET C 281 -26.68 -36.63 13.37
C MET C 281 -26.68 -37.68 14.47
N LYS C 282 -26.56 -37.28 15.73
CA LYS C 282 -26.55 -38.25 16.81
C LYS C 282 -27.91 -38.91 17.01
N HIS C 283 -29.00 -38.25 16.62
CA HIS C 283 -30.33 -38.79 16.78
C HIS C 283 -30.97 -39.23 15.47
N CYS C 284 -30.33 -38.99 14.33
CA CYS C 284 -30.87 -39.40 13.03
C CYS C 284 -29.71 -39.89 12.17
N SER C 285 -29.63 -41.21 12.00
CA SER C 285 -28.56 -41.79 11.19
C SER C 285 -28.71 -41.44 9.72
N LYS C 286 -29.91 -41.08 9.27
CA LYS C 286 -30.12 -40.76 7.87
C LYS C 286 -29.41 -39.48 7.44
N ILE C 287 -29.08 -38.59 8.37
CA ILE C 287 -28.51 -37.30 8.02
C ILE C 287 -27.04 -37.48 7.66
N GLN C 288 -26.66 -36.94 6.51
CA GLN C 288 -25.27 -36.82 6.09
C GLN C 288 -24.97 -35.36 5.77
N VAL C 289 -23.71 -34.97 5.94
CA VAL C 289 -23.33 -33.57 5.90
C VAL C 289 -22.32 -33.36 4.76
N ILE C 290 -22.59 -32.38 3.92
CA ILE C 290 -21.63 -31.89 2.95
C ILE C 290 -20.91 -30.71 3.57
N ASP C 291 -19.60 -30.82 3.70
CA ASP C 291 -18.82 -29.71 4.23
C ASP C 291 -18.72 -28.61 3.16
N ILE C 292 -19.15 -27.41 3.51
CA ILE C 292 -19.01 -26.26 2.63
C ILE C 292 -18.00 -25.25 3.16
N SER C 293 -17.23 -25.64 4.18
CA SER C 293 -16.25 -24.72 4.74
C SER C 293 -15.20 -24.31 3.73
N MET C 294 -14.88 -25.18 2.77
CA MET C 294 -13.92 -24.79 1.74
C MET C 294 -14.50 -23.71 0.83
N ILE C 295 -15.80 -23.78 0.55
CA ILE C 295 -16.43 -22.75 -0.27
C ILE C 295 -16.39 -21.41 0.44
N LEU C 296 -16.76 -21.39 1.72
CA LEU C 296 -16.74 -20.15 2.48
C LEU C 296 -15.32 -19.61 2.63
N ALA C 297 -14.36 -20.49 2.90
CA ALA C 297 -12.98 -20.06 3.05
C ALA C 297 -12.45 -19.48 1.74
N GLU C 298 -12.74 -20.11 0.62
CA GLU C 298 -12.33 -19.57 -0.67
C GLU C 298 -13.00 -18.24 -0.94
N ALA C 299 -14.28 -18.11 -0.58
CA ALA C 299 -14.97 -16.83 -0.77
C ALA C 299 -14.31 -15.73 0.04
N ILE C 300 -13.98 -16.02 1.30
CA ILE C 300 -13.33 -15.03 2.16
C ILE C 300 -11.96 -14.66 1.62
N ARG C 301 -11.19 -15.67 1.19
CA ARG C 301 -9.86 -15.42 0.67
C ARG C 301 -9.90 -14.58 -0.60
N ARG C 302 -10.84 -14.89 -1.50
CA ARG C 302 -10.95 -14.12 -2.74
C ARG C 302 -11.46 -12.71 -2.47
N THR C 303 -12.37 -12.56 -1.52
CA THR C 303 -12.83 -11.22 -1.14
C THR C 303 -11.66 -10.39 -0.61
N HIS C 304 -10.83 -10.98 0.24
CA HIS C 304 -9.67 -10.28 0.77
C HIS C 304 -8.68 -9.94 -0.33
N ASN C 305 -8.46 -10.86 -1.27
CA ASN C 305 -7.48 -10.66 -2.32
C ASN C 305 -8.02 -9.88 -3.52
N GLY C 306 -9.29 -9.48 -3.49
CA GLY C 306 -9.87 -8.78 -4.62
C GLY C 306 -9.97 -9.63 -5.87
N GLU C 307 -10.36 -10.88 -5.73
CA GLU C 307 -10.54 -11.80 -6.84
C GLU C 307 -12.00 -12.22 -6.95
N SER C 308 -12.39 -12.59 -8.17
CA SER C 308 -13.75 -13.01 -8.44
C SER C 308 -14.07 -14.30 -7.69
N VAL C 309 -15.32 -14.43 -7.22
CA VAL C 309 -15.79 -15.66 -6.62
C VAL C 309 -16.61 -16.48 -7.61
N SER C 310 -16.61 -16.11 -8.89
CA SER C 310 -17.38 -16.84 -9.89
C SER C 310 -16.92 -18.29 -10.00
N TYR C 311 -15.66 -18.56 -9.72
CA TYR C 311 -15.13 -19.92 -9.77
C TYR C 311 -15.90 -20.84 -8.81
N LEU C 312 -16.40 -20.29 -7.70
CA LEU C 312 -17.11 -21.09 -6.71
C LEU C 312 -18.47 -21.58 -7.19
N PHE C 313 -18.99 -21.02 -8.29
CA PHE C 313 -20.29 -21.41 -8.80
C PHE C 313 -20.23 -22.53 -9.82
N SER C 314 -19.03 -23.00 -10.15
CA SER C 314 -18.85 -24.12 -11.06
C SER C 314 -18.01 -25.25 -10.50
N HIS C 315 -17.28 -25.01 -9.41
CA HIS C 315 -16.34 -25.98 -8.87
C HIS C 315 -16.42 -25.99 -7.35
N VAL C 316 -16.12 -27.14 -6.77
CA VAL C 316 -15.97 -27.28 -5.32
C VAL C 316 -14.47 -27.33 -5.02
N PRO C 317 -13.91 -26.32 -4.35
CA PRO C 317 -12.47 -26.26 -4.06
C PRO C 317 -12.01 -27.34 -3.09
N PRO D 2 -55.90 10.63 14.26
CA PRO D 2 -55.27 9.39 14.73
C PRO D 2 -55.72 9.00 16.14
N ASN D 3 -55.83 7.71 16.38
CA ASN D 3 -56.24 7.18 17.68
C ASN D 3 -55.09 6.45 18.33
N ILE D 4 -55.11 6.40 19.66
CA ILE D 4 -54.11 5.64 20.39
C ILE D 4 -54.34 4.16 20.16
N LYS D 5 -53.30 3.47 19.70
CA LYS D 5 -53.29 2.01 19.63
C LYS D 5 -52.17 1.52 20.51
N ILE D 6 -52.51 0.72 21.53
CA ILE D 6 -51.53 0.19 22.47
C ILE D 6 -51.32 -1.27 22.13
N PHE D 7 -50.09 -1.63 21.80
CA PHE D 7 -49.73 -3.01 21.51
C PHE D 7 -48.73 -3.50 22.54
N SER D 8 -48.91 -4.73 22.97
CA SER D 8 -48.03 -5.35 23.96
C SER D 8 -47.11 -6.35 23.30
N GLY D 9 -45.83 -6.30 23.64
CA GLY D 9 -44.93 -7.40 23.37
C GLY D 9 -45.09 -8.49 24.42
N SER D 10 -44.26 -9.51 24.31
CA SER D 10 -44.34 -10.64 25.22
C SER D 10 -43.71 -10.35 26.57
N SER D 11 -42.95 -9.26 26.70
CA SER D 11 -42.14 -9.05 27.89
C SER D 11 -43.00 -8.76 29.11
N HIS D 12 -43.78 -7.67 29.07
CA HIS D 12 -44.54 -7.22 30.23
C HIS D 12 -45.98 -6.93 29.79
N GLN D 13 -46.79 -7.98 29.70
CA GLN D 13 -48.15 -7.81 29.21
C GLN D 13 -49.09 -7.33 30.31
N ASP D 14 -48.80 -7.63 31.58
CA ASP D 14 -49.60 -7.10 32.67
C ASP D 14 -49.49 -5.58 32.74
N LEU D 15 -48.28 -5.05 32.57
CA LEU D 15 -48.11 -3.59 32.54
C LEU D 15 -48.83 -2.98 31.35
N SER D 16 -48.77 -3.63 30.19
CA SER D 16 -49.49 -3.13 29.03
C SER D 16 -50.98 -3.10 29.29
N GLN D 17 -51.50 -4.15 29.94
CA GLN D 17 -52.91 -4.18 30.29
C GLN D 17 -53.27 -3.05 31.24
N LYS D 18 -52.43 -2.79 32.25
CA LYS D 18 -52.69 -1.71 33.17
C LYS D 18 -52.70 -0.36 32.47
N ILE D 19 -51.75 -0.16 31.55
CA ILE D 19 -51.70 1.09 30.79
C ILE D 19 -52.96 1.25 29.95
N ALA D 20 -53.37 0.17 29.28
CA ALA D 20 -54.56 0.24 28.44
C ALA D 20 -55.81 0.53 29.26
N ASP D 21 -55.94 -0.11 30.43
CA ASP D 21 -57.08 0.17 31.30
C ASP D 21 -57.09 1.62 31.77
N ARG D 22 -55.92 2.14 32.14
CA ARG D 22 -55.86 3.53 32.57
C ARG D 22 -56.15 4.49 31.44
N LEU D 23 -55.88 4.08 30.20
CA LEU D 23 -56.24 4.86 29.02
C LEU D 23 -57.65 4.57 28.53
N GLY D 24 -58.37 3.67 29.19
CA GLY D 24 -59.71 3.31 28.74
C GLY D 24 -59.73 2.66 27.37
N LEU D 25 -58.74 1.81 27.09
CA LEU D 25 -58.61 1.17 25.79
C LEU D 25 -58.41 -0.33 25.98
N GLU D 26 -58.74 -1.08 24.93
CA GLU D 26 -58.32 -2.46 24.83
C GLU D 26 -56.98 -2.54 24.13
N LEU D 27 -56.15 -3.50 24.56
CA LEU D 27 -54.88 -3.72 23.90
C LEU D 27 -55.12 -4.09 22.45
N GLY D 28 -54.25 -3.58 21.57
CA GLY D 28 -54.34 -3.94 20.17
C GLY D 28 -54.12 -5.42 19.96
N LYS D 29 -54.76 -5.96 18.93
CA LYS D 29 -54.68 -7.38 18.64
C LYS D 29 -53.33 -7.68 18.01
N VAL D 30 -52.48 -8.41 18.74
CA VAL D 30 -51.20 -8.85 18.22
C VAL D 30 -50.97 -10.28 18.68
N VAL D 31 -50.48 -11.11 17.77
CA VAL D 31 -49.95 -12.43 18.12
C VAL D 31 -48.43 -12.33 18.06
N THR D 32 -47.80 -12.50 19.20
CA THR D 32 -46.34 -12.43 19.33
C THR D 32 -45.86 -13.79 19.80
N LYS D 33 -45.45 -14.63 18.85
CA LYS D 33 -45.00 -15.97 19.17
C LYS D 33 -43.64 -16.25 18.55
N LYS D 34 -43.22 -17.51 18.57
CA LYS D 34 -42.00 -17.92 17.90
C LYS D 34 -42.31 -18.96 16.84
N PHE D 35 -41.69 -18.80 15.68
CA PHE D 35 -41.65 -19.87 14.70
C PHE D 35 -40.91 -21.06 15.29
N SER D 36 -41.00 -22.19 14.60
CA SER D 36 -40.36 -23.41 15.09
C SER D 36 -38.86 -23.24 15.25
N ASN D 37 -38.21 -22.56 14.30
CA ASN D 37 -36.78 -22.32 14.37
C ASN D 37 -36.41 -21.16 15.28
N GLN D 38 -37.32 -20.75 16.17
CA GLN D 38 -37.12 -19.73 17.20
C GLN D 38 -36.98 -18.33 16.62
N GLU D 39 -37.36 -18.11 15.37
CA GLU D 39 -37.46 -16.76 14.84
C GLU D 39 -38.72 -16.09 15.36
N THR D 40 -38.63 -14.80 15.63
CA THR D 40 -39.77 -14.06 16.17
C THR D 40 -40.87 -13.94 15.12
N CYS D 41 -42.09 -14.29 15.52
CA CYS D 41 -43.26 -14.18 14.67
C CYS D 41 -44.17 -13.10 15.25
N VAL D 42 -44.47 -12.09 14.44
CA VAL D 42 -45.33 -10.98 14.85
C VAL D 42 -46.49 -10.89 13.88
N GLU D 43 -47.71 -10.97 14.41
CA GLU D 43 -48.93 -10.93 13.60
C GLU D 43 -49.84 -9.87 14.19
N ILE D 44 -49.72 -8.65 13.67
CA ILE D 44 -50.63 -7.57 14.06
C ILE D 44 -52.00 -7.88 13.50
N GLY D 45 -53.00 -7.94 14.38
CA GLY D 45 -54.32 -8.39 14.01
C GLY D 45 -55.33 -7.31 13.66
N GLU D 46 -54.89 -6.07 13.48
CA GLU D 46 -55.81 -5.00 13.13
C GLU D 46 -55.07 -3.92 12.36
N SER D 47 -55.83 -3.09 11.67
CA SER D 47 -55.26 -1.97 10.95
C SER D 47 -54.69 -0.93 11.92
N VAL D 48 -53.53 -0.39 11.57
CA VAL D 48 -52.94 0.73 12.29
C VAL D 48 -52.75 1.93 11.37
N ARG D 49 -53.44 1.93 10.23
CA ARG D 49 -53.29 2.99 9.24
C ARG D 49 -53.64 4.34 9.84
N GLY D 50 -52.71 5.28 9.79
CA GLY D 50 -52.94 6.59 10.33
C GLY D 50 -53.18 6.63 11.82
N GLU D 51 -52.77 5.59 12.54
CA GLU D 51 -52.96 5.51 13.97
C GLU D 51 -51.71 5.94 14.72
N ASP D 52 -51.90 6.33 15.97
CA ASP D 52 -50.81 6.68 16.87
C ASP D 52 -50.50 5.43 17.69
N VAL D 53 -49.49 4.69 17.28
CA VAL D 53 -49.22 3.36 17.80
C VAL D 53 -48.20 3.46 18.93
N TYR D 54 -48.53 2.87 20.06
CA TYR D 54 -47.62 2.76 21.19
C TYR D 54 -47.38 1.28 21.46
N ILE D 55 -46.13 0.86 21.38
CA ILE D 55 -45.74 -0.52 21.62
C ILE D 55 -45.00 -0.60 22.94
N VAL D 56 -45.56 -1.35 23.88
CA VAL D 56 -44.98 -1.50 25.21
C VAL D 56 -44.14 -2.77 25.22
N GLN D 57 -42.85 -2.61 25.50
CA GLN D 57 -41.94 -3.75 25.56
C GLN D 57 -40.77 -3.35 26.46
N SER D 58 -40.65 -4.03 27.59
CA SER D 58 -39.56 -3.74 28.52
C SER D 58 -38.34 -4.58 28.17
N GLY D 59 -37.16 -4.06 28.51
CA GLY D 59 -35.97 -4.85 28.35
C GLY D 59 -35.77 -5.72 29.56
N CYS D 60 -36.26 -6.96 29.47
CA CYS D 60 -36.25 -7.89 30.58
C CYS D 60 -36.57 -9.27 30.03
N GLY D 61 -36.45 -10.27 30.89
CA GLY D 61 -36.68 -11.64 30.46
C GLY D 61 -35.72 -12.01 29.36
N GLU D 62 -36.26 -12.59 28.29
CA GLU D 62 -35.48 -12.95 27.11
C GLU D 62 -35.16 -11.66 26.37
N ILE D 63 -34.03 -11.05 26.72
CA ILE D 63 -33.74 -9.68 26.31
C ILE D 63 -33.71 -9.55 24.79
N ASN D 64 -32.93 -10.41 24.13
CA ASN D 64 -32.78 -10.28 22.68
C ASN D 64 -34.05 -10.68 21.97
N ASP D 65 -34.73 -11.71 22.48
CA ASP D 65 -36.05 -12.08 21.99
C ASP D 65 -37.00 -10.89 22.04
N ASN D 66 -37.06 -10.22 23.19
CA ASN D 66 -38.00 -9.11 23.35
C ASN D 66 -37.63 -7.92 22.49
N LEU D 67 -36.34 -7.61 22.40
CA LEU D 67 -35.91 -6.48 21.58
C LEU D 67 -36.19 -6.75 20.11
N MET D 68 -35.95 -7.97 19.64
CA MET D 68 -36.29 -8.29 18.26
C MET D 68 -37.77 -8.21 18.02
N GLU D 69 -38.56 -8.69 18.99
CA GLU D 69 -40.02 -8.58 18.92
C GLU D 69 -40.43 -7.12 18.76
N LEU D 70 -39.86 -6.25 19.59
CA LEU D 70 -40.17 -4.82 19.54
C LEU D 70 -39.79 -4.21 18.19
N LEU D 71 -38.60 -4.54 17.69
CA LEU D 71 -38.16 -4.00 16.41
C LEU D 71 -39.07 -4.45 15.27
N ILE D 72 -39.43 -5.74 15.26
CA ILE D 72 -40.28 -6.27 14.22
C ILE D 72 -41.67 -5.62 14.28
N MET D 73 -42.20 -5.45 15.49
CA MET D 73 -43.50 -4.81 15.64
C MET D 73 -43.46 -3.34 15.20
N ILE D 74 -42.38 -2.63 15.53
CA ILE D 74 -42.24 -1.25 15.08
C ILE D 74 -42.20 -1.19 13.56
N ASN D 75 -41.40 -2.06 12.94
CA ASN D 75 -41.30 -2.04 11.49
C ASN D 75 -42.60 -2.42 10.82
N ALA D 76 -43.31 -3.40 11.38
CA ALA D 76 -44.61 -3.79 10.82
C ALA D 76 -45.59 -2.63 10.90
N CYS D 77 -45.61 -1.92 12.04
CA CYS D 77 -46.51 -0.77 12.16
C CYS D 77 -46.14 0.32 11.18
N LYS D 78 -44.85 0.58 11.00
CA LYS D 78 -44.42 1.61 10.05
C LYS D 78 -44.80 1.26 8.62
N ILE D 79 -44.54 0.02 8.21
CA ILE D 79 -44.90 -0.40 6.87
C ILE D 79 -46.42 -0.48 6.71
N ALA D 80 -47.13 -0.73 7.80
CA ALA D 80 -48.59 -0.70 7.80
C ALA D 80 -49.14 0.72 7.86
N SER D 81 -48.31 1.73 7.63
CA SER D 81 -48.74 3.11 7.44
C SER D 81 -49.32 3.71 8.73
N ALA D 82 -48.74 3.36 9.87
CA ALA D 82 -49.09 4.03 11.10
C ALA D 82 -48.67 5.49 11.03
N SER D 83 -49.49 6.37 11.61
CA SER D 83 -49.16 7.78 11.63
C SER D 83 -47.90 8.04 12.43
N ARG D 84 -47.76 7.37 13.57
CA ARG D 84 -46.61 7.54 14.44
C ARG D 84 -46.45 6.26 15.25
N VAL D 85 -45.20 5.82 15.42
CA VAL D 85 -44.89 4.62 16.20
C VAL D 85 -44.02 5.04 17.37
N THR D 86 -44.49 4.75 18.58
CA THR D 86 -43.76 5.06 19.79
C THR D 86 -43.40 3.77 20.50
N ALA D 87 -42.14 3.61 20.85
CA ALA D 87 -41.68 2.47 21.62
C ALA D 87 -41.71 2.85 23.10
N VAL D 88 -42.60 2.23 23.86
CA VAL D 88 -42.67 2.41 25.30
C VAL D 88 -41.81 1.32 25.91
N ILE D 89 -40.59 1.68 26.30
CA ILE D 89 -39.63 0.72 26.82
C ILE D 89 -39.35 1.08 28.28
N PRO D 90 -40.11 0.52 29.23
CA PRO D 90 -39.94 0.93 30.62
C PRO D 90 -38.53 0.73 31.15
N CYS D 91 -37.88 -0.37 30.80
CA CYS D 91 -36.48 -0.61 31.15
C CYS D 91 -35.70 -0.76 29.86
N PHE D 92 -34.86 0.22 29.56
CA PHE D 92 -34.15 0.22 28.28
C PHE D 92 -33.09 -0.86 28.25
N PRO D 93 -33.12 -1.78 27.29
CA PRO D 93 -32.11 -2.84 27.25
C PRO D 93 -30.76 -2.30 26.84
N TYR D 94 -29.71 -2.96 27.33
CA TYR D 94 -28.32 -2.63 27.04
C TYR D 94 -27.96 -1.22 27.49
N ALA D 95 -28.73 -0.65 28.41
CA ALA D 95 -28.50 0.72 28.84
C ALA D 95 -27.16 0.86 29.58
N ARG D 96 -26.70 -0.21 30.22
CA ARG D 96 -25.43 -0.16 30.94
C ARG D 96 -24.23 -0.19 30.00
N GLN D 97 -24.43 -0.51 28.73
CA GLN D 97 -23.36 -0.45 27.74
C GLN D 97 -23.47 0.86 26.95
N ASP D 98 -23.21 1.94 27.68
CA ASP D 98 -23.48 3.30 27.20
C ASP D 98 -22.22 4.07 26.85
N LYS D 99 -21.06 3.43 26.88
CA LYS D 99 -19.80 4.11 26.59
C LYS D 99 -18.76 3.07 26.22
N LYS D 100 -17.67 3.55 25.64
CA LYS D 100 -16.53 2.71 25.29
C LYS D 100 -15.38 3.10 26.23
N ASP D 101 -15.31 2.45 27.39
CA ASP D 101 -14.22 2.63 28.32
C ASP D 101 -13.28 1.44 28.34
N LYS D 102 -13.39 0.57 27.34
CA LYS D 102 -12.50 -0.57 27.17
C LYS D 102 -12.13 -0.67 25.70
N SER D 103 -10.98 -1.27 25.42
CA SER D 103 -10.59 -1.51 24.04
C SER D 103 -11.59 -2.43 23.36
N ARG D 104 -11.99 -2.06 22.15
CA ARG D 104 -12.89 -2.85 21.30
C ARG D 104 -14.28 -3.02 21.90
N ALA D 105 -14.61 -2.29 22.95
CA ALA D 105 -15.90 -2.44 23.58
C ALA D 105 -17.00 -1.83 22.70
N PRO D 106 -18.11 -2.52 22.51
CA PRO D 106 -19.24 -1.92 21.79
C PRO D 106 -20.01 -0.98 22.70
N ILE D 107 -20.63 0.02 22.09
CA ILE D 107 -21.62 0.85 22.76
C ILE D 107 -22.97 0.24 22.38
N SER D 108 -23.39 -0.77 23.14
CA SER D 108 -24.58 -1.53 22.77
C SER D 108 -25.85 -0.69 22.90
N ALA D 109 -25.88 0.25 23.83
CA ALA D 109 -27.03 1.14 23.94
C ALA D 109 -27.21 1.97 22.67
N LYS D 110 -26.11 2.48 22.12
CA LYS D 110 -26.18 3.21 20.87
C LYS D 110 -26.62 2.32 19.72
N LEU D 111 -26.15 1.07 19.70
CA LEU D 111 -26.59 0.15 18.67
C LEU D 111 -28.09 -0.12 18.78
N VAL D 112 -28.60 -0.30 20.00
CA VAL D 112 -30.02 -0.51 20.19
C VAL D 112 -30.82 0.71 19.75
N ALA D 113 -30.31 1.90 20.07
CA ALA D 113 -30.96 3.13 19.62
C ALA D 113 -31.00 3.21 18.10
N ASN D 114 -29.89 2.88 17.44
CA ASN D 114 -29.85 2.89 15.98
C ASN D 114 -30.81 1.87 15.39
N MET D 115 -30.89 0.69 16.01
CA MET D 115 -31.81 -0.34 15.53
C MET D 115 -33.26 0.11 15.68
N LEU D 116 -33.59 0.75 16.81
CA LEU D 116 -34.94 1.29 16.98
C LEU D 116 -35.23 2.37 15.97
N SER D 117 -34.25 3.23 15.69
CA SER D 117 -34.44 4.29 14.70
C SER D 117 -34.66 3.72 13.31
N VAL D 118 -33.88 2.71 12.92
CA VAL D 118 -34.01 2.14 11.59
C VAL D 118 -35.26 1.28 11.47
N ALA D 119 -35.75 0.73 12.58
CA ALA D 119 -37.03 0.04 12.55
C ALA D 119 -38.18 1.01 12.31
N GLY D 120 -38.01 2.29 12.61
CA GLY D 120 -38.99 3.29 12.28
C GLY D 120 -39.65 3.95 13.48
N ALA D 121 -39.08 3.78 14.67
CA ALA D 121 -39.61 4.46 15.84
C ALA D 121 -39.51 5.96 15.68
N ASP D 122 -40.60 6.66 16.01
CA ASP D 122 -40.64 8.12 15.97
C ASP D 122 -40.51 8.74 17.34
N HIS D 123 -40.65 7.95 18.40
CA HIS D 123 -40.71 8.47 19.76
C HIS D 123 -40.39 7.32 20.71
N ILE D 124 -39.63 7.62 21.76
CA ILE D 124 -39.29 6.64 22.78
C ILE D 124 -39.76 7.16 24.12
N ILE D 125 -40.48 6.33 24.86
CA ILE D 125 -40.87 6.61 26.23
C ILE D 125 -40.24 5.55 27.12
N THR D 126 -39.46 5.99 28.09
CA THR D 126 -38.73 5.08 28.96
C THR D 126 -38.70 5.68 30.36
N MET D 127 -38.36 4.83 31.33
CA MET D 127 -38.29 5.25 32.72
C MET D 127 -36.89 5.04 33.27
N ASP D 128 -36.32 6.11 33.83
CA ASP D 128 -35.06 6.06 34.57
C ASP D 128 -33.97 5.33 33.80
N LEU D 129 -33.58 5.94 32.68
CA LEU D 129 -32.46 5.46 31.91
C LEU D 129 -31.22 5.34 32.79
N HIS D 130 -30.47 4.25 32.63
CA HIS D 130 -29.25 4.07 33.39
C HIS D 130 -28.32 5.27 33.22
N ALA D 131 -28.26 5.80 32.00
CA ALA D 131 -27.60 7.07 31.73
C ALA D 131 -28.57 7.94 30.96
N SER D 132 -28.84 9.13 31.49
CA SER D 132 -29.77 10.05 30.82
C SER D 132 -29.27 10.47 29.44
N GLN D 133 -27.96 10.39 29.20
CA GLN D 133 -27.40 10.75 27.91
C GLN D 133 -27.86 9.78 26.81
N ILE D 134 -28.45 8.65 27.17
CA ILE D 134 -29.03 7.75 26.18
C ILE D 134 -30.11 8.48 25.38
N GLN D 135 -30.74 9.50 25.95
CA GLN D 135 -31.64 10.36 25.18
C GLN D 135 -30.93 10.91 23.95
N GLY D 136 -29.65 11.23 24.08
CA GLY D 136 -28.86 11.71 22.97
C GLY D 136 -28.41 10.66 21.99
N PHE D 137 -28.68 9.39 22.27
CA PHE D 137 -28.36 8.33 21.32
C PHE D 137 -29.35 8.28 20.17
N PHE D 138 -30.50 8.95 20.29
CA PHE D 138 -31.50 9.03 19.25
C PHE D 138 -31.51 10.42 18.63
N ASP D 139 -32.07 10.52 17.43
CA ASP D 139 -32.42 11.80 16.83
C ASP D 139 -33.91 12.08 16.92
N ILE D 140 -34.65 11.25 17.66
CA ILE D 140 -36.09 11.44 17.87
C ILE D 140 -36.29 11.84 19.33
N PRO D 141 -37.44 12.41 19.69
CA PRO D 141 -37.68 12.70 21.11
C PRO D 141 -37.67 11.44 21.95
N VAL D 142 -37.04 11.53 23.12
CA VAL D 142 -36.95 10.42 24.06
C VAL D 142 -37.42 10.92 25.42
N ASP D 143 -38.51 10.35 25.91
CA ASP D 143 -39.03 10.70 27.22
C ASP D 143 -38.38 9.81 28.28
N ASN D 144 -37.62 10.43 29.17
CA ASN D 144 -36.94 9.72 30.25
C ASN D 144 -37.70 10.05 31.53
N LEU D 145 -38.73 9.25 31.82
CA LEU D 145 -39.56 9.48 32.99
C LEU D 145 -38.83 9.05 34.25
N TYR D 146 -39.13 9.72 35.35
CA TYR D 146 -38.53 9.42 36.64
C TYR D 146 -39.52 8.65 37.51
N ALA D 147 -39.02 7.64 38.20
CA ALA D 147 -39.79 7.01 39.27
C ALA D 147 -39.60 7.73 40.60
N GLU D 148 -38.83 8.82 40.61
CA GLU D 148 -38.52 9.50 41.86
C GLU D 148 -39.75 10.00 42.62
N PRO D 149 -40.76 10.63 41.98
CA PRO D 149 -41.94 11.02 42.77
C PRO D 149 -42.63 9.84 43.42
N ALA D 150 -42.74 8.71 42.71
CA ALA D 150 -43.34 7.52 43.32
C ALA D 150 -42.47 6.98 44.45
N VAL D 151 -41.15 7.06 44.30
CA VAL D 151 -40.24 6.62 45.35
C VAL D 151 -40.42 7.49 46.60
N LEU D 152 -40.50 8.81 46.40
CA LEU D 152 -40.69 9.72 47.53
C LEU D 152 -42.02 9.46 48.21
N LYS D 153 -43.07 9.20 47.43
CA LYS D 153 -44.36 8.86 48.01
C LYS D 153 -44.27 7.60 48.84
N TRP D 154 -43.62 6.56 48.31
CA TRP D 154 -43.47 5.32 49.06
C TRP D 154 -42.69 5.54 50.34
N ILE D 155 -41.61 6.33 50.29
CA ILE D 155 -40.79 6.57 51.47
C ILE D 155 -41.61 7.28 52.53
N ARG D 156 -42.32 8.34 52.15
CA ARG D 156 -43.11 9.10 53.11
C ARG D 156 -44.27 8.31 53.66
N GLU D 157 -44.79 7.31 52.93
CA GLU D 157 -45.93 6.55 53.43
C GLU D 157 -45.56 5.25 54.13
N ASN D 158 -44.34 4.73 53.96
CA ASN D 158 -43.99 3.41 54.45
C ASN D 158 -42.86 3.37 55.45
N ILE D 159 -42.10 4.46 55.61
CA ILE D 159 -40.99 4.51 56.54
C ILE D 159 -41.31 5.58 57.57
N SER D 160 -41.56 5.16 58.81
CA SER D 160 -42.04 6.09 59.83
C SER D 160 -40.99 7.15 60.15
N GLU D 161 -39.73 6.76 60.23
CA GLU D 161 -38.63 7.66 60.58
C GLU D 161 -37.91 8.18 59.35
N TRP D 162 -38.65 8.44 58.27
CA TRP D 162 -38.02 8.89 57.04
C TRP D 162 -37.38 10.26 57.19
N ARG D 163 -37.89 11.10 58.10
CA ARG D 163 -37.30 12.43 58.28
C ARG D 163 -35.94 12.38 58.93
N ASN D 164 -35.59 11.29 59.61
CA ASN D 164 -34.27 11.13 60.19
C ASN D 164 -33.44 10.09 59.44
N CYS D 165 -33.91 9.64 58.28
CA CYS D 165 -33.20 8.62 57.53
C CYS D 165 -32.04 9.24 56.75
N THR D 166 -31.20 8.37 56.20
CA THR D 166 -30.15 8.77 55.29
C THR D 166 -30.28 7.96 54.02
N ILE D 167 -30.27 8.63 52.87
CA ILE D 167 -30.37 7.96 51.59
C ILE D 167 -28.96 7.61 51.14
N VAL D 168 -28.73 6.34 50.80
CA VAL D 168 -27.40 5.82 50.55
C VAL D 168 -27.27 5.42 49.09
N SER D 169 -26.21 5.90 48.45
CA SER D 169 -25.86 5.44 47.11
C SER D 169 -25.04 4.16 47.22
N PRO D 170 -25.45 3.08 46.53
CA PRO D 170 -24.66 1.85 46.57
C PRO D 170 -23.38 1.90 45.74
N ASP D 171 -23.22 2.88 44.87
CA ASP D 171 -21.98 3.06 44.12
C ASP D 171 -21.80 4.55 43.83
N ALA D 172 -20.66 4.88 43.21
CA ALA D 172 -20.37 6.28 42.89
C ALA D 172 -21.32 6.82 41.84
N GLY D 173 -21.77 5.99 40.90
CA GLY D 173 -22.62 6.46 39.82
C GLY D 173 -24.02 6.86 40.26
N GLY D 174 -24.47 6.38 41.40
CA GLY D 174 -25.79 6.72 41.90
C GLY D 174 -25.85 8.00 42.70
N ALA D 175 -24.74 8.74 42.79
CA ALA D 175 -24.66 9.89 43.70
C ALA D 175 -25.68 10.96 43.34
N LYS D 176 -25.87 11.24 42.05
CA LYS D 176 -26.81 12.28 41.65
C LYS D 176 -28.24 11.92 42.06
N ARG D 177 -28.64 10.67 41.82
CA ARG D 177 -29.98 10.22 42.19
C ARG D 177 -30.19 10.31 43.70
N VAL D 178 -29.20 9.84 44.47
CA VAL D 178 -29.32 9.89 45.93
C VAL D 178 -29.34 11.32 46.44
N THR D 179 -28.51 12.20 45.88
CA THR D 179 -28.52 13.58 46.35
C THR D 179 -29.84 14.25 46.02
N SER D 180 -30.40 13.97 44.85
CA SER D 180 -31.69 14.53 44.50
C SER D 180 -32.77 14.06 45.46
N ILE D 181 -32.80 12.76 45.78
CA ILE D 181 -33.81 12.24 46.68
C ILE D 181 -33.63 12.83 48.08
N ALA D 182 -32.38 12.92 48.56
CA ALA D 182 -32.12 13.46 49.88
C ALA D 182 -32.51 14.94 49.96
N ASP D 183 -32.26 15.70 48.90
CA ASP D 183 -32.71 17.09 48.83
C ASP D 183 -34.23 17.18 48.90
N ARG D 184 -34.93 16.35 48.13
CA ARG D 184 -36.39 16.40 48.15
C ARG D 184 -36.95 15.99 49.51
N LEU D 185 -36.30 15.07 50.21
CA LEU D 185 -36.74 14.66 51.54
C LEU D 185 -36.13 15.50 52.65
N ASN D 186 -35.19 16.39 52.33
CA ASN D 186 -34.46 17.17 53.32
C ASN D 186 -33.83 16.27 54.38
N VAL D 187 -33.09 15.27 53.92
CA VAL D 187 -32.44 14.31 54.80
C VAL D 187 -30.97 14.20 54.40
N ASP D 188 -30.19 13.56 55.27
CA ASP D 188 -28.80 13.30 54.98
C ASP D 188 -28.66 12.25 53.88
N PHE D 189 -27.49 12.23 53.26
CA PHE D 189 -27.18 11.20 52.29
C PHE D 189 -25.79 10.63 52.59
N ALA D 190 -25.56 9.41 52.13
CA ALA D 190 -24.27 8.76 52.23
C ALA D 190 -23.98 8.06 50.91
N LEU D 191 -22.70 7.76 50.69
CA LEU D 191 -22.29 7.06 49.49
C LEU D 191 -21.42 5.88 49.89
N ILE D 192 -21.62 4.77 49.20
CA ILE D 192 -20.83 3.56 49.40
C ILE D 192 -20.11 3.26 48.10
N HIS D 193 -18.80 3.02 48.17
CA HIS D 193 -18.01 2.70 47.01
C HIS D 193 -17.30 1.38 47.23
N LYS D 194 -17.39 0.49 46.25
CA LYS D 194 -16.58 -0.72 46.21
C LYS D 194 -15.32 -0.41 45.42
N GLU D 195 -14.16 -0.45 46.07
CA GLU D 195 -12.97 -0.02 45.34
C GLU D 195 -12.56 -1.07 44.32
N ARG D 196 -11.77 -0.61 43.35
CA ARG D 196 -11.49 -1.41 42.16
C ARG D 196 -10.69 -2.65 42.50
N LYS D 197 -10.98 -3.73 41.77
CA LYS D 197 -10.40 -5.04 42.02
C LYS D 197 -9.03 -5.10 41.32
N LYS D 198 -8.00 -4.67 42.05
CA LYS D 198 -6.66 -4.69 41.50
C LYS D 198 -6.10 -6.10 41.46
N ALA D 199 -6.50 -6.95 42.41
CA ALA D 199 -6.03 -8.33 42.48
C ALA D 199 -7.15 -9.16 43.07
N ASN D 200 -6.83 -10.37 43.52
CA ASN D 200 -7.82 -11.32 44.00
C ASN D 200 -8.00 -11.30 45.52
N GLU D 201 -7.78 -10.15 46.17
CA GLU D 201 -8.04 -10.06 47.59
C GLU D 201 -9.53 -9.83 47.84
N VAL D 202 -9.87 -9.59 49.10
CA VAL D 202 -11.26 -9.42 49.49
C VAL D 202 -11.79 -8.08 48.97
N ASP D 203 -12.99 -8.12 48.39
CA ASP D 203 -13.69 -6.89 48.05
C ASP D 203 -14.01 -6.12 49.32
N ARG D 204 -13.57 -4.87 49.39
CA ARG D 204 -13.83 -4.03 50.55
C ARG D 204 -14.57 -2.78 50.11
N MET D 205 -15.50 -2.34 50.96
CA MET D 205 -16.38 -1.23 50.64
C MET D 205 -16.09 -0.08 51.57
N VAL D 206 -15.98 1.11 51.00
CA VAL D 206 -15.78 2.33 51.76
C VAL D 206 -17.08 3.09 51.82
N LEU D 207 -17.43 3.58 53.00
CA LEU D 207 -18.62 4.38 53.20
C LEU D 207 -18.22 5.81 53.58
N VAL D 208 -18.77 6.78 52.86
CA VAL D 208 -18.61 8.18 53.19
C VAL D 208 -19.96 8.73 53.61
N GLY D 209 -20.02 9.31 54.79
CA GLY D 209 -21.27 9.73 55.39
C GLY D 209 -21.59 8.92 56.64
N ASP D 210 -22.52 9.46 57.42
CA ASP D 210 -22.86 8.90 58.72
C ASP D 210 -24.22 8.21 58.62
N VAL D 211 -24.26 6.92 58.93
CA VAL D 211 -25.49 6.15 58.94
C VAL D 211 -25.75 5.49 60.29
N LYS D 212 -24.94 5.82 61.30
CA LYS D 212 -25.01 5.14 62.59
C LYS D 212 -26.34 5.45 63.29
N ASP D 213 -27.01 4.40 63.75
CA ASP D 213 -28.26 4.50 64.51
C ASP D 213 -29.36 5.21 63.73
N ARG D 214 -29.29 5.16 62.40
CA ARG D 214 -30.32 5.73 61.56
C ARG D 214 -30.79 4.69 60.56
N VAL D 215 -32.01 4.87 60.07
CA VAL D 215 -32.50 4.06 58.97
C VAL D 215 -31.77 4.47 57.69
N ALA D 216 -31.26 3.49 56.98
CA ALA D 216 -30.56 3.72 55.72
C ALA D 216 -31.45 3.24 54.57
N ILE D 217 -31.66 4.11 53.59
CA ILE D 217 -32.42 3.77 52.40
C ILE D 217 -31.43 3.72 51.24
N LEU D 218 -31.22 2.53 50.69
CA LEU D 218 -30.43 2.38 49.49
C LEU D 218 -31.30 2.70 48.28
N VAL D 219 -30.87 3.66 47.47
CA VAL D 219 -31.57 4.03 46.26
C VAL D 219 -30.63 3.88 45.08
N ASP D 220 -31.05 3.11 44.09
CA ASP D 220 -30.29 2.90 42.88
C ASP D 220 -31.25 2.78 41.71
N ASP D 221 -30.71 2.85 40.50
CA ASP D 221 -31.54 2.74 39.31
C ASP D 221 -31.96 1.32 39.02
N MET D 222 -31.17 0.32 39.41
CA MET D 222 -31.53 -1.05 39.10
C MET D 222 -30.80 -1.98 40.05
N ALA D 223 -31.36 -3.19 40.19
CA ALA D 223 -30.74 -4.28 40.93
C ALA D 223 -30.79 -5.51 40.04
N ASP D 224 -29.68 -5.81 39.35
CA ASP D 224 -29.63 -6.95 38.43
C ASP D 224 -29.33 -8.23 39.20
N THR D 225 -28.12 -8.34 39.74
CA THR D 225 -27.75 -9.48 40.56
C THR D 225 -27.84 -9.19 42.04
N CYS D 226 -28.11 -7.94 42.40
CA CYS D 226 -28.21 -7.47 43.78
C CYS D 226 -26.90 -7.57 44.52
N GLY D 227 -25.79 -7.77 43.81
CA GLY D 227 -24.49 -7.71 44.47
C GLY D 227 -24.21 -6.34 45.04
N THR D 228 -24.54 -5.29 44.28
CA THR D 228 -24.30 -3.93 44.73
C THR D 228 -25.10 -3.62 46.00
N ILE D 229 -26.41 -3.87 45.96
CA ILE D 229 -27.23 -3.52 47.11
C ILE D 229 -26.97 -4.44 48.29
N CYS D 230 -26.67 -5.72 48.04
CA CYS D 230 -26.40 -6.62 49.16
C CYS D 230 -25.09 -6.26 49.85
N HIS D 231 -24.04 -6.00 49.07
CA HIS D 231 -22.77 -5.58 49.66
C HIS D 231 -22.93 -4.26 50.40
N ALA D 232 -23.68 -3.33 49.82
CA ALA D 232 -23.95 -2.06 50.48
C ALA D 232 -24.72 -2.27 51.78
N ALA D 233 -25.64 -3.23 51.79
CA ALA D 233 -26.43 -3.50 52.99
C ALA D 233 -25.56 -4.07 54.10
N ASP D 234 -24.66 -5.00 53.76
CA ASP D 234 -23.71 -5.49 54.77
C ASP D 234 -22.86 -4.37 55.31
N LYS D 235 -22.35 -3.50 54.42
CA LYS D 235 -21.56 -2.37 54.88
C LYS D 235 -22.36 -1.45 55.78
N LEU D 236 -23.62 -1.18 55.42
CA LEU D 236 -24.44 -0.27 56.21
C LEU D 236 -24.72 -0.83 57.60
N LEU D 237 -25.03 -2.13 57.69
CA LEU D 237 -25.21 -2.72 59.01
C LEU D 237 -23.91 -2.70 59.81
N SER D 238 -22.79 -3.01 59.16
CA SER D 238 -21.51 -2.96 59.84
C SER D 238 -21.19 -1.55 60.33
N ALA D 239 -21.75 -0.54 59.68
CA ALA D 239 -21.51 0.85 60.05
C ALA D 239 -22.50 1.36 61.09
N GLY D 240 -23.42 0.53 61.55
CA GLY D 240 -24.33 0.92 62.60
C GLY D 240 -25.72 1.36 62.17
N ALA D 241 -26.12 1.11 60.93
CA ALA D 241 -27.48 1.42 60.51
C ALA D 241 -28.47 0.53 61.25
N THR D 242 -29.58 1.11 61.68
CA THR D 242 -30.60 0.34 62.39
C THR D 242 -31.35 -0.56 61.44
N ARG D 243 -31.96 0.02 60.41
CA ARG D 243 -32.68 -0.73 59.39
C ARG D 243 -32.18 -0.28 58.03
N VAL D 244 -32.24 -1.19 57.06
CA VAL D 244 -31.77 -0.93 55.71
C VAL D 244 -32.89 -1.24 54.73
N TYR D 245 -33.25 -0.26 53.92
CA TYR D 245 -34.18 -0.43 52.82
C TYR D 245 -33.43 -0.33 51.50
N ALA D 246 -33.96 -0.98 50.48
CA ALA D 246 -33.45 -0.86 49.13
C ALA D 246 -34.62 -0.47 48.22
N ILE D 247 -34.47 0.64 47.51
CA ILE D 247 -35.47 1.08 46.55
C ILE D 247 -34.81 1.21 45.20
N LEU D 248 -35.34 0.48 44.22
CA LEU D 248 -34.86 0.51 42.85
C LEU D 248 -36.03 0.88 41.96
N THR D 249 -35.72 1.35 40.75
CA THR D 249 -36.82 1.47 39.80
C THR D 249 -36.93 0.25 38.90
N HIS D 250 -35.81 -0.38 38.53
CA HIS D 250 -35.81 -1.57 37.71
C HIS D 250 -35.37 -2.76 38.55
N GLY D 251 -36.32 -3.65 38.85
CA GLY D 251 -35.96 -4.89 39.51
C GLY D 251 -35.72 -5.99 38.50
N ILE D 252 -34.46 -6.19 38.11
CA ILE D 252 -34.14 -7.25 37.17
C ILE D 252 -34.07 -8.59 37.89
N PHE D 253 -33.37 -8.63 39.02
CA PHE D 253 -33.32 -9.79 39.90
C PHE D 253 -32.90 -11.05 39.14
N SER D 254 -31.91 -10.92 38.27
CA SER D 254 -31.41 -12.06 37.53
C SER D 254 -30.42 -12.85 38.38
N GLY D 255 -30.23 -14.11 37.99
CA GLY D 255 -29.25 -14.96 38.62
C GLY D 255 -29.51 -15.21 40.09
N PRO D 256 -28.49 -14.95 40.92
CA PRO D 256 -28.58 -15.24 42.35
C PRO D 256 -29.25 -14.15 43.19
N ALA D 257 -29.96 -13.23 42.56
CA ALA D 257 -30.47 -12.06 43.27
C ALA D 257 -31.48 -12.45 44.35
N ILE D 258 -32.38 -13.38 44.05
CA ILE D 258 -33.42 -13.73 45.00
C ILE D 258 -32.83 -14.37 46.25
N SER D 259 -31.89 -15.29 46.08
CA SER D 259 -31.24 -15.90 47.23
C SER D 259 -30.43 -14.87 47.99
N ARG D 260 -29.78 -13.94 47.27
CA ARG D 260 -29.02 -12.89 47.93
C ARG D 260 -29.92 -12.01 48.81
N ILE D 261 -31.08 -11.62 48.28
CA ILE D 261 -31.98 -10.77 49.04
C ILE D 261 -32.57 -11.52 50.23
N ASN D 262 -32.97 -12.77 50.02
CA ASN D 262 -33.54 -13.56 51.09
C ASN D 262 -32.56 -13.74 52.24
N ASN D 263 -31.26 -13.77 51.94
CA ASN D 263 -30.22 -13.91 52.96
C ASN D 263 -29.65 -12.57 53.40
N ALA D 264 -30.17 -11.46 52.87
CA ALA D 264 -29.72 -10.14 53.27
C ALA D 264 -30.57 -9.63 54.43
N CYS D 265 -30.30 -8.40 54.84
CA CYS D 265 -30.91 -7.79 56.01
C CYS D 265 -31.93 -6.73 55.66
N PHE D 266 -32.41 -6.71 54.43
CA PHE D 266 -33.29 -5.64 53.98
C PHE D 266 -34.62 -5.67 54.71
N GLU D 267 -35.08 -4.51 55.15
CA GLU D 267 -36.45 -4.40 55.65
C GLU D 267 -37.43 -4.61 54.51
N ALA D 268 -37.13 -4.04 53.34
CA ALA D 268 -37.95 -4.21 52.15
C ALA D 268 -37.10 -3.87 50.94
N VAL D 269 -37.32 -4.59 49.84
CA VAL D 269 -36.73 -4.26 48.56
C VAL D 269 -37.86 -3.76 47.68
N VAL D 270 -37.82 -2.48 47.31
CA VAL D 270 -38.91 -1.82 46.62
C VAL D 270 -38.47 -1.56 45.18
N VAL D 271 -39.27 -2.04 44.23
CA VAL D 271 -39.02 -1.84 42.81
C VAL D 271 -40.31 -1.36 42.17
N THR D 272 -40.18 -0.73 41.02
CA THR D 272 -41.35 -0.46 40.20
C THR D 272 -41.68 -1.68 39.37
N ASN D 273 -42.82 -1.63 38.68
CA ASN D 273 -43.20 -2.70 37.77
C ASN D 273 -42.84 -2.40 36.32
N THR D 274 -41.72 -1.69 36.11
CA THR D 274 -41.16 -1.61 34.76
C THR D 274 -40.76 -2.98 34.24
N ILE D 275 -40.49 -3.92 35.14
CA ILE D 275 -40.20 -5.31 34.80
C ILE D 275 -41.23 -6.14 35.58
N PRO D 276 -41.78 -7.21 35.00
CA PRO D 276 -42.72 -8.04 35.77
C PRO D 276 -42.05 -8.61 37.01
N GLN D 277 -42.76 -8.52 38.13
CA GLN D 277 -42.23 -8.95 39.41
C GLN D 277 -43.01 -10.08 40.04
N GLU D 278 -44.07 -10.57 39.38
CA GLU D 278 -44.93 -11.56 39.99
C GLU D 278 -44.14 -12.80 40.41
N ASP D 279 -43.29 -13.31 39.52
CA ASP D 279 -42.48 -14.47 39.84
C ASP D 279 -41.49 -14.17 40.96
N LYS D 280 -40.88 -12.99 40.93
CA LYS D 280 -39.89 -12.64 41.95
C LYS D 280 -40.53 -12.53 43.33
N MET D 281 -41.72 -11.94 43.42
CA MET D 281 -42.38 -11.78 44.72
C MET D 281 -42.77 -13.12 45.32
N LYS D 282 -42.99 -14.14 44.50
CA LYS D 282 -43.38 -15.44 45.02
C LYS D 282 -42.25 -16.13 45.77
N HIS D 283 -40.99 -15.80 45.46
CA HIS D 283 -39.85 -16.41 46.11
C HIS D 283 -39.13 -15.47 47.07
N CYS D 284 -39.52 -14.20 47.14
CA CYS D 284 -38.89 -13.24 48.05
C CYS D 284 -39.98 -12.34 48.62
N SER D 285 -40.33 -12.57 49.89
CA SER D 285 -41.35 -11.76 50.54
C SER D 285 -40.91 -10.32 50.76
N LYS D 286 -39.60 -10.06 50.75
CA LYS D 286 -39.11 -8.71 50.96
C LYS D 286 -39.44 -7.76 49.82
N ILE D 287 -39.71 -8.28 48.63
CA ILE D 287 -39.94 -7.44 47.47
C ILE D 287 -41.33 -6.83 47.52
N GLN D 288 -41.40 -5.51 47.37
CA GLN D 288 -42.64 -4.80 47.18
C GLN D 288 -42.56 -3.99 45.89
N VAL D 289 -43.71 -3.74 45.28
CA VAL D 289 -43.78 -3.18 43.94
C VAL D 289 -44.52 -1.86 43.98
N ILE D 290 -43.91 -0.83 43.40
CA ILE D 290 -44.59 0.43 43.13
C ILE D 290 -45.12 0.37 41.71
N ASP D 291 -46.43 0.51 41.56
CA ASP D 291 -47.02 0.53 40.23
C ASP D 291 -46.71 1.88 39.57
N ILE D 292 -46.08 1.83 38.40
CA ILE D 292 -45.82 3.03 37.62
C ILE D 292 -46.66 3.06 36.34
N SER D 293 -47.65 2.17 36.23
CA SER D 293 -48.48 2.13 35.04
C SER D 293 -49.24 3.44 34.84
N MET D 294 -49.59 4.13 35.92
CA MET D 294 -50.27 5.41 35.77
C MET D 294 -49.33 6.46 35.18
N ILE D 295 -48.05 6.42 35.54
CA ILE D 295 -47.10 7.35 34.96
C ILE D 295 -46.95 7.11 33.46
N LEU D 296 -46.79 5.86 33.07
CA LEU D 296 -46.65 5.53 31.66
C LEU D 296 -47.93 5.86 30.88
N ALA D 297 -49.09 5.56 31.47
CA ALA D 297 -50.35 5.86 30.80
C ALA D 297 -50.53 7.35 30.62
N GLU D 298 -50.21 8.14 31.65
CA GLU D 298 -50.29 9.59 31.52
C GLU D 298 -49.30 10.11 30.48
N ALA D 299 -48.11 9.53 30.43
CA ALA D 299 -47.14 9.96 29.42
C ALA D 299 -47.65 9.67 28.02
N ILE D 300 -48.23 8.49 27.81
CA ILE D 300 -48.77 8.15 26.49
C ILE D 300 -49.92 9.07 26.13
N ARG D 301 -50.82 9.32 27.09
CA ARG D 301 -51.97 10.17 26.83
C ARG D 301 -51.55 11.59 26.50
N ARG D 302 -50.58 12.12 27.23
CA ARG D 302 -50.11 13.48 26.96
C ARG D 302 -49.35 13.56 25.65
N THR D 303 -48.58 12.52 25.31
CA THR D 303 -47.92 12.49 24.02
C THR D 303 -48.93 12.50 22.89
N HIS D 304 -49.99 11.72 23.03
CA HIS D 304 -51.04 11.69 22.01
C HIS D 304 -51.76 13.03 21.91
N ASN D 305 -52.02 13.67 23.05
CA ASN D 305 -52.76 14.92 23.08
C ASN D 305 -51.88 16.14 22.86
N GLY D 306 -50.57 15.97 22.68
CA GLY D 306 -49.69 17.10 22.50
C GLY D 306 -49.59 17.98 23.73
N GLU D 307 -49.50 17.38 24.90
CA GLU D 307 -49.36 18.09 26.16
C GLU D 307 -48.03 17.74 26.82
N SER D 308 -47.55 18.67 27.64
CA SER D 308 -46.28 18.49 28.33
C SER D 308 -46.37 17.33 29.32
N VAL D 309 -45.27 16.59 29.46
CA VAL D 309 -45.18 15.55 30.48
C VAL D 309 -44.41 16.03 31.70
N SER D 310 -44.14 17.33 31.80
CA SER D 310 -43.40 17.87 32.94
C SER D 310 -44.14 17.63 34.26
N TYR D 311 -45.47 17.56 34.20
CA TYR D 311 -46.25 17.30 35.40
C TYR D 311 -45.87 15.96 36.04
N LEU D 312 -45.44 14.99 35.24
CA LEU D 312 -45.08 13.67 35.74
C LEU D 312 -43.80 13.68 36.56
N PHE D 313 -43.01 14.74 36.52
CA PHE D 313 -41.76 14.81 37.26
C PHE D 313 -41.91 15.43 38.63
N SER D 314 -43.11 15.86 38.99
CA SER D 314 -43.39 16.40 40.31
C SER D 314 -44.54 15.71 41.02
N HIS D 315 -45.36 14.94 40.33
CA HIS D 315 -46.56 14.34 40.90
C HIS D 315 -46.72 12.92 40.39
N VAL D 316 -47.35 12.09 41.22
CA VAL D 316 -47.75 10.74 40.82
C VAL D 316 -49.25 10.78 40.52
N PRO D 317 -49.68 10.58 39.27
CA PRO D 317 -51.09 10.65 38.90
C PRO D 317 -51.92 9.52 39.50
N PRO E 2 -0.85 7.30 3.01
CA PRO E 2 -1.26 8.58 3.60
C PRO E 2 -0.30 9.07 4.66
N ASN E 3 -0.12 10.39 4.75
CA ASN E 3 0.76 11.00 5.72
C ASN E 3 -0.05 11.81 6.72
N ILE E 4 0.49 11.95 7.93
CA ILE E 4 -0.14 12.79 8.93
C ILE E 4 -0.05 14.25 8.50
N LYS E 5 -1.19 14.92 8.44
CA LYS E 5 -1.26 16.36 8.25
C LYS E 5 -1.95 16.94 9.47
N ILE E 6 -1.25 17.81 10.20
CA ILE E 6 -1.78 18.43 11.41
C ILE E 6 -2.13 19.86 11.06
N PHE E 7 -3.41 20.22 11.23
CA PHE E 7 -3.87 21.58 10.99
C PHE E 7 -4.39 22.17 12.29
N SER E 8 -4.07 23.43 12.52
CA SER E 8 -4.49 24.14 13.72
C SER E 8 -5.62 25.10 13.39
N GLY E 9 -6.66 25.10 14.21
CA GLY E 9 -7.61 26.18 14.24
C GLY E 9 -7.07 27.35 15.04
N SER E 10 -7.90 28.37 15.19
CA SER E 10 -7.47 29.57 15.90
C SER E 10 -7.52 29.41 17.41
N SER E 11 -8.14 28.33 17.92
CA SER E 11 -8.41 28.25 19.35
C SER E 11 -7.13 28.03 20.15
N HIS E 12 -6.41 26.94 19.88
CA HIS E 12 -5.25 26.56 20.68
C HIS E 12 -4.10 26.22 19.73
N GLN E 13 -3.41 27.25 19.24
CA GLN E 13 -2.35 27.02 18.27
C GLN E 13 -1.04 26.60 18.94
N ASP E 14 -0.82 27.02 20.19
CA ASP E 14 0.36 26.55 20.91
C ASP E 14 0.32 25.05 21.14
N LEU E 15 -0.86 24.52 21.51
CA LEU E 15 -1.00 23.08 21.67
C LEU E 15 -0.80 22.35 20.34
N SER E 16 -1.33 22.91 19.26
CA SER E 16 -1.12 22.31 17.94
C SER E 16 0.36 22.27 17.60
N GLN E 17 1.08 23.36 17.90
CA GLN E 17 2.51 23.40 17.66
C GLN E 17 3.24 22.34 18.48
N LYS E 18 2.86 22.18 19.75
CA LYS E 18 3.49 21.17 20.59
C LYS E 18 3.24 19.77 20.05
N ILE E 19 2.01 19.51 19.61
CA ILE E 19 1.68 18.20 19.02
C ILE E 19 2.50 17.96 17.78
N ALA E 20 2.60 18.97 16.90
CA ALA E 20 3.36 18.81 15.68
C ALA E 20 4.85 18.58 15.96
N ASP E 21 5.41 19.29 16.92
CA ASP E 21 6.81 19.07 17.28
C ASP E 21 7.01 17.67 17.82
N ARG E 22 6.11 17.20 18.67
CA ARG E 22 6.25 15.84 19.21
C ARG E 22 6.08 14.79 18.12
N LEU E 23 5.34 15.12 17.07
CA LEU E 23 5.21 14.23 15.92
C LEU E 23 6.32 14.45 14.89
N GLY E 24 7.22 15.39 15.13
CA GLY E 24 8.26 15.69 14.15
C GLY E 24 7.72 16.24 12.84
N LEU E 25 6.69 17.07 12.91
CA LEU E 25 6.05 17.61 11.72
C LEU E 25 5.91 19.11 11.85
N GLU E 26 5.78 19.77 10.70
CA GLU E 26 5.34 21.15 10.67
C GLU E 26 3.83 21.20 10.55
N LEU E 27 3.23 22.20 11.19
CA LEU E 27 1.80 22.39 11.08
C LEU E 27 1.42 22.64 9.63
N GLY E 28 0.30 22.08 9.21
CA GLY E 28 -0.18 22.32 7.86
C GLY E 28 -0.49 23.78 7.63
N LYS E 29 -0.32 24.22 6.40
CA LYS E 29 -0.53 25.62 6.05
C LYS E 29 -2.02 25.90 5.98
N VAL E 30 -2.53 26.69 6.93
CA VAL E 30 -3.92 27.11 6.93
C VAL E 30 -3.98 28.58 7.32
N VAL E 31 -4.80 29.34 6.62
CA VAL E 31 -5.17 30.69 7.04
C VAL E 31 -6.58 30.61 7.59
N THR E 32 -6.72 30.89 8.88
CA THR E 32 -8.00 30.84 9.57
C THR E 32 -8.28 32.25 10.09
N LYS E 33 -9.04 33.01 9.32
CA LYS E 33 -9.35 34.39 9.68
C LYS E 33 -10.85 34.64 9.62
N LYS E 34 -11.25 35.89 9.70
CA LYS E 34 -12.64 36.28 9.55
C LYS E 34 -12.79 37.23 8.37
N PHE E 35 -13.83 36.98 7.56
CA PHE E 35 -14.26 37.97 6.60
C PHE E 35 -14.73 39.22 7.33
N SER E 36 -14.94 40.29 6.57
CA SER E 36 -15.35 41.56 7.18
C SER E 36 -16.67 41.41 7.94
N ASN E 37 -17.62 40.67 7.38
CA ASN E 37 -18.91 40.46 8.03
C ASN E 37 -18.87 39.39 9.11
N GLN E 38 -17.67 39.04 9.58
CA GLN E 38 -17.44 38.10 10.68
C GLN E 38 -17.76 36.66 10.33
N GLU E 39 -17.91 36.34 9.06
CA GLU E 39 -18.01 34.95 8.64
C GLU E 39 -16.63 34.31 8.67
N THR E 40 -16.58 33.03 9.06
CA THR E 40 -15.32 32.33 9.16
C THR E 40 -14.72 32.11 7.78
N CYS E 41 -13.45 32.46 7.63
CA CYS E 41 -12.70 32.26 6.39
C CYS E 41 -11.62 31.22 6.65
N VAL E 42 -11.65 30.15 5.88
CA VAL E 42 -10.68 29.05 6.00
C VAL E 42 -10.01 28.87 4.65
N GLU E 43 -8.67 28.98 4.65
CA GLU E 43 -7.88 28.85 3.43
C GLU E 43 -6.78 27.82 3.69
N ILE E 44 -7.07 26.57 3.36
CA ILE E 44 -6.07 25.51 3.46
C ILE E 44 -5.04 25.75 2.37
N GLY E 45 -3.78 25.87 2.77
CA GLY E 45 -2.71 26.25 1.88
C GLY E 45 -1.91 25.14 1.24
N GLU E 46 -2.37 23.89 1.34
CA GLU E 46 -1.64 22.79 0.74
C GLU E 46 -2.61 21.66 0.43
N SER E 47 -2.17 20.76 -0.43
CA SER E 47 -2.96 19.59 -0.77
C SER E 47 -3.08 18.65 0.42
N VAL E 48 -4.28 18.10 0.60
CA VAL E 48 -4.51 17.05 1.58
C VAL E 48 -5.03 15.78 0.91
N ARG E 49 -4.85 15.68 -0.40
CA ARG E 49 -5.36 14.55 -1.16
C ARG E 49 -4.77 13.25 -0.64
N GLY E 50 -5.65 12.32 -0.24
CA GLY E 50 -5.19 11.05 0.27
C GLY E 50 -4.39 11.13 1.54
N GLU E 51 -4.50 12.23 2.27
CA GLU E 51 -3.74 12.42 3.50
C GLU E 51 -4.59 12.08 4.71
N ASP E 52 -3.92 11.79 5.81
CA ASP E 52 -4.56 11.53 7.10
C ASP E 52 -4.53 12.85 7.87
N VAL E 53 -5.64 13.57 7.83
CA VAL E 53 -5.71 14.94 8.31
C VAL E 53 -6.19 14.95 9.75
N TYR E 54 -5.45 15.62 10.62
CA TYR E 54 -5.85 15.84 12.00
C TYR E 54 -5.98 17.34 12.22
N ILE E 55 -7.16 17.77 12.62
CA ILE E 55 -7.46 19.17 12.87
C ILE E 55 -7.60 19.36 14.36
N VAL E 56 -6.74 20.19 14.94
CA VAL E 56 -6.74 20.46 16.37
C VAL E 56 -7.53 21.73 16.61
N GLN E 57 -8.60 21.62 17.40
CA GLN E 57 -9.43 22.77 17.73
C GLN E 57 -10.14 22.47 19.03
N SER E 58 -9.82 23.23 20.06
CA SER E 58 -10.44 23.04 21.37
C SER E 58 -11.71 23.87 21.46
N GLY E 59 -12.65 23.40 22.28
CA GLY E 59 -13.82 24.19 22.54
C GLY E 59 -13.54 25.17 23.66
N CYS E 60 -13.16 26.38 23.28
CA CYS E 60 -12.73 27.40 24.23
C CYS E 60 -12.68 28.73 23.49
N GLY E 61 -12.47 29.80 24.24
CA GLY E 61 -12.45 31.11 23.65
C GLY E 61 -13.78 31.43 22.99
N GLU E 62 -13.71 31.90 21.75
CA GLU E 62 -14.90 32.17 20.96
C GLU E 62 -15.46 30.84 20.50
N ILE E 63 -16.35 30.28 21.32
CA ILE E 63 -16.76 28.87 21.17
C ILE E 63 -17.38 28.63 19.81
N ASN E 64 -18.38 29.43 19.44
CA ASN E 64 -19.08 29.20 18.19
C ASN E 64 -18.21 29.53 17.00
N ASP E 65 -17.40 30.57 17.12
CA ASP E 65 -16.38 30.88 16.12
C ASP E 65 -15.47 29.69 15.87
N ASN E 66 -14.95 29.10 16.95
CA ASN E 66 -14.00 28.00 16.84
C ASN E 66 -14.67 26.75 16.29
N LEU E 67 -15.90 26.45 16.74
CA LEU E 67 -16.59 25.28 16.24
C LEU E 67 -16.92 25.41 14.77
N MET E 68 -17.34 26.60 14.33
CA MET E 68 -17.60 26.81 12.91
C MET E 68 -16.31 26.69 12.12
N GLU E 69 -15.21 27.23 12.65
CA GLU E 69 -13.90 27.08 12.01
C GLU E 69 -13.56 25.60 11.82
N LEU E 70 -13.75 24.81 12.88
CA LEU E 70 -13.46 23.38 12.83
C LEU E 70 -14.33 22.68 11.80
N LEU E 71 -15.62 22.98 11.77
CA LEU E 71 -16.53 22.34 10.82
C LEU E 71 -16.15 22.70 9.39
N ILE E 72 -15.84 23.97 9.14
CA ILE E 72 -15.48 24.40 7.79
C ILE E 72 -14.19 23.74 7.36
N MET E 73 -13.21 23.65 8.26
CA MET E 73 -11.94 23.00 7.94
C MET E 73 -12.13 21.50 7.67
N ILE E 74 -12.97 20.84 8.46
CA ILE E 74 -13.27 19.43 8.22
C ILE E 74 -13.90 19.24 6.85
N ASN E 75 -14.89 20.08 6.53
CA ASN E 75 -15.57 19.95 5.25
C ASN E 75 -14.64 20.25 4.08
N ALA E 76 -13.78 21.26 4.23
CA ALA E 76 -12.82 21.58 3.19
C ALA E 76 -11.87 20.41 2.95
N CYS E 77 -11.39 19.80 4.03
CA CYS E 77 -10.50 18.66 3.89
C CYS E 77 -11.21 17.48 3.23
N LYS E 78 -12.47 17.23 3.60
CA LYS E 78 -13.20 16.14 2.99
C LYS E 78 -13.42 16.37 1.50
N ILE E 79 -13.85 17.58 1.13
CA ILE E 79 -14.07 17.87 -0.29
C ILE E 79 -12.73 17.91 -1.03
N ALA E 80 -11.65 18.24 -0.34
CA ALA E 80 -10.31 18.19 -0.91
C ALA E 80 -9.75 16.77 -0.97
N SER E 81 -10.59 15.76 -0.77
CA SER E 81 -10.25 14.36 -0.99
C SER E 81 -9.19 13.86 0.00
N ALA E 82 -9.29 14.31 1.25
CA ALA E 82 -8.47 13.73 2.30
C ALA E 82 -8.85 12.27 2.52
N SER E 83 -7.85 11.44 2.77
CA SER E 83 -8.12 10.03 3.04
C SER E 83 -8.96 9.86 4.30
N ARG E 84 -8.65 10.63 5.34
CA ARG E 84 -9.36 10.55 6.61
C ARG E 84 -9.21 11.89 7.31
N VAL E 85 -10.29 12.36 7.93
CA VAL E 85 -10.29 13.62 8.65
C VAL E 85 -10.62 13.32 10.11
N THR E 86 -9.72 13.68 11.01
CA THR E 86 -9.90 13.50 12.43
C THR E 86 -9.97 14.84 13.11
N ALA E 87 -10.99 15.05 13.92
CA ALA E 87 -11.13 16.26 14.72
C ALA E 87 -10.51 16.00 16.08
N VAL E 88 -9.39 16.67 16.38
CA VAL E 88 -8.76 16.60 17.68
C VAL E 88 -9.33 17.75 18.50
N ILE E 89 -10.28 17.44 19.37
CA ILE E 89 -10.98 18.45 20.15
C ILE E 89 -10.65 18.23 21.62
N PRO E 90 -9.58 18.84 22.14
CA PRO E 90 -9.18 18.54 23.52
C PRO E 90 -10.27 18.81 24.55
N CYS E 91 -11.02 19.89 24.39
CA CYS E 91 -12.17 20.18 25.25
C CYS E 91 -13.41 20.25 24.35
N PHE E 92 -14.29 19.26 24.49
CA PHE E 92 -15.44 19.15 23.61
C PHE E 92 -16.45 20.25 23.92
N PRO E 93 -16.80 21.09 22.96
CA PRO E 93 -17.76 22.17 23.23
C PRO E 93 -19.17 21.62 23.43
N TYR E 94 -19.94 22.33 24.24
CA TYR E 94 -21.33 22.00 24.56
C TYR E 94 -21.46 20.63 25.23
N ALA E 95 -20.37 20.13 25.80
CA ALA E 95 -20.39 18.80 26.41
C ALA E 95 -21.32 18.76 27.62
N ARG E 96 -21.51 19.87 28.31
CA ARG E 96 -22.40 19.91 29.46
C ARG E 96 -23.87 19.87 29.08
N GLN E 97 -24.19 20.09 27.81
CA GLN E 97 -25.57 19.97 27.33
C GLN E 97 -25.75 18.60 26.68
N ASP E 98 -25.70 17.58 27.53
CA ASP E 98 -25.61 16.19 27.10
C ASP E 98 -26.89 15.41 27.35
N LYS E 99 -27.96 16.08 27.77
CA LYS E 99 -29.21 15.39 28.06
C LYS E 99 -30.33 16.41 28.05
N LYS E 100 -31.56 15.91 27.99
CA LYS E 100 -32.75 16.73 28.07
C LYS E 100 -33.43 16.44 29.40
N ASP E 101 -33.05 17.18 30.43
CA ASP E 101 -33.68 17.10 31.74
C ASP E 101 -34.56 18.30 32.03
N LYS E 102 -34.86 19.09 31.01
CA LYS E 102 -35.77 20.23 31.11
C LYS E 102 -36.68 20.21 29.90
N SER E 103 -37.86 20.81 30.06
CA SER E 103 -38.78 20.94 28.93
C SER E 103 -38.14 21.79 27.83
N ARG E 104 -38.24 21.32 26.60
CA ARG E 104 -37.78 22.03 25.40
C ARG E 104 -36.27 22.22 25.38
N ALA E 105 -35.53 21.56 26.28
CA ALA E 105 -34.09 21.75 26.33
C ALA E 105 -33.43 21.04 25.14
N PRO E 106 -32.50 21.70 24.47
CA PRO E 106 -31.73 21.03 23.41
C PRO E 106 -30.65 20.14 24.01
N ILE E 107 -30.31 19.09 23.28
CA ILE E 107 -29.11 18.31 23.58
C ILE E 107 -28.04 18.86 22.64
N SER E 108 -27.37 19.91 23.09
CA SER E 108 -26.44 20.62 22.23
C SER E 108 -25.21 19.78 21.90
N ALA E 109 -24.79 18.91 22.82
CA ALA E 109 -23.67 18.02 22.53
C ALA E 109 -24.00 17.09 21.37
N LYS E 110 -25.23 16.56 21.35
CA LYS E 110 -25.64 15.72 20.23
C LYS E 110 -25.70 16.51 18.93
N LEU E 111 -26.17 17.76 19.00
CA LEU E 111 -26.18 18.59 17.80
C LEU E 111 -24.77 18.85 17.29
N VAL E 112 -23.83 19.10 18.19
CA VAL E 112 -22.44 19.31 17.80
C VAL E 112 -21.87 18.05 17.18
N ALA E 113 -22.19 16.88 17.76
CA ALA E 113 -21.75 15.62 17.19
C ALA E 113 -22.32 15.42 15.78
N ASN E 114 -23.60 15.71 15.60
CA ASN E 114 -24.21 15.58 14.28
C ASN E 114 -23.58 16.53 13.28
N MET E 115 -23.28 17.76 13.72
CA MET E 115 -22.64 18.74 12.84
C MET E 115 -21.25 18.27 12.43
N LEU E 116 -20.49 17.72 13.38
CA LEU E 116 -19.17 17.18 13.05
C LEU E 116 -19.28 16.00 12.09
N SER E 117 -20.29 15.16 12.29
CA SER E 117 -20.48 14.02 11.41
C SER E 117 -20.84 14.46 10.00
N VAL E 118 -21.72 15.45 9.87
CA VAL E 118 -22.15 15.91 8.55
C VAL E 118 -21.06 16.73 7.88
N ALA E 119 -20.18 17.37 8.66
CA ALA E 119 -19.03 18.02 8.07
C ALA E 119 -18.05 17.02 7.46
N GLY E 120 -18.08 15.78 7.92
CA GLY E 120 -17.28 14.74 7.31
C GLY E 120 -16.20 14.16 8.20
N ALA E 121 -16.25 14.43 9.50
CA ALA E 121 -15.28 13.85 10.41
C ALA E 121 -15.41 12.33 10.42
N ASP E 122 -14.27 11.65 10.35
CA ASP E 122 -14.23 10.20 10.42
C ASP E 122 -13.78 9.69 11.78
N HIS E 123 -13.25 10.56 12.62
CA HIS E 123 -12.65 10.16 13.88
C HIS E 123 -12.60 11.37 14.79
N ILE E 124 -12.86 11.18 16.07
CA ILE E 124 -12.79 12.23 17.07
C ILE E 124 -11.82 11.81 18.14
N ILE E 125 -10.88 12.70 18.47
CA ILE E 125 -9.97 12.51 19.59
C ILE E 125 -10.21 13.66 20.56
N THR E 126 -10.55 13.31 21.80
CA THR E 126 -10.88 14.29 22.81
C THR E 126 -10.35 13.82 24.15
N MET E 127 -10.28 14.74 25.11
CA MET E 127 -9.79 14.44 26.44
C MET E 127 -10.86 14.72 27.47
N ASP E 128 -11.15 13.71 28.31
CA ASP E 128 -12.01 13.84 29.48
C ASP E 128 -13.33 14.52 29.14
N LEU E 129 -14.12 13.82 28.32
CA LEU E 129 -15.48 14.27 28.02
C LEU E 129 -16.25 14.48 29.32
N HIS E 130 -17.02 15.56 29.37
CA HIS E 130 -17.84 15.82 30.54
C HIS E 130 -18.74 14.63 30.84
N ALA E 131 -19.28 14.00 29.80
CA ALA E 131 -19.97 12.73 29.92
C ALA E 131 -19.36 11.78 28.89
N SER E 132 -18.89 10.63 29.36
CA SER E 132 -18.29 9.65 28.46
C SER E 132 -19.29 9.12 27.44
N GLN E 133 -20.58 9.21 27.74
CA GLN E 133 -21.60 8.76 26.79
C GLN E 133 -21.63 9.61 25.54
N ILE E 134 -20.96 10.76 25.53
CA ILE E 134 -20.85 11.57 24.33
C ILE E 134 -20.16 10.77 23.22
N GLN E 135 -19.33 9.79 23.58
CA GLN E 135 -18.81 8.85 22.60
C GLN E 135 -19.93 8.22 21.78
N GLY E 136 -21.05 7.93 22.44
CA GLY E 136 -22.21 7.37 21.77
C GLY E 136 -23.02 8.34 20.97
N PHE E 137 -22.68 9.63 21.02
CA PHE E 137 -23.37 10.62 20.19
C PHE E 137 -22.92 10.56 18.74
N PHE E 138 -21.81 9.89 18.46
CA PHE E 138 -21.29 9.70 17.11
C PHE E 138 -21.52 8.26 16.66
N ASP E 139 -21.48 8.07 15.34
CA ASP E 139 -21.37 6.74 14.75
C ASP E 139 -19.96 6.44 14.27
N ILE E 140 -19.00 7.30 14.59
CA ILE E 140 -17.59 7.11 14.22
C ILE E 140 -16.82 6.83 15.50
N PRO E 141 -15.62 6.27 15.44
CA PRO E 141 -14.83 6.09 16.66
C PRO E 141 -14.53 7.42 17.34
N VAL E 142 -14.64 7.43 18.66
CA VAL E 142 -14.36 8.61 19.47
C VAL E 142 -13.39 8.21 20.56
N ASP E 143 -12.21 8.81 20.54
CA ASP E 143 -11.20 8.55 21.56
C ASP E 143 -11.39 9.53 22.70
N ASN E 144 -11.73 9.00 23.87
CA ASN E 144 -11.94 9.81 25.07
C ASN E 144 -10.72 9.58 25.98
N LEU E 145 -9.69 10.36 25.76
CA LEU E 145 -8.45 10.22 26.52
C LEU E 145 -8.63 10.78 27.93
N TYR E 146 -7.90 10.18 28.87
CA TYR E 146 -7.95 10.60 30.26
C TYR E 146 -6.71 11.42 30.60
N ALA E 147 -6.91 12.49 31.36
CA ALA E 147 -5.80 13.19 31.97
C ALA E 147 -5.43 12.59 33.32
N GLU E 148 -6.11 11.52 33.73
CA GLU E 148 -5.89 10.94 35.05
C GLU E 148 -4.45 10.48 35.29
N PRO E 149 -3.78 9.78 34.37
CA PRO E 149 -2.36 9.44 34.64
C PRO E 149 -1.49 10.66 34.88
N ALA E 150 -1.69 11.73 34.10
CA ALA E 150 -0.92 12.95 34.31
C ALA E 150 -1.28 13.58 35.65
N VAL E 151 -2.55 13.52 36.03
CA VAL E 151 -2.97 14.06 37.33
C VAL E 151 -2.32 13.30 38.47
N LEU E 152 -2.30 11.96 38.37
CA LEU E 152 -1.65 11.14 39.39
C LEU E 152 -0.16 11.44 39.47
N LYS E 153 0.49 11.61 38.31
CA LYS E 153 1.89 11.98 38.30
C LYS E 153 2.13 13.30 39.00
N TRP E 154 1.30 14.30 38.69
CA TRP E 154 1.44 15.60 39.34
C TRP E 154 1.23 15.50 40.85
N ILE E 155 0.23 14.73 41.27
CA ILE E 155 -0.04 14.60 42.70
C ILE E 155 1.14 13.96 43.41
N ARG E 156 1.66 12.86 42.85
CA ARG E 156 2.77 12.16 43.49
C ARG E 156 4.05 12.98 43.48
N GLU E 157 4.22 13.90 42.52
CA GLU E 157 5.44 14.69 42.46
C GLU E 157 5.36 16.05 43.14
N ASN E 158 4.16 16.57 43.42
CA ASN E 158 4.02 17.93 43.90
C ASN E 158 3.37 18.06 45.27
N ILE E 159 2.76 17.01 45.80
CA ILE E 159 2.11 17.05 47.10
C ILE E 159 2.83 16.06 47.99
N SER E 160 3.54 16.57 49.00
CA SER E 160 4.40 15.72 49.82
C SER E 160 3.59 14.72 50.62
N GLU E 161 2.45 15.13 51.15
CA GLU E 161 1.59 14.28 51.98
C GLU E 161 0.46 13.68 51.18
N TRP E 162 0.71 13.31 49.93
CA TRP E 162 -0.35 12.77 49.08
C TRP E 162 -0.86 11.43 49.58
N ARG E 163 -0.01 10.66 50.28
CA ARG E 163 -0.46 9.36 50.78
C ARG E 163 -1.45 9.48 51.92
N ASN E 164 -1.51 10.64 52.59
CA ASN E 164 -2.51 10.87 53.62
C ASN E 164 -3.58 11.85 53.18
N CYS E 165 -3.62 12.19 51.91
CA CYS E 165 -4.59 13.17 51.42
C CYS E 165 -5.94 12.51 51.22
N THR E 166 -6.95 13.34 50.97
CA THR E 166 -8.27 12.88 50.58
C THR E 166 -8.66 13.60 49.30
N ILE E 167 -9.11 12.84 48.32
CA ILE E 167 -9.54 13.39 47.04
C ILE E 167 -11.02 13.73 47.17
N VAL E 168 -11.39 14.96 46.84
CA VAL E 168 -12.72 15.49 47.11
C VAL E 168 -13.42 15.77 45.79
N SER E 169 -14.64 15.26 45.67
CA SER E 169 -15.50 15.61 44.55
C SER E 169 -16.23 16.92 44.85
N PRO E 170 -16.15 17.93 43.98
CA PRO E 170 -16.88 19.17 44.23
C PRO E 170 -18.37 19.08 44.00
N ASP E 171 -18.86 18.03 43.33
CA ASP E 171 -20.28 17.81 43.16
C ASP E 171 -20.55 16.31 43.08
N ALA E 172 -21.83 15.96 42.99
CA ALA E 172 -22.20 14.54 42.93
C ALA E 172 -21.74 13.89 41.62
N GLY E 173 -21.71 14.63 40.53
CA GLY E 173 -21.34 14.07 39.25
C GLY E 173 -19.88 13.68 39.12
N GLY E 174 -19.02 14.25 39.95
CA GLY E 174 -17.61 13.92 39.91
C GLY E 174 -17.21 12.71 40.71
N ALA E 175 -18.19 12.00 41.29
CA ALA E 175 -17.88 10.93 42.24
C ALA E 175 -17.07 9.82 41.61
N LYS E 176 -17.41 9.43 40.37
CA LYS E 176 -16.67 8.35 39.72
C LYS E 176 -15.21 8.71 39.51
N ARG E 177 -14.96 9.93 39.02
CA ARG E 177 -13.59 10.39 38.80
C ARG E 177 -12.80 10.42 40.10
N VAL E 178 -13.41 10.96 41.16
CA VAL E 178 -12.72 11.03 42.44
C VAL E 178 -12.48 9.65 43.02
N THR E 179 -13.44 8.74 42.92
CA THR E 179 -13.22 7.40 43.46
C THR E 179 -12.13 6.68 42.67
N SER E 180 -12.09 6.87 41.35
CA SER E 180 -11.03 6.25 40.57
C SER E 180 -9.67 6.77 40.98
N ILE E 181 -9.54 8.09 41.16
CA ILE E 181 -8.25 8.67 41.55
C ILE E 181 -7.86 8.21 42.95
N ALA E 182 -8.82 8.17 43.88
CA ALA E 182 -8.53 7.73 45.24
C ALA E 182 -8.10 6.27 45.28
N ASP E 183 -8.75 5.42 44.47
CA ASP E 183 -8.34 4.04 44.34
C ASP E 183 -6.91 3.92 43.81
N ARG E 184 -6.59 4.69 42.76
CA ARG E 184 -5.24 4.60 42.21
C ARG E 184 -4.19 5.12 43.19
N LEU E 185 -4.54 6.10 44.01
CA LEU E 185 -3.61 6.60 45.02
C LEU E 185 -3.71 5.86 46.35
N ASN E 186 -4.70 4.97 46.50
CA ASN E 186 -4.95 4.27 47.76
C ASN E 186 -5.12 5.28 48.91
N VAL E 187 -6.01 6.25 48.70
CA VAL E 187 -6.27 7.29 49.68
C VAL E 187 -7.77 7.38 49.89
N ASP E 188 -8.15 8.12 50.93
CA ASP E 188 -9.56 8.36 51.20
C ASP E 188 -10.13 9.32 50.17
N PHE E 189 -11.45 9.33 50.07
CA PHE E 189 -12.15 10.28 49.23
C PHE E 189 -13.31 10.89 50.00
N ALA E 190 -13.72 12.07 49.57
CA ALA E 190 -14.88 12.74 50.12
C ALA E 190 -15.68 13.34 48.97
N LEU E 191 -16.94 13.65 49.25
CA LEU E 191 -17.81 14.25 48.26
C LEU E 191 -18.47 15.48 48.87
N ILE E 192 -18.57 16.53 48.07
CA ILE E 192 -19.25 17.77 48.48
C ILE E 192 -20.43 17.97 47.54
N HIS E 193 -21.60 18.24 48.12
CA HIS E 193 -22.79 18.47 47.33
C HIS E 193 -23.39 19.82 47.71
N LYS E 194 -23.69 20.63 46.71
CA LYS E 194 -24.48 21.84 46.89
C LYS E 194 -25.94 21.49 46.69
N GLU E 195 -26.75 21.59 47.75
CA GLU E 195 -28.12 21.13 47.59
C GLU E 195 -28.93 22.09 46.73
N ARG E 196 -30.03 21.58 46.19
CA ARG E 196 -30.77 22.28 45.15
C ARG E 196 -31.39 23.57 45.68
N LYS E 197 -31.43 24.57 44.82
CA LYS E 197 -31.89 25.91 45.15
C LYS E 197 -33.42 25.94 45.07
N LYS E 198 -34.07 25.58 46.18
CA LYS E 198 -35.52 25.58 46.20
C LYS E 198 -36.07 27.00 46.27
N ALA E 199 -35.34 27.90 46.92
CA ALA E 199 -35.77 29.29 47.05
C ALA E 199 -34.52 30.16 47.08
N ASN E 200 -34.66 31.41 47.53
CA ASN E 200 -33.57 32.37 47.49
C ASN E 200 -32.81 32.46 48.81
N GLU E 201 -32.73 31.39 49.58
CA GLU E 201 -31.93 31.41 50.79
C GLU E 201 -30.45 31.16 50.44
N VAL E 202 -29.64 31.02 51.49
CA VAL E 202 -28.20 30.86 51.29
C VAL E 202 -27.90 29.48 50.72
N ASP E 203 -27.04 29.44 49.72
CA ASP E 203 -26.50 28.19 49.23
C ASP E 203 -25.70 27.52 50.32
N ARG E 204 -26.05 26.28 50.66
CA ARG E 204 -25.35 25.53 51.69
C ARG E 204 -24.81 24.24 51.10
N MET E 205 -23.62 23.86 51.54
CA MET E 205 -22.92 22.72 50.98
C MET E 205 -22.80 21.64 52.05
N VAL E 206 -23.11 20.41 51.67
CA VAL E 206 -22.97 19.26 52.55
C VAL E 206 -21.73 18.48 52.13
N LEU E 207 -20.94 18.09 53.12
CA LEU E 207 -19.75 17.28 52.89
C LEU E 207 -19.94 15.91 53.51
N VAL E 208 -19.71 14.87 52.71
CA VAL E 208 -19.71 13.50 53.19
C VAL E 208 -18.28 12.97 53.09
N GLY E 209 -17.75 12.48 54.19
CA GLY E 209 -16.36 12.09 54.27
C GLY E 209 -15.59 12.98 55.22
N ASP E 210 -14.42 12.50 55.61
CA ASP E 210 -13.59 13.16 56.62
C ASP E 210 -12.40 13.81 55.94
N VAL E 211 -12.27 15.13 56.10
CA VAL E 211 -11.14 15.87 55.57
C VAL E 211 -10.38 16.63 56.65
N LYS E 212 -10.72 16.40 57.92
CA LYS E 212 -10.14 17.18 59.01
C LYS E 212 -8.66 16.91 59.15
N ASP E 213 -7.87 17.98 59.21
CA ASP E 213 -6.42 17.92 59.43
C ASP E 213 -5.70 17.13 58.33
N ARG E 214 -6.29 17.08 57.14
CA ARG E 214 -5.68 16.42 56.01
C ARG E 214 -5.66 17.37 54.82
N VAL E 215 -4.74 17.12 53.91
CA VAL E 215 -4.73 17.83 52.65
C VAL E 215 -5.90 17.33 51.80
N ALA E 216 -6.67 18.26 51.26
CA ALA E 216 -7.80 17.95 50.40
C ALA E 216 -7.45 18.31 48.97
N ILE E 217 -7.63 17.37 48.06
CA ILE E 217 -7.41 17.60 46.64
C ILE E 217 -8.78 17.56 45.97
N LEU E 218 -9.21 18.71 45.45
CA LEU E 218 -10.42 18.78 44.66
C LEU E 218 -10.09 18.36 43.23
N VAL E 219 -10.79 17.34 42.74
CA VAL E 219 -10.62 16.85 41.38
C VAL E 219 -11.96 16.93 40.67
N ASP E 220 -11.97 17.62 39.52
CA ASP E 220 -13.15 17.74 38.71
C ASP E 220 -12.73 17.75 37.24
N ASP E 221 -13.72 17.59 36.36
CA ASP E 221 -13.42 17.58 34.94
C ASP E 221 -13.17 18.97 34.38
N MET E 222 -13.76 20.00 34.99
CA MET E 222 -13.57 21.34 34.45
C MET E 222 -13.89 22.37 35.53
N ALA E 223 -13.34 23.57 35.33
CA ALA E 223 -13.63 24.72 36.17
C ALA E 223 -13.97 25.89 35.23
N ASP E 224 -15.25 26.14 35.02
CA ASP E 224 -15.68 27.20 34.11
C ASP E 224 -15.67 28.55 34.83
N THR E 225 -16.57 28.73 35.79
CA THR E 225 -16.61 29.93 36.60
C THR E 225 -15.93 29.75 37.94
N CYS E 226 -15.52 28.53 38.26
CA CYS E 226 -14.87 28.17 39.52
C CYS E 226 -15.79 28.35 40.72
N GLY E 227 -17.09 28.52 40.49
CA GLY E 227 -18.02 28.53 41.61
C GLY E 227 -18.04 27.21 42.35
N THR E 228 -18.02 26.10 41.61
CA THR E 228 -18.03 24.78 42.23
C THR E 228 -16.79 24.58 43.09
N ILE E 229 -15.60 24.79 42.52
CA ILE E 229 -14.39 24.53 43.28
C ILE E 229 -14.18 25.54 44.38
N CYS E 230 -14.57 26.81 44.16
CA CYS E 230 -14.40 27.79 45.23
C CYS E 230 -15.32 27.51 46.41
N HIS E 231 -16.59 27.21 46.13
CA HIS E 231 -17.51 26.86 47.21
C HIS E 231 -17.04 25.59 47.93
N ALA E 232 -16.58 24.61 47.16
CA ALA E 232 -16.04 23.39 47.77
C ALA E 232 -14.82 23.70 48.64
N ALA E 233 -13.99 24.64 48.20
CA ALA E 233 -12.80 25.00 48.98
C ALA E 233 -13.17 25.66 50.29
N ASP E 234 -14.14 26.58 50.26
CA ASP E 234 -14.62 27.17 51.51
C ASP E 234 -15.17 26.11 52.43
N LYS E 235 -15.96 25.18 51.89
CA LYS E 235 -16.50 24.10 52.72
C LYS E 235 -15.40 23.24 53.30
N LEU E 236 -14.38 22.92 52.50
CA LEU E 236 -13.29 22.07 52.97
C LEU E 236 -12.50 22.73 54.08
N LEU E 237 -12.20 24.02 53.94
CA LEU E 237 -11.52 24.72 55.02
C LEU E 237 -12.39 24.79 56.26
N SER E 238 -13.68 25.06 56.09
CA SER E 238 -14.59 25.09 57.23
C SER E 238 -14.67 23.73 57.92
N ALA E 239 -14.40 22.66 57.18
CA ALA E 239 -14.45 21.31 57.72
C ALA E 239 -13.11 20.87 58.33
N GLY E 240 -12.09 21.71 58.32
CA GLY E 240 -10.84 21.40 58.94
C GLY E 240 -9.74 20.90 58.04
N ALA E 241 -9.86 21.05 56.73
CA ALA E 241 -8.77 20.68 55.84
C ALA E 241 -7.59 21.61 56.05
N THR E 242 -6.39 21.04 56.05
CA THR E 242 -5.18 21.85 56.23
C THR E 242 -4.89 22.67 54.98
N ARG E 243 -4.72 21.99 53.85
CA ARG E 243 -4.48 22.65 52.58
C ARG E 243 -5.47 22.10 51.56
N VAL E 244 -5.80 22.92 50.57
CA VAL E 244 -6.78 22.55 49.55
C VAL E 244 -6.14 22.78 48.19
N TYR E 245 -6.11 21.72 47.37
CA TYR E 245 -5.70 21.80 45.99
C TYR E 245 -6.91 21.60 45.10
N ALA E 246 -6.83 22.16 43.90
CA ALA E 246 -7.84 21.93 42.86
C ALA E 246 -7.12 21.46 41.61
N ILE E 247 -7.52 20.30 41.10
CA ILE E 247 -6.98 19.75 39.88
C ILE E 247 -8.12 19.53 38.90
N LEU E 248 -8.03 20.17 37.74
CA LEU E 248 -9.00 20.05 36.68
C LEU E 248 -8.28 19.58 35.43
N THR E 249 -9.03 19.02 34.48
CA THR E 249 -8.40 18.80 33.19
C THR E 249 -8.69 19.95 32.23
N HIS E 250 -9.86 20.55 32.29
CA HIS E 250 -10.21 21.68 31.42
C HIS E 250 -10.29 22.95 32.28
N GLY E 251 -9.33 23.84 32.10
CA GLY E 251 -9.41 25.13 32.75
C GLY E 251 -10.05 26.15 31.84
N ILE E 252 -11.36 26.34 31.97
CA ILE E 252 -12.05 27.33 31.15
C ILE E 252 -11.85 28.72 31.72
N PHE E 253 -12.05 28.86 33.03
CA PHE E 253 -11.76 30.10 33.76
C PHE E 253 -12.47 31.29 33.13
N SER E 254 -13.73 31.11 32.73
CA SER E 254 -14.50 32.19 32.16
C SER E 254 -15.08 33.07 33.27
N GLY E 255 -15.42 34.30 32.90
CA GLY E 255 -16.09 35.22 33.78
C GLY E 255 -15.27 35.58 35.01
N PRO E 256 -15.87 35.40 36.19
CA PRO E 256 -15.23 35.80 37.45
C PRO E 256 -14.27 34.78 38.02
N ALA E 257 -13.85 33.78 37.25
CA ALA E 257 -13.08 32.67 37.79
C ALA E 257 -11.73 33.13 38.35
N ILE E 258 -11.04 34.03 37.64
CA ILE E 258 -9.71 34.43 38.07
C ILE E 258 -9.77 35.17 39.39
N SER E 259 -10.71 36.11 39.53
CA SER E 259 -10.87 36.80 40.80
C SER E 259 -11.30 35.85 41.90
N ARG E 260 -12.15 34.89 41.58
CA ARG E 260 -12.57 33.90 42.56
C ARG E 260 -11.39 33.08 43.08
N ILE E 261 -10.53 32.63 42.17
CA ILE E 261 -9.38 31.83 42.57
C ILE E 261 -8.38 32.66 43.36
N ASN E 262 -8.13 33.89 42.90
CA ASN E 262 -7.19 34.75 43.61
C ASN E 262 -7.64 35.04 45.03
N ASN E 263 -8.95 35.07 45.27
CA ASN E 263 -9.50 35.30 46.60
C ASN E 263 -9.83 34.01 47.34
N ALA E 264 -9.54 32.86 46.75
CA ALA E 264 -9.77 31.58 47.38
C ALA E 264 -8.53 31.15 48.15
N CYS E 265 -8.59 29.96 48.73
CA CYS E 265 -7.55 29.45 49.62
C CYS E 265 -6.74 28.34 48.98
N PHE E 266 -6.79 28.21 47.65
CA PHE E 266 -6.15 27.09 46.98
C PHE E 266 -4.63 27.16 47.12
N GLU E 267 -4.02 26.03 47.45
CA GLU E 267 -2.57 25.93 47.36
C GLU E 267 -2.12 26.03 45.91
N ALA E 268 -2.84 25.38 45.01
CA ALA E 268 -2.57 25.44 43.58
C ALA E 268 -3.82 25.01 42.84
N VAL E 269 -4.06 25.64 41.69
CA VAL E 269 -5.11 25.22 40.77
C VAL E 269 -4.41 24.64 39.56
N VAL E 270 -4.57 23.33 39.36
CA VAL E 270 -3.83 22.60 38.33
C VAL E 270 -4.80 22.24 37.22
N VAL E 271 -4.46 22.62 36.00
CA VAL E 271 -5.24 22.30 34.82
C VAL E 271 -4.30 21.76 33.75
N THR E 272 -4.87 21.04 32.80
CA THR E 272 -4.12 20.68 31.62
C THR E 272 -4.16 21.83 30.61
N ASN E 273 -3.39 21.69 29.54
CA ASN E 273 -3.41 22.68 28.47
C ASN E 273 -4.32 22.28 27.32
N THR E 274 -5.42 21.57 27.61
CA THR E 274 -6.46 21.39 26.62
C THR E 274 -7.06 22.72 26.19
N ILE E 275 -6.98 23.74 27.04
CA ILE E 275 -7.38 25.10 26.74
C ILE E 275 -6.15 25.97 26.97
N PRO E 276 -5.90 26.98 26.14
CA PRO E 276 -4.74 27.85 26.40
C PRO E 276 -4.88 28.53 27.75
N GLN E 277 -3.77 28.52 28.51
CA GLN E 277 -3.76 29.06 29.86
C GLN E 277 -2.81 30.23 30.03
N GLU E 278 -2.11 30.65 28.97
CA GLU E 278 -1.09 31.68 29.10
C GLU E 278 -1.67 32.95 29.70
N ASP E 279 -2.82 33.40 29.18
CA ASP E 279 -3.45 34.60 29.71
C ASP E 279 -3.92 34.41 31.15
N LYS E 280 -4.47 33.23 31.46
CA LYS E 280 -4.96 32.98 32.80
C LYS E 280 -3.83 32.98 33.82
N MET E 281 -2.69 32.37 33.48
CA MET E 281 -1.57 32.31 34.41
C MET E 281 -1.00 33.69 34.71
N LYS E 282 -1.13 34.64 33.78
CA LYS E 282 -0.59 35.97 34.01
C LYS E 282 -1.35 36.73 35.08
N HIS E 283 -2.60 36.40 35.31
CA HIS E 283 -3.42 37.08 36.32
C HIS E 283 -3.68 36.23 37.56
N CYS E 284 -3.28 34.96 37.57
CA CYS E 284 -3.47 34.10 38.73
C CYS E 284 -2.23 33.23 38.90
N SER E 285 -1.42 33.55 39.90
CA SER E 285 -0.21 32.78 40.16
C SER E 285 -0.50 31.36 40.64
N LYS E 286 -1.70 31.13 41.17
CA LYS E 286 -2.04 29.80 41.68
C LYS E 286 -2.18 28.77 40.57
N ILE E 287 -2.41 29.19 39.33
CA ILE E 287 -2.65 28.24 38.25
C ILE E 287 -1.34 27.63 37.80
N GLN E 288 -1.31 26.29 37.74
CA GLN E 288 -0.24 25.54 37.12
C GLN E 288 -0.81 24.64 36.05
N VAL E 289 0.01 24.32 35.05
CA VAL E 289 -0.46 23.66 33.84
C VAL E 289 0.27 22.33 33.69
N ILE E 290 -0.50 21.27 33.49
CA ILE E 290 0.03 19.98 33.08
C ILE E 290 -0.05 19.91 31.56
N ASP E 291 1.10 19.74 30.91
CA ASP E 291 1.12 19.60 29.46
C ASP E 291 0.59 18.22 29.10
N ILE E 292 -0.45 18.18 28.27
CA ILE E 292 -0.97 16.92 27.75
C ILE E 292 -0.71 16.78 26.26
N SER E 293 0.14 17.64 25.69
CA SER E 293 0.43 17.56 24.27
C SER E 293 1.07 16.23 23.89
N MET E 294 1.84 15.63 24.81
CA MET E 294 2.42 14.33 24.50
C MET E 294 1.34 13.25 24.41
N ILE E 295 0.31 13.34 25.24
CA ILE E 295 -0.79 12.37 25.17
C ILE E 295 -1.52 12.49 23.84
N LEU E 296 -1.84 13.73 23.44
CA LEU E 296 -2.53 13.93 22.17
C LEU E 296 -1.66 13.52 20.99
N ALA E 297 -0.37 13.85 21.04
CA ALA E 297 0.52 13.48 19.95
C ALA E 297 0.65 11.97 19.84
N GLU E 298 0.77 11.27 20.97
CA GLU E 298 0.82 9.82 20.93
C GLU E 298 -0.49 9.23 20.42
N ALA E 299 -1.62 9.82 20.80
CA ALA E 299 -2.90 9.34 20.29
C ALA E 299 -2.99 9.49 18.79
N ILE E 300 -2.56 10.64 18.26
CA ILE E 300 -2.59 10.87 16.82
C ILE E 300 -1.66 9.91 16.11
N ARG E 301 -0.45 9.72 16.64
CA ARG E 301 0.52 8.83 16.03
C ARG E 301 0.02 7.39 16.00
N ARG E 302 -0.57 6.94 17.11
CA ARG E 302 -1.09 5.58 17.15
C ARG E 302 -2.30 5.40 16.26
N THR E 303 -3.15 6.43 16.18
CA THR E 303 -4.29 6.37 15.25
C THR E 303 -3.80 6.24 13.81
N HIS E 304 -2.78 7.02 13.45
CA HIS E 304 -2.22 6.94 12.11
C HIS E 304 -1.58 5.59 11.84
N ASN E 305 -0.88 5.04 12.84
CA ASN E 305 -0.16 3.78 12.67
C ASN E 305 -1.04 2.56 12.91
N GLY E 306 -2.31 2.74 13.25
CA GLY E 306 -3.18 1.62 13.53
C GLY E 306 -2.77 0.84 14.77
N GLU E 307 -2.40 1.54 15.82
CA GLU E 307 -2.02 0.93 17.09
C GLU E 307 -2.98 1.35 18.19
N SER E 308 -3.09 0.50 19.20
CA SER E 308 -3.98 0.76 20.33
C SER E 308 -3.52 1.99 21.11
N VAL E 309 -4.48 2.76 21.61
CA VAL E 309 -4.19 3.88 22.49
C VAL E 309 -4.39 3.51 23.95
N SER E 310 -4.59 2.22 24.26
CA SER E 310 -4.80 1.80 25.63
C SER E 310 -3.62 2.13 26.51
N TYR E 311 -2.41 2.18 25.94
CA TYR E 311 -1.22 2.52 26.70
C TYR E 311 -1.34 3.90 27.34
N LEU E 312 -2.07 4.81 26.70
CA LEU E 312 -2.22 6.18 27.19
C LEU E 312 -3.07 6.26 28.45
N PHE E 313 -3.80 5.21 28.80
CA PHE E 313 -4.65 5.22 29.97
C PHE E 313 -3.96 4.71 31.23
N SER E 314 -2.70 4.29 31.12
CA SER E 314 -1.92 3.86 32.26
C SER E 314 -0.59 4.58 32.40
N HIS E 315 -0.13 5.28 31.37
CA HIS E 315 1.19 5.90 31.38
C HIS E 315 1.11 7.27 30.74
N VAL E 316 2.00 8.15 31.17
CA VAL E 316 2.19 9.46 30.55
C VAL E 316 3.45 9.38 29.68
N PRO E 317 3.34 9.46 28.36
CA PRO E 317 4.50 9.34 27.45
C PRO E 317 5.48 10.50 27.58
N PRO F 2 -52.33 22.51 14.02
CA PRO F 2 -51.11 23.24 14.40
C PRO F 2 -51.28 24.75 14.29
N ASN F 3 -50.65 25.49 15.18
CA ASN F 3 -50.70 26.94 15.20
C ASN F 3 -49.35 27.52 14.86
N ILE F 4 -49.34 28.73 14.30
CA ILE F 4 -48.10 29.42 14.03
C ILE F 4 -47.45 29.83 15.35
N LYS F 5 -46.20 29.42 15.54
CA LYS F 5 -45.37 29.90 16.64
C LYS F 5 -44.17 30.60 16.03
N ILE F 6 -44.02 31.89 16.33
CA ILE F 6 -42.92 32.68 15.80
C ILE F 6 -41.92 32.89 16.93
N PHE F 7 -40.69 32.43 16.72
CA PHE F 7 -39.62 32.59 17.68
C PHE F 7 -38.53 33.46 17.07
N SER F 8 -37.98 34.35 17.88
CA SER F 8 -36.92 35.24 17.44
C SER F 8 -35.59 34.81 18.02
N GLY F 9 -34.56 34.78 17.18
CA GLY F 9 -33.20 34.74 17.65
C GLY F 9 -32.73 36.12 18.06
N SER F 10 -31.46 36.19 18.45
CA SER F 10 -30.90 37.46 18.90
C SER F 10 -30.56 38.41 17.76
N SER F 11 -30.54 37.91 16.52
CA SER F 11 -30.00 38.71 15.42
C SER F 11 -30.89 39.89 15.09
N HIS F 12 -32.15 39.64 14.70
CA HIS F 12 -33.04 40.69 14.23
C HIS F 12 -34.39 40.54 14.95
N GLN F 13 -34.47 41.06 16.17
CA GLN F 13 -35.68 40.90 16.95
C GLN F 13 -36.74 41.93 16.57
N ASP F 14 -36.34 43.10 16.09
CA ASP F 14 -37.31 44.07 15.61
C ASP F 14 -38.08 43.53 14.40
N LEU F 15 -37.38 42.87 13.47
CA LEU F 15 -38.05 42.26 12.33
C LEU F 15 -38.98 41.15 12.78
N SER F 16 -38.55 40.34 13.74
CA SER F 16 -39.42 39.29 14.27
C SER F 16 -40.67 39.89 14.89
N GLN F 17 -40.52 40.99 15.62
CA GLN F 17 -41.67 41.66 16.20
C GLN F 17 -42.62 42.17 15.12
N LYS F 18 -42.07 42.77 14.06
CA LYS F 18 -42.91 43.26 12.98
C LYS F 18 -43.66 42.11 12.31
N ILE F 19 -42.98 40.99 12.08
CA ILE F 19 -43.63 39.83 11.49
C ILE F 19 -44.76 39.33 12.38
N ALA F 20 -44.49 39.24 13.68
CA ALA F 20 -45.50 38.76 14.62
C ALA F 20 -46.70 39.69 14.67
N ASP F 21 -46.47 41.00 14.67
CA ASP F 21 -47.57 41.95 14.66
C ASP F 21 -48.40 41.82 13.39
N ARG F 22 -47.73 41.68 12.23
CA ARG F 22 -48.46 41.53 10.99
C ARG F 22 -49.23 40.22 10.95
N LEU F 23 -48.77 39.20 11.67
CA LEU F 23 -49.49 37.95 11.80
C LEU F 23 -50.50 37.97 12.94
N GLY F 24 -50.59 39.07 13.68
CA GLY F 24 -51.49 39.13 14.83
C GLY F 24 -51.13 38.16 15.93
N LEU F 25 -49.83 37.99 16.18
CA LEU F 25 -49.35 37.03 17.17
C LEU F 25 -48.34 37.71 18.09
N GLU F 26 -48.18 37.14 19.27
CA GLU F 26 -47.06 37.47 20.12
C GLU F 26 -45.90 36.54 19.83
N LEU F 27 -44.68 37.09 19.91
CA LEU F 27 -43.50 36.27 19.74
C LEU F 27 -43.47 35.17 20.78
N GLY F 28 -43.04 33.98 20.36
CA GLY F 28 -42.90 32.88 21.31
C GLY F 28 -41.88 33.21 22.37
N LYS F 29 -42.10 32.64 23.56
CA LYS F 29 -41.23 32.90 24.70
C LYS F 29 -39.93 32.12 24.52
N VAL F 30 -38.83 32.84 24.30
CA VAL F 30 -37.52 32.23 24.21
C VAL F 30 -36.53 33.12 24.93
N VAL F 31 -35.64 32.50 25.71
CA VAL F 31 -34.47 33.17 26.26
C VAL F 31 -33.27 32.70 25.44
N THR F 32 -32.66 33.63 24.73
CA THR F 32 -31.50 33.36 23.88
C THR F 32 -30.34 34.17 24.43
N LYS F 33 -29.52 33.54 25.26
CA LYS F 33 -28.39 34.23 25.89
C LYS F 33 -27.11 33.44 25.68
N LYS F 34 -26.06 33.82 26.39
CA LYS F 34 -24.81 33.09 26.38
C LYS F 34 -24.47 32.60 27.77
N PHE F 35 -24.04 31.35 27.86
CA PHE F 35 -23.40 30.88 29.07
C PHE F 35 -22.12 31.67 29.32
N SER F 36 -21.55 31.50 30.50
CA SER F 36 -20.34 32.23 30.85
C SER F 36 -19.20 31.94 29.89
N ASN F 37 -19.04 30.68 29.48
CA ASN F 37 -17.99 30.29 28.56
C ASN F 37 -18.33 30.59 27.11
N GLN F 38 -19.33 31.44 26.87
CA GLN F 38 -19.75 31.93 25.55
C GLN F 38 -20.42 30.86 24.70
N GLU F 39 -20.84 29.75 25.30
CA GLU F 39 -21.68 28.79 24.60
C GLU F 39 -23.11 29.32 24.51
N THR F 40 -23.76 29.04 23.38
CA THR F 40 -25.12 29.53 23.18
C THR F 40 -26.09 28.83 24.13
N CYS F 41 -26.90 29.62 24.81
CA CYS F 41 -27.93 29.10 25.71
C CYS F 41 -29.29 29.43 25.11
N VAL F 42 -30.10 28.41 24.88
CA VAL F 42 -31.43 28.56 24.32
C VAL F 42 -32.44 27.95 25.28
N GLU F 43 -33.40 28.75 25.71
CA GLU F 43 -34.43 28.31 26.67
C GLU F 43 -35.78 28.67 26.07
N ILE F 44 -36.37 27.71 25.36
CA ILE F 44 -37.73 27.89 24.85
C ILE F 44 -38.69 27.84 26.02
N GLY F 45 -39.48 28.89 26.17
CA GLY F 45 -40.32 29.05 27.34
C GLY F 45 -41.76 28.58 27.21
N GLU F 46 -42.09 27.84 26.16
CA GLU F 46 -43.45 27.35 25.99
C GLU F 46 -43.43 26.08 25.17
N SER F 47 -44.53 25.34 25.25
CA SER F 47 -44.68 24.14 24.46
C SER F 47 -44.80 24.47 22.98
N VAL F 48 -44.14 23.67 22.14
CA VAL F 48 -44.29 23.75 20.70
C VAL F 48 -44.80 22.42 20.14
N ARG F 49 -45.36 21.58 20.99
CA ARG F 49 -45.82 20.26 20.59
C ARG F 49 -46.89 20.38 19.50
N GLY F 50 -46.64 19.74 18.36
CA GLY F 50 -47.57 19.78 17.26
C GLY F 50 -47.80 21.16 16.69
N GLU F 51 -46.89 22.10 16.92
CA GLU F 51 -47.01 23.46 16.44
C GLU F 51 -46.23 23.65 15.15
N ASP F 52 -46.62 24.67 14.40
CA ASP F 52 -45.92 25.07 13.18
C ASP F 52 -44.98 26.20 13.58
N VAL F 53 -43.71 25.86 13.80
CA VAL F 53 -42.74 26.76 14.41
C VAL F 53 -41.97 27.47 13.31
N TYR F 54 -41.92 28.79 13.39
CA TYR F 54 -41.11 29.62 12.52
C TYR F 54 -40.08 30.36 13.37
N ILE F 55 -38.82 30.14 13.06
CA ILE F 55 -37.72 30.77 13.79
C ILE F 55 -37.08 31.80 12.87
N VAL F 56 -37.13 33.06 13.29
CA VAL F 56 -36.57 34.16 12.51
C VAL F 56 -35.16 34.45 13.01
N GLN F 57 -34.19 34.31 12.11
CA GLN F 57 -32.80 34.57 12.46
C GLN F 57 -32.06 34.94 11.18
N SER F 58 -31.59 36.17 11.10
CA SER F 58 -30.86 36.63 9.93
C SER F 58 -29.38 36.33 10.08
N GLY F 59 -28.70 36.15 8.95
CA GLY F 59 -27.27 36.00 9.00
C GLY F 59 -26.62 37.36 9.00
N CYS F 60 -26.33 37.87 10.19
CA CYS F 60 -25.81 39.22 10.38
C CYS F 60 -25.29 39.32 11.80
N GLY F 61 -24.64 40.44 12.08
CA GLY F 61 -24.06 40.62 13.41
C GLY F 61 -23.05 39.54 13.70
N GLU F 62 -23.16 38.94 14.88
CA GLU F 62 -22.29 37.84 15.27
C GLU F 62 -22.76 36.60 14.50
N ILE F 63 -22.16 36.40 13.32
CA ILE F 63 -22.69 35.45 12.34
C ILE F 63 -22.73 34.04 12.92
N ASN F 64 -21.59 33.58 13.45
CA ASN F 64 -21.53 32.20 13.93
C ASN F 64 -22.35 32.03 15.19
N ASP F 65 -22.34 33.04 16.06
CA ASP F 65 -23.22 33.07 17.23
C ASP F 65 -24.67 32.89 16.81
N ASN F 66 -25.11 33.68 15.83
CA ASN F 66 -26.51 33.66 15.41
C ASN F 66 -26.86 32.34 14.73
N LEU F 67 -25.97 31.82 13.89
CA LEU F 67 -26.24 30.56 13.22
C LEU F 67 -26.31 29.42 14.22
N MET F 68 -25.42 29.39 15.21
CA MET F 68 -25.50 28.36 16.24
C MET F 68 -26.77 28.50 17.04
N GLU F 69 -27.16 29.74 17.35
CA GLU F 69 -28.44 29.98 18.03
C GLU F 69 -29.60 29.40 17.24
N LEU F 70 -29.62 29.66 15.94
CA LEU F 70 -30.68 29.16 15.07
C LEU F 70 -30.69 27.64 15.03
N LEU F 71 -29.52 27.02 14.91
CA LEU F 71 -29.47 25.56 14.85
C LEU F 71 -29.93 24.94 16.16
N ILE F 72 -29.51 25.51 17.29
CA ILE F 72 -29.91 24.98 18.58
C ILE F 72 -31.41 25.14 18.78
N MET F 73 -31.97 26.28 18.38
CA MET F 73 -33.41 26.48 18.50
C MET F 73 -34.19 25.54 17.59
N ILE F 74 -33.70 25.30 16.38
CA ILE F 74 -34.36 24.34 15.49
C ILE F 74 -34.35 22.96 16.11
N ASN F 75 -33.19 22.54 16.63
CA ASN F 75 -33.10 21.20 17.21
C ASN F 75 -33.96 21.08 18.45
N ALA F 76 -33.99 22.12 19.28
CA ALA F 76 -34.85 22.09 20.47
C ALA F 76 -36.31 21.96 20.08
N CYS F 77 -36.74 22.71 19.07
CA CYS F 77 -38.13 22.61 18.62
C CYS F 77 -38.44 21.23 18.05
N LYS F 78 -37.51 20.66 17.29
CA LYS F 78 -37.72 19.32 16.74
C LYS F 78 -37.84 18.27 17.84
N ILE F 79 -36.92 18.31 18.81
CA ILE F 79 -36.97 17.34 19.90
C ILE F 79 -38.17 17.61 20.80
N ALA F 80 -38.63 18.85 20.86
CA ALA F 80 -39.85 19.20 21.58
C ALA F 80 -41.11 18.86 20.78
N SER F 81 -40.98 18.07 19.72
CA SER F 81 -42.12 17.49 18.99
C SER F 81 -42.94 18.55 18.28
N ALA F 82 -42.27 19.56 17.73
CA ALA F 82 -42.95 20.50 16.85
C ALA F 82 -43.43 19.78 15.60
N SER F 83 -44.61 20.16 15.11
CA SER F 83 -45.13 19.56 13.89
C SER F 83 -44.24 19.87 12.70
N ARG F 84 -43.76 21.12 12.62
CA ARG F 84 -42.90 21.54 11.53
C ARG F 84 -42.06 22.70 12.02
N VAL F 85 -40.79 22.72 11.63
CA VAL F 85 -39.86 23.78 12.00
C VAL F 85 -39.38 24.46 10.73
N THR F 86 -39.62 25.76 10.64
CA THR F 86 -39.21 26.56 9.49
C THR F 86 -38.19 27.58 9.95
N ALA F 87 -37.06 27.64 9.26
CA ALA F 87 -36.05 28.65 9.53
C ALA F 87 -36.30 29.83 8.60
N VAL F 88 -36.70 30.96 9.17
CA VAL F 88 -36.87 32.20 8.41
C VAL F 88 -35.55 32.94 8.51
N ILE F 89 -34.75 32.86 7.44
CA ILE F 89 -33.42 33.44 7.43
C ILE F 89 -33.40 34.54 6.38
N PRO F 90 -33.73 35.79 6.74
CA PRO F 90 -33.83 36.84 5.73
C PRO F 90 -32.55 37.04 4.92
N CYS F 91 -31.39 36.98 5.57
CA CYS F 91 -30.10 37.04 4.88
C CYS F 91 -29.36 35.74 5.17
N PHE F 92 -29.21 34.90 4.17
CA PHE F 92 -28.62 33.59 4.37
C PHE F 92 -27.13 33.71 4.65
N PRO F 93 -26.63 33.20 5.78
CA PRO F 93 -25.20 33.32 6.07
C PRO F 93 -24.39 32.41 5.17
N TYR F 94 -23.15 32.84 4.90
CA TYR F 94 -22.19 32.11 4.09
C TYR F 94 -22.68 31.89 2.66
N ALA F 95 -23.65 32.69 2.22
CA ALA F 95 -24.23 32.51 0.89
C ALA F 95 -23.21 32.79 -0.21
N ARG F 96 -22.24 33.66 0.05
CA ARG F 96 -21.21 33.95 -0.94
C ARG F 96 -20.20 32.83 -1.11
N GLN F 97 -20.17 31.87 -0.20
CA GLN F 97 -19.31 30.69 -0.34
C GLN F 97 -20.13 29.54 -0.90
N ASP F 98 -20.54 29.70 -2.16
CA ASP F 98 -21.51 28.84 -2.80
C ASP F 98 -20.90 27.93 -3.85
N LYS F 99 -19.58 27.90 -3.97
CA LYS F 99 -18.93 27.08 -4.98
C LYS F 99 -17.48 26.87 -4.58
N LYS F 100 -16.85 25.92 -5.22
CA LYS F 100 -15.42 25.64 -5.03
C LYS F 100 -14.70 26.04 -6.31
N ASP F 101 -14.29 27.30 -6.39
CA ASP F 101 -13.50 27.81 -7.50
C ASP F 101 -12.05 28.03 -7.10
N LYS F 102 -11.63 27.50 -5.96
CA LYS F 102 -10.26 27.56 -5.49
C LYS F 102 -9.89 26.20 -4.94
N SER F 103 -8.59 25.89 -4.95
CA SER F 103 -8.12 24.65 -4.35
C SER F 103 -8.43 24.64 -2.87
N ARG F 104 -8.97 23.52 -2.39
CA ARG F 104 -9.25 23.27 -0.97
C ARG F 104 -10.31 24.21 -0.41
N ALA F 105 -11.00 24.95 -1.26
CA ALA F 105 -11.99 25.90 -0.77
C ALA F 105 -13.24 25.16 -0.28
N PRO F 106 -13.77 25.51 0.88
CA PRO F 106 -15.03 24.92 1.32
C PRO F 106 -16.20 25.56 0.62
N ILE F 107 -17.27 24.80 0.47
CA ILE F 107 -18.56 25.34 0.06
C ILE F 107 -19.33 25.55 1.37
N SER F 108 -19.12 26.72 1.97
CA SER F 108 -19.67 26.97 3.30
C SER F 108 -21.19 27.08 3.27
N ALA F 109 -21.76 27.57 2.18
CA ALA F 109 -23.21 27.62 2.06
C ALA F 109 -23.81 26.21 2.10
N LYS F 110 -23.18 25.26 1.42
CA LYS F 110 -23.64 23.88 1.47
C LYS F 110 -23.49 23.30 2.88
N LEU F 111 -22.41 23.63 3.57
CA LEU F 111 -22.24 23.16 4.94
C LEU F 111 -23.33 23.74 5.84
N VAL F 112 -23.66 25.02 5.68
CA VAL F 112 -24.72 25.63 6.47
C VAL F 112 -26.06 24.96 6.17
N ALA F 113 -26.31 24.66 4.89
CA ALA F 113 -27.54 23.97 4.52
C ALA F 113 -27.60 22.60 5.16
N ASN F 114 -26.49 21.86 5.14
CA ASN F 114 -26.46 20.53 5.77
C ASN F 114 -26.67 20.63 7.27
N MET F 115 -26.07 21.65 7.90
CA MET F 115 -26.26 21.84 9.34
C MET F 115 -27.70 22.16 9.67
N LEU F 116 -28.35 23.00 8.87
CA LEU F 116 -29.77 23.30 9.08
C LEU F 116 -30.61 22.05 8.88
N SER F 117 -30.28 21.23 7.88
CA SER F 117 -31.02 20.00 7.64
C SER F 117 -30.87 19.02 8.80
N VAL F 118 -29.65 18.88 9.32
CA VAL F 118 -29.44 17.92 10.40
C VAL F 118 -29.98 18.45 11.72
N ALA F 119 -30.09 19.77 11.87
CA ALA F 119 -30.76 20.32 13.04
C ALA F 119 -32.24 20.01 13.03
N GLY F 120 -32.82 19.78 11.85
CA GLY F 120 -34.19 19.34 11.76
C GLY F 120 -35.12 20.32 11.07
N ALA F 121 -34.57 21.30 10.37
CA ALA F 121 -35.40 22.23 9.62
C ALA F 121 -36.17 21.49 8.53
N ASP F 122 -37.45 21.79 8.42
CA ASP F 122 -38.31 21.22 7.39
C ASP F 122 -38.57 22.18 6.24
N HIS F 123 -38.25 23.45 6.42
CA HIS F 123 -38.60 24.49 5.46
C HIS F 123 -37.70 25.68 5.71
N ILE F 124 -37.25 26.33 4.64
CA ILE F 124 -36.42 27.53 4.72
C ILE F 124 -37.12 28.65 3.97
N ILE F 125 -37.25 29.80 4.63
CA ILE F 125 -37.75 31.01 3.99
C ILE F 125 -36.64 32.04 4.06
N THR F 126 -36.25 32.55 2.90
CA THR F 126 -35.15 33.50 2.82
C THR F 126 -35.46 34.51 1.73
N MET F 127 -34.72 35.61 1.73
CA MET F 127 -34.91 36.69 0.77
C MET F 127 -33.64 36.90 -0.04
N ASP F 128 -33.77 36.86 -1.36
CA ASP F 128 -32.71 37.24 -2.29
C ASP F 128 -31.39 36.54 -1.96
N LEU F 129 -31.41 35.22 -2.11
CA LEU F 129 -30.19 34.44 -1.97
C LEU F 129 -29.12 34.97 -2.91
N HIS F 130 -27.88 35.05 -2.40
CA HIS F 130 -26.78 35.50 -3.24
C HIS F 130 -26.68 34.66 -4.51
N ALA F 131 -26.92 33.36 -4.39
CA ALA F 131 -27.08 32.47 -5.53
C ALA F 131 -28.37 31.70 -5.33
N SER F 132 -29.27 31.79 -6.31
CA SER F 132 -30.54 31.07 -6.21
C SER F 132 -30.36 29.56 -6.16
N GLN F 133 -29.22 29.06 -6.66
CA GLN F 133 -28.96 27.63 -6.61
C GLN F 133 -28.78 27.13 -5.19
N ILE F 134 -28.64 28.02 -4.22
CA ILE F 134 -28.61 27.61 -2.81
C ILE F 134 -29.90 26.89 -2.43
N GLN F 135 -31.00 27.17 -3.13
CA GLN F 135 -32.21 26.39 -2.97
C GLN F 135 -31.93 24.90 -3.16
N GLY F 136 -31.05 24.57 -4.11
CA GLY F 136 -30.67 23.21 -4.37
C GLY F 136 -29.70 22.63 -3.38
N PHE F 137 -29.20 23.42 -2.43
CA PHE F 137 -28.34 22.89 -1.39
C PHE F 137 -29.11 22.13 -0.32
N PHE F 138 -30.43 22.27 -0.30
CA PHE F 138 -31.30 21.55 0.62
C PHE F 138 -32.08 20.48 -0.13
N ASP F 139 -32.59 19.51 0.62
CA ASP F 139 -33.60 18.58 0.14
C ASP F 139 -34.99 18.92 0.65
N ILE F 140 -35.14 20.07 1.29
CA ILE F 140 -36.43 20.54 1.78
C ILE F 140 -36.84 21.75 0.95
N PRO F 141 -38.11 22.14 0.93
CA PRO F 141 -38.49 23.35 0.20
C PRO F 141 -37.78 24.57 0.75
N VAL F 142 -37.33 25.43 -0.16
CA VAL F 142 -36.64 26.67 0.19
C VAL F 142 -37.31 27.81 -0.56
N ASP F 143 -37.89 28.73 0.20
CA ASP F 143 -38.54 29.90 -0.39
C ASP F 143 -37.51 31.01 -0.55
N ASN F 144 -37.23 31.40 -1.78
CA ASN F 144 -36.29 32.46 -2.09
C ASN F 144 -37.11 33.66 -2.52
N LEU F 145 -37.51 34.47 -1.55
CA LEU F 145 -38.34 35.63 -1.82
C LEU F 145 -37.50 36.75 -2.43
N TYR F 146 -38.15 37.56 -3.27
CA TYR F 146 -37.49 38.67 -3.93
C TYR F 146 -37.88 39.98 -3.26
N ALA F 147 -36.91 40.86 -3.09
CA ALA F 147 -37.20 42.23 -2.71
C ALA F 147 -37.46 43.11 -3.93
N GLU F 148 -37.43 42.52 -5.12
CA GLU F 148 -37.57 43.30 -6.35
C GLU F 148 -38.88 44.09 -6.43
N PRO F 149 -40.06 43.53 -6.11
CA PRO F 149 -41.26 44.38 -6.13
C PRO F 149 -41.17 45.58 -5.21
N ALA F 150 -40.62 45.40 -4.02
CA ALA F 150 -40.45 46.54 -3.11
C ALA F 150 -39.45 47.53 -3.66
N VAL F 151 -38.40 47.04 -4.32
CA VAL F 151 -37.41 47.93 -4.93
C VAL F 151 -38.05 48.75 -6.04
N LEU F 152 -38.86 48.10 -6.89
CA LEU F 152 -39.54 48.82 -7.96
C LEU F 152 -40.50 49.85 -7.40
N LYS F 153 -41.22 49.50 -6.33
CA LYS F 153 -42.10 50.46 -5.69
C LYS F 153 -41.32 51.67 -5.18
N TRP F 154 -40.19 51.43 -4.52
CA TRP F 154 -39.38 52.53 -4.01
C TRP F 154 -38.87 53.39 -5.15
N ILE F 155 -38.42 52.77 -6.24
CA ILE F 155 -37.89 53.55 -7.36
C ILE F 155 -38.98 54.43 -7.95
N ARG F 156 -40.16 53.86 -8.20
CA ARG F 156 -41.24 54.62 -8.79
C ARG F 156 -41.76 55.71 -7.87
N GLU F 157 -41.63 55.55 -6.55
CA GLU F 157 -42.14 56.56 -5.64
C GLU F 157 -41.10 57.59 -5.17
N ASN F 158 -39.81 57.33 -5.34
CA ASN F 158 -38.79 58.18 -4.76
C ASN F 158 -37.83 58.81 -5.76
N ILE F 159 -37.82 58.36 -7.01
CA ILE F 159 -36.94 58.90 -8.04
C ILE F 159 -37.82 59.49 -9.12
N SER F 160 -37.80 60.82 -9.24
CA SER F 160 -38.73 61.50 -10.15
C SER F 160 -38.46 61.13 -11.60
N GLU F 161 -37.19 61.03 -11.98
CA GLU F 161 -36.79 60.74 -13.35
C GLU F 161 -36.48 59.27 -13.55
N TRP F 162 -37.23 58.39 -12.89
CA TRP F 162 -36.95 56.95 -12.99
C TRP F 162 -37.19 56.42 -14.39
N ARG F 163 -38.10 57.04 -15.15
CA ARG F 163 -38.36 56.56 -16.51
C ARG F 163 -37.21 56.83 -17.46
N ASN F 164 -36.32 57.76 -17.14
CA ASN F 164 -35.13 58.01 -17.94
C ASN F 164 -33.87 57.52 -17.26
N CYS F 165 -33.99 56.77 -16.17
CA CYS F 165 -32.82 56.31 -15.44
C CYS F 165 -32.20 55.10 -16.13
N THR F 166 -31.02 54.73 -15.67
CA THR F 166 -30.36 53.50 -16.09
C THR F 166 -30.00 52.71 -14.84
N ILE F 167 -30.36 51.43 -14.84
CA ILE F 167 -30.06 50.55 -13.71
C ILE F 167 -28.69 49.94 -13.96
N VAL F 168 -27.79 50.05 -12.99
CA VAL F 168 -26.39 49.70 -13.17
C VAL F 168 -26.04 48.52 -12.29
N SER F 169 -25.43 47.51 -12.90
CA SER F 169 -24.87 46.40 -12.13
C SER F 169 -23.47 46.77 -11.64
N PRO F 170 -23.20 46.66 -10.34
CA PRO F 170 -21.85 46.97 -9.85
C PRO F 170 -20.82 45.90 -10.16
N ASP F 171 -21.23 44.70 -10.58
CA ASP F 171 -20.30 43.66 -11.00
C ASP F 171 -20.98 42.80 -12.05
N ALA F 172 -20.22 41.84 -12.59
CA ALA F 172 -20.76 40.97 -13.62
C ALA F 172 -21.85 40.04 -13.08
N GLY F 173 -21.74 39.64 -11.81
CA GLY F 173 -22.70 38.71 -11.24
C GLY F 173 -24.08 39.28 -11.03
N GLY F 174 -24.20 40.60 -10.96
CA GLY F 174 -25.49 41.24 -10.76
C GLY F 174 -26.27 41.49 -12.04
N ALA F 175 -25.77 41.02 -13.18
CA ALA F 175 -26.35 41.38 -14.46
C ALA F 175 -27.79 40.91 -14.58
N LYS F 176 -28.10 39.70 -14.11
CA LYS F 176 -29.45 39.19 -14.22
C LYS F 176 -30.43 40.04 -13.42
N ARG F 177 -30.06 40.39 -12.20
CA ARG F 177 -30.92 41.21 -11.35
C ARG F 177 -31.16 42.58 -11.99
N VAL F 178 -30.09 43.20 -12.49
CA VAL F 178 -30.22 44.51 -13.11
C VAL F 178 -31.04 44.45 -14.39
N THR F 179 -30.85 43.41 -15.21
CA THR F 179 -31.64 43.31 -16.44
C THR F 179 -33.11 43.09 -16.11
N SER F 180 -33.40 42.28 -15.08
CA SER F 180 -34.78 42.07 -14.69
C SER F 180 -35.43 43.38 -14.23
N ILE F 181 -34.71 44.15 -13.41
CA ILE F 181 -35.27 45.41 -12.93
C ILE F 181 -35.46 46.40 -14.07
N ALA F 182 -34.48 46.48 -14.98
CA ALA F 182 -34.58 47.39 -16.12
C ALA F 182 -35.74 47.01 -17.04
N ASP F 183 -35.94 45.71 -17.25
CA ASP F 183 -37.10 45.24 -18.01
C ASP F 183 -38.41 45.64 -17.34
N ARG F 184 -38.51 45.44 -16.03
CA ARG F 184 -39.74 45.80 -15.34
C ARG F 184 -39.99 47.30 -15.35
N LEU F 185 -38.94 48.11 -15.33
CA LEU F 185 -39.09 49.56 -15.41
C LEU F 185 -39.07 50.08 -16.83
N ASN F 186 -38.79 49.23 -17.82
CA ASN F 186 -38.64 49.64 -19.22
C ASN F 186 -37.62 50.78 -19.34
N VAL F 187 -36.44 50.56 -18.77
CA VAL F 187 -35.37 51.55 -18.79
C VAL F 187 -34.09 50.87 -19.27
N ASP F 188 -33.09 51.69 -19.58
CA ASP F 188 -31.79 51.19 -19.97
C ASP F 188 -31.08 50.56 -18.77
N PHE F 189 -30.09 49.73 -19.06
CA PHE F 189 -29.24 49.18 -18.04
C PHE F 189 -27.78 49.32 -18.46
N ALA F 190 -26.90 49.30 -17.46
CA ALA F 190 -25.47 49.32 -17.68
C ALA F 190 -24.82 48.34 -16.73
N LEU F 191 -23.60 47.94 -17.04
CA LEU F 191 -22.85 47.03 -16.19
C LEU F 191 -21.47 47.61 -15.94
N ILE F 192 -21.00 47.48 -14.72
CA ILE F 192 -19.67 47.91 -14.32
C ILE F 192 -18.89 46.68 -13.88
N HIS F 193 -17.68 46.52 -14.39
CA HIS F 193 -16.84 45.39 -14.04
C HIS F 193 -15.51 45.92 -13.52
N LYS F 194 -15.08 45.40 -12.38
CA LYS F 194 -13.73 45.62 -11.88
C LYS F 194 -12.85 44.49 -12.39
N GLU F 195 -11.88 44.80 -13.25
CA GLU F 195 -11.13 43.69 -13.84
C GLU F 195 -10.19 43.07 -12.82
N ARG F 196 -9.78 41.84 -13.11
CA ARG F 196 -9.10 41.01 -12.13
C ARG F 196 -7.74 41.59 -11.77
N LYS F 197 -7.36 41.41 -10.50
CA LYS F 197 -6.15 41.98 -9.94
C LYS F 197 -4.97 41.05 -10.28
N LYS F 198 -4.37 41.29 -11.45
CA LYS F 198 -3.25 40.46 -11.86
C LYS F 198 -1.99 40.83 -11.09
N ALA F 199 -1.86 42.09 -10.69
CA ALA F 199 -0.70 42.56 -9.94
C ALA F 199 -1.15 43.68 -9.02
N ASN F 200 -0.21 44.46 -8.50
CA ASN F 200 -0.50 45.49 -7.52
C ASN F 200 -0.68 46.87 -8.13
N GLU F 201 -1.14 46.97 -9.37
CA GLU F 201 -1.42 48.27 -9.94
C GLU F 201 -2.79 48.77 -9.47
N VAL F 202 -3.21 49.90 -10.05
CA VAL F 202 -4.47 50.51 -9.64
C VAL F 202 -5.64 49.68 -10.12
N ASP F 203 -6.61 49.47 -9.23
CA ASP F 203 -7.88 48.88 -9.63
C ASP F 203 -8.58 49.80 -10.61
N ARG F 204 -8.92 49.28 -11.78
CA ARG F 204 -9.63 50.06 -12.79
C ARG F 204 -10.94 49.39 -13.14
N MET F 205 -11.96 50.20 -13.37
CA MET F 205 -13.31 49.72 -13.60
C MET F 205 -13.73 50.04 -15.01
N VAL F 206 -14.30 49.06 -15.69
CA VAL F 206 -14.82 49.24 -17.03
C VAL F 206 -16.34 49.32 -16.96
N LEU F 207 -16.91 50.28 -17.67
CA LEU F 207 -18.35 50.45 -17.75
C LEU F 207 -18.82 50.16 -19.16
N VAL F 208 -19.81 49.28 -19.28
CA VAL F 208 -20.47 49.01 -20.55
C VAL F 208 -21.90 49.51 -20.45
N GLY F 209 -22.29 50.36 -21.39
CA GLY F 209 -23.56 51.04 -21.33
C GLY F 209 -23.39 52.54 -21.13
N ASP F 210 -24.46 53.27 -21.42
CA ASP F 210 -24.44 54.73 -21.41
C ASP F 210 -25.18 55.23 -20.17
N VAL F 211 -24.48 56.01 -19.35
CA VAL F 211 -25.07 56.61 -18.15
C VAL F 211 -24.92 58.12 -18.16
N LYS F 212 -24.45 58.70 -19.25
CA LYS F 212 -24.14 60.12 -19.29
C LYS F 212 -25.42 60.96 -19.17
N ASP F 213 -25.39 61.94 -18.27
CA ASP F 213 -26.48 62.88 -18.05
C ASP F 213 -27.78 62.18 -17.66
N ARG F 214 -27.68 61.01 -17.06
CA ARG F 214 -28.85 60.29 -16.58
C ARG F 214 -28.63 59.91 -15.13
N VAL F 215 -29.75 59.70 -14.44
CA VAL F 215 -29.69 59.14 -13.09
C VAL F 215 -29.31 57.67 -13.19
N ALA F 216 -28.33 57.26 -12.40
CA ALA F 216 -27.87 55.89 -12.35
C ALA F 216 -28.33 55.27 -11.05
N ILE F 217 -28.97 54.11 -11.13
CA ILE F 217 -29.40 53.37 -9.96
C ILE F 217 -28.55 52.10 -9.90
N LEU F 218 -27.70 52.01 -8.89
CA LEU F 218 -26.95 50.79 -8.63
C LEU F 218 -27.84 49.81 -7.88
N VAL F 219 -28.01 48.62 -8.45
CA VAL F 219 -28.80 47.56 -7.82
C VAL F 219 -27.91 46.35 -7.65
N ASP F 220 -27.82 45.86 -6.42
CA ASP F 220 -27.06 44.66 -6.11
C ASP F 220 -27.78 43.90 -5.01
N ASP F 221 -27.36 42.66 -4.80
CA ASP F 221 -27.98 41.84 -3.77
C ASP F 221 -27.53 42.22 -2.37
N MET F 222 -26.31 42.75 -2.21
CA MET F 222 -25.84 43.09 -0.88
C MET F 222 -24.71 44.10 -0.98
N ALA F 223 -24.50 44.82 0.12
CA ALA F 223 -23.38 45.73 0.27
C ALA F 223 -22.71 45.41 1.61
N ASP F 224 -21.63 44.65 1.57
CA ASP F 224 -20.94 44.24 2.80
C ASP F 224 -19.98 45.33 3.26
N THR F 225 -18.92 45.56 2.48
CA THR F 225 -17.97 46.63 2.76
C THR F 225 -18.23 47.86 1.92
N CYS F 226 -19.16 47.79 0.98
CA CYS F 226 -19.52 48.86 0.06
C CYS F 226 -18.39 49.24 -0.87
N GLY F 227 -17.35 48.40 -0.96
CA GLY F 227 -16.32 48.65 -1.95
C GLY F 227 -16.86 48.57 -3.36
N THR F 228 -17.72 47.57 -3.62
CA THR F 228 -18.29 47.41 -4.95
C THR F 228 -19.13 48.62 -5.34
N ILE F 229 -20.08 49.01 -4.48
CA ILE F 229 -20.97 50.11 -4.84
C ILE F 229 -20.23 51.44 -4.83
N CYS F 230 -19.27 51.63 -3.92
CA CYS F 230 -18.55 52.90 -3.90
C CYS F 230 -17.67 53.05 -5.13
N HIS F 231 -16.95 52.00 -5.51
CA HIS F 231 -16.14 52.06 -6.73
C HIS F 231 -17.02 52.26 -7.95
N ALA F 232 -18.16 51.57 -7.99
CA ALA F 232 -19.10 51.76 -9.09
C ALA F 232 -19.64 53.19 -9.13
N ALA F 233 -19.85 53.79 -7.96
CA ALA F 233 -20.36 55.16 -7.90
C ALA F 233 -19.33 56.15 -8.42
N ASP F 234 -18.06 55.97 -8.05
CA ASP F 234 -17.01 56.82 -8.60
C ASP F 234 -16.95 56.67 -10.12
N LYS F 235 -17.01 55.42 -10.61
CA LYS F 235 -16.98 55.21 -12.05
C LYS F 235 -18.18 55.87 -12.73
N LEU F 236 -19.36 55.75 -12.13
CA LEU F 236 -20.57 56.33 -12.73
C LEU F 236 -20.49 57.85 -12.81
N LEU F 237 -20.03 58.49 -11.74
CA LEU F 237 -19.85 59.94 -11.81
C LEU F 237 -18.80 60.33 -12.83
N SER F 238 -17.68 59.58 -12.88
CA SER F 238 -16.66 59.86 -13.87
C SER F 238 -17.18 59.68 -15.29
N ALA F 239 -18.22 58.86 -15.46
CA ALA F 239 -18.81 58.61 -16.76
C ALA F 239 -19.93 59.59 -17.11
N GLY F 240 -20.22 60.53 -16.24
CA GLY F 240 -21.20 61.56 -16.53
C GLY F 240 -22.59 61.35 -15.97
N ALA F 241 -22.76 60.43 -15.03
CA ALA F 241 -24.07 60.28 -14.39
C ALA F 241 -24.38 61.52 -13.55
N THR F 242 -25.64 61.96 -13.62
CA THR F 242 -26.05 63.12 -12.85
C THR F 242 -26.16 62.80 -11.38
N ARG F 243 -26.99 61.82 -11.03
CA ARG F 243 -27.15 61.37 -9.66
C ARG F 243 -26.97 59.85 -9.62
N VAL F 244 -26.50 59.35 -8.49
CA VAL F 244 -26.24 57.93 -8.32
C VAL F 244 -26.99 57.45 -7.08
N TYR F 245 -27.84 56.45 -7.25
CA TYR F 245 -28.49 55.76 -6.16
C TYR F 245 -27.92 54.36 -6.02
N ALA F 246 -27.98 53.82 -4.81
CA ALA F 246 -27.62 52.43 -4.56
C ALA F 246 -28.78 51.77 -3.84
N ILE F 247 -29.29 50.68 -4.41
CA ILE F 247 -30.36 49.90 -3.81
C ILE F 247 -29.87 48.48 -3.63
N LEU F 248 -29.89 48.01 -2.38
CA LEU F 248 -29.50 46.67 -2.03
C LEU F 248 -30.66 46.02 -1.30
N THR F 249 -30.66 44.68 -1.26
CA THR F 249 -31.63 44.07 -0.37
C THR F 249 -31.01 43.75 0.99
N HIS F 250 -29.75 43.37 1.04
CA HIS F 250 -29.07 43.09 2.29
C HIS F 250 -28.04 44.18 2.57
N GLY F 251 -28.32 45.01 3.56
CA GLY F 251 -27.34 45.99 4.00
C GLY F 251 -26.51 45.44 5.15
N ILE F 252 -25.36 44.86 4.83
CA ILE F 252 -24.48 44.34 5.87
C ILE F 252 -23.68 45.47 6.50
N PHE F 253 -23.09 46.32 5.66
CA PHE F 253 -22.39 47.53 6.11
C PHE F 253 -21.34 47.21 7.16
N SER F 254 -20.59 46.14 6.95
CA SER F 254 -19.53 45.79 7.87
C SER F 254 -18.27 46.60 7.57
N GLY F 255 -17.40 46.70 8.58
CA GLY F 255 -16.12 47.34 8.43
C GLY F 255 -16.20 48.81 8.08
N PRO F 256 -15.53 49.19 6.99
CA PRO F 256 -15.45 50.60 6.61
C PRO F 256 -16.61 51.10 5.78
N ALA F 257 -17.72 50.37 5.73
CA ALA F 257 -18.80 50.70 4.81
C ALA F 257 -19.43 52.04 5.12
N ILE F 258 -19.63 52.35 6.41
CA ILE F 258 -20.32 53.59 6.75
C ILE F 258 -19.49 54.80 6.36
N SER F 259 -18.19 54.77 6.66
CA SER F 259 -17.31 55.87 6.25
C SER F 259 -17.23 55.96 4.73
N ARG F 260 -17.21 54.81 4.05
CA ARG F 260 -17.18 54.81 2.59
C ARG F 260 -18.43 55.48 2.01
N ILE F 261 -19.60 55.16 2.55
CA ILE F 261 -20.83 55.73 2.04
C ILE F 261 -20.90 57.21 2.35
N ASN F 262 -20.52 57.59 3.57
CA ASN F 262 -20.57 59.01 3.96
C ASN F 262 -19.65 59.85 3.08
N ASN F 263 -18.56 59.27 2.57
CA ASN F 263 -17.65 59.98 1.69
C ASN F 263 -17.93 59.73 0.22
N ALA F 264 -18.97 58.97 -0.10
CA ALA F 264 -19.35 58.71 -1.47
C ALA F 264 -20.35 59.77 -1.95
N CYS F 265 -20.82 59.60 -3.18
CA CYS F 265 -21.67 60.58 -3.83
C CYS F 265 -23.12 60.11 -3.95
N PHE F 266 -23.52 59.12 -3.16
CA PHE F 266 -24.84 58.53 -3.30
C PHE F 266 -25.93 59.52 -2.94
N GLU F 267 -26.97 59.60 -3.76
CA GLU F 267 -28.16 60.33 -3.37
C GLU F 267 -28.85 59.64 -2.21
N ALA F 268 -28.92 58.31 -2.25
CA ALA F 268 -29.47 57.51 -1.18
C ALA F 268 -28.95 56.09 -1.31
N VAL F 269 -28.73 55.43 -0.18
CA VAL F 269 -28.41 54.01 -0.14
C VAL F 269 -29.62 53.32 0.46
N VAL F 270 -30.30 52.51 -0.34
CA VAL F 270 -31.56 51.90 0.04
C VAL F 270 -31.34 50.42 0.27
N VAL F 271 -31.71 49.95 1.46
CA VAL F 271 -31.62 48.54 1.81
C VAL F 271 -32.95 48.11 2.41
N THR F 272 -33.18 46.81 2.40
CA THR F 272 -34.29 46.27 3.15
C THR F 272 -33.87 46.06 4.61
N ASN F 273 -34.84 45.70 5.45
CA ASN F 273 -34.55 45.39 6.83
C ASN F 273 -34.40 43.90 7.08
N THR F 274 -33.87 43.16 6.10
CA THR F 274 -33.44 41.79 6.36
C THR F 274 -32.34 41.74 7.40
N ILE F 275 -31.58 42.83 7.55
CA ILE F 275 -30.57 42.99 8.58
C ILE F 275 -30.96 44.24 9.36
N PRO F 276 -30.80 44.27 10.67
CA PRO F 276 -31.13 45.50 11.42
C PRO F 276 -30.26 46.65 10.95
N GLN F 277 -30.91 47.80 10.73
CA GLN F 277 -30.23 48.96 10.20
C GLN F 277 -30.26 50.16 11.16
N GLU F 278 -30.84 50.00 12.34
CA GLU F 278 -31.01 51.15 13.24
C GLU F 278 -29.66 51.79 13.56
N ASP F 279 -28.67 50.97 13.90
CA ASP F 279 -27.34 51.50 14.20
C ASP F 279 -26.70 52.14 12.98
N LYS F 280 -26.87 51.51 11.81
CA LYS F 280 -26.26 52.05 10.60
C LYS F 280 -26.85 53.40 10.22
N MET F 281 -28.18 53.55 10.34
CA MET F 281 -28.81 54.81 9.98
C MET F 281 -28.39 55.96 10.90
N LYS F 282 -28.00 55.65 12.14
CA LYS F 282 -27.59 56.71 13.05
C LYS F 282 -26.27 57.35 12.64
N HIS F 283 -25.42 56.64 11.91
CA HIS F 283 -24.14 57.17 11.48
C HIS F 283 -24.08 57.50 9.99
N CYS F 284 -25.12 57.18 9.23
CA CYS F 284 -25.14 57.48 7.79
C CYS F 284 -26.55 57.92 7.42
N SER F 285 -26.72 59.22 7.20
CA SER F 285 -28.03 59.76 6.83
C SER F 285 -28.47 59.29 5.45
N LYS F 286 -27.55 58.87 4.59
CA LYS F 286 -27.90 58.43 3.25
C LYS F 286 -28.70 57.13 3.24
N ILE F 287 -28.62 56.33 4.30
CA ILE F 287 -29.26 55.02 4.31
C ILE F 287 -30.76 55.20 4.54
N GLN F 288 -31.55 54.57 3.68
CA GLN F 288 -32.99 54.45 3.87
C GLN F 288 -33.36 52.97 3.81
N VAL F 289 -34.45 52.62 4.48
CA VAL F 289 -34.80 51.22 4.71
C VAL F 289 -36.16 50.94 4.09
N ILE F 290 -36.23 49.89 3.28
CA ILE F 290 -37.49 49.34 2.83
C ILE F 290 -37.89 48.23 3.77
N ASP F 291 -39.06 48.36 4.41
CA ASP F 291 -39.55 47.31 5.29
C ASP F 291 -40.03 46.14 4.43
N ILE F 292 -39.48 44.95 4.68
CA ILE F 292 -39.94 43.74 4.01
C ILE F 292 -40.63 42.81 4.98
N SER F 293 -40.95 43.28 6.20
CA SER F 293 -41.60 42.43 7.17
C SER F 293 -42.96 41.95 6.69
N MET F 294 -43.65 42.75 5.88
CA MET F 294 -44.93 42.30 5.34
C MET F 294 -44.74 41.14 4.36
N ILE F 295 -43.66 41.16 3.59
CA ILE F 295 -43.39 40.06 2.67
C ILE F 295 -43.12 38.78 3.44
N LEU F 296 -42.28 38.86 4.47
CA LEU F 296 -41.97 37.68 5.27
C LEU F 296 -43.20 37.18 6.02
N ALA F 297 -44.00 38.10 6.57
CA ALA F 297 -45.20 37.70 7.29
C ALA F 297 -46.19 37.03 6.36
N GLU F 298 -46.38 37.57 5.16
CA GLU F 298 -47.26 36.93 4.19
C GLU F 298 -46.73 35.56 3.78
N ALA F 299 -45.41 35.44 3.61
CA ALA F 299 -44.84 34.14 3.27
C ALA F 299 -45.09 33.12 4.37
N ILE F 300 -44.91 33.51 5.63
CA ILE F 300 -45.15 32.61 6.75
C ILE F 300 -46.61 32.22 6.81
N ARG F 301 -47.50 33.20 6.65
CA ARG F 301 -48.93 32.94 6.73
C ARG F 301 -49.38 32.00 5.61
N ARG F 302 -48.89 32.22 4.40
CA ARG F 302 -49.27 31.35 3.28
C ARG F 302 -48.66 29.96 3.44
N THR F 303 -47.44 29.87 3.96
CA THR F 303 -46.86 28.56 4.23
C THR F 303 -47.70 27.80 5.25
N HIS F 304 -48.13 28.47 6.29
CA HIS F 304 -48.98 27.82 7.30
C HIS F 304 -50.33 27.42 6.72
N ASN F 305 -50.91 28.26 5.87
CA ASN F 305 -52.22 28.00 5.31
C ASN F 305 -52.18 27.12 4.06
N GLY F 306 -51.00 26.71 3.62
CA GLY F 306 -50.91 25.90 2.42
C GLY F 306 -51.33 26.64 1.17
N GLU F 307 -50.93 27.89 1.04
CA GLU F 307 -51.22 28.71 -0.13
C GLU F 307 -49.94 29.11 -0.84
N SER F 308 -50.07 29.37 -2.14
CA SER F 308 -48.92 29.74 -2.95
C SER F 308 -48.35 31.09 -2.51
N VAL F 309 -47.03 31.22 -2.57
CA VAL F 309 -46.38 32.49 -2.31
C VAL F 309 -46.02 33.22 -3.61
N SER F 310 -46.54 32.75 -4.75
CA SER F 310 -46.23 33.39 -6.03
C SER F 310 -46.73 34.83 -6.07
N TYR F 311 -47.78 35.14 -5.32
CA TYR F 311 -48.29 36.50 -5.26
C TYR F 311 -47.23 37.48 -4.77
N LEU F 312 -46.32 37.02 -3.92
CA LEU F 312 -45.29 37.88 -3.35
C LEU F 312 -44.24 38.31 -4.37
N PHE F 313 -44.18 37.66 -5.53
CA PHE F 313 -43.20 37.99 -6.55
C PHE F 313 -43.69 39.01 -7.55
N SER F 314 -44.93 39.47 -7.41
CA SER F 314 -45.47 40.52 -8.27
C SER F 314 -46.04 41.70 -7.51
N HIS F 315 -46.27 41.56 -6.21
CA HIS F 315 -46.93 42.60 -5.42
C HIS F 315 -46.26 42.72 -4.07
N VAL F 316 -46.32 43.92 -3.50
CA VAL F 316 -45.90 44.18 -2.13
C VAL F 316 -47.15 44.27 -1.27
N PRO F 317 -47.38 43.33 -0.34
CA PRO F 317 -48.58 43.32 0.50
C PRO F 317 -48.64 44.49 1.48
N PRO G 2 52.52 -20.45 -16.30
CA PRO G 2 51.34 -20.80 -17.09
C PRO G 2 51.64 -20.85 -18.58
N ASN G 3 50.99 -21.76 -19.29
CA ASN G 3 51.17 -21.92 -20.73
C ASN G 3 49.89 -21.54 -21.46
N ILE G 4 50.04 -21.10 -22.71
CA ILE G 4 48.88 -20.80 -23.53
C ILE G 4 48.16 -22.09 -23.87
N LYS G 5 46.87 -22.14 -23.56
CA LYS G 5 45.98 -23.21 -24.00
C LYS G 5 44.90 -22.58 -24.87
N ILE G 6 44.83 -22.99 -26.13
CA ILE G 6 43.85 -22.46 -27.07
C ILE G 6 42.77 -23.51 -27.25
N PHE G 7 41.54 -23.16 -26.93
CA PHE G 7 40.40 -24.03 -27.10
C PHE G 7 39.44 -23.43 -28.11
N SER G 8 38.90 -24.27 -28.98
CA SER G 8 37.96 -23.84 -30.00
C SER G 8 36.55 -24.27 -29.63
N GLY G 9 35.61 -23.34 -29.76
CA GLY G 9 34.21 -23.70 -29.81
C GLY G 9 33.82 -24.21 -31.18
N SER G 10 32.53 -24.49 -31.33
CA SER G 10 32.03 -25.02 -32.60
C SER G 10 31.87 -23.96 -33.68
N SER G 11 31.93 -22.68 -33.30
CA SER G 11 31.56 -21.62 -34.24
C SER G 11 32.57 -21.49 -35.38
N HIS G 12 33.83 -21.18 -35.04
CA HIS G 12 34.85 -20.89 -36.05
C HIS G 12 36.10 -21.70 -35.71
N GLN G 13 36.11 -22.97 -36.11
CA GLN G 13 37.24 -23.83 -35.76
C GLN G 13 38.41 -23.64 -36.72
N ASP G 14 38.15 -23.24 -37.96
CA ASP G 14 39.23 -22.94 -38.88
C ASP G 14 40.06 -21.75 -38.39
N LEU G 15 39.39 -20.71 -37.89
CA LEU G 15 40.11 -19.58 -37.33
C LEU G 15 40.91 -19.98 -36.09
N SER G 16 40.33 -20.83 -35.25
CA SER G 16 41.05 -21.31 -34.09
C SER G 16 42.29 -22.08 -34.50
N GLN G 17 42.17 -22.91 -35.54
CA GLN G 17 43.32 -23.66 -36.05
C GLN G 17 44.39 -22.71 -36.57
N LYS G 18 43.99 -21.67 -37.30
CA LYS G 18 44.97 -20.71 -37.81
C LYS G 18 45.68 -20.00 -36.67
N ILE G 19 44.93 -19.61 -35.64
CA ILE G 19 45.54 -18.94 -34.49
C ILE G 19 46.53 -19.88 -33.80
N ALA G 20 46.14 -21.14 -33.62
CA ALA G 20 47.02 -22.10 -32.96
C ALA G 20 48.29 -22.34 -33.78
N ASP G 21 48.15 -22.46 -35.10
CA ASP G 21 49.34 -22.63 -35.94
C ASP G 21 50.26 -21.42 -35.86
N ARG G 22 49.68 -20.21 -35.88
CA ARG G 22 50.51 -19.02 -35.78
C ARG G 22 51.17 -18.92 -34.41
N LEU G 23 50.57 -19.50 -33.38
CA LEU G 23 51.18 -19.56 -32.06
C LEU G 23 52.07 -20.78 -31.89
N GLY G 24 52.18 -21.62 -32.90
CA GLY G 24 52.98 -22.83 -32.78
C GLY G 24 52.43 -23.80 -31.75
N LEU G 25 51.11 -23.93 -31.67
CA LEU G 25 50.46 -24.77 -30.68
C LEU G 25 49.44 -25.67 -31.35
N GLU G 26 49.14 -26.78 -30.70
CA GLU G 26 47.96 -27.56 -31.04
C GLU G 26 46.76 -27.08 -30.25
N LEU G 27 45.60 -27.13 -30.89
CA LEU G 27 44.36 -26.76 -30.21
C LEU G 27 44.16 -27.68 -29.02
N GLY G 28 43.66 -27.11 -27.92
CA GLY G 28 43.36 -27.93 -26.76
C GLY G 28 42.27 -28.94 -27.07
N LYS G 29 42.33 -30.08 -26.38
CA LYS G 29 41.39 -31.16 -26.62
C LYS G 29 40.05 -30.80 -25.97
N VAL G 30 39.04 -30.56 -26.80
CA VAL G 30 37.69 -30.30 -26.32
C VAL G 30 36.72 -31.03 -27.23
N VAL G 31 35.72 -31.66 -26.62
CA VAL G 31 34.56 -32.18 -27.34
C VAL G 31 33.42 -31.23 -27.06
N THR G 32 32.94 -30.57 -28.11
CA THR G 32 31.84 -29.60 -28.02
C THR G 32 30.71 -30.13 -28.88
N LYS G 33 29.77 -30.83 -28.25
CA LYS G 33 28.66 -31.42 -28.97
C LYS G 33 27.34 -31.03 -28.34
N LYS G 34 26.25 -31.69 -28.74
CA LYS G 34 24.95 -31.50 -28.12
C LYS G 34 24.45 -32.81 -27.54
N PHE G 35 23.91 -32.74 -26.33
CA PHE G 35 23.14 -33.84 -25.81
C PHE G 35 21.90 -34.05 -26.69
N SER G 36 21.21 -35.16 -26.46
CA SER G 36 20.04 -35.49 -27.27
C SER G 36 18.98 -34.41 -27.17
N ASN G 37 18.75 -33.88 -25.97
CA ASN G 37 17.75 -32.83 -25.77
C ASN G 37 18.26 -31.44 -26.17
N GLN G 38 19.34 -31.37 -26.94
CA GLN G 38 19.91 -30.15 -27.51
C GLN G 38 20.57 -29.26 -26.46
N GLU G 39 20.84 -29.78 -25.28
CA GLU G 39 21.65 -29.05 -24.31
C GLU G 39 23.12 -29.13 -24.72
N THR G 40 23.85 -28.05 -24.49
CA THR G 40 25.26 -28.00 -24.87
C THR G 40 26.08 -28.94 -23.99
N CYS G 41 26.89 -29.78 -24.63
CA CYS G 41 27.79 -30.68 -23.95
C CYS G 41 29.22 -30.25 -24.22
N VAL G 42 29.96 -29.98 -23.15
CA VAL G 42 31.34 -29.55 -23.24
C VAL G 42 32.20 -30.52 -22.45
N GLU G 43 33.19 -31.12 -23.11
CA GLU G 43 34.08 -32.10 -22.49
C GLU G 43 35.52 -31.67 -22.77
N ILE G 44 36.08 -30.90 -21.85
CA ILE G 44 37.49 -30.52 -21.95
C ILE G 44 38.34 -31.76 -21.70
N GLY G 45 39.19 -32.08 -22.66
CA GLY G 45 39.94 -33.33 -22.64
C GLY G 45 41.33 -33.26 -22.05
N GLU G 46 41.69 -32.18 -21.38
CA GLU G 46 43.02 -32.08 -20.79
C GLU G 46 42.97 -31.13 -19.61
N SER G 47 43.99 -31.22 -18.77
CA SER G 47 44.11 -30.33 -17.63
C SER G 47 44.39 -28.91 -18.09
N VAL G 48 43.76 -27.95 -17.44
CA VAL G 48 44.04 -26.54 -17.63
C VAL G 48 44.49 -25.89 -16.33
N ARG G 49 44.89 -26.70 -15.35
CA ARG G 49 45.29 -26.19 -14.04
C ARG G 49 46.45 -25.22 -14.17
N GLY G 50 46.25 -24.00 -13.66
CA GLY G 50 47.29 -22.99 -13.72
C GLY G 50 47.67 -22.58 -15.12
N GLU G 51 46.82 -22.83 -16.11
CA GLU G 51 47.11 -22.51 -17.49
C GLU G 51 46.45 -21.18 -17.86
N ASP G 52 46.99 -20.57 -18.91
CA ASP G 52 46.44 -19.34 -19.49
C ASP G 52 45.56 -19.78 -20.66
N VAL G 53 44.26 -19.85 -20.41
CA VAL G 53 43.32 -20.47 -21.34
C VAL G 53 42.71 -19.39 -22.22
N TYR G 54 42.76 -19.61 -23.53
CA TYR G 54 42.10 -18.74 -24.50
C TYR G 54 41.07 -19.57 -25.24
N ILE G 55 39.82 -19.15 -25.17
CA ILE G 55 38.71 -19.84 -25.82
C ILE G 55 38.25 -18.98 -26.99
N VAL G 56 38.36 -19.53 -28.20
CA VAL G 56 37.98 -18.82 -29.41
C VAL G 56 36.55 -19.22 -29.77
N GLN G 57 35.66 -18.25 -29.82
CA GLN G 57 34.26 -18.50 -30.16
C GLN G 57 33.68 -17.21 -30.71
N SER G 58 33.32 -17.22 -31.99
CA SER G 58 32.74 -16.04 -32.60
C SER G 58 31.23 -16.05 -32.44
N GLY G 59 30.65 -14.85 -32.42
CA GLY G 59 29.20 -14.77 -32.40
C GLY G 59 28.68 -14.84 -33.82
N CYS G 60 28.32 -16.05 -34.23
CA CYS G 60 27.90 -16.33 -35.60
C CYS G 60 27.26 -17.71 -35.61
N GLY G 61 26.68 -18.05 -36.75
CA GLY G 61 26.00 -19.33 -36.86
C GLY G 61 24.87 -19.43 -35.86
N GLU G 62 24.84 -20.54 -35.14
CA GLU G 62 23.85 -20.75 -34.09
C GLU G 62 24.27 -19.90 -32.90
N ILE G 63 23.78 -18.66 -32.86
CA ILE G 63 24.31 -17.65 -31.96
C ILE G 63 24.18 -18.08 -30.51
N ASN G 64 22.97 -18.47 -30.10
CA ASN G 64 22.75 -18.80 -28.70
C ASN G 64 23.43 -20.10 -28.33
N ASP G 65 23.43 -21.06 -29.26
CA ASP G 65 24.20 -22.29 -29.11
C ASP G 65 25.66 -21.98 -28.83
N ASN G 66 26.26 -21.13 -29.66
CA ASN G 66 27.68 -20.82 -29.55
C ASN G 66 27.98 -20.04 -28.28
N LEU G 67 27.12 -19.09 -27.92
CA LEU G 67 27.35 -18.31 -26.70
C LEU G 67 27.25 -19.20 -25.48
N MET G 68 26.27 -20.11 -25.44
CA MET G 68 26.17 -21.03 -24.32
C MET G 68 27.38 -21.94 -24.26
N GLU G 69 27.84 -22.41 -25.43
CA GLU G 69 29.05 -23.21 -25.49
C GLU G 69 30.23 -22.46 -24.88
N LEU G 70 30.39 -21.20 -25.27
CA LEU G 70 31.48 -20.38 -24.75
C LEU G 70 31.37 -20.19 -23.24
N LEU G 71 30.17 -19.90 -22.74
CA LEU G 71 30.00 -19.70 -21.30
C LEU G 71 30.29 -20.97 -20.53
N ILE G 72 29.82 -22.12 -21.03
CA ILE G 72 30.06 -23.39 -20.35
C ILE G 72 31.54 -23.71 -20.35
N MET G 73 32.23 -23.48 -21.48
CA MET G 73 33.66 -23.74 -21.53
C MET G 73 34.44 -22.81 -20.61
N ILE G 74 34.06 -21.53 -20.54
CA ILE G 74 34.70 -20.61 -19.61
C ILE G 74 34.52 -21.09 -18.17
N ASN G 75 33.30 -21.47 -17.81
CA ASN G 75 33.04 -21.90 -16.44
C ASN G 75 33.77 -23.19 -16.12
N ALA G 76 33.82 -24.12 -17.07
CA ALA G 76 34.55 -25.37 -16.86
C ALA G 76 36.03 -25.09 -16.63
N CYS G 77 36.61 -24.19 -17.43
CA CYS G 77 38.02 -23.85 -17.25
C CYS G 77 38.26 -23.18 -15.90
N LYS G 78 37.36 -22.30 -15.48
CA LYS G 78 37.51 -21.62 -14.20
C LYS G 78 37.44 -22.62 -13.05
N ILE G 79 36.44 -23.51 -13.08
CA ILE G 79 36.32 -24.50 -12.01
C ILE G 79 37.46 -25.51 -12.08
N ALA G 80 38.00 -25.74 -13.27
CA ALA G 80 39.18 -26.57 -13.43
C ALA G 80 40.47 -25.86 -13.07
N SER G 81 40.38 -24.72 -12.38
CA SER G 81 41.52 -24.04 -11.77
C SER G 81 42.49 -23.51 -12.83
N ALA G 82 41.96 -23.00 -13.93
CA ALA G 82 42.79 -22.28 -14.88
C ALA G 82 43.32 -21.01 -14.24
N SER G 83 44.57 -20.66 -14.57
CA SER G 83 45.14 -19.43 -14.04
C SER G 83 44.39 -18.21 -14.54
N ARG G 84 44.02 -18.21 -15.81
CA ARG G 84 43.31 -17.10 -16.42
C ARG G 84 42.52 -17.63 -17.61
N VAL G 85 41.30 -17.15 -17.77
CA VAL G 85 40.43 -17.55 -18.86
C VAL G 85 40.12 -16.32 -19.69
N THR G 86 40.48 -16.37 -20.97
CA THR G 86 40.24 -15.28 -21.91
C THR G 86 39.27 -15.76 -22.98
N ALA G 87 38.21 -14.99 -23.20
CA ALA G 87 37.27 -15.27 -24.27
C ALA G 87 37.70 -14.49 -25.51
N VAL G 88 38.14 -15.20 -26.53
CA VAL G 88 38.47 -14.59 -27.81
C VAL G 88 37.21 -14.65 -28.66
N ILE G 89 36.52 -13.53 -28.76
CA ILE G 89 35.23 -13.46 -29.45
C ILE G 89 35.40 -12.53 -30.64
N PRO G 90 35.80 -13.03 -31.81
CA PRO G 90 36.07 -12.14 -32.95
C PRO G 90 34.90 -11.25 -33.33
N CYS G 91 33.69 -11.79 -33.31
CA CYS G 91 32.47 -11.01 -33.55
C CYS G 91 31.61 -11.12 -32.31
N PHE G 92 31.48 -10.02 -31.58
CA PHE G 92 30.76 -10.04 -30.31
C PHE G 92 29.27 -10.20 -30.54
N PRO G 93 28.64 -11.23 -29.98
CA PRO G 93 27.20 -11.41 -30.20
C PRO G 93 26.39 -10.37 -29.45
N TYR G 94 25.22 -10.05 -30.01
CA TYR G 94 24.29 -9.09 -29.45
C TYR G 94 24.88 -7.69 -29.33
N ALA G 95 25.96 -7.41 -30.08
CA ALA G 95 26.63 -6.13 -29.96
C ALA G 95 25.75 -4.98 -30.43
N ARG G 96 24.82 -5.25 -31.35
CA ARG G 96 23.92 -4.20 -31.84
C ARG G 96 22.84 -3.84 -30.83
N GLN G 97 22.65 -4.65 -29.80
CA GLN G 97 21.71 -4.32 -28.72
C GLN G 97 22.48 -3.72 -27.55
N ASP G 98 23.01 -2.52 -27.79
CA ASP G 98 23.97 -1.87 -26.90
C ASP G 98 23.38 -0.69 -26.16
N LYS G 99 22.08 -0.46 -26.26
CA LYS G 99 21.46 0.67 -25.60
C LYS G 99 19.96 0.41 -25.49
N LYS G 100 19.31 1.20 -24.66
CA LYS G 100 17.86 1.15 -24.50
C LYS G 100 17.29 2.44 -25.07
N ASP G 101 16.99 2.43 -26.37
CA ASP G 101 16.35 3.54 -27.04
C ASP G 101 14.89 3.25 -27.37
N LYS G 102 14.34 2.20 -26.76
CA LYS G 102 12.94 1.85 -26.90
C LYS G 102 12.41 1.47 -25.54
N SER G 103 11.10 1.61 -25.35
CA SER G 103 10.49 1.19 -24.10
C SER G 103 10.64 -0.32 -23.93
N ARG G 104 11.04 -0.73 -22.72
CA ARG G 104 11.17 -2.12 -22.33
C ARG G 104 12.25 -2.86 -23.11
N ALA G 105 13.08 -2.15 -23.87
CA ALA G 105 14.09 -2.81 -24.67
C ALA G 105 15.22 -3.33 -23.77
N PRO G 106 15.67 -4.55 -23.97
CA PRO G 106 16.84 -5.04 -23.23
C PRO G 106 18.12 -4.50 -23.83
N ILE G 107 19.13 -4.37 -22.98
CA ILE G 107 20.49 -4.12 -23.44
C ILE G 107 21.15 -5.49 -23.46
N SER G 108 20.98 -6.21 -24.58
CA SER G 108 21.44 -7.59 -24.66
C SER G 108 22.95 -7.69 -24.64
N ALA G 109 23.66 -6.69 -25.17
CA ALA G 109 25.11 -6.71 -25.09
C ALA G 109 25.59 -6.66 -23.65
N LYS G 110 24.95 -5.84 -22.82
CA LYS G 110 25.29 -5.79 -21.40
C LYS G 110 24.97 -7.11 -20.72
N LEU G 111 23.85 -7.74 -21.08
CA LEU G 111 23.53 -9.04 -20.51
C LEU G 111 24.57 -10.08 -20.89
N VAL G 112 25.02 -10.08 -22.14
CA VAL G 112 26.06 -11.00 -22.58
C VAL G 112 27.35 -10.74 -21.83
N ALA G 113 27.70 -9.47 -21.63
CA ALA G 113 28.89 -9.14 -20.86
C ALA G 113 28.78 -9.65 -19.42
N ASN G 114 27.62 -9.46 -18.80
CA ASN G 114 27.42 -9.94 -17.44
C ASN G 114 27.50 -11.46 -17.38
N MET G 115 26.94 -12.14 -18.37
CA MET G 115 27.01 -13.59 -18.42
C MET G 115 28.43 -14.08 -18.57
N LEU G 116 29.23 -13.42 -19.42
CA LEU G 116 30.63 -13.77 -19.57
C LEU G 116 31.38 -13.52 -18.28
N SER G 117 31.08 -12.42 -17.58
CA SER G 117 31.74 -12.12 -16.32
C SER G 117 31.40 -13.16 -15.26
N VAL G 118 30.14 -13.56 -15.17
CA VAL G 118 29.75 -14.52 -14.14
C VAL G 118 30.21 -15.93 -14.50
N ALA G 119 30.41 -16.21 -15.79
CA ALA G 119 31.01 -17.49 -16.17
C ALA G 119 32.47 -17.56 -15.72
N GLY G 120 33.13 -16.43 -15.54
CA GLY G 120 34.47 -16.41 -15.00
C GLY G 120 35.53 -15.89 -15.95
N ALA G 121 35.12 -15.24 -17.04
CA ALA G 121 36.10 -14.67 -17.95
C ALA G 121 36.88 -13.58 -17.25
N ASP G 122 38.20 -13.60 -17.44
CA ASP G 122 39.09 -12.59 -16.89
C ASP G 122 39.53 -11.57 -17.93
N HIS G 123 39.31 -11.85 -19.20
CA HIS G 123 39.83 -11.03 -20.29
C HIS G 123 39.00 -11.33 -21.54
N ILE G 124 38.71 -10.29 -22.31
CA ILE G 124 37.98 -10.43 -23.56
C ILE G 124 38.84 -9.86 -24.68
N ILE G 125 39.00 -10.62 -25.75
CA ILE G 125 39.66 -10.16 -26.97
C ILE G 125 38.63 -10.23 -28.08
N THR G 126 38.38 -9.11 -28.73
CA THR G 126 37.37 -9.02 -29.77
C THR G 126 37.87 -8.08 -30.86
N MET G 127 37.22 -8.14 -32.02
CA MET G 127 37.59 -7.29 -33.15
C MET G 127 36.41 -6.42 -33.55
N ASP G 128 36.66 -5.12 -33.63
CA ASP G 128 35.72 -4.14 -34.18
C ASP G 128 34.33 -4.29 -33.57
N LEU G 129 34.25 -4.01 -32.28
CA LEU G 129 32.97 -3.97 -31.60
C LEU G 129 32.03 -3.01 -32.31
N HIS G 130 30.77 -3.41 -32.46
CA HIS G 130 29.79 -2.54 -33.08
C HIS G 130 29.73 -1.19 -32.37
N ALA G 131 29.85 -1.20 -31.05
CA ALA G 131 30.05 0.01 -30.27
C ALA G 131 31.24 -0.21 -29.36
N SER G 132 32.24 0.68 -29.46
CA SER G 132 33.42 0.55 -28.63
C SER G 132 33.11 0.66 -27.14
N GLN G 133 31.99 1.30 -26.79
CA GLN G 133 31.60 1.41 -25.40
C GLN G 133 31.27 0.06 -24.78
N ILE G 134 31.10 -0.97 -25.59
CA ILE G 134 30.91 -2.32 -25.06
C ILE G 134 32.09 -2.73 -24.19
N GLN G 135 33.27 -2.16 -24.44
CA GLN G 135 34.40 -2.34 -23.53
C GLN G 135 34.02 -1.97 -22.10
N GLY G 136 33.20 -0.93 -21.95
CA GLY G 136 32.73 -0.51 -20.65
C GLY G 136 31.63 -1.35 -20.06
N PHE G 137 31.12 -2.32 -20.81
CA PHE G 137 30.13 -3.24 -20.27
C PHE G 137 30.73 -4.27 -19.34
N PHE G 138 32.06 -4.42 -19.36
CA PHE G 138 32.78 -5.34 -18.49
C PHE G 138 33.53 -4.56 -17.42
N ASP G 139 33.89 -5.25 -16.35
CA ASP G 139 34.86 -4.75 -15.37
C ASP G 139 36.22 -5.40 -15.54
N ILE G 140 36.41 -6.16 -16.60
CA ILE G 140 37.68 -6.82 -16.91
C ILE G 140 38.27 -6.13 -18.14
N PRO G 141 39.56 -6.26 -18.42
CA PRO G 141 40.10 -5.69 -19.66
C PRO G 141 39.44 -6.30 -20.88
N VAL G 142 39.15 -5.45 -21.86
CA VAL G 142 38.53 -5.86 -23.11
C VAL G 142 39.37 -5.29 -24.25
N ASP G 143 39.95 -6.17 -25.05
CA ASP G 143 40.74 -5.77 -26.20
C ASP G 143 39.82 -5.64 -27.41
N ASN G 144 39.69 -4.42 -27.92
CA ASN G 144 38.86 -4.15 -29.10
C ASN G 144 39.82 -3.91 -30.26
N LEU G 145 40.20 -4.99 -30.94
CA LEU G 145 41.14 -4.90 -32.04
C LEU G 145 40.45 -4.33 -33.27
N TYR G 146 41.24 -3.64 -34.09
CA TYR G 146 40.74 -3.04 -35.32
C TYR G 146 41.18 -3.87 -36.52
N ALA G 147 40.26 -4.06 -37.46
CA ALA G 147 40.63 -4.58 -38.77
C ALA G 147 41.06 -3.49 -39.72
N GLU G 148 41.10 -2.24 -39.25
CA GLU G 148 41.41 -1.11 -40.14
C GLU G 148 42.78 -1.22 -40.80
N PRO G 149 43.88 -1.58 -40.11
CA PRO G 149 45.15 -1.73 -40.85
C PRO G 149 45.07 -2.76 -41.95
N ALA G 150 44.41 -3.89 -41.72
CA ALA G 150 44.25 -4.88 -42.78
C ALA G 150 43.38 -4.35 -43.91
N VAL G 151 42.36 -3.57 -43.57
CA VAL G 151 41.50 -2.97 -44.60
C VAL G 151 42.31 -2.00 -45.46
N LEU G 152 43.13 -1.17 -44.82
CA LEU G 152 43.96 -0.23 -45.57
C LEU G 152 44.95 -0.97 -46.46
N LYS G 153 45.54 -2.05 -45.95
CA LYS G 153 46.44 -2.86 -46.77
C LYS G 153 45.71 -3.42 -47.98
N TRP G 154 44.51 -3.96 -47.78
CA TRP G 154 43.75 -4.50 -48.90
C TRP G 154 43.41 -3.42 -49.91
N ILE G 155 43.02 -2.24 -49.44
CA ILE G 155 42.66 -1.16 -50.36
C ILE G 155 43.87 -0.75 -51.18
N ARG G 156 45.01 -0.55 -50.53
CA ARG G 156 46.20 -0.12 -51.25
C ARG G 156 46.72 -1.19 -52.19
N GLU G 157 46.46 -2.47 -51.93
CA GLU G 157 46.97 -3.52 -52.80
C GLU G 157 45.99 -4.00 -53.87
N ASN G 158 44.69 -3.69 -53.74
CA ASN G 158 43.69 -4.28 -54.63
C ASN G 158 42.89 -3.26 -55.43
N ILE G 159 42.95 -1.98 -55.10
CA ILE G 159 42.22 -0.95 -55.81
C ILE G 159 43.24 -0.01 -56.41
N SER G 160 43.34 -0.02 -57.74
CA SER G 160 44.39 0.74 -58.42
C SER G 160 44.23 2.23 -58.22
N GLU G 161 43.00 2.73 -58.27
CA GLU G 161 42.70 4.15 -58.14
C GLU G 161 42.29 4.52 -56.72
N TRP G 162 42.90 3.90 -55.72
CA TRP G 162 42.51 4.15 -54.34
C TRP G 162 42.84 5.58 -53.91
N ARG G 163 43.86 6.20 -54.52
CA ARG G 163 44.20 7.56 -54.14
C ARG G 163 43.16 8.58 -54.60
N ASN G 164 42.33 8.23 -55.57
CA ASN G 164 41.25 9.11 -56.00
C ASN G 164 39.88 8.58 -55.58
N CYS G 165 39.84 7.57 -54.72
CA CYS G 165 38.58 6.99 -54.30
C CYS G 165 37.94 7.85 -53.22
N THR G 166 36.68 7.52 -52.91
CA THR G 166 35.97 8.11 -51.80
C THR G 166 35.44 6.99 -50.92
N ILE G 167 35.69 7.08 -49.62
CA ILE G 167 35.21 6.07 -48.69
C ILE G 167 33.83 6.50 -48.22
N VAL G 168 32.85 5.61 -48.33
CA VAL G 168 31.45 5.93 -48.12
C VAL G 168 30.94 5.21 -46.89
N SER G 169 30.30 5.95 -46.00
CA SER G 169 29.58 5.34 -44.88
C SER G 169 28.18 4.94 -45.33
N PRO G 170 27.78 3.69 -45.13
CA PRO G 170 26.43 3.27 -45.51
C PRO G 170 25.34 3.78 -44.57
N ASP G 171 25.69 4.28 -43.39
CA ASP G 171 24.72 4.88 -42.48
C ASP G 171 25.42 5.95 -41.66
N ALA G 172 24.63 6.64 -40.83
CA ALA G 172 25.19 7.70 -40.00
C ALA G 172 26.14 7.16 -38.94
N GLY G 173 25.89 5.96 -38.43
CA GLY G 173 26.71 5.41 -37.37
C GLY G 173 28.12 5.03 -37.80
N GLY G 174 28.33 4.81 -39.09
CA GLY G 174 29.65 4.46 -39.58
C GLY G 174 30.56 5.63 -39.88
N ALA G 175 30.13 6.85 -39.56
CA ALA G 175 30.84 8.04 -39.99
C ALA G 175 32.25 8.08 -39.40
N LYS G 176 32.41 7.72 -38.13
CA LYS G 176 33.73 7.78 -37.51
C LYS G 176 34.70 6.81 -38.19
N ARG G 177 34.24 5.59 -38.46
CA ARG G 177 35.09 4.60 -39.12
C ARG G 177 35.49 5.07 -40.52
N VAL G 178 34.53 5.60 -41.28
CA VAL G 178 34.83 6.07 -42.63
C VAL G 178 35.75 7.28 -42.60
N THR G 179 35.55 8.22 -41.67
CA THR G 179 36.43 9.37 -41.60
C THR G 179 37.84 8.95 -41.22
N SER G 180 37.98 7.99 -40.31
CA SER G 180 39.29 7.50 -39.94
C SER G 180 40.00 6.87 -41.13
N ILE G 181 39.28 6.03 -41.89
CA ILE G 181 39.89 5.38 -43.04
C ILE G 181 40.26 6.40 -44.11
N ALA G 182 39.39 7.38 -44.36
CA ALA G 182 39.66 8.41 -45.36
C ALA G 182 40.86 9.26 -44.96
N ASP G 183 40.98 9.59 -43.67
CA ASP G 183 42.15 10.29 -43.17
C ASP G 183 43.43 9.49 -43.39
N ARG G 184 43.39 8.19 -43.05
CA ARG G 184 44.59 7.37 -43.24
C ARG G 184 44.95 7.22 -44.71
N LEU G 185 43.98 7.19 -45.60
CA LEU G 185 44.25 7.11 -47.03
C LEU G 185 44.40 8.48 -47.68
N ASN G 186 44.14 9.56 -46.96
CA ASN G 186 44.15 10.92 -47.51
C ASN G 186 43.25 11.01 -48.74
N VAL G 187 42.00 10.56 -48.58
CA VAL G 187 41.02 10.57 -49.65
C VAL G 187 39.75 11.23 -49.14
N ASP G 188 38.85 11.53 -50.08
CA ASP G 188 37.55 12.08 -49.73
C ASP G 188 36.69 11.01 -49.07
N PHE G 189 35.66 11.46 -48.37
CA PHE G 189 34.68 10.56 -47.80
C PHE G 189 33.28 11.09 -48.10
N ALA G 190 32.32 10.18 -48.07
CA ALA G 190 30.92 10.51 -48.24
C ALA G 190 30.11 9.71 -47.23
N LEU G 191 28.89 10.17 -46.99
CA LEU G 191 28.00 9.48 -46.07
C LEU G 191 26.65 9.29 -46.74
N ILE G 192 26.07 8.12 -46.54
CA ILE G 192 24.74 7.80 -47.05
C ILE G 192 23.83 7.53 -45.87
N HIS G 193 22.66 8.16 -45.86
CA HIS G 193 21.70 8.00 -44.79
C HIS G 193 20.37 7.55 -45.38
N LYS G 194 19.80 6.49 -44.81
CA LYS G 194 18.44 6.10 -45.10
C LYS G 194 17.52 6.78 -44.09
N GLU G 195 16.66 7.68 -44.57
CA GLU G 195 15.87 8.43 -43.60
C GLU G 195 14.80 7.56 -42.97
N ARG G 196 14.32 8.01 -41.81
CA ARG G 196 13.48 7.18 -40.96
C ARG G 196 12.15 6.88 -41.63
N LYS G 197 11.65 5.67 -41.37
CA LYS G 197 10.44 5.15 -41.99
C LYS G 197 9.24 5.67 -41.21
N LYS G 198 8.76 6.86 -41.60
CA LYS G 198 7.61 7.44 -40.92
C LYS G 198 6.32 6.75 -41.33
N ALA G 199 6.25 6.24 -42.55
CA ALA G 199 5.07 5.54 -43.05
C ALA G 199 5.54 4.47 -44.03
N ASN G 200 4.62 3.97 -44.85
CA ASN G 200 4.90 2.86 -45.75
C ASN G 200 5.24 3.31 -47.17
N GLU G 201 5.83 4.49 -47.33
CA GLU G 201 6.26 4.91 -48.66
C GLU G 201 7.62 4.28 -48.98
N VAL G 202 8.18 4.71 -50.11
CA VAL G 202 9.44 4.14 -50.57
C VAL G 202 10.59 4.60 -49.68
N ASP G 203 11.45 3.65 -49.31
CA ASP G 203 12.70 4.01 -48.65
C ASP G 203 13.56 4.83 -49.59
N ARG G 204 13.97 6.02 -49.15
CA ARG G 204 14.81 6.89 -49.96
C ARG G 204 16.09 7.19 -49.19
N MET G 205 17.19 7.25 -49.94
CA MET G 205 18.51 7.42 -49.36
C MET G 205 19.08 8.76 -49.77
N VAL G 206 19.63 9.47 -48.81
CA VAL G 206 20.29 10.75 -49.06
C VAL G 206 21.79 10.54 -49.00
N LEU G 207 22.49 11.10 -49.96
CA LEU G 207 23.94 11.04 -50.01
C LEU G 207 24.52 12.44 -49.80
N VAL G 208 25.44 12.56 -48.86
CA VAL G 208 26.19 13.80 -48.64
C VAL G 208 27.64 13.53 -49.01
N GLY G 209 28.18 14.34 -49.90
CA GLY G 209 29.49 14.11 -50.46
C GLY G 209 29.43 13.79 -51.94
N ASP G 210 30.58 13.90 -52.59
CA ASP G 210 30.68 13.75 -54.04
C ASP G 210 31.34 12.42 -54.35
N VAL G 211 30.63 11.57 -55.11
CA VAL G 211 31.16 10.28 -55.54
C VAL G 211 31.14 10.15 -57.06
N LYS G 212 30.82 11.22 -57.78
CA LYS G 212 30.63 11.14 -59.22
C LYS G 212 31.95 10.83 -59.92
N ASP G 213 31.92 9.84 -60.80
CA ASP G 213 33.07 9.44 -61.63
C ASP G 213 34.26 9.01 -60.79
N ARG G 214 34.01 8.55 -59.57
CA ARG G 214 35.07 8.05 -58.71
C ARG G 214 34.70 6.66 -58.21
N VAL G 215 35.72 5.91 -57.84
CA VAL G 215 35.50 4.63 -57.17
C VAL G 215 35.00 4.90 -55.75
N ALA G 216 33.93 4.25 -55.38
CA ALA G 216 33.36 4.37 -54.04
C ALA G 216 33.64 3.10 -53.26
N ILE G 217 34.19 3.24 -52.07
CA ILE G 217 34.45 2.13 -51.18
C ILE G 217 33.50 2.27 -50.00
N LEU G 218 32.56 1.34 -49.89
CA LEU G 218 31.69 1.27 -48.73
C LEU G 218 32.42 0.55 -47.61
N VAL G 219 32.55 1.22 -46.46
CA VAL G 219 33.19 0.64 -45.29
C VAL G 219 32.19 0.66 -44.14
N ASP G 220 31.96 -0.51 -43.55
CA ASP G 220 31.07 -0.63 -42.40
C ASP G 220 31.62 -1.70 -41.49
N ASP G 221 31.09 -1.76 -40.27
CA ASP G 221 31.55 -2.75 -39.31
C ASP G 221 30.99 -4.14 -39.60
N MET G 222 29.83 -4.24 -40.22
CA MET G 222 29.25 -5.56 -40.47
C MET G 222 28.23 -5.47 -41.58
N ALA G 223 27.98 -6.61 -42.21
CA ALA G 223 26.93 -6.76 -43.21
C ALA G 223 26.13 -8.00 -42.83
N ASP G 224 24.99 -7.80 -42.17
CA ASP G 224 24.16 -8.92 -41.72
C ASP G 224 23.25 -9.40 -42.85
N THR G 225 22.29 -8.56 -43.24
CA THR G 225 21.41 -8.88 -44.36
C THR G 225 21.84 -8.19 -45.64
N CYS G 226 22.85 -7.33 -45.55
CA CYS G 226 23.37 -6.55 -46.68
C CYS G 226 22.36 -5.57 -47.24
N GLY G 227 21.27 -5.31 -46.52
CA GLY G 227 20.36 -4.27 -46.94
C GLY G 227 21.02 -2.91 -46.95
N THR G 228 21.81 -2.62 -45.90
CA THR G 228 22.49 -1.33 -45.82
C THR G 228 23.46 -1.14 -46.98
N ILE G 229 24.35 -2.11 -47.20
CA ILE G 229 25.36 -1.94 -48.24
C ILE G 229 24.73 -2.03 -49.63
N CYS G 230 23.71 -2.86 -49.82
CA CYS G 230 23.10 -2.95 -51.14
C CYS G 230 22.36 -1.66 -51.49
N HIS G 231 21.58 -1.13 -50.55
CA HIS G 231 20.90 0.14 -50.78
C HIS G 231 21.89 1.26 -51.02
N ALA G 232 22.98 1.28 -50.23
CA ALA G 232 24.02 2.27 -50.44
C ALA G 232 24.67 2.12 -51.81
N ALA G 233 24.83 0.88 -52.28
CA ALA G 233 25.44 0.65 -53.58
C ALA G 233 24.55 1.16 -54.71
N ASP G 234 23.23 0.89 -54.61
CA ASP G 234 22.32 1.45 -55.59
C ASP G 234 22.38 2.97 -55.59
N LYS G 235 22.38 3.58 -54.40
CA LYS G 235 22.48 5.03 -54.32
C LYS G 235 23.77 5.55 -54.94
N LEU G 236 24.89 4.87 -54.66
CA LEU G 236 26.18 5.30 -55.17
C LEU G 236 26.24 5.23 -56.69
N LEU G 237 25.73 4.15 -57.27
CA LEU G 237 25.68 4.08 -58.73
C LEU G 237 24.75 5.14 -59.30
N SER G 238 23.60 5.35 -58.67
CA SER G 238 22.69 6.40 -59.13
C SER G 238 23.32 7.78 -59.04
N ALA G 239 24.30 7.95 -58.15
CA ALA G 239 24.98 9.22 -57.97
C ALA G 239 26.20 9.37 -58.86
N GLY G 240 26.50 8.40 -59.70
CA GLY G 240 27.58 8.50 -60.65
C GLY G 240 28.89 7.85 -60.26
N ALA G 241 28.91 6.99 -59.26
CA ALA G 241 30.12 6.26 -58.93
C ALA G 241 30.47 5.29 -60.05
N THR G 242 31.75 5.20 -60.38
CA THR G 242 32.18 4.29 -61.43
C THR G 242 32.14 2.85 -60.96
N ARG G 243 32.85 2.55 -59.88
CA ARG G 243 32.84 1.22 -59.29
C ARG G 243 32.54 1.35 -57.81
N VAL G 244 31.93 0.31 -57.24
CA VAL G 244 31.55 0.30 -55.84
C VAL G 244 32.13 -0.94 -55.18
N TYR G 245 32.91 -0.74 -54.13
CA TYR G 245 33.41 -1.81 -53.28
C TYR G 245 32.71 -1.75 -51.94
N ALA G 246 32.62 -2.90 -51.29
CA ALA G 246 32.13 -2.99 -49.92
C ALA G 246 33.17 -3.73 -49.09
N ILE G 247 33.62 -3.10 -48.01
CA ILE G 247 34.56 -3.70 -47.09
C ILE G 247 33.94 -3.71 -45.71
N LEU G 248 33.81 -4.89 -45.13
CA LEU G 248 33.28 -5.08 -43.80
C LEU G 248 34.32 -5.83 -42.97
N THR G 249 34.21 -5.73 -41.66
CA THR G 249 35.03 -6.64 -40.86
C THR G 249 34.29 -7.91 -40.48
N HIS G 250 32.98 -7.81 -40.23
CA HIS G 250 32.17 -8.97 -39.89
C HIS G 250 31.22 -9.27 -41.03
N GLY G 251 31.49 -10.36 -41.74
CA GLY G 251 30.55 -10.81 -42.76
C GLY G 251 29.57 -11.82 -42.19
N ILE G 252 28.41 -11.36 -41.75
CA ILE G 252 27.40 -12.27 -41.21
C ILE G 252 26.64 -12.93 -42.34
N PHE G 253 26.20 -12.14 -43.32
CA PHE G 253 25.58 -12.65 -44.54
C PHE G 253 24.41 -13.57 -44.23
N SER G 254 23.59 -13.19 -43.25
CA SER G 254 22.42 -13.99 -42.91
C SER G 254 21.27 -13.67 -43.86
N GLY G 255 20.33 -14.60 -43.94
CA GLY G 255 19.12 -14.42 -44.70
C GLY G 255 19.36 -14.22 -46.18
N PRO G 256 18.81 -13.13 -46.72
CA PRO G 256 18.88 -12.89 -48.17
C PRO G 256 20.15 -12.21 -48.63
N ALA G 257 21.20 -12.18 -47.80
CA ALA G 257 22.38 -11.39 -48.12
C ALA G 257 23.09 -11.88 -49.38
N ILE G 258 23.20 -13.20 -49.55
CA ILE G 258 23.95 -13.73 -50.68
C ILE G 258 23.26 -13.39 -51.99
N SER G 259 21.94 -13.57 -52.04
CA SER G 259 21.20 -13.21 -53.25
C SER G 259 21.26 -11.70 -53.49
N ARG G 260 21.21 -10.91 -52.42
CA ARG G 260 21.31 -9.47 -52.56
C ARG G 260 22.65 -9.06 -53.17
N ILE G 261 23.74 -9.65 -52.69
CA ILE G 261 25.06 -9.30 -53.19
C ILE G 261 25.22 -9.77 -54.62
N ASN G 262 24.77 -10.99 -54.92
CA ASN G 262 24.89 -11.51 -56.28
C ASN G 262 24.13 -10.65 -57.28
N ASN G 263 23.06 -10.01 -56.86
CA ASN G 263 22.27 -9.13 -57.72
C ASN G 263 22.67 -7.67 -57.58
N ALA G 264 23.67 -7.36 -56.77
CA ALA G 264 24.15 -6.00 -56.61
C ALA G 264 25.27 -5.73 -57.60
N CYS G 265 25.84 -4.53 -57.51
CA CYS G 265 26.83 -4.04 -58.46
C CYS G 265 28.23 -3.99 -57.88
N PHE G 266 28.47 -4.71 -56.79
CA PHE G 266 29.75 -4.62 -56.10
C PHE G 266 30.87 -5.17 -56.95
N GLU G 267 31.99 -4.45 -57.01
CA GLU G 267 33.20 -5.00 -57.59
C GLU G 267 33.73 -6.14 -56.72
N ALA G 268 33.68 -5.97 -55.41
CA ALA G 268 34.08 -7.01 -54.47
C ALA G 268 33.46 -6.68 -53.12
N VAL G 269 33.08 -7.72 -52.39
CA VAL G 269 32.64 -7.59 -51.00
C VAL G 269 33.73 -8.22 -50.16
N VAL G 270 34.41 -7.40 -49.36
CA VAL G 270 35.58 -7.82 -48.61
C VAL G 270 35.21 -7.88 -47.14
N VAL G 271 35.44 -9.05 -46.53
CA VAL G 271 35.19 -9.24 -45.11
C VAL G 271 36.43 -9.90 -44.50
N THR G 272 36.55 -9.77 -43.19
CA THR G 272 37.54 -10.56 -42.49
C THR G 272 36.98 -11.95 -42.18
N ASN G 273 37.83 -12.83 -41.66
CA ASN G 273 37.39 -14.15 -41.26
C ASN G 273 37.10 -14.23 -39.77
N THR G 274 36.60 -13.14 -39.17
CA THR G 274 36.04 -13.23 -37.83
C THR G 274 34.85 -14.16 -37.79
N ILE G 275 34.19 -14.36 -38.92
CA ILE G 275 33.09 -15.31 -39.07
C ILE G 275 33.51 -16.24 -40.20
N PRO G 276 33.24 -17.54 -40.12
CA PRO G 276 33.59 -18.43 -41.24
C PRO G 276 32.88 -18.00 -42.51
N GLN G 277 33.62 -17.96 -43.61
CA GLN G 277 33.10 -17.49 -44.88
C GLN G 277 33.13 -18.55 -45.97
N GLU G 278 33.60 -19.77 -45.66
CA GLU G 278 33.77 -20.79 -46.69
C GLU G 278 32.46 -21.06 -47.42
N ASP G 279 31.38 -21.23 -46.66
CA ASP G 279 30.07 -21.48 -47.28
C ASP G 279 29.60 -20.28 -48.08
N LYS G 280 29.82 -19.06 -47.56
CA LYS G 280 29.37 -17.87 -48.25
C LYS G 280 30.11 -17.68 -49.58
N MET G 281 31.42 -17.92 -49.60
CA MET G 281 32.20 -17.74 -50.82
C MET G 281 31.78 -18.73 -51.91
N LYS G 282 31.25 -19.90 -51.53
CA LYS G 282 30.86 -20.87 -52.53
C LYS G 282 29.64 -20.42 -53.33
N HIS G 283 28.80 -19.56 -52.76
CA HIS G 283 27.61 -19.09 -53.45
C HIS G 283 27.71 -17.63 -53.92
N CYS G 284 28.78 -16.93 -53.57
CA CYS G 284 28.97 -15.54 -54.00
C CYS G 284 30.44 -15.34 -54.35
N SER G 285 30.73 -15.26 -55.64
CA SER G 285 32.10 -15.05 -56.08
C SER G 285 32.64 -13.67 -55.71
N LYS G 286 31.75 -12.71 -55.45
CA LYS G 286 32.19 -11.35 -55.12
C LYS G 286 32.87 -11.28 -53.76
N ILE G 287 32.63 -12.25 -52.88
CA ILE G 287 33.17 -12.18 -51.52
C ILE G 287 34.64 -12.55 -51.53
N GLN G 288 35.46 -11.70 -50.92
CA GLN G 288 36.86 -11.98 -50.65
C GLN G 288 37.11 -11.81 -49.16
N VAL G 289 38.09 -12.54 -48.64
CA VAL G 289 38.32 -12.66 -47.21
C VAL G 289 39.69 -12.13 -46.86
N ILE G 290 39.75 -11.23 -45.89
CA ILE G 290 41.01 -10.81 -45.28
C ILE G 290 41.22 -11.67 -44.05
N ASP G 291 42.33 -12.40 -44.02
CA ASP G 291 42.65 -13.21 -42.85
C ASP G 291 43.11 -12.30 -41.73
N ILE G 292 42.45 -12.37 -40.57
CA ILE G 292 42.86 -11.62 -39.40
C ILE G 292 43.38 -12.56 -38.31
N SER G 293 43.63 -13.83 -38.64
CA SER G 293 44.12 -14.77 -37.65
C SER G 293 45.47 -14.35 -37.10
N MET G 294 46.30 -13.67 -37.90
CA MET G 294 47.58 -13.21 -37.38
C MET G 294 47.38 -12.11 -36.35
N ILE G 295 46.39 -11.25 -36.54
CA ILE G 295 46.11 -10.21 -35.55
C ILE G 295 45.67 -10.83 -34.23
N LEU G 296 44.74 -11.79 -34.30
CA LEU G 296 44.27 -12.44 -33.08
C LEU G 296 45.38 -13.23 -32.41
N ALA G 297 46.20 -13.93 -33.20
CA ALA G 297 47.29 -14.71 -32.63
C ALA G 297 48.31 -13.80 -31.95
N GLU G 298 48.65 -12.67 -32.59
CA GLU G 298 49.56 -11.73 -31.95
C GLU G 298 48.96 -11.13 -30.70
N ALA G 299 47.65 -10.85 -30.70
CA ALA G 299 47.01 -10.33 -29.50
C ALA G 299 47.07 -11.34 -28.36
N ILE G 300 46.81 -12.61 -28.65
CA ILE G 300 46.88 -13.65 -27.63
C ILE G 300 48.29 -13.80 -27.11
N ARG G 301 49.27 -13.81 -28.02
CA ARG G 301 50.67 -13.98 -27.62
C ARG G 301 51.13 -12.81 -26.76
N ARG G 302 50.77 -11.59 -27.12
CA ARG G 302 51.17 -10.43 -26.33
C ARG G 302 50.44 -10.39 -24.99
N THR G 303 49.18 -10.80 -24.96
CA THR G 303 48.47 -10.89 -23.69
C THR G 303 49.15 -11.88 -22.76
N HIS G 304 49.55 -13.04 -23.30
CA HIS G 304 50.23 -14.03 -22.49
C HIS G 304 51.59 -13.52 -22.02
N ASN G 305 52.31 -12.82 -22.87
CA ASN G 305 53.65 -12.34 -22.55
C ASN G 305 53.64 -11.02 -21.80
N GLY G 306 52.48 -10.44 -21.54
CA GLY G 306 52.44 -9.16 -20.86
C GLY G 306 53.03 -8.02 -21.68
N GLU G 307 52.74 -7.99 -22.97
CA GLU G 307 53.21 -6.94 -23.86
C GLU G 307 52.03 -6.17 -24.43
N SER G 308 52.30 -4.93 -24.79
CA SER G 308 51.26 -4.06 -25.35
C SER G 308 50.77 -4.59 -26.70
N VAL G 309 49.48 -4.42 -26.95
CA VAL G 309 48.90 -4.75 -28.25
C VAL G 309 48.73 -3.52 -29.11
N SER G 310 49.30 -2.38 -28.71
CA SER G 310 49.17 -1.15 -29.48
C SER G 310 49.78 -1.30 -30.88
N TYR G 311 50.78 -2.16 -31.01
CA TYR G 311 51.40 -2.39 -32.31
C TYR G 311 50.39 -2.89 -33.33
N LEU G 312 49.36 -3.62 -32.88
CA LEU G 312 48.36 -4.18 -33.78
C LEU G 312 47.44 -3.12 -34.38
N PHE G 313 47.44 -1.90 -33.86
CA PHE G 313 46.58 -0.85 -34.37
C PHE G 313 47.24 0.00 -35.44
N SER G 314 48.50 -0.28 -35.77
CA SER G 314 49.20 0.42 -36.83
C SER G 314 49.79 -0.50 -37.89
N HIS G 315 49.90 -1.80 -37.61
CA HIS G 315 50.56 -2.73 -38.50
C HIS G 315 49.78 -4.03 -38.56
N VAL G 316 49.89 -4.72 -39.69
CA VAL G 316 49.36 -6.07 -39.86
C VAL G 316 50.53 -7.04 -39.75
N PRO G 317 50.61 -7.88 -38.71
CA PRO G 317 51.74 -8.80 -38.52
C PRO G 317 51.80 -9.90 -39.58
N PRO H 2 1.17 -3.79 -6.88
CA PRO H 2 1.63 -4.53 -8.05
C PRO H 2 0.61 -5.56 -8.53
N ASN H 3 0.54 -5.76 -9.85
CA ASN H 3 -0.37 -6.71 -10.44
C ASN H 3 0.41 -7.85 -11.07
N ILE H 4 -0.23 -9.02 -11.16
CA ILE H 4 0.39 -10.15 -11.85
C ILE H 4 0.45 -9.87 -13.33
N LYS H 5 1.65 -9.96 -13.90
CA LYS H 5 1.85 -9.94 -15.34
C LYS H 5 2.48 -11.26 -15.74
N ILE H 6 1.79 -12.00 -16.60
CA ILE H 6 2.25 -13.31 -17.05
C ILE H 6 2.76 -13.13 -18.48
N PHE H 7 4.03 -13.43 -18.70
CA PHE H 7 4.63 -13.37 -20.03
C PHE H 7 5.07 -14.77 -20.44
N SER H 8 4.84 -15.10 -21.70
CA SER H 8 5.20 -16.39 -22.25
C SER H 8 6.43 -16.25 -23.14
N GLY H 9 7.38 -17.16 -22.96
CA GLY H 9 8.41 -17.37 -23.95
C GLY H 9 7.90 -18.23 -25.08
N SER H 10 8.80 -18.55 -26.01
CA SER H 10 8.41 -19.34 -27.17
C SER H 10 8.30 -20.83 -26.86
N SER H 11 8.79 -21.27 -25.70
CA SER H 11 8.91 -22.71 -25.46
C SER H 11 7.55 -23.37 -25.29
N HIS H 12 6.77 -22.94 -24.29
CA HIS H 12 5.51 -23.59 -23.95
C HIS H 12 4.44 -22.52 -23.79
N GLN H 13 3.88 -22.09 -24.93
CA GLN H 13 2.90 -21.02 -24.88
C GLN H 13 1.50 -21.53 -24.53
N ASP H 14 1.20 -22.80 -24.84
CA ASP H 14 -0.07 -23.37 -24.42
C ASP H 14 -0.16 -23.45 -22.91
N LEU H 15 0.92 -23.86 -22.25
CA LEU H 15 0.93 -23.88 -20.78
C LEU H 15 0.79 -22.48 -20.20
N SER H 16 1.45 -21.50 -20.81
CA SER H 16 1.32 -20.13 -20.36
C SER H 16 -0.12 -19.66 -20.49
N GLN H 17 -0.77 -20.00 -21.60
CA GLN H 17 -2.17 -19.66 -21.78
C GLN H 17 -3.05 -20.30 -20.73
N LYS H 18 -2.81 -21.58 -20.43
CA LYS H 18 -3.59 -22.25 -19.39
C LYS H 18 -3.40 -21.59 -18.04
N ILE H 19 -2.17 -21.23 -17.71
CA ILE H 19 -1.90 -20.55 -16.44
C ILE H 19 -2.62 -19.22 -16.38
N ALA H 20 -2.55 -18.45 -17.48
CA ALA H 20 -3.21 -17.15 -17.51
C ALA H 20 -4.72 -17.28 -17.38
N ASP H 21 -5.32 -18.27 -18.06
CA ASP H 21 -6.76 -18.49 -17.93
C ASP H 21 -7.13 -18.88 -16.50
N ARG H 22 -6.33 -19.74 -15.88
CA ARG H 22 -6.64 -20.13 -14.50
C ARG H 22 -6.46 -18.95 -13.54
N LEU H 23 -5.60 -18.00 -13.88
CA LEU H 23 -5.45 -16.79 -13.10
C LEU H 23 -6.43 -15.69 -13.51
N GLY H 24 -7.27 -15.95 -14.51
CA GLY H 24 -8.18 -14.93 -14.99
C GLY H 24 -7.49 -13.73 -15.60
N LEU H 25 -6.41 -13.96 -16.33
CA LEU H 25 -5.61 -12.90 -16.92
C LEU H 25 -5.38 -13.18 -18.39
N GLU H 26 -5.09 -12.12 -19.13
CA GLU H 26 -4.53 -12.26 -20.47
C GLU H 26 -3.01 -12.27 -20.39
N LEU H 27 -2.40 -13.06 -21.26
CA LEU H 27 -0.94 -13.09 -21.34
C LEU H 27 -0.43 -11.70 -21.69
N GLY H 28 0.68 -11.31 -21.06
CA GLY H 28 1.29 -10.05 -21.38
C GLY H 28 1.75 -9.99 -22.83
N LYS H 29 1.72 -8.80 -23.39
CA LYS H 29 2.08 -8.61 -24.80
C LYS H 29 3.59 -8.69 -24.94
N VAL H 30 4.07 -9.75 -25.58
CA VAL H 30 5.49 -9.91 -25.88
C VAL H 30 5.63 -10.45 -27.30
N VAL H 31 6.58 -9.90 -28.04
CA VAL H 31 7.01 -10.47 -29.31
C VAL H 31 8.35 -11.13 -29.05
N THR H 32 8.39 -12.44 -29.19
CA THR H 32 9.60 -13.24 -28.97
C THR H 32 9.95 -13.90 -30.30
N LYS H 33 10.85 -13.29 -31.06
CA LYS H 33 11.22 -13.81 -32.36
C LYS H 33 12.73 -13.91 -32.47
N LYS H 34 13.23 -14.14 -33.68
CA LYS H 34 14.65 -14.14 -33.95
C LYS H 34 15.00 -13.07 -34.98
N PHE H 35 16.08 -12.33 -34.72
CA PHE H 35 16.67 -11.51 -35.75
C PHE H 35 17.16 -12.41 -36.88
N SER H 36 17.55 -11.77 -37.99
CA SER H 36 17.99 -12.53 -39.15
C SER H 36 19.22 -13.38 -38.83
N ASN H 37 20.16 -12.84 -38.04
CA ASN H 37 21.36 -13.56 -37.67
C ASN H 37 21.13 -14.52 -36.51
N GLN H 38 19.88 -14.86 -36.22
CA GLN H 38 19.47 -15.84 -35.22
C GLN H 38 19.71 -15.37 -33.79
N GLU H 39 19.94 -14.08 -33.58
CA GLU H 39 19.96 -13.54 -32.22
C GLU H 39 18.54 -13.39 -31.71
N THR H 40 18.36 -13.64 -30.42
CA THR H 40 17.03 -13.58 -29.82
C THR H 40 16.54 -12.13 -29.79
N CYS H 41 15.32 -11.92 -30.26
CA CYS H 41 14.67 -10.61 -30.25
C CYS H 41 13.50 -10.67 -29.28
N VAL H 42 13.50 -9.80 -28.29
CA VAL H 42 12.45 -9.74 -27.29
C VAL H 42 11.88 -8.33 -27.30
N GLU H 43 10.57 -8.23 -27.51
CA GLU H 43 9.88 -6.94 -27.58
C GLU H 43 8.68 -7.00 -26.63
N ILE H 44 8.89 -6.58 -25.39
CA ILE H 44 7.81 -6.48 -24.43
C ILE H 44 6.89 -5.34 -24.86
N GLY H 45 5.61 -5.65 -25.05
CA GLY H 45 4.67 -4.71 -25.62
C GLY H 45 3.84 -3.90 -24.64
N GLU H 46 4.18 -3.92 -23.34
CA GLU H 46 3.42 -3.16 -22.37
C GLU H 46 4.32 -2.81 -21.20
N SER H 47 3.89 -1.83 -20.43
CA SER H 47 4.61 -1.44 -19.23
C SER H 47 4.55 -2.53 -18.18
N VAL H 48 5.67 -2.76 -17.51
CA VAL H 48 5.74 -3.65 -16.36
C VAL H 48 6.21 -2.90 -15.12
N ARG H 49 6.13 -1.57 -15.14
CA ARG H 49 6.62 -0.74 -14.05
C ARG H 49 5.88 -1.08 -12.76
N GLY H 50 6.64 -1.46 -11.73
CA GLY H 50 6.04 -1.80 -10.46
C GLY H 50 5.13 -3.01 -10.49
N GLU H 51 5.26 -3.84 -11.51
CA GLU H 51 4.42 -5.02 -11.66
C GLU H 51 5.12 -6.26 -11.12
N ASP H 52 4.33 -7.27 -10.79
CA ASP H 52 4.83 -8.57 -10.35
C ASP H 52 4.84 -9.46 -11.59
N VAL H 53 6.01 -9.59 -12.22
CA VAL H 53 6.14 -10.21 -13.53
C VAL H 53 6.49 -11.68 -13.35
N TYR H 54 5.73 -12.54 -14.02
CA TYR H 54 6.02 -13.96 -14.07
C TYR H 54 6.25 -14.34 -15.52
N ILE H 55 7.43 -14.88 -15.81
CA ILE H 55 7.81 -15.29 -17.15
C ILE H 55 7.83 -16.80 -17.18
N VAL H 56 6.99 -17.39 -18.02
CA VAL H 56 6.88 -18.84 -18.16
C VAL H 56 7.75 -19.26 -19.32
N GLN H 57 8.74 -20.11 -19.05
CA GLN H 57 9.63 -20.63 -20.08
C GLN H 57 10.19 -21.96 -19.60
N SER H 58 9.84 -23.03 -20.29
CA SER H 58 10.33 -24.35 -19.94
C SER H 58 11.65 -24.63 -20.63
N GLY H 59 12.46 -25.47 -20.00
CA GLY H 59 13.68 -25.91 -20.65
C GLY H 59 13.37 -27.09 -21.54
N CYS H 60 13.12 -26.82 -22.82
CA CYS H 60 12.69 -27.82 -23.77
C CYS H 60 12.82 -27.21 -25.16
N GLY H 61 12.63 -28.05 -26.16
CA GLY H 61 12.77 -27.58 -27.54
C GLY H 61 14.17 -27.07 -27.79
N GLU H 62 14.26 -25.89 -28.37
CA GLU H 62 15.53 -25.22 -28.61
C GLU H 62 16.02 -24.68 -27.28
N ILE H 63 16.80 -25.51 -26.57
CA ILE H 63 17.09 -25.26 -25.15
C ILE H 63 17.81 -23.93 -24.98
N ASN H 64 18.89 -23.73 -25.73
CA ASN H 64 19.70 -22.53 -25.54
C ASN H 64 18.96 -21.31 -26.05
N ASP H 65 18.23 -21.46 -27.16
CA ASP H 65 17.34 -20.42 -27.65
C ASP H 65 16.36 -19.98 -26.57
N ASN H 66 15.69 -20.95 -25.94
CA ASN H 66 14.68 -20.65 -24.94
C ASN H 66 15.28 -20.03 -23.68
N LEU H 67 16.43 -20.55 -23.24
CA LEU H 67 17.08 -20.00 -22.06
C LEU H 67 17.54 -18.57 -22.30
N MET H 68 18.10 -18.30 -23.49
CA MET H 68 18.50 -16.93 -23.79
C MET H 68 17.28 -16.02 -23.86
N GLU H 69 16.19 -16.51 -24.45
CA GLU H 69 14.93 -15.76 -24.47
C GLU H 69 14.50 -15.41 -23.07
N LEU H 70 14.52 -16.39 -22.17
CA LEU H 70 14.11 -16.17 -20.78
C LEU H 70 15.01 -15.14 -20.10
N LEU H 71 16.34 -15.26 -20.28
CA LEU H 71 17.25 -14.33 -19.65
C LEU H 71 17.04 -12.91 -20.17
N ILE H 72 16.88 -12.76 -21.48
CA ILE H 72 16.66 -11.44 -22.07
C ILE H 72 15.36 -10.84 -21.57
N MET H 73 14.30 -11.64 -21.49
CA MET H 73 13.03 -11.15 -20.99
C MET H 73 13.11 -10.76 -19.52
N ILE H 74 13.82 -11.54 -18.71
CA ILE H 74 14.02 -11.19 -17.30
C ILE H 74 14.76 -9.86 -17.19
N ASN H 75 15.83 -9.70 -17.96
CA ASN H 75 16.61 -8.48 -17.88
C ASN H 75 15.82 -7.27 -18.38
N ALA H 76 15.04 -7.45 -19.44
CA ALA H 76 14.21 -6.37 -19.94
C ALA H 76 13.19 -5.94 -18.90
N CYS H 77 12.56 -6.92 -18.23
CA CYS H 77 11.59 -6.59 -17.19
C CYS H 77 12.26 -5.87 -16.02
N LYS H 78 13.46 -6.31 -15.63
CA LYS H 78 14.16 -5.66 -14.53
C LYS H 78 14.53 -4.23 -14.88
N ILE H 79 15.08 -4.02 -16.06
CA ILE H 79 15.45 -2.66 -16.47
C ILE H 79 14.20 -1.82 -16.70
N ALA H 80 13.08 -2.45 -17.07
CA ALA H 80 11.81 -1.76 -17.18
C ALA H 80 11.13 -1.52 -15.84
N SER H 81 11.88 -1.69 -14.73
CA SER H 81 11.44 -1.30 -13.40
C SER H 81 10.26 -2.14 -12.91
N ALA H 82 10.28 -3.44 -13.23
CA ALA H 82 9.32 -4.35 -12.64
C ALA H 82 9.56 -4.44 -11.14
N SER H 83 8.48 -4.54 -10.37
CA SER H 83 8.62 -4.70 -8.92
C SER H 83 9.31 -5.99 -8.57
N ARG H 84 8.97 -7.08 -9.26
CA ARG H 84 9.56 -8.38 -9.00
C ARG H 84 9.46 -9.20 -10.28
N VAL H 85 10.51 -9.94 -10.59
CA VAL H 85 10.54 -10.80 -11.77
C VAL H 85 10.73 -12.23 -11.31
N THR H 86 9.78 -13.09 -11.68
CA THR H 86 9.81 -14.49 -11.33
C THR H 86 9.92 -15.31 -12.61
N ALA H 87 10.88 -16.22 -12.64
CA ALA H 87 11.04 -17.13 -13.75
C ALA H 87 10.29 -18.42 -13.42
N VAL H 88 9.21 -18.68 -14.16
CA VAL H 88 8.45 -19.91 -14.02
C VAL H 88 9.04 -20.89 -15.05
N ILE H 89 9.88 -21.79 -14.56
CA ILE H 89 10.59 -22.73 -15.44
C ILE H 89 10.12 -24.13 -15.11
N PRO H 90 9.05 -24.62 -15.76
CA PRO H 90 8.51 -25.94 -15.39
C PRO H 90 9.52 -27.07 -15.45
N CYS H 91 10.38 -27.09 -16.47
CA CYS H 91 11.46 -28.05 -16.58
C CYS H 91 12.77 -27.28 -16.61
N PHE H 92 13.55 -27.39 -15.54
CA PHE H 92 14.76 -26.60 -15.41
C PHE H 92 15.82 -27.10 -16.38
N PRO H 93 16.33 -26.25 -17.27
CA PRO H 93 17.35 -26.71 -18.22
C PRO H 93 18.68 -26.97 -17.53
N TYR H 94 19.43 -27.90 -18.10
CA TYR H 94 20.76 -28.30 -17.61
C TYR H 94 20.71 -28.84 -16.19
N ALA H 95 19.54 -29.28 -15.74
CA ALA H 95 19.41 -29.75 -14.35
C ALA H 95 20.21 -31.01 -14.11
N ARG H 96 20.43 -31.82 -15.14
CA ARG H 96 21.20 -33.05 -14.99
C ARG H 96 22.69 -32.78 -14.85
N GLN H 97 23.16 -31.58 -15.16
CA GLN H 97 24.55 -31.20 -14.96
C GLN H 97 24.67 -30.44 -13.65
N ASP H 98 24.46 -31.17 -12.56
CA ASP H 98 24.30 -30.59 -11.23
C ASP H 98 25.48 -30.87 -10.32
N LYS H 99 26.57 -31.44 -10.84
CA LYS H 99 27.72 -31.77 -10.02
C LYS H 99 28.93 -31.95 -10.94
N LYS H 100 30.10 -31.94 -10.33
CA LYS H 100 31.35 -32.19 -11.03
C LYS H 100 31.88 -33.54 -10.56
N ASP H 101 31.46 -34.61 -11.23
CA ASP H 101 31.96 -35.95 -10.97
C ASP H 101 32.91 -36.43 -12.06
N LYS H 102 33.38 -35.52 -12.91
CA LYS H 102 34.35 -35.81 -13.95
C LYS H 102 35.37 -34.68 -13.96
N SER H 103 36.57 -34.98 -14.43
CA SER H 103 37.59 -33.96 -14.59
C SER H 103 37.13 -32.91 -15.59
N ARG H 104 37.30 -31.64 -15.22
CA ARG H 104 37.01 -30.49 -16.07
C ARG H 104 35.52 -30.37 -16.41
N ALA H 105 34.66 -31.12 -15.74
CA ALA H 105 33.24 -31.08 -16.04
C ALA H 105 32.63 -29.78 -15.51
N PRO H 106 31.82 -29.10 -16.32
CA PRO H 106 31.10 -27.93 -15.82
C PRO H 106 29.91 -28.35 -14.98
N ILE H 107 29.55 -27.48 -14.03
CA ILE H 107 28.26 -27.60 -13.34
C ILE H 107 27.33 -26.64 -14.07
N SER H 108 26.71 -27.14 -15.13
CA SER H 108 25.92 -26.27 -16.01
C SER H 108 24.67 -25.77 -15.32
N ALA H 109 24.09 -26.56 -14.40
CA ALA H 109 22.94 -26.09 -13.65
C ALA H 109 23.30 -24.88 -12.80
N LYS H 110 24.47 -24.90 -12.17
CA LYS H 110 24.91 -23.74 -11.39
C LYS H 110 25.15 -22.54 -12.29
N LEU H 111 25.71 -22.77 -13.49
CA LEU H 111 25.90 -21.66 -14.42
C LEU H 111 24.57 -21.07 -14.85
N VAL H 112 23.57 -21.91 -15.10
CA VAL H 112 22.25 -21.42 -15.47
C VAL H 112 21.64 -20.63 -14.32
N ALA H 113 21.80 -21.12 -13.09
CA ALA H 113 21.32 -20.39 -11.93
C ALA H 113 21.99 -19.03 -11.81
N ASN H 114 23.31 -18.98 -12.00
CA ASN H 114 24.01 -17.71 -11.94
C ASN H 114 23.57 -16.76 -13.04
N MET H 115 23.33 -17.30 -14.23
CA MET H 115 22.85 -16.46 -15.34
C MET H 115 21.46 -15.90 -15.05
N LEU H 116 20.58 -16.73 -14.48
CA LEU H 116 19.26 -16.23 -14.10
C LEU H 116 19.37 -15.18 -13.01
N SER H 117 20.27 -15.37 -12.06
CA SER H 117 20.44 -14.40 -10.98
C SER H 117 20.96 -13.07 -11.54
N VAL H 118 21.94 -13.12 -12.44
CA VAL H 118 22.51 -11.89 -12.97
C VAL H 118 21.56 -11.22 -13.96
N ALA H 119 20.67 -11.98 -14.59
CA ALA H 119 19.64 -11.37 -15.41
C ALA H 119 18.64 -10.59 -14.55
N GLY H 120 18.52 -10.93 -13.28
CA GLY H 120 17.70 -10.14 -12.37
C GLY H 120 16.50 -10.88 -11.82
N ALA H 121 16.46 -12.20 -11.96
CA ALA H 121 15.36 -12.96 -11.38
C ALA H 121 15.37 -12.84 -9.87
N ASP H 122 14.19 -12.61 -9.30
CA ASP H 122 14.02 -12.52 -7.86
C ASP H 122 13.41 -13.78 -7.26
N HIS H 123 12.88 -14.66 -8.10
CA HIS H 123 12.14 -15.82 -7.64
C HIS H 123 12.10 -16.84 -8.77
N ILE H 124 12.23 -18.11 -8.42
CA ILE H 124 12.16 -19.20 -9.40
C ILE H 124 11.06 -20.15 -8.96
N ILE H 125 10.17 -20.48 -9.89
CA ILE H 125 9.15 -21.50 -9.70
C ILE H 125 9.41 -22.60 -10.71
N THR H 126 9.60 -23.82 -10.23
CA THR H 126 9.91 -24.95 -11.09
C THR H 126 9.22 -26.18 -10.53
N MET H 127 9.16 -27.22 -11.36
CA MET H 127 8.51 -28.47 -10.98
C MET H 127 9.51 -29.61 -11.06
N ASP H 128 9.63 -30.35 -9.97
CA ASP H 128 10.39 -31.61 -9.91
C ASP H 128 11.79 -31.44 -10.49
N LEU H 129 12.59 -30.63 -9.80
CA LEU H 129 14.00 -30.49 -10.15
C LEU H 129 14.67 -31.85 -10.16
N HIS H 130 15.52 -32.08 -11.17
CA HIS H 130 16.25 -33.33 -11.25
C HIS H 130 17.02 -33.58 -9.96
N ALA H 131 17.60 -32.53 -9.39
CA ALA H 131 18.16 -32.58 -8.04
C ALA H 131 17.57 -31.42 -7.25
N SER H 132 16.97 -31.73 -6.11
CA SER H 132 16.37 -30.69 -5.28
C SER H 132 17.42 -29.71 -4.77
N GLN H 133 18.68 -30.11 -4.70
CA GLN H 133 19.74 -29.21 -4.25
C GLN H 133 19.95 -28.05 -5.22
N ILE H 134 19.38 -28.12 -6.42
CA ILE H 134 19.44 -26.98 -7.34
C ILE H 134 18.80 -25.76 -6.71
N GLN H 135 17.86 -25.95 -5.77
CA GLN H 135 17.35 -24.83 -4.99
C GLN H 135 18.49 -24.07 -4.33
N GLY H 136 19.51 -24.76 -3.88
CA GLY H 136 20.68 -24.15 -3.29
C GLY H 136 21.64 -23.52 -4.25
N PHE H 137 21.41 -23.67 -5.56
CA PHE H 137 22.24 -23.01 -6.55
C PHE H 137 21.92 -21.52 -6.66
N PHE H 138 20.80 -21.08 -6.12
CA PHE H 138 20.39 -19.69 -6.11
C PHE H 138 20.53 -19.11 -4.71
N ASP H 139 20.59 -17.79 -4.63
CA ASP H 139 20.43 -17.06 -3.39
C ASP H 139 19.05 -16.43 -3.25
N ILE H 140 18.13 -16.76 -4.17
CA ILE H 140 16.77 -16.27 -4.15
C ILE H 140 15.86 -17.44 -3.81
N PRO H 141 14.62 -17.22 -3.37
CA PRO H 141 13.71 -18.35 -3.15
C PRO H 141 13.46 -19.12 -4.43
N VAL H 142 13.45 -20.45 -4.31
CA VAL H 142 13.21 -21.34 -5.44
C VAL H 142 12.11 -22.31 -5.03
N ASP H 143 10.99 -22.26 -5.73
CA ASP H 143 9.87 -23.15 -5.47
C ASP H 143 10.04 -24.40 -6.32
N ASN H 144 10.23 -25.53 -5.66
CA ASN H 144 10.39 -26.82 -6.32
C ASN H 144 9.08 -27.60 -6.12
N LEU H 145 8.13 -27.38 -7.02
CA LEU H 145 6.84 -28.02 -6.92
C LEU H 145 6.92 -29.48 -7.31
N TYR H 146 6.07 -30.30 -6.71
CA TYR H 146 6.03 -31.72 -6.99
C TYR H 146 4.83 -32.04 -7.89
N ALA H 147 5.05 -32.92 -8.85
CA ALA H 147 3.95 -33.50 -9.60
C ALA H 147 3.41 -34.75 -8.91
N GLU H 148 3.96 -35.10 -7.74
CA GLU H 148 3.57 -36.34 -7.07
C GLU H 148 2.09 -36.41 -6.72
N PRO H 149 1.45 -35.38 -6.17
CA PRO H 149 0.00 -35.50 -5.94
C PRO H 149 -0.80 -35.78 -7.21
N ALA H 150 -0.45 -35.13 -8.32
CA ALA H 150 -1.11 -35.40 -9.58
C ALA H 150 -0.83 -36.82 -10.06
N VAL H 151 0.39 -37.30 -9.84
CA VAL H 151 0.73 -38.67 -10.21
C VAL H 151 -0.09 -39.67 -9.41
N LEU H 152 -0.21 -39.44 -8.11
CA LEU H 152 -1.00 -40.31 -7.25
C LEU H 152 -2.47 -40.30 -7.67
N LYS H 153 -2.99 -39.11 -8.01
CA LYS H 153 -4.36 -39.03 -8.50
C LYS H 153 -4.54 -39.84 -9.77
N TRP H 154 -3.61 -39.70 -10.71
CA TRP H 154 -3.70 -40.45 -11.96
C TRP H 154 -3.63 -41.95 -11.70
N ILE H 155 -2.75 -42.39 -10.81
CA ILE H 155 -2.61 -43.81 -10.51
C ILE H 155 -3.91 -44.35 -9.92
N ARG H 156 -4.46 -43.64 -8.93
CA ARG H 156 -5.67 -44.12 -8.29
C ARG H 156 -6.88 -44.07 -9.22
N GLU H 157 -6.88 -43.22 -10.23
CA GLU H 157 -8.02 -43.13 -11.12
C GLU H 157 -7.89 -43.95 -12.41
N ASN H 158 -6.70 -44.38 -12.78
CA ASN H 158 -6.49 -45.00 -14.08
C ASN H 158 -5.94 -46.42 -14.03
N ILE H 159 -5.48 -46.89 -12.87
CA ILE H 159 -4.95 -48.24 -12.74
C ILE H 159 -5.83 -48.97 -11.74
N SER H 160 -6.58 -49.96 -12.22
CA SER H 160 -7.58 -50.62 -11.38
C SER H 160 -6.93 -51.37 -10.23
N GLU H 161 -5.81 -52.04 -10.49
CA GLU H 161 -5.11 -52.84 -9.50
C GLU H 161 -3.95 -52.09 -8.86
N TRP H 162 -4.12 -50.78 -8.64
CA TRP H 162 -3.04 -49.98 -8.09
C TRP H 162 -2.69 -50.38 -6.66
N ARG H 163 -3.65 -50.94 -5.92
CA ARG H 163 -3.37 -51.33 -4.54
C ARG H 163 -2.46 -52.56 -4.46
N ASN H 164 -2.37 -53.35 -5.54
CA ASN H 164 -1.46 -54.48 -5.59
C ASN H 164 -0.27 -54.22 -6.50
N CYS H 165 -0.09 -52.99 -6.97
CA CYS H 165 0.99 -52.68 -7.88
C CYS H 165 2.31 -52.53 -7.13
N THR H 166 3.38 -52.45 -7.89
CA THR H 166 4.70 -52.13 -7.34
C THR H 166 5.27 -50.97 -8.14
N ILE H 167 5.74 -49.95 -7.42
CA ILE H 167 6.33 -48.78 -8.06
C ILE H 167 7.81 -49.06 -8.26
N VAL H 168 8.30 -48.88 -9.47
CA VAL H 168 9.64 -49.31 -9.85
C VAL H 168 10.49 -48.09 -10.19
N SER H 169 11.66 -48.01 -9.58
CA SER H 169 12.65 -47.00 -9.96
C SER H 169 13.45 -47.51 -11.15
N PRO H 170 13.53 -46.74 -12.25
CA PRO H 170 14.33 -47.16 -13.39
C PRO H 170 15.83 -47.04 -13.18
N ASP H 171 16.28 -46.32 -12.16
CA ASP H 171 17.70 -46.24 -11.83
C ASP H 171 17.85 -46.04 -10.33
N ALA H 172 19.09 -46.01 -9.86
CA ALA H 172 19.35 -45.84 -8.44
C ALA H 172 18.95 -44.45 -7.96
N GLY H 173 19.09 -43.43 -8.80
CA GLY H 173 18.79 -42.08 -8.39
C GLY H 173 17.33 -41.80 -8.14
N GLY H 174 16.44 -42.60 -8.70
CA GLY H 174 15.02 -42.41 -8.51
C GLY H 174 14.45 -43.06 -7.28
N ALA H 175 15.31 -43.64 -6.43
CA ALA H 175 14.83 -44.45 -5.31
C ALA H 175 13.99 -43.64 -4.35
N LYS H 176 14.40 -42.41 -4.04
CA LYS H 176 13.64 -41.59 -3.09
C LYS H 176 12.24 -41.29 -3.61
N ARG H 177 12.14 -40.92 -4.88
CA ARG H 177 10.84 -40.62 -5.48
C ARG H 177 9.94 -41.85 -5.46
N VAL H 178 10.49 -43.00 -5.85
CA VAL H 178 9.69 -44.23 -5.86
C VAL H 178 9.29 -44.65 -4.46
N THR H 179 10.18 -44.54 -3.48
CA THR H 179 9.81 -44.92 -2.13
C THR H 179 8.74 -43.98 -1.58
N SER H 180 8.83 -42.69 -1.88
CA SER H 180 7.80 -41.76 -1.45
C SER H 180 6.45 -42.11 -2.05
N ILE H 181 6.42 -42.41 -3.35
CA ILE H 181 5.16 -42.75 -4.00
C ILE H 181 4.60 -44.06 -3.45
N ALA H 182 5.46 -45.05 -3.24
CA ALA H 182 5.01 -46.34 -2.71
C ALA H 182 4.48 -46.19 -1.29
N ASP H 183 5.12 -45.37 -0.48
CA ASP H 183 4.60 -45.05 0.85
C ASP H 183 3.24 -44.41 0.79
N ARG H 184 3.07 -43.41 -0.08
CA ARG H 184 1.77 -42.75 -0.19
C ARG H 184 0.69 -43.68 -0.70
N LEU H 185 1.03 -44.64 -1.56
CA LEU H 185 0.06 -45.60 -2.05
C LEU H 185 -0.02 -46.85 -1.18
N ASN H 186 0.87 -47.00 -0.20
CA ASN H 186 0.96 -48.20 0.63
C ASN H 186 1.10 -49.45 -0.25
N VAL H 187 2.08 -49.42 -1.15
CA VAL H 187 2.34 -50.51 -2.07
C VAL H 187 3.82 -50.86 -2.00
N ASP H 188 4.16 -51.99 -2.59
CA ASP H 188 5.55 -52.40 -2.69
C ASP H 188 6.29 -51.52 -3.69
N PHE H 189 7.62 -51.53 -3.58
CA PHE H 189 8.46 -50.84 -4.54
C PHE H 189 9.60 -51.76 -4.96
N ALA H 190 10.13 -51.49 -6.14
CA ALA H 190 11.29 -52.20 -6.66
C ALA H 190 12.23 -51.19 -7.28
N LEU H 191 13.48 -51.60 -7.44
CA LEU H 191 14.49 -50.75 -8.06
C LEU H 191 15.20 -51.53 -9.15
N ILE H 192 15.46 -50.85 -10.27
CA ILE H 192 16.18 -51.43 -11.39
C ILE H 192 17.45 -50.62 -11.57
N HIS H 193 18.59 -51.31 -11.68
CA HIS H 193 19.87 -50.65 -11.87
C HIS H 193 20.53 -51.22 -13.12
N LYS H 194 21.00 -50.32 -13.99
CA LYS H 194 21.85 -50.70 -15.11
C LYS H 194 23.29 -50.58 -14.64
N GLU H 195 24.02 -51.71 -14.58
CA GLU H 195 25.35 -51.61 -14.01
C GLU H 195 26.31 -50.93 -14.98
N ARG H 196 27.40 -50.43 -14.41
CA ARG H 196 28.28 -49.53 -15.13
C ARG H 196 28.96 -50.23 -16.30
N LYS H 197 29.17 -49.48 -17.38
CA LYS H 197 29.70 -49.99 -18.63
C LYS H 197 31.23 -50.02 -18.53
N LYS H 198 31.74 -51.15 -18.02
CA LYS H 198 33.18 -51.27 -17.88
C LYS H 198 33.85 -51.55 -19.23
N ALA H 199 33.14 -52.20 -20.14
CA ALA H 199 33.66 -52.52 -21.47
C ALA H 199 32.48 -52.53 -22.43
N ASN H 200 32.69 -53.11 -23.61
CA ASN H 200 31.69 -53.08 -24.67
C ASN H 200 30.83 -54.34 -24.72
N GLU H 201 30.58 -54.99 -23.57
CA GLU H 201 29.68 -56.12 -23.56
C GLU H 201 28.23 -55.64 -23.49
N VAL H 202 27.31 -56.60 -23.32
CA VAL H 202 25.90 -56.26 -23.31
C VAL H 202 25.54 -55.53 -22.02
N ASP H 203 24.77 -54.46 -22.16
CA ASP H 203 24.18 -53.81 -21.00
C ASP H 203 23.22 -54.77 -20.30
N ARG H 204 23.45 -55.00 -19.02
CA ARG H 204 22.58 -55.89 -18.24
C ARG H 204 22.00 -55.13 -17.06
N MET H 205 20.75 -55.42 -16.75
CA MET H 205 20.00 -54.71 -15.74
C MET H 205 19.71 -55.64 -14.57
N VAL H 206 19.94 -55.17 -13.38
CA VAL H 206 19.64 -55.91 -12.16
C VAL H 206 18.39 -55.33 -11.54
N LEU H 207 17.47 -56.20 -11.13
CA LEU H 207 16.24 -55.80 -10.46
C LEU H 207 16.26 -56.29 -9.02
N VAL H 208 16.03 -55.38 -8.09
CA VAL H 208 15.86 -55.71 -6.67
C VAL H 208 14.42 -55.43 -6.29
N GLY H 209 13.76 -56.44 -5.75
CA GLY H 209 12.33 -56.37 -5.49
C GLY H 209 11.56 -57.34 -6.36
N ASP H 210 10.32 -57.58 -5.95
CA ASP H 210 9.46 -58.58 -6.58
C ASP H 210 8.39 -57.87 -7.40
N VAL H 211 8.35 -58.16 -8.70
CA VAL H 211 7.35 -57.60 -9.59
C VAL H 211 6.56 -58.69 -10.31
N LYS H 212 6.76 -59.95 -9.93
CA LYS H 212 6.16 -61.06 -10.66
C LYS H 212 4.64 -61.05 -10.50
N ASP H 213 3.94 -61.17 -11.64
CA ASP H 213 2.48 -61.26 -11.68
C ASP H 213 1.81 -60.03 -11.07
N ARG H 214 2.49 -58.90 -11.08
CA ARG H 214 1.92 -57.65 -10.59
C ARG H 214 2.10 -56.58 -11.64
N VAL H 215 1.23 -55.56 -11.56
CA VAL H 215 1.41 -54.37 -12.38
C VAL H 215 2.60 -53.59 -11.86
N ALA H 216 3.49 -53.21 -12.77
CA ALA H 216 4.66 -52.42 -12.43
C ALA H 216 4.48 -51.01 -12.95
N ILE H 217 4.67 -50.03 -12.09
CA ILE H 217 4.60 -48.62 -12.47
C ILE H 217 6.00 -48.06 -12.37
N LEU H 218 6.57 -47.70 -13.52
CA LEU H 218 7.85 -47.02 -13.55
C LEU H 218 7.62 -45.54 -13.28
N VAL H 219 8.27 -45.01 -12.26
CA VAL H 219 8.18 -43.59 -11.92
C VAL H 219 9.58 -43.00 -11.94
N ASP H 220 9.75 -41.94 -12.73
CA ASP H 220 11.01 -41.24 -12.82
C ASP H 220 10.73 -39.75 -13.00
N ASP H 221 11.77 -38.94 -12.83
CA ASP H 221 11.61 -37.51 -12.98
C ASP H 221 11.53 -37.08 -14.44
N MET H 222 12.14 -37.82 -15.36
CA MET H 222 12.11 -37.41 -16.75
C MET H 222 12.41 -38.61 -17.64
N ALA H 223 11.98 -38.49 -18.90
CA ALA H 223 12.30 -39.46 -19.93
C ALA H 223 12.81 -38.68 -21.14
N ASP H 224 14.13 -38.60 -21.30
CA ASP H 224 14.71 -37.83 -22.40
C ASP H 224 14.75 -38.67 -23.67
N THR H 225 15.57 -39.73 -23.67
CA THR H 225 15.64 -40.66 -24.79
C THR H 225 14.83 -41.91 -24.55
N CYS H 226 14.29 -42.07 -23.36
CA CYS H 226 13.51 -43.22 -22.94
C CYS H 226 14.32 -44.51 -22.92
N GLY H 227 15.65 -44.40 -22.99
CA GLY H 227 16.48 -45.59 -22.81
C GLY H 227 16.32 -46.20 -21.43
N THR H 228 16.27 -45.35 -20.41
CA THR H 228 16.12 -45.83 -19.04
C THR H 228 14.79 -46.57 -18.86
N ILE H 229 13.69 -45.93 -19.24
CA ILE H 229 12.38 -46.55 -19.01
C ILE H 229 12.17 -47.74 -19.95
N CYS H 230 12.67 -47.68 -21.17
CA CYS H 230 12.49 -48.82 -22.08
C CYS H 230 13.27 -50.03 -21.61
N HIS H 231 14.54 -49.83 -21.21
CA HIS H 231 15.32 -50.93 -20.68
C HIS H 231 14.69 -51.49 -19.40
N ALA H 232 14.21 -50.60 -18.53
CA ALA H 232 13.53 -51.03 -17.33
C ALA H 232 12.27 -51.82 -17.66
N ALA H 233 11.55 -51.41 -18.71
CA ALA H 233 10.34 -52.12 -19.09
C ALA H 233 10.64 -53.52 -19.61
N ASP H 234 11.68 -53.66 -20.43
CA ASP H 234 12.09 -54.99 -20.85
C ASP H 234 12.47 -55.85 -19.66
N LYS H 235 13.23 -55.29 -18.72
CA LYS H 235 13.60 -56.05 -17.53
C LYS H 235 12.37 -56.45 -16.72
N LEU H 236 11.41 -55.54 -16.57
CA LEU H 236 10.23 -55.82 -15.78
C LEU H 236 9.38 -56.93 -16.41
N LEU H 237 9.21 -56.89 -17.73
CA LEU H 237 8.49 -57.98 -18.38
C LEU H 237 9.25 -59.29 -18.25
N SER H 238 10.58 -59.25 -18.42
CA SER H 238 11.37 -60.46 -18.26
C SER H 238 11.29 -61.01 -16.85
N ALA H 239 10.99 -60.15 -15.87
CA ALA H 239 10.87 -60.56 -14.49
C ALA H 239 9.47 -61.00 -14.11
N GLY H 240 8.53 -60.99 -15.04
CA GLY H 240 7.19 -61.49 -14.78
C GLY H 240 6.14 -60.45 -14.47
N ALA H 241 6.40 -59.17 -14.72
CA ALA H 241 5.36 -58.16 -14.54
C ALA H 241 4.25 -58.36 -15.55
N THR H 242 3.00 -58.21 -15.10
CA THR H 242 1.87 -58.37 -16.00
C THR H 242 1.75 -57.19 -16.95
N ARG H 243 1.62 -55.99 -16.40
CA ARG H 243 1.55 -54.77 -17.18
C ARG H 243 2.58 -53.79 -16.65
N VAL H 244 3.08 -52.93 -17.53
CA VAL H 244 4.11 -51.95 -17.17
C VAL H 244 3.61 -50.57 -17.57
N TYR H 245 3.57 -49.65 -16.60
CA TYR H 245 3.30 -48.26 -16.85
C TYR H 245 4.56 -47.45 -16.62
N ALA H 246 4.64 -46.30 -17.30
CA ALA H 246 5.70 -45.35 -17.06
C ALA H 246 5.08 -43.99 -16.78
N ILE H 247 5.42 -43.41 -15.65
CA ILE H 247 4.94 -42.08 -15.27
C ILE H 247 6.14 -41.20 -15.03
N LEU H 248 6.21 -40.11 -15.77
CA LEU H 248 7.27 -39.12 -15.66
C LEU H 248 6.63 -37.77 -15.39
N THR H 249 7.41 -36.84 -14.86
CA THR H 249 6.88 -35.48 -14.82
C THR H 249 7.35 -34.66 -16.02
N HIS H 250 8.56 -34.88 -16.50
CA HIS H 250 9.08 -34.17 -17.67
C HIS H 250 9.18 -35.15 -18.83
N GLY H 251 8.31 -34.99 -19.83
CA GLY H 251 8.45 -35.76 -21.04
C GLY H 251 9.24 -35.01 -22.08
N ILE H 252 10.55 -35.27 -22.13
CA ILE H 252 11.38 -34.62 -23.12
C ILE H 252 11.25 -35.31 -24.47
N PHE H 253 11.35 -36.63 -24.47
CA PHE H 253 11.10 -37.45 -25.66
C PHE H 253 11.95 -37.01 -26.84
N SER H 254 13.21 -36.70 -26.57
CA SER H 254 14.13 -36.31 -27.63
C SER H 254 14.68 -37.54 -28.35
N GLY H 255 15.15 -37.32 -29.57
CA GLY H 255 15.80 -38.35 -30.34
C GLY H 255 14.92 -39.54 -30.65
N PRO H 256 15.40 -40.73 -30.31
CA PRO H 256 14.67 -41.96 -30.65
C PRO H 256 13.59 -42.37 -29.67
N ALA H 257 13.15 -41.45 -28.80
CA ALA H 257 12.25 -41.82 -27.72
C ALA H 257 10.90 -42.30 -28.24
N ILE H 258 10.36 -41.64 -29.26
CA ILE H 258 9.02 -41.99 -29.73
C ILE H 258 9.02 -43.39 -30.35
N SER H 259 10.02 -43.69 -31.17
CA SER H 259 10.12 -45.03 -31.74
C SER H 259 10.37 -46.06 -30.65
N ARG H 260 11.17 -45.72 -29.65
CA ARG H 260 11.42 -46.63 -28.53
C ARG H 260 10.13 -46.96 -27.79
N ILE H 261 9.31 -45.94 -27.50
CA ILE H 261 8.08 -46.16 -26.77
C ILE H 261 7.09 -46.95 -27.61
N ASN H 262 6.98 -46.61 -28.89
CA ASN H 262 6.05 -47.31 -29.77
C ASN H 262 6.40 -48.79 -29.89
N ASN H 263 7.68 -49.13 -29.77
CA ASN H 263 8.11 -50.52 -29.83
C ASN H 263 8.26 -51.15 -28.46
N ALA H 264 7.95 -50.42 -27.39
CA ALA H 264 8.02 -50.95 -26.05
C ALA H 264 6.67 -51.57 -25.66
N CYS H 265 6.59 -52.03 -24.41
CA CYS H 265 5.44 -52.77 -23.92
C CYS H 265 4.59 -51.96 -22.96
N PHE H 266 4.75 -50.63 -22.95
CA PHE H 266 4.09 -49.80 -21.96
C PHE H 266 2.57 -49.83 -22.16
N GLU H 267 1.84 -49.98 -21.05
CA GLU H 267 0.41 -49.77 -21.10
C GLU H 267 0.09 -48.31 -21.37
N ALA H 268 0.84 -47.41 -20.74
CA ALA H 268 0.71 -45.98 -20.96
C ALA H 268 1.98 -45.29 -20.50
N VAL H 269 2.38 -44.25 -21.20
CA VAL H 269 3.46 -43.38 -20.77
C VAL H 269 2.82 -42.05 -20.36
N VAL H 270 2.90 -41.73 -19.08
CA VAL H 270 2.21 -40.59 -18.51
C VAL H 270 3.23 -39.52 -18.17
N VAL H 271 3.03 -38.32 -18.70
CA VAL H 271 3.89 -37.19 -18.41
C VAL H 271 3.01 -36.00 -18.07
N THR H 272 3.60 -35.03 -17.38
CA THR H 272 2.92 -33.76 -17.21
C THR H 272 3.15 -32.89 -18.43
N ASN H 273 2.48 -31.74 -18.47
CA ASN H 273 2.67 -30.79 -19.56
C ASN H 273 3.65 -29.67 -19.17
N THR H 274 4.65 -29.98 -18.35
CA THR H 274 5.77 -29.06 -18.16
C THR H 274 6.50 -28.82 -19.47
N ILE H 275 6.43 -29.76 -20.40
CA ILE H 275 6.97 -29.63 -21.75
C ILE H 275 5.81 -29.85 -22.70
N PRO H 276 5.70 -29.11 -23.80
CA PRO H 276 4.61 -29.36 -24.74
C PRO H 276 4.67 -30.78 -25.29
N GLN H 277 3.52 -31.43 -25.30
CA GLN H 277 3.43 -32.83 -25.71
C GLN H 277 2.56 -33.04 -26.93
N GLU H 278 2.00 -31.97 -27.52
CA GLU H 278 1.05 -32.12 -28.61
C GLU H 278 1.68 -32.89 -29.77
N ASP H 279 2.90 -32.52 -30.16
CA ASP H 279 3.58 -33.20 -31.24
C ASP H 279 3.89 -34.64 -30.88
N LYS H 280 4.32 -34.88 -29.63
CA LYS H 280 4.67 -36.23 -29.22
C LYS H 280 3.45 -37.16 -29.22
N MET H 281 2.30 -36.66 -28.75
CA MET H 281 1.11 -37.49 -28.71
C MET H 281 0.61 -37.87 -30.11
N LYS H 282 0.91 -37.06 -31.12
CA LYS H 282 0.46 -37.37 -32.47
C LYS H 282 1.18 -38.58 -33.06
N HIS H 283 2.39 -38.88 -32.59
CA HIS H 283 3.15 -40.01 -33.09
C HIS H 283 3.23 -41.17 -32.12
N CYS H 284 2.72 -41.03 -30.89
CA CYS H 284 2.75 -42.10 -29.91
C CYS H 284 1.43 -42.08 -29.14
N SER H 285 0.56 -43.04 -29.45
CA SER H 285 -0.73 -43.12 -28.77
C SER H 285 -0.59 -43.48 -27.29
N LYS H 286 0.52 -44.08 -26.90
CA LYS H 286 0.72 -44.48 -25.51
C LYS H 286 0.87 -43.29 -24.58
N ILE H 287 1.23 -42.12 -25.08
CA ILE H 287 1.50 -40.97 -24.22
C ILE H 287 0.18 -40.36 -23.77
N GLN H 288 0.06 -40.16 -22.46
CA GLN H 288 -1.03 -39.39 -21.87
C GLN H 288 -0.44 -38.28 -21.02
N VAL H 289 -1.18 -37.19 -20.87
CA VAL H 289 -0.66 -35.96 -20.29
C VAL H 289 -1.48 -35.62 -19.05
N ILE H 290 -0.78 -35.39 -17.94
CA ILE H 290 -1.38 -34.80 -16.75
C ILE H 290 -1.17 -33.29 -16.82
N ASP H 291 -2.26 -32.54 -16.81
CA ASP H 291 -2.16 -31.09 -16.81
C ASP H 291 -1.72 -30.63 -15.42
N ILE H 292 -0.62 -29.88 -15.36
CA ILE H 292 -0.16 -29.30 -14.12
C ILE H 292 -0.29 -27.78 -14.14
N SER H 293 -1.01 -27.23 -15.12
CA SER H 293 -1.18 -25.79 -15.20
C SER H 293 -1.89 -25.23 -13.98
N MET H 294 -2.77 -26.01 -13.36
CA MET H 294 -3.43 -25.54 -12.15
C MET H 294 -2.45 -25.42 -10.99
N ILE H 295 -1.49 -26.34 -10.92
CA ILE H 295 -0.48 -26.27 -9.87
C ILE H 295 0.38 -25.02 -10.05
N LEU H 296 0.84 -24.78 -11.27
CA LEU H 296 1.66 -23.59 -11.53
C LEU H 296 0.86 -22.31 -11.31
N ALA H 297 -0.40 -22.28 -11.75
CA ALA H 297 -1.22 -21.10 -11.56
C ALA H 297 -1.45 -20.81 -10.08
N GLU H 298 -1.74 -21.86 -9.30
CA GLU H 298 -1.90 -21.68 -7.87
C GLU H 298 -0.61 -21.22 -7.21
N ALA H 299 0.54 -21.74 -7.67
CA ALA H 299 1.81 -21.30 -7.12
C ALA H 299 2.05 -19.83 -7.40
N ILE H 300 1.77 -19.39 -8.63
CA ILE H 300 1.95 -17.99 -8.99
C ILE H 300 1.00 -17.11 -8.18
N ARG H 301 -0.25 -17.52 -8.06
CA ARG H 301 -1.24 -16.74 -7.33
C ARG H 301 -0.86 -16.61 -5.86
N ARG H 302 -0.41 -17.71 -5.24
CA ARG H 302 -0.02 -17.66 -3.84
C ARG H 302 1.27 -16.86 -3.64
N THR H 303 2.19 -16.95 -4.59
CA THR H 303 3.40 -16.12 -4.52
C THR H 303 3.03 -14.64 -4.56
N HIS H 304 2.12 -14.27 -5.46
CA HIS H 304 1.68 -12.88 -5.55
C HIS H 304 0.96 -12.44 -4.30
N ASN H 305 0.13 -13.31 -3.72
CA ASN H 305 -0.66 -12.96 -2.56
C ASN H 305 0.09 -13.15 -1.25
N GLY H 306 1.33 -13.60 -1.28
CA GLY H 306 2.06 -13.84 -0.06
C GLY H 306 1.48 -14.96 0.79
N GLU H 307 1.08 -16.05 0.15
CA GLU H 307 0.53 -17.21 0.84
C GLU H 307 1.42 -18.43 0.62
N SER H 308 1.37 -19.35 1.57
CA SER H 308 2.18 -20.56 1.49
C SER H 308 1.75 -21.43 0.31
N VAL H 309 2.72 -22.07 -0.33
CA VAL H 309 2.45 -23.04 -1.38
C VAL H 309 2.49 -24.47 -0.87
N SER H 310 2.55 -24.66 0.46
CA SER H 310 2.61 -26.00 1.02
C SER H 310 1.37 -26.82 0.67
N TYR H 311 0.23 -26.14 0.47
CA TYR H 311 -0.99 -26.84 0.09
C TYR H 311 -0.82 -27.61 -1.21
N LEU H 312 0.05 -27.12 -2.11
CA LEU H 312 0.25 -27.77 -3.40
C LEU H 312 0.98 -29.10 -3.30
N PHE H 313 1.60 -29.39 -2.15
CA PHE H 313 2.35 -30.64 -1.97
C PHE H 313 1.49 -31.76 -1.42
N SER H 314 0.22 -31.51 -1.13
CA SER H 314 -0.69 -32.53 -0.66
C SER H 314 -1.96 -32.65 -1.49
N HIS H 315 -2.27 -31.66 -2.31
CA HIS H 315 -3.52 -31.61 -3.05
C HIS H 315 -3.27 -31.12 -4.47
N VAL H 316 -4.14 -31.57 -5.38
CA VAL H 316 -4.15 -31.06 -6.75
C VAL H 316 -5.34 -30.10 -6.86
N PRO H 317 -5.11 -28.79 -7.05
CA PRO H 317 -6.18 -27.79 -7.13
C PRO H 317 -7.07 -27.95 -8.36
N PRO I 2 55.06 -19.79 -4.16
CA PRO I 2 54.29 -20.08 -2.95
C PRO I 2 54.59 -21.46 -2.40
N ASN I 3 54.57 -21.60 -1.08
CA ASN I 3 54.81 -22.86 -0.41
C ASN I 3 53.55 -23.34 0.29
N ILE I 4 53.44 -24.66 0.45
CA ILE I 4 52.33 -25.23 1.18
C ILE I 4 52.46 -24.86 2.66
N LYS I 5 51.41 -24.24 3.20
CA LYS I 5 51.29 -24.03 4.64
C LYS I 5 50.05 -24.77 5.11
N ILE I 6 50.23 -25.72 6.01
CA ILE I 6 49.14 -26.52 6.55
C ILE I 6 48.83 -26.03 7.94
N PHE I 7 47.61 -25.56 8.16
CA PHE I 7 47.17 -25.10 9.47
C PHE I 7 46.04 -26.00 9.96
N SER I 8 46.08 -26.32 11.24
CA SER I 8 45.07 -27.16 11.86
C SER I 8 44.14 -26.33 12.72
N GLY I 9 42.84 -26.57 12.58
CA GLY I 9 41.88 -26.13 13.56
C GLY I 9 41.86 -27.07 14.75
N SER I 10 40.95 -26.77 15.68
CA SER I 10 40.86 -27.58 16.89
C SER I 10 40.13 -28.91 16.68
N SER I 11 39.46 -29.07 15.53
CA SER I 11 38.57 -30.21 15.37
C SER I 11 39.34 -31.53 15.26
N HIS I 12 40.20 -31.65 14.26
CA HIS I 12 40.89 -32.91 13.98
C HIS I 12 42.38 -32.62 13.78
N GLN I 13 43.11 -32.50 14.90
CA GLN I 13 44.51 -32.14 14.80
C GLN I 13 45.39 -33.35 14.51
N ASP I 14 44.96 -34.55 14.90
CA ASP I 14 45.69 -35.75 14.54
C ASP I 14 45.71 -35.96 13.03
N LEU I 15 44.56 -35.74 12.37
CA LEU I 15 44.52 -35.85 10.92
C LEU I 15 45.39 -34.79 10.26
N SER I 16 45.38 -33.57 10.80
CA SER I 16 46.24 -32.52 10.27
C SER I 16 47.70 -32.91 10.40
N GLN I 17 48.07 -33.50 11.54
CA GLN I 17 49.45 -33.95 11.72
C GLN I 17 49.80 -35.04 10.72
N LYS I 18 48.89 -36.00 10.49
CA LYS I 18 49.17 -37.05 9.52
C LYS I 18 49.35 -36.48 8.12
N ILE I 19 48.50 -35.52 7.75
CA ILE I 19 48.62 -34.88 6.44
C ILE I 19 49.96 -34.16 6.32
N ALA I 20 50.35 -33.42 7.36
CA ALA I 20 51.60 -32.70 7.33
C ALA I 20 52.79 -33.65 7.23
N ASP I 21 52.76 -34.75 7.98
CA ASP I 21 53.85 -35.73 7.88
C ASP I 21 53.93 -36.33 6.49
N ARG I 22 52.77 -36.67 5.90
CA ARG I 22 52.79 -37.23 4.56
C ARG I 22 53.26 -36.22 3.53
N LEU I 23 53.08 -34.93 3.80
CA LEU I 23 53.60 -33.88 2.95
C LEU I 23 55.03 -33.49 3.31
N GLY I 24 55.61 -34.09 4.34
CA GLY I 24 56.94 -33.72 4.77
C GLY I 24 57.03 -32.31 5.30
N LEU I 25 56.01 -31.85 6.02
CA LEU I 25 55.94 -30.50 6.53
C LEU I 25 55.60 -30.51 8.01
N GLU I 26 55.96 -29.42 8.68
CA GLU I 26 55.44 -29.15 10.01
C GLU I 26 54.17 -28.34 9.90
N LEU I 27 53.24 -28.61 10.81
CA LEU I 27 52.01 -27.83 10.86
C LEU I 27 52.34 -26.37 11.11
N GLY I 28 51.60 -25.48 10.45
CA GLY I 28 51.79 -24.07 10.69
C GLY I 28 51.47 -23.69 12.11
N LYS I 29 52.16 -22.66 12.61
CA LYS I 29 51.99 -22.23 13.99
C LYS I 29 50.68 -21.46 14.11
N VAL I 30 49.71 -22.05 14.81
CA VAL I 30 48.45 -21.38 15.10
C VAL I 30 48.06 -21.67 16.53
N VAL I 31 47.59 -20.65 17.23
CA VAL I 31 46.92 -20.82 18.51
C VAL I 31 45.43 -20.64 18.27
N THR I 32 44.68 -21.71 18.49
CA THR I 32 43.23 -21.72 18.30
C THR I 32 42.60 -22.01 19.65
N LYS I 33 42.21 -20.96 20.36
CA LYS I 33 41.63 -21.11 21.69
C LYS I 33 40.31 -20.35 21.77
N LYS I 34 39.79 -20.21 22.98
CA LYS I 34 38.60 -19.41 23.23
C LYS I 34 38.92 -18.27 24.18
N PHE I 35 38.42 -17.08 23.86
CA PHE I 35 38.39 -16.01 24.83
C PHE I 35 37.50 -16.41 26.01
N SER I 36 37.56 -15.62 27.07
CA SER I 36 36.78 -15.93 28.26
C SER I 36 35.29 -15.98 27.96
N ASN I 37 34.79 -15.07 27.14
CA ASN I 37 33.37 -15.03 26.79
C ASN I 37 33.02 -16.03 25.69
N GLN I 38 33.88 -17.02 25.45
CA GLN I 38 33.67 -18.12 24.51
C GLN I 38 33.70 -17.68 23.05
N GLU I 39 34.21 -16.50 22.76
CA GLU I 39 34.46 -16.11 21.38
C GLU I 39 35.73 -16.81 20.88
N THR I 40 35.72 -17.19 19.61
CA THR I 40 36.86 -17.88 19.03
C THR I 40 38.06 -16.96 18.92
N CYS I 41 39.20 -17.41 19.41
CA CYS I 41 40.45 -16.68 19.32
C CYS I 41 41.39 -17.43 18.39
N VAL I 42 41.84 -16.76 17.34
CA VAL I 42 42.75 -17.35 16.36
C VAL I 42 43.99 -16.49 16.29
N GLU I 43 45.15 -17.10 16.52
CA GLU I 43 46.44 -16.40 16.52
C GLU I 43 47.37 -17.17 15.61
N ILE I 44 47.41 -16.77 14.33
CA ILE I 44 48.36 -17.34 13.38
C ILE I 44 49.76 -16.87 13.76
N GLY I 45 50.65 -17.81 14.00
CA GLY I 45 51.97 -17.51 14.52
C GLY I 45 53.08 -17.35 13.52
N GLU I 46 52.77 -17.25 12.23
CA GLU I 46 53.80 -17.09 11.21
C GLU I 46 53.22 -16.38 10.01
N SER I 47 54.10 -15.85 9.18
CA SER I 47 53.69 -15.19 7.95
C SER I 47 53.13 -16.20 6.97
N VAL I 48 52.05 -15.82 6.29
CA VAL I 48 51.49 -16.60 5.20
C VAL I 48 51.49 -15.79 3.91
N ARG I 49 52.28 -14.72 3.86
CA ARG I 49 52.30 -13.83 2.71
C ARG I 49 52.72 -14.60 1.45
N GLY I 50 51.86 -14.56 0.44
CA GLY I 50 52.15 -15.24 -0.80
C GLY I 50 52.25 -16.74 -0.68
N GLU I 51 51.70 -17.32 0.38
CA GLU I 51 51.76 -18.75 0.61
C GLU I 51 50.48 -19.42 0.14
N ASP I 52 50.59 -20.72 -0.10
CA ASP I 52 49.45 -21.57 -0.48
C ASP I 52 48.97 -22.23 0.82
N VAL I 53 47.94 -21.65 1.42
CA VAL I 53 47.52 -22.02 2.77
C VAL I 53 46.42 -23.07 2.67
N TYR I 54 46.59 -24.16 3.40
CA TYR I 54 45.57 -25.20 3.53
C TYR I 54 45.19 -25.28 5.00
N ILE I 55 43.92 -25.08 5.29
CA ILE I 55 43.40 -25.12 6.65
C ILE I 55 42.55 -26.38 6.78
N VAL I 56 42.95 -27.28 7.67
CA VAL I 56 42.25 -28.53 7.89
C VAL I 56 41.30 -28.35 9.06
N GLN I 57 40.02 -28.53 8.82
CA GLN I 57 39.01 -28.41 9.87
C GLN I 57 37.80 -29.24 9.46
N SER I 58 37.52 -30.29 10.22
CA SER I 58 36.39 -31.14 9.93
C SER I 58 35.14 -30.62 10.62
N GLY I 59 33.99 -30.92 10.03
CA GLY I 59 32.74 -30.57 10.68
C GLY I 59 32.37 -31.68 11.64
N CYS I 60 32.75 -31.50 12.91
CA CYS I 60 32.58 -32.52 13.93
C CYS I 60 32.82 -31.85 15.28
N GLY I 61 32.54 -32.60 16.34
CA GLY I 61 32.70 -32.05 17.67
C GLY I 61 31.82 -30.84 17.87
N GLU I 62 32.41 -29.77 18.37
CA GLU I 62 31.70 -28.50 18.55
C GLU I 62 31.56 -27.87 17.18
N ILE I 63 30.45 -28.18 16.51
CA ILE I 63 30.32 -27.89 15.08
C ILE I 63 30.44 -26.40 14.82
N ASN I 64 29.65 -25.59 15.53
CA ASN I 64 29.64 -24.16 15.25
C ASN I 64 30.94 -23.51 15.70
N ASP I 65 31.48 -23.97 16.83
CA ASP I 65 32.81 -23.56 17.27
C ASP I 65 33.84 -23.80 16.18
N ASN I 66 33.87 -25.01 15.63
CA ASN I 66 34.86 -25.37 14.63
C ASN I 66 34.66 -24.60 13.33
N LEU I 67 33.42 -24.43 12.90
CA LEU I 67 33.16 -23.70 11.67
C LEU I 67 33.56 -22.24 11.82
N MET I 68 33.26 -21.62 12.97
CA MET I 68 33.69 -20.25 13.20
C MET I 68 35.20 -20.15 13.23
N GLU I 69 35.86 -21.13 13.86
CA GLU I 69 37.31 -21.18 13.86
C GLU I 69 37.85 -21.21 12.45
N LEU I 70 37.28 -22.07 11.61
CA LEU I 70 37.71 -22.19 10.22
C LEU I 70 37.50 -20.89 9.46
N LEU I 71 36.34 -20.25 9.63
CA LEU I 71 36.08 -19.00 8.92
C LEU I 71 37.03 -17.90 9.36
N ILE I 72 37.28 -17.80 10.66
CA ILE I 72 38.18 -16.77 11.17
C ILE I 72 39.61 -17.01 10.66
N MET I 73 40.05 -18.27 10.65
CA MET I 73 41.37 -18.59 10.15
C MET I 73 41.49 -18.30 8.65
N ILE I 74 40.45 -18.61 7.88
CA ILE I 74 40.46 -18.29 6.45
C ILE I 74 40.57 -16.79 6.25
N ASN I 75 39.76 -16.02 6.98
CA ASN I 75 39.78 -14.58 6.82
C ASN I 75 41.11 -13.98 7.25
N ALA I 76 41.68 -14.49 8.35
CA ALA I 76 42.98 -14.02 8.79
C ALA I 76 44.05 -14.29 7.74
N CYS I 77 44.03 -15.47 7.14
CA CYS I 77 45.00 -15.79 6.10
C CYS I 77 44.81 -14.91 4.88
N LYS I 78 43.56 -14.65 4.50
CA LYS I 78 43.31 -13.78 3.34
C LYS I 78 43.79 -12.35 3.60
N ILE I 79 43.46 -11.80 4.77
CA ILE I 79 43.92 -10.45 5.08
C ILE I 79 45.42 -10.42 5.28
N ALA I 80 46.01 -11.53 5.71
CA ALA I 80 47.46 -11.65 5.80
C ALA I 80 48.13 -11.90 4.45
N SER I 81 47.40 -11.70 3.35
CA SER I 81 47.96 -11.69 2.00
C SER I 81 48.47 -13.07 1.59
N ALA I 82 47.76 -14.12 1.99
CA ALA I 82 48.05 -15.45 1.47
C ALA I 82 47.76 -15.48 -0.02
N SER I 83 48.59 -16.21 -0.77
CA SER I 83 48.38 -16.33 -2.21
C SER I 83 47.07 -17.06 -2.50
N ARG I 84 46.79 -18.11 -1.73
CA ARG I 84 45.57 -18.89 -1.93
C ARG I 84 45.24 -19.56 -0.60
N VAL I 85 43.95 -19.58 -0.26
CA VAL I 85 43.47 -20.20 0.96
C VAL I 85 42.53 -21.33 0.59
N THR I 86 42.86 -22.54 1.02
CA THR I 86 42.06 -23.72 0.77
C THR I 86 41.54 -24.26 2.09
N ALA I 87 40.24 -24.49 2.15
CA ALA I 87 39.63 -25.10 3.32
C ALA I 87 39.55 -26.61 3.09
N VAL I 88 40.32 -27.37 3.84
CA VAL I 88 40.27 -28.82 3.80
C VAL I 88 39.27 -29.25 4.86
N ILE I 89 38.06 -29.58 4.43
CA ILE I 89 36.97 -29.92 5.34
C ILE I 89 36.60 -31.37 5.11
N PRO I 90 37.22 -32.32 5.81
CA PRO I 90 36.95 -33.74 5.52
C PRO I 90 35.49 -34.13 5.64
N CYS I 91 34.78 -33.62 6.63
CA CYS I 91 33.35 -33.82 6.78
C CYS I 91 32.68 -32.46 6.74
N PHE I 92 31.95 -32.19 5.67
CA PHE I 92 31.35 -30.87 5.47
C PHE I 92 30.22 -30.65 6.46
N PRO I 93 30.27 -29.61 7.28
CA PRO I 93 29.18 -29.36 8.24
C PRO I 93 27.92 -28.91 7.55
N TYR I 94 26.78 -29.24 8.15
CA TYR I 94 25.46 -28.87 7.66
C TYR I 94 25.17 -29.43 6.28
N ALA I 95 25.91 -30.47 5.87
CA ALA I 95 25.74 -31.02 4.53
C ALA I 95 24.37 -31.65 4.34
N ARG I 96 23.76 -32.15 5.42
CA ARG I 96 22.44 -32.75 5.32
C ARG I 96 21.33 -31.72 5.15
N GLN I 97 21.61 -30.44 5.37
CA GLN I 97 20.64 -29.38 5.13
C GLN I 97 20.93 -28.75 3.77
N ASP I 98 20.70 -29.54 2.73
CA ASP I 98 21.12 -29.23 1.38
C ASP I 98 19.96 -28.86 0.45
N LYS I 99 18.75 -28.72 0.99
CA LYS I 99 17.59 -28.41 0.18
C LYS I 99 16.51 -27.84 1.07
N LYS I 100 15.52 -27.23 0.45
CA LYS I 100 14.34 -26.72 1.15
C LYS I 100 13.15 -27.58 0.74
N ASP I 101 12.94 -28.66 1.49
CA ASP I 101 11.77 -29.52 1.29
C ASP I 101 10.74 -29.34 2.40
N LYS I 102 10.86 -28.27 3.18
CA LYS I 102 9.90 -27.92 4.21
C LYS I 102 9.67 -26.41 4.15
N SER I 103 8.51 -25.99 4.61
CA SER I 103 8.22 -24.57 4.68
C SER I 103 9.20 -23.88 5.62
N ARG I 104 9.74 -22.75 5.18
CA ARG I 104 10.64 -21.89 5.97
C ARG I 104 11.95 -22.58 6.32
N ALA I 105 12.24 -23.73 5.72
CA ALA I 105 13.46 -24.44 6.04
C ALA I 105 14.67 -23.73 5.45
N PRO I 106 15.74 -23.55 6.22
CA PRO I 106 16.97 -23.00 5.66
C PRO I 106 17.73 -24.05 4.88
N ILE I 107 18.48 -23.60 3.89
CA ILE I 107 19.47 -24.44 3.23
C ILE I 107 20.79 -24.10 3.91
N SER I 108 21.06 -24.79 5.02
CA SER I 108 22.22 -24.45 5.84
C SER I 108 23.53 -24.76 5.15
N ALA I 109 23.55 -25.79 4.29
CA ALA I 109 24.76 -26.07 3.53
C ALA I 109 25.12 -24.91 2.61
N LYS I 110 24.12 -24.32 1.96
CA LYS I 110 24.36 -23.17 1.11
C LYS I 110 24.83 -21.98 1.93
N LEU I 111 24.27 -21.79 3.13
CA LEU I 111 24.72 -20.70 3.98
C LEU I 111 26.18 -20.91 4.40
N VAL I 112 26.55 -22.15 4.73
CA VAL I 112 27.94 -22.44 5.09
C VAL I 112 28.86 -22.19 3.90
N ALA I 113 28.42 -22.58 2.71
CA ALA I 113 29.22 -22.30 1.51
C ALA I 113 29.40 -20.81 1.29
N ASN I 114 28.33 -20.04 1.46
CA ASN I 114 28.42 -18.59 1.30
C ASN I 114 29.34 -17.97 2.35
N MET I 115 29.27 -18.47 3.58
CA MET I 115 30.15 -17.98 4.65
C MET I 115 31.60 -18.29 4.35
N LEU I 116 31.88 -19.49 3.85
CA LEU I 116 33.25 -19.84 3.46
C LEU I 116 33.72 -18.96 2.31
N SER I 117 32.84 -18.68 1.35
CA SER I 117 33.21 -17.83 0.23
C SER I 117 33.50 -16.41 0.68
N VAL I 118 32.68 -15.87 1.57
CA VAL I 118 32.89 -14.49 2.02
C VAL I 118 34.06 -14.40 2.98
N ALA I 119 34.41 -15.49 3.67
CA ALA I 119 35.62 -15.49 4.46
C ALA I 119 36.86 -15.43 3.59
N GLY I 120 36.77 -15.85 2.34
CA GLY I 120 37.85 -15.71 1.40
C GLY I 120 38.46 -17.02 0.92
N ALA I 121 37.77 -18.13 1.14
CA ALA I 121 38.25 -19.40 0.63
C ALA I 121 38.29 -19.38 -0.89
N ASP I 122 39.39 -19.87 -1.46
CA ASP I 122 39.56 -19.98 -2.89
C ASP I 122 39.36 -21.39 -3.40
N HIS I 123 39.34 -22.38 -2.51
CA HIS I 123 39.32 -23.78 -2.88
C HIS I 123 38.82 -24.58 -1.69
N ILE I 124 38.00 -25.59 -1.96
CA ILE I 124 37.48 -26.47 -0.93
C ILE I 124 37.87 -27.90 -1.28
N ILE I 125 38.45 -28.60 -0.32
CA ILE I 125 38.74 -30.02 -0.44
C ILE I 125 37.95 -30.74 0.63
N THR I 126 37.12 -31.68 0.23
CA THR I 126 36.25 -32.40 1.14
C THR I 126 36.13 -33.84 0.68
N MET I 127 35.64 -34.70 1.58
CA MET I 127 35.48 -36.11 1.28
C MET I 127 34.02 -36.52 1.41
N ASP I 128 33.49 -37.13 0.36
CA ASP I 128 32.17 -37.77 0.37
C ASP I 128 31.10 -36.83 0.91
N LEU I 129 30.87 -35.75 0.16
CA LEU I 129 29.78 -34.84 0.48
C LEU I 129 28.47 -35.61 0.56
N HIS I 130 27.66 -35.28 1.56
CA HIS I 130 26.36 -35.93 1.70
C HIS I 130 25.54 -35.79 0.42
N ALA I 131 25.63 -34.63 -0.23
CA ALA I 131 25.11 -34.44 -1.58
C ALA I 131 26.22 -33.84 -2.42
N SER I 132 26.54 -34.50 -3.54
CA SER I 132 27.59 -34.00 -4.42
C SER I 132 27.25 -32.65 -5.01
N GLN I 133 25.96 -32.30 -5.07
CA GLN I 133 25.56 -31.00 -5.59
C GLN I 133 26.03 -29.85 -4.71
N ILE I 134 26.50 -30.15 -3.49
CA ILE I 134 27.09 -29.12 -2.64
C ILE I 134 28.29 -28.48 -3.33
N GLN I 135 28.94 -29.21 -4.23
CA GLN I 135 29.98 -28.61 -5.08
C GLN I 135 29.43 -27.38 -5.80
N GLY I 136 28.18 -27.42 -6.23
CA GLY I 136 27.54 -26.31 -6.89
C GLY I 136 27.10 -25.20 -5.97
N PHE I 137 27.23 -25.37 -4.66
CA PHE I 137 26.91 -24.29 -3.72
C PHE I 137 27.99 -23.23 -3.69
N PHE I 138 29.17 -23.51 -4.24
CA PHE I 138 30.27 -22.57 -4.32
C PHE I 138 30.44 -22.11 -5.76
N ASP I 139 31.12 -20.97 -5.91
CA ASP I 139 31.63 -20.54 -7.20
C ASP I 139 33.13 -20.76 -7.35
N ILE I 140 33.72 -21.48 -6.40
CA ILE I 140 35.14 -21.82 -6.43
C ILE I 140 35.25 -23.33 -6.67
N PRO I 141 36.40 -23.84 -7.10
CA PRO I 141 36.53 -25.29 -7.24
C PRO I 141 36.34 -26.00 -5.91
N VAL I 142 35.63 -27.12 -5.95
CA VAL I 142 35.37 -27.93 -4.77
C VAL I 142 35.75 -29.37 -5.10
N ASP I 143 36.73 -29.89 -4.38
CA ASP I 143 37.16 -31.27 -4.57
C ASP I 143 36.35 -32.17 -3.65
N ASN I 144 35.56 -33.06 -4.24
CA ASN I 144 34.73 -33.99 -3.50
C ASN I 144 35.39 -35.37 -3.64
N LEU I 145 36.33 -35.65 -2.73
CA LEU I 145 37.06 -36.91 -2.77
C LEU I 145 36.20 -38.06 -2.29
N TYR I 146 36.45 -39.24 -2.83
CA TYR I 146 35.71 -40.43 -2.47
C TYR I 146 36.55 -41.30 -1.54
N ALA I 147 35.90 -41.85 -0.52
CA ALA I 147 36.52 -42.90 0.28
C ALA I 147 36.28 -44.28 -0.32
N GLU I 148 35.60 -44.34 -1.47
CA GLU I 148 35.24 -45.63 -2.06
C GLU I 148 36.43 -46.51 -2.38
N PRO I 149 37.53 -46.04 -2.98
CA PRO I 149 38.67 -46.94 -3.18
C PRO I 149 39.20 -47.53 -1.88
N ALA I 150 39.28 -46.73 -0.82
CA ALA I 150 39.72 -47.26 0.47
C ALA I 150 38.72 -48.26 1.03
N VAL I 151 37.42 -48.00 0.82
CA VAL I 151 36.40 -48.94 1.27
C VAL I 151 36.52 -50.27 0.54
N LEU I 152 36.73 -50.21 -0.78
CA LEU I 152 36.89 -51.44 -1.56
C LEU I 152 38.13 -52.20 -1.12
N LYS I 153 39.22 -51.48 -0.84
CA LYS I 153 40.43 -52.12 -0.33
C LYS I 153 40.15 -52.83 0.99
N TRP I 154 39.47 -52.14 1.90
CA TRP I 154 39.15 -52.75 3.19
C TRP I 154 38.27 -53.98 3.02
N ILE I 155 37.27 -53.91 2.14
CA ILE I 155 36.38 -55.04 1.93
C ILE I 155 37.15 -56.24 1.40
N ARG I 156 37.98 -56.01 0.38
CA ARG I 156 38.73 -57.10 -0.21
C ARG I 156 39.79 -57.67 0.73
N GLU I 157 40.27 -56.90 1.69
CA GLU I 157 41.30 -57.40 2.60
C GLU I 157 40.76 -57.93 3.92
N ASN I 158 39.53 -57.61 4.30
CA ASN I 158 39.04 -57.94 5.63
C ASN I 158 37.80 -58.84 5.66
N ILE I 159 37.14 -59.04 4.53
CA ILE I 159 35.95 -59.88 4.47
C ILE I 159 36.27 -61.04 3.52
N SER I 160 36.37 -62.24 4.08
CA SER I 160 36.83 -63.38 3.30
C SER I 160 35.85 -63.73 2.18
N GLU I 161 34.56 -63.65 2.46
CA GLU I 161 33.50 -64.01 1.51
C GLU I 161 32.94 -62.78 0.81
N TRP I 162 33.80 -61.80 0.50
CA TRP I 162 33.32 -60.57 -0.11
C TRP I 162 32.78 -60.81 -1.52
N ARG I 163 33.27 -61.83 -2.21
CA ARG I 163 32.79 -62.09 -3.56
C ARG I 163 31.36 -62.62 -3.58
N ASN I 164 30.87 -63.15 -2.46
CA ASN I 164 29.49 -63.60 -2.36
C ASN I 164 28.65 -62.69 -1.48
N CYS I 165 29.18 -61.54 -1.10
CA CYS I 165 28.47 -60.63 -0.23
C CYS I 165 27.43 -59.83 -1.01
N THR I 166 26.59 -59.13 -0.28
CA THR I 166 25.65 -58.17 -0.86
C THR I 166 25.83 -56.84 -0.15
N ILE I 167 25.98 -55.78 -0.93
CA ILE I 167 26.14 -54.44 -0.37
C ILE I 167 24.75 -53.85 -0.20
N VAL I 168 24.46 -53.36 1.00
CA VAL I 168 23.11 -52.96 1.38
C VAL I 168 23.08 -51.46 1.63
N SER I 169 22.13 -50.78 1.00
CA SER I 169 21.86 -49.39 1.30
C SER I 169 20.93 -49.28 2.51
N PRO I 170 21.31 -48.54 3.55
CA PRO I 170 20.43 -48.39 4.70
C PRO I 170 19.24 -47.48 4.46
N ASP I 171 19.23 -46.69 3.39
CA ASP I 171 18.08 -45.86 3.03
C ASP I 171 18.05 -45.70 1.52
N ALA I 172 17.01 -45.04 1.03
CA ALA I 172 16.86 -44.84 -0.41
C ALA I 172 17.94 -43.92 -0.97
N GLY I 173 18.40 -42.95 -0.19
CA GLY I 173 19.38 -41.99 -0.68
C GLY I 173 20.76 -42.58 -0.91
N GLY I 174 21.07 -43.70 -0.29
CA GLY I 174 22.36 -44.34 -0.46
C GLY I 174 22.46 -45.26 -1.65
N ALA I 175 21.42 -45.34 -2.47
CA ALA I 175 21.34 -46.33 -3.53
C ALA I 175 22.48 -46.17 -4.53
N LYS I 176 22.80 -44.94 -4.92
CA LYS I 176 23.86 -44.74 -5.90
C LYS I 176 25.20 -45.22 -5.37
N ARG I 177 25.53 -44.88 -4.13
CA ARG I 177 26.78 -45.31 -3.52
C ARG I 177 26.86 -46.84 -3.45
N VAL I 178 25.78 -47.48 -3.00
CA VAL I 178 25.77 -48.94 -2.91
C VAL I 178 25.86 -49.59 -4.27
N THR I 179 25.16 -49.07 -5.27
CA THR I 179 25.24 -49.66 -6.59
C THR I 179 26.63 -49.51 -7.17
N SER I 180 27.27 -48.36 -6.95
CA SER I 180 28.64 -48.17 -7.42
C SER I 180 29.59 -49.17 -6.78
N ILE I 181 29.47 -49.36 -5.46
CA ILE I 181 30.35 -50.29 -4.77
C ILE I 181 30.09 -51.72 -5.23
N ALA I 182 28.82 -52.09 -5.39
CA ALA I 182 28.49 -53.45 -5.84
C ALA I 182 28.98 -53.71 -7.25
N ASP I 183 28.89 -52.70 -8.13
CA ASP I 183 29.47 -52.81 -9.46
C ASP I 183 30.97 -53.01 -9.42
N ARG I 184 31.66 -52.23 -8.59
CA ARG I 184 33.11 -52.38 -8.52
C ARG I 184 33.52 -53.72 -7.92
N LEU I 185 32.73 -54.27 -7.01
CA LEU I 185 33.01 -55.58 -6.45
C LEU I 185 32.38 -56.72 -7.24
N ASN I 186 31.54 -56.41 -8.22
CA ASN I 186 30.79 -57.41 -8.98
C ASN I 186 30.01 -58.32 -8.05
N VAL I 187 29.23 -57.71 -7.16
CA VAL I 187 28.42 -58.43 -6.19
C VAL I 187 26.99 -57.91 -6.25
N ASP I 188 26.10 -58.64 -5.60
CA ASP I 188 24.71 -58.21 -5.50
C ASP I 188 24.59 -57.01 -4.58
N PHE I 189 23.48 -56.29 -4.71
CA PHE I 189 23.17 -55.21 -3.80
C PHE I 189 21.72 -55.33 -3.35
N ALA I 190 21.44 -54.72 -2.20
CA ALA I 190 20.09 -54.66 -1.66
C ALA I 190 19.87 -53.26 -1.12
N LEU I 191 18.61 -52.91 -0.95
CA LEU I 191 18.23 -51.62 -0.41
C LEU I 191 17.23 -51.81 0.72
N ILE I 192 17.41 -51.04 1.78
CA ILE I 192 16.50 -51.05 2.92
C ILE I 192 15.89 -49.67 3.04
N HIS I 193 14.57 -49.62 3.17
CA HIS I 193 13.85 -48.36 3.29
C HIS I 193 13.01 -48.39 4.57
N LYS I 194 13.13 -47.33 5.37
CA LYS I 194 12.22 -47.11 6.49
C LYS I 194 11.07 -46.26 5.99
N GLU I 195 9.86 -46.80 5.99
CA GLU I 195 8.79 -46.03 5.38
C GLU I 195 8.37 -44.87 6.29
N ARG I 196 7.72 -43.89 5.68
CA ARG I 196 7.49 -42.61 6.33
C ARG I 196 6.56 -42.77 7.52
N LYS I 197 6.82 -41.96 8.55
CA LYS I 197 6.11 -42.01 9.83
C LYS I 197 4.82 -41.21 9.70
N LYS I 198 3.77 -41.90 9.24
CA LYS I 198 2.48 -41.23 9.09
C LYS I 198 1.80 -41.02 10.44
N ALA I 199 2.05 -41.89 11.40
CA ALA I 199 1.47 -41.79 12.74
C ALA I 199 2.47 -42.38 13.73
N ASN I 200 1.99 -42.69 14.93
CA ASN I 200 2.86 -43.15 16.01
C ASN I 200 2.90 -44.67 16.14
N GLU I 201 2.73 -45.40 15.04
CA GLU I 201 2.86 -46.85 15.11
C GLU I 201 4.34 -47.24 15.04
N VAL I 202 4.58 -48.55 14.94
CA VAL I 202 5.95 -49.06 14.94
C VAL I 202 6.62 -48.71 13.61
N ASP I 203 7.86 -48.23 13.70
CA ASP I 203 8.68 -48.09 12.52
C ASP I 203 8.95 -49.45 11.90
N ARG I 204 8.61 -49.60 10.63
CA ARG I 204 8.83 -50.86 9.93
C ARG I 204 9.71 -50.61 8.71
N MET I 205 10.59 -51.57 8.44
CA MET I 205 11.59 -51.44 7.39
C MET I 205 11.31 -52.45 6.30
N VAL I 206 11.34 -52.00 5.06
CA VAL I 206 11.17 -52.87 3.90
C VAL I 206 12.53 -53.10 3.27
N LEU I 207 12.80 -54.35 2.93
CA LEU I 207 14.05 -54.73 2.26
C LEU I 207 13.73 -55.21 0.85
N VAL I 208 14.41 -54.64 -0.13
CA VAL I 208 14.34 -55.09 -1.51
C VAL I 208 15.69 -55.67 -1.88
N GLY I 209 15.69 -56.90 -2.35
CA GLY I 209 16.91 -57.64 -2.59
C GLY I 209 17.05 -58.82 -1.66
N ASP I 210 17.94 -59.73 -2.03
CA ASP I 210 18.13 -61.00 -1.32
C ASP I 210 19.43 -60.94 -0.54
N VAL I 211 19.33 -61.13 0.79
CA VAL I 211 20.48 -61.16 1.67
C VAL I 211 20.56 -62.46 2.46
N LYS I 212 19.70 -63.41 2.16
CA LYS I 212 19.61 -64.63 2.96
C LYS I 212 20.88 -65.47 2.83
N ASP I 213 21.42 -65.87 3.98
CA ASP I 213 22.59 -66.74 4.06
C ASP I 213 23.82 -66.12 3.39
N ARG I 214 23.86 -64.81 3.31
CA ARG I 214 25.00 -64.11 2.76
C ARG I 214 25.48 -63.04 3.74
N VAL I 215 26.75 -62.68 3.62
CA VAL I 215 27.27 -61.54 4.36
C VAL I 215 26.70 -60.27 3.78
N ALA I 216 26.17 -59.41 4.63
CA ALA I 216 25.62 -58.13 4.23
C ALA I 216 26.56 -57.02 4.67
N ILE I 217 26.92 -56.15 3.74
CA ILE I 217 27.75 -54.99 4.04
C ILE I 217 26.89 -53.76 3.89
N LEU I 218 26.63 -53.08 5.00
CA LEU I 218 25.93 -51.81 4.97
C LEU I 218 26.93 -50.71 4.62
N VAL I 219 26.66 -49.98 3.55
CA VAL I 219 27.50 -48.86 3.13
C VAL I 219 26.65 -47.61 3.09
N ASP I 220 27.10 -46.58 3.80
CA ASP I 220 26.43 -45.29 3.84
C ASP I 220 27.48 -44.20 3.93
N ASP I 221 27.06 -42.97 3.70
CA ASP I 221 27.99 -41.84 3.76
C ASP I 221 28.31 -41.44 5.19
N MET I 222 27.41 -41.68 6.14
CA MET I 222 27.69 -41.27 7.51
C MET I 222 26.80 -42.04 8.46
N ALA I 223 27.24 -42.11 9.72
CA ALA I 223 26.46 -42.68 10.81
C ALA I 223 26.49 -41.68 11.96
N ASP I 224 25.43 -40.88 12.08
CA ASP I 224 25.37 -39.85 13.12
C ASP I 224 24.90 -40.46 14.45
N THR I 225 23.64 -40.88 14.49
CA THR I 225 23.10 -41.55 15.67
C THR I 225 23.08 -43.06 15.52
N CYS I 226 23.43 -43.56 14.34
CA CYS I 226 23.44 -44.98 14.01
C CYS I 226 22.05 -45.60 14.05
N GLY I 227 21.00 -44.78 14.09
CA GLY I 227 19.66 -45.33 13.97
C GLY I 227 19.44 -46.01 12.64
N THR I 228 19.92 -45.39 11.56
CA THR I 228 19.77 -45.96 10.23
C THR I 228 20.46 -47.31 10.11
N ILE I 229 21.75 -47.36 10.48
CA ILE I 229 22.50 -48.60 10.31
C ILE I 229 22.04 -49.66 11.31
N CYS I 230 21.68 -49.25 12.54
CA CYS I 230 21.22 -50.26 13.50
C CYS I 230 19.89 -50.86 13.08
N HIS I 231 18.93 -50.03 12.66
CA HIS I 231 17.66 -50.55 12.18
C HIS I 231 17.86 -51.44 10.95
N ALA I 232 18.75 -51.00 10.04
CA ALA I 232 19.04 -51.82 8.87
C ALA I 232 19.68 -53.14 9.28
N ALA I 233 20.52 -53.14 10.31
CA ALA I 233 21.16 -54.37 10.77
C ALA I 233 20.15 -55.34 11.35
N ASP I 234 19.21 -54.84 12.16
CA ASP I 234 18.15 -55.71 12.66
C ASP I 234 17.34 -56.28 11.52
N LYS I 235 17.00 -55.45 10.53
CA LYS I 235 16.25 -55.95 9.37
C LYS I 235 17.04 -57.01 8.61
N LEU I 236 18.34 -56.78 8.43
CA LEU I 236 19.16 -57.72 7.68
C LEU I 236 19.27 -59.06 8.39
N LEU I 237 19.46 -59.05 9.71
CA LEU I 237 19.47 -60.32 10.44
C LEU I 237 18.12 -61.00 10.38
N SER I 238 17.03 -60.24 10.52
CA SER I 238 15.70 -60.81 10.42
C SER I 238 15.45 -61.41 9.04
N ALA I 239 16.15 -60.91 8.02
CA ALA I 239 16.01 -61.40 6.66
C ALA I 239 16.93 -62.56 6.34
N GLY I 240 17.74 -63.01 7.28
CA GLY I 240 18.58 -64.16 7.08
C GLY I 240 20.02 -63.90 6.73
N ALA I 241 20.51 -62.68 6.90
CA ALA I 241 21.92 -62.41 6.68
C ALA I 241 22.76 -63.13 7.72
N THR I 242 23.88 -63.72 7.28
CA THR I 242 24.76 -64.42 8.21
C THR I 242 25.53 -63.44 9.07
N ARG I 243 26.27 -62.53 8.46
CA ARG I 243 27.02 -61.50 9.17
C ARG I 243 26.68 -60.15 8.56
N VAL I 244 26.76 -59.11 9.38
CA VAL I 244 26.43 -57.75 8.94
C VAL I 244 27.61 -56.84 9.27
N TYR I 245 28.11 -56.17 8.25
CA TYR I 245 29.12 -55.13 8.41
C TYR I 245 28.51 -53.78 8.12
N ALA I 246 29.07 -52.74 8.72
CA ALA I 246 28.70 -51.38 8.42
C ALA I 246 29.97 -50.61 8.07
N ILE I 247 29.98 -50.00 6.89
CA ILE I 247 31.09 -49.18 6.44
C ILE I 247 30.57 -47.79 6.13
N LEU I 248 31.13 -46.80 6.81
CA LEU I 248 30.77 -45.40 6.62
C LEU I 248 32.05 -44.65 6.27
N THR I 249 31.90 -43.48 5.66
CA THR I 249 33.07 -42.63 5.56
C THR I 249 33.16 -41.63 6.70
N HIS I 250 32.03 -41.11 7.17
CA HIS I 250 32.01 -40.17 8.28
C HIS I 250 31.40 -40.85 9.50
N GLY I 251 32.24 -41.14 10.50
CA GLY I 251 31.72 -41.64 11.75
C GLY I 251 31.49 -40.51 12.73
N ILE I 252 30.26 -40.01 12.78
CA ILE I 252 29.93 -38.94 13.72
C ILE I 252 29.69 -39.51 15.10
N PHE I 253 28.89 -40.57 15.18
CA PHE I 253 28.67 -41.31 16.41
C PHE I 253 28.22 -40.40 17.55
N SER I 254 27.33 -39.47 17.25
CA SER I 254 26.80 -38.58 18.27
C SER I 254 25.68 -39.26 19.04
N GLY I 255 25.42 -38.75 20.24
CA GLY I 255 24.32 -39.20 21.06
C GLY I 255 24.42 -40.66 21.46
N PRO I 256 23.36 -41.42 21.18
CA PRO I 256 23.29 -42.82 21.61
C PRO I 256 23.97 -43.81 20.68
N ALA I 257 24.81 -43.34 19.76
CA ALA I 257 25.35 -44.21 18.72
C ALA I 257 26.22 -45.31 19.29
N ILE I 258 27.06 -45.00 20.27
CA ILE I 258 27.99 -46.00 20.80
C ILE I 258 27.24 -47.12 21.50
N SER I 259 26.25 -46.78 22.31
CA SER I 259 25.44 -47.81 22.96
C SER I 259 24.65 -48.60 21.94
N ARG I 260 24.16 -47.94 20.90
CA ARG I 260 23.42 -48.63 19.84
C ARG I 260 24.30 -49.65 19.14
N ILE I 261 25.54 -49.26 18.81
CA ILE I 261 26.44 -50.18 18.11
C ILE I 261 26.85 -51.32 19.01
N ASN I 262 27.16 -51.02 20.27
CA ASN I 262 27.56 -52.07 21.21
C ASN I 262 26.47 -53.10 21.41
N ASN I 263 25.21 -52.69 21.29
CA ASN I 263 24.08 -53.61 21.43
C ASN I 263 23.58 -54.13 20.09
N ALA I 264 24.24 -53.76 18.99
CA ALA I 264 23.87 -54.24 17.68
C ALA I 264 24.65 -55.52 17.35
N CYS I 265 24.44 -56.03 16.14
CA CYS I 265 24.98 -57.30 15.71
C CYS I 265 26.13 -57.15 14.71
N PHE I 266 26.71 -55.96 14.62
CA PHE I 266 27.70 -55.69 13.60
C PHE I 266 28.96 -56.52 13.82
N GLU I 267 29.46 -57.12 12.74
CA GLU I 267 30.79 -57.73 12.81
C GLU I 267 31.86 -56.66 12.99
N ALA I 268 31.71 -55.53 12.30
CA ALA I 268 32.61 -54.41 12.43
C ALA I 268 31.91 -53.17 11.90
N VAL I 269 32.16 -52.03 12.53
CA VAL I 269 31.73 -50.73 12.04
C VAL I 269 32.97 -50.01 11.56
N VAL I 270 33.06 -49.78 10.26
CA VAL I 270 34.26 -49.24 9.64
C VAL I 270 33.98 -47.80 9.21
N VAL I 271 34.82 -46.88 9.67
CA VAL I 271 34.72 -45.47 9.30
C VAL I 271 36.09 -44.99 8.90
N THR I 272 36.11 -43.90 8.15
CA THR I 272 37.37 -43.21 7.91
C THR I 272 37.68 -42.29 9.08
N ASN I 273 38.87 -41.70 9.06
CA ASN I 273 39.26 -40.73 10.08
C ASN I 273 39.04 -39.29 9.61
N THR I 274 38.02 -39.06 8.79
CA THR I 274 37.58 -37.68 8.53
C THR I 274 37.12 -37.00 9.81
N ILE I 275 36.69 -37.78 10.80
CA ILE I 275 36.33 -37.28 12.12
C ILE I 275 37.21 -38.04 13.10
N PRO I 276 37.72 -37.42 14.16
CA PRO I 276 38.51 -38.17 15.13
C PRO I 276 37.70 -39.29 15.76
N GLN I 277 38.30 -40.47 15.84
CA GLN I 277 37.62 -41.65 16.34
C GLN I 277 38.25 -42.23 17.58
N GLU I 278 39.32 -41.61 18.11
CA GLU I 278 40.04 -42.19 19.24
C GLU I 278 39.11 -42.41 20.42
N ASP I 279 38.31 -41.41 20.76
CA ASP I 279 37.39 -41.55 21.88
C ASP I 279 36.32 -42.60 21.60
N LYS I 280 35.82 -42.65 20.36
CA LYS I 280 34.78 -43.61 20.02
C LYS I 280 35.29 -45.04 20.10
N MET I 281 36.51 -45.29 19.62
CA MET I 281 37.06 -46.63 19.65
C MET I 281 37.28 -47.13 21.07
N LYS I 282 37.50 -46.23 22.03
CA LYS I 282 37.73 -46.66 23.40
C LYS I 282 36.49 -47.24 24.05
N HIS I 283 35.30 -46.86 23.58
CA HIS I 283 34.05 -47.36 24.14
C HIS I 283 33.33 -48.34 23.23
N CYS I 284 33.81 -48.57 22.01
CA CYS I 284 33.18 -49.51 21.10
C CYS I 284 34.28 -50.26 20.34
N SER I 285 34.49 -51.52 20.72
CA SER I 285 35.51 -52.33 20.08
C SER I 285 35.18 -52.65 18.63
N LYS I 286 33.91 -52.56 18.24
CA LYS I 286 33.51 -52.88 16.88
C LYS I 286 34.01 -51.86 15.87
N ILE I 287 34.35 -50.65 16.31
CA ILE I 287 34.74 -49.60 15.37
C ILE I 287 36.18 -49.83 14.91
N GLN I 288 36.36 -49.81 13.59
CA GLN I 288 37.68 -49.80 12.97
C GLN I 288 37.77 -48.60 12.05
N VAL I 289 38.99 -48.11 11.86
CA VAL I 289 39.23 -46.84 11.18
C VAL I 289 40.07 -47.07 9.93
N ILE I 290 39.60 -46.55 8.81
CA ILE I 290 40.40 -46.47 7.60
C ILE I 290 41.05 -45.09 7.57
N ASP I 291 42.38 -45.07 7.53
CA ASP I 291 43.08 -43.80 7.44
C ASP I 291 42.94 -43.26 6.03
N ILE I 292 42.43 -42.04 5.90
CA ILE I 292 42.34 -41.37 4.62
C ILE I 292 43.29 -40.17 4.54
N SER I 293 44.20 -40.05 5.51
CA SER I 293 45.13 -38.92 5.50
C SER I 293 46.01 -38.93 4.26
N MET I 294 46.32 -40.11 3.71
CA MET I 294 47.11 -40.14 2.49
C MET I 294 46.33 -39.58 1.31
N ILE I 295 45.01 -39.82 1.27
CA ILE I 295 44.19 -39.27 0.20
C ILE I 295 44.17 -37.75 0.28
N LEU I 296 43.94 -37.22 1.48
CA LEU I 296 43.90 -35.77 1.66
C LEU I 296 45.26 -35.14 1.37
N ALA I 297 46.33 -35.78 1.84
CA ALA I 297 47.67 -35.25 1.59
C ALA I 297 47.99 -35.24 0.10
N GLU I 298 47.65 -36.31 -0.61
CA GLU I 298 47.86 -36.33 -2.05
C GLU I 298 47.02 -35.28 -2.75
N ALA I 299 45.78 -35.07 -2.29
CA ALA I 299 44.95 -34.03 -2.89
C ALA I 299 45.56 -32.66 -2.69
N ILE I 300 46.06 -32.38 -1.49
CA ILE I 300 46.68 -31.08 -1.22
C ILE I 300 47.93 -30.91 -2.06
N ARG I 301 48.76 -31.96 -2.14
CA ARG I 301 50.00 -31.88 -2.90
C ARG I 301 49.72 -31.66 -4.39
N ARG I 302 48.73 -32.36 -4.93
CA ARG I 302 48.41 -32.19 -6.35
C ARG I 302 47.78 -30.83 -6.61
N THR I 303 46.96 -30.33 -5.68
CA THR I 303 46.42 -28.99 -5.83
C THR I 303 47.52 -27.96 -5.86
N HIS I 304 48.51 -28.10 -4.97
CA HIS I 304 49.63 -27.18 -4.95
C HIS I 304 50.47 -27.28 -6.22
N ASN I 305 50.67 -28.49 -6.72
CA ASN I 305 51.51 -28.71 -7.89
C ASN I 305 50.75 -28.53 -9.21
N GLY I 306 49.46 -28.22 -9.16
CA GLY I 306 48.70 -28.10 -10.39
C GLY I 306 48.55 -29.39 -11.15
N GLU I 307 48.31 -30.49 -10.44
CA GLU I 307 48.11 -31.79 -11.06
C GLU I 307 46.71 -32.31 -10.78
N SER I 308 46.23 -33.18 -11.66
CA SER I 308 44.90 -33.74 -11.53
C SER I 308 44.80 -34.62 -10.28
N VAL I 309 43.64 -34.59 -9.63
CA VAL I 309 43.37 -35.48 -8.51
C VAL I 309 42.53 -36.69 -8.95
N SER I 310 42.36 -36.89 -10.26
CA SER I 310 41.57 -38.01 -10.74
C SER I 310 42.16 -39.35 -10.32
N TYR I 311 43.48 -39.40 -10.14
CA TYR I 311 44.13 -40.62 -9.69
C TYR I 311 43.59 -41.10 -8.35
N LEU I 312 43.14 -40.16 -7.50
CA LEU I 312 42.64 -40.51 -6.18
C LEU I 312 41.29 -41.22 -6.22
N PHE I 313 40.61 -41.20 -7.35
CA PHE I 313 39.30 -41.84 -7.46
C PHE I 313 39.37 -43.29 -7.94
N SER I 314 40.58 -43.78 -8.23
CA SER I 314 40.78 -45.17 -8.61
C SER I 314 41.79 -45.90 -7.76
N HIS I 315 42.61 -45.20 -6.98
CA HIS I 315 43.69 -45.81 -6.24
C HIS I 315 43.78 -45.17 -4.86
N VAL I 316 44.27 -45.96 -3.90
CA VAL I 316 44.59 -45.47 -2.56
C VAL I 316 46.10 -45.30 -2.49
N PRO I 317 46.63 -44.07 -2.37
CA PRO I 317 48.08 -43.83 -2.35
C PRO I 317 48.76 -44.38 -1.10
N PRO J 2 3.16 -5.01 5.31
CA PRO J 2 3.97 -5.90 6.14
C PRO J 2 3.71 -5.69 7.63
N ASN J 3 3.77 -6.76 8.40
CA ASN J 3 3.56 -6.72 9.84
C ASN J 3 4.86 -7.04 10.56
N ILE J 4 4.99 -6.52 11.79
CA ILE J 4 6.13 -6.85 12.62
C ILE J 4 6.04 -8.31 13.05
N LYS J 5 7.09 -9.08 12.76
CA LYS J 5 7.26 -10.43 13.29
C LYS J 5 8.51 -10.43 14.13
N ILE J 6 8.38 -10.75 15.41
CA ILE J 6 9.50 -10.78 16.34
C ILE J 6 9.83 -12.24 16.61
N PHE J 7 11.06 -12.64 16.28
CA PHE J 7 11.53 -13.99 16.53
C PHE J 7 12.68 -13.95 17.52
N SER J 8 12.69 -14.90 18.43
CA SER J 8 13.72 -14.99 19.45
C SER J 8 14.67 -16.14 19.14
N GLY J 9 15.96 -15.87 19.24
CA GLY J 9 16.94 -16.92 19.31
C GLY J 9 17.01 -17.48 20.72
N SER J 10 17.95 -18.41 20.92
CA SER J 10 18.08 -19.05 22.22
C SER J 10 18.82 -18.19 23.24
N SER J 11 19.46 -17.11 22.79
CA SER J 11 20.38 -16.38 23.67
C SER J 11 19.62 -15.64 24.77
N HIS J 12 18.73 -14.72 24.40
CA HIS J 12 18.05 -13.85 25.37
C HIS J 12 16.55 -13.86 25.06
N GLN J 13 15.86 -14.89 25.52
CA GLN J 13 14.45 -15.01 25.21
C GLN J 13 13.57 -14.17 26.13
N ASP J 14 14.05 -13.89 27.36
CA ASP J 14 13.31 -12.99 28.24
C ASP J 14 13.27 -11.58 27.66
N LEU J 15 14.38 -11.10 27.12
CA LEU J 15 14.39 -9.80 26.47
C LEU J 15 13.48 -9.77 25.25
N SER J 16 13.49 -10.85 24.46
CA SER J 16 12.59 -10.93 23.32
C SER J 16 11.14 -10.87 23.76
N GLN J 17 10.81 -11.57 24.84
CA GLN J 17 9.46 -11.52 25.38
C GLN J 17 9.08 -10.12 25.82
N LYS J 18 10.00 -9.42 26.51
CA LYS J 18 9.72 -8.06 26.93
C LYS J 18 9.50 -7.14 25.74
N ILE J 19 10.31 -7.29 24.70
CA ILE J 19 10.14 -6.48 23.50
C ILE J 19 8.80 -6.75 22.85
N ALA J 20 8.43 -8.03 22.75
CA ALA J 20 7.15 -8.39 22.13
C ALA J 20 5.97 -7.85 22.95
N ASP J 21 6.04 -7.94 24.27
CA ASP J 21 4.98 -7.39 25.10
C ASP J 21 4.87 -5.88 24.93
N ARG J 22 6.01 -5.18 24.89
CA ARG J 22 5.96 -3.73 24.70
C ARG J 22 5.44 -3.36 23.32
N LEU J 23 5.62 -4.25 22.34
CA LEU J 23 5.05 -4.05 21.01
C LEU J 23 3.64 -4.58 20.89
N GLY J 24 3.09 -5.17 21.96
CA GLY J 24 1.77 -5.76 21.89
C GLY J 24 1.67 -6.92 20.93
N LEU J 25 2.71 -7.76 20.88
CA LEU J 25 2.76 -8.87 19.95
C LEU J 25 3.14 -10.14 20.70
N GLU J 26 2.78 -11.28 20.12
CA GLU J 26 3.34 -12.55 20.54
C GLU J 26 4.60 -12.85 19.74
N LEU J 27 5.56 -13.48 20.41
CA LEU J 27 6.77 -13.90 19.72
C LEU J 27 6.42 -14.86 18.59
N GLY J 28 7.12 -14.72 17.48
CA GLY J 28 6.92 -15.64 16.37
C GLY J 28 7.27 -17.06 16.76
N LYS J 29 6.58 -18.01 16.15
CA LYS J 29 6.79 -19.42 16.46
C LYS J 29 8.09 -19.88 15.81
N VAL J 30 9.08 -20.18 16.65
CA VAL J 30 10.35 -20.74 16.17
C VAL J 30 10.78 -21.83 17.14
N VAL J 31 11.26 -22.94 16.59
CA VAL J 31 11.95 -23.95 17.37
C VAL J 31 13.43 -23.82 17.06
N THR J 32 14.21 -23.45 18.06
CA THR J 32 15.65 -23.25 17.93
C THR J 32 16.32 -24.27 18.84
N LYS J 33 16.73 -25.40 18.28
CA LYS J 33 17.34 -26.46 19.06
C LYS J 33 18.65 -26.90 18.41
N LYS J 34 19.20 -28.00 18.88
CA LYS J 34 20.38 -28.60 18.28
C LYS J 34 20.08 -30.01 17.79
N PHE J 35 20.55 -30.31 16.59
CA PHE J 35 20.58 -31.70 16.14
C PHE J 35 21.52 -32.49 17.06
N SER J 36 21.48 -33.81 16.90
CA SER J 36 22.28 -34.68 17.76
C SER J 36 23.78 -34.37 17.61
N ASN J 37 24.23 -34.11 16.39
CA ASN J 37 25.63 -33.80 16.15
C ASN J 37 25.98 -32.34 16.44
N GLN J 38 25.13 -31.64 17.20
CA GLN J 38 25.33 -30.28 17.68
C GLN J 38 25.25 -29.25 16.57
N GLU J 39 24.72 -29.59 15.41
CA GLU J 39 24.41 -28.59 14.39
C GLU J 39 23.15 -27.84 14.77
N THR J 40 23.12 -26.55 14.47
CA THR J 40 21.99 -25.72 14.81
C THR J 40 20.77 -26.11 13.98
N CYS J 41 19.65 -26.32 14.65
CA CYS J 41 18.38 -26.63 14.01
C CYS J 41 17.43 -25.47 14.22
N VAL J 42 16.93 -24.90 13.13
CA VAL J 42 16.01 -23.77 13.17
C VAL J 42 14.76 -24.17 12.43
N GLU J 43 13.62 -24.08 13.10
CA GLU J 43 12.32 -24.45 12.53
C GLU J 43 11.36 -23.29 12.76
N ILE J 44 11.28 -22.39 11.78
CA ILE J 44 10.32 -21.31 11.83
C ILE J 44 8.93 -21.89 11.64
N GLY J 45 8.05 -21.63 12.60
CA GLY J 45 6.75 -22.26 12.65
C GLY J 45 5.60 -21.48 12.03
N GLU J 46 5.88 -20.41 11.29
CA GLU J 46 4.81 -19.64 10.67
C GLU J 46 5.35 -18.94 9.43
N SER J 47 4.43 -18.51 8.58
CA SER J 47 4.80 -17.78 7.39
C SER J 47 5.35 -16.41 7.76
N VAL J 48 6.40 -16.00 7.05
CA VAL J 48 6.94 -14.65 7.16
C VAL J 48 6.89 -13.94 5.81
N ARG J 49 6.09 -14.45 4.88
CA ARG J 49 6.02 -13.90 3.54
C ARG J 49 5.59 -12.45 3.58
N GLY J 50 6.41 -11.58 3.00
CA GLY J 50 6.09 -10.16 2.99
C GLY J 50 6.02 -9.51 4.35
N GLU J 51 6.62 -10.13 5.36
CA GLU J 51 6.58 -9.61 6.72
C GLU J 51 7.85 -8.84 7.02
N ASP J 52 7.77 -7.98 8.03
CA ASP J 52 8.91 -7.22 8.54
C ASP J 52 9.43 -7.99 9.75
N VAL J 53 10.46 -8.78 9.53
CA VAL J 53 10.94 -9.76 10.51
C VAL J 53 12.06 -9.13 11.33
N TYR J 54 11.92 -9.21 12.65
CA TYR J 54 12.96 -8.79 13.58
C TYR J 54 13.37 -10.01 14.39
N ILE J 55 14.66 -10.35 14.32
CA ILE J 55 15.21 -11.49 15.03
C ILE J 55 16.08 -10.95 16.15
N VAL J 56 15.73 -11.28 17.38
CA VAL J 56 16.45 -10.82 18.56
C VAL J 56 17.42 -11.92 18.96
N GLN J 57 18.71 -11.59 18.96
CA GLN J 57 19.75 -12.53 19.35
C GLN J 57 20.95 -11.74 19.83
N SER J 58 21.27 -11.87 21.11
CA SER J 58 22.42 -11.17 21.68
C SER J 58 23.67 -12.01 21.53
N GLY J 59 24.81 -11.33 21.46
CA GLY J 59 26.06 -12.05 21.45
C GLY J 59 26.49 -12.32 22.88
N CYS J 60 26.14 -13.50 23.38
CA CYS J 60 26.36 -13.87 24.76
C CYS J 60 26.14 -15.37 24.87
N GLY J 61 26.45 -15.92 26.04
CA GLY J 61 26.32 -17.35 26.25
C GLY J 61 27.20 -18.11 25.27
N GLU J 62 26.61 -19.10 24.62
CA GLU J 62 27.29 -19.88 23.60
C GLU J 62 27.38 -19.01 22.35
N ILE J 63 28.48 -18.25 22.25
CA ILE J 63 28.56 -17.16 21.28
C ILE J 63 28.41 -17.69 19.86
N ASN J 64 29.21 -18.69 19.50
CA ASN J 64 29.19 -19.18 18.12
C ASN J 64 27.89 -19.92 17.82
N ASP J 65 27.39 -20.66 18.81
CA ASP J 65 26.08 -21.28 18.71
C ASP J 65 25.01 -20.23 18.40
N ASN J 66 25.00 -19.14 19.17
CA ASN J 66 23.97 -18.11 19.01
C ASN J 66 24.12 -17.38 17.69
N LEU J 67 25.36 -17.07 17.29
CA LEU J 67 25.56 -16.37 16.02
C LEU J 67 25.15 -17.25 14.84
N MET J 68 25.47 -18.54 14.89
CA MET J 68 25.03 -19.43 13.82
C MET J 68 23.52 -19.54 13.80
N GLU J 69 22.90 -19.60 14.99
CA GLU J 69 21.44 -19.60 15.08
C GLU J 69 20.85 -18.37 14.40
N LEU J 70 21.43 -17.20 14.70
CA LEU J 70 20.95 -15.95 14.12
C LEU J 70 21.12 -15.94 12.60
N LEU J 71 22.27 -16.40 12.11
CA LEU J 71 22.50 -16.42 10.67
C LEU J 71 21.54 -17.35 9.96
N ILE J 72 21.33 -18.54 10.53
CA ILE J 72 20.41 -19.51 9.93
C ILE J 72 18.99 -18.98 9.93
N MET J 73 18.57 -18.34 11.02
CA MET J 73 17.23 -17.75 11.08
C MET J 73 17.07 -16.61 10.07
N ILE J 74 18.09 -15.77 9.93
CA ILE J 74 18.04 -14.70 8.94
C ILE J 74 17.90 -15.28 7.54
N ASN J 75 18.71 -16.29 7.22
CA ASN J 75 18.67 -16.88 5.89
C ASN J 75 17.33 -17.57 5.64
N ALA J 76 16.80 -18.26 6.64
CA ALA J 76 15.51 -18.92 6.48
C ALA J 76 14.42 -17.90 6.22
N CYS J 77 14.44 -16.77 6.96
CA CYS J 77 13.45 -15.73 6.73
C CYS J 77 13.59 -15.12 5.34
N LYS J 78 14.82 -14.90 4.89
CA LYS J 78 15.02 -14.34 3.56
C LYS J 78 14.52 -15.28 2.47
N ILE J 79 14.87 -16.56 2.56
CA ILE J 79 14.42 -17.52 1.57
C ILE J 79 12.91 -17.74 1.68
N ALA J 80 12.35 -17.55 2.87
CA ALA J 80 10.91 -17.60 3.06
C ALA J 80 10.21 -16.32 2.62
N SER J 81 10.90 -15.46 1.88
CA SER J 81 10.31 -14.31 1.21
C SER J 81 9.80 -13.26 2.20
N ALA J 82 10.55 -13.07 3.29
CA ALA J 82 10.26 -11.95 4.19
C ALA J 82 10.51 -10.64 3.46
N SER J 83 9.66 -9.65 3.74
CA SER J 83 9.84 -8.33 3.12
C SER J 83 11.15 -7.70 3.56
N ARG J 84 11.48 -7.82 4.85
CA ARG J 84 12.69 -7.24 5.40
C ARG J 84 13.08 -8.05 6.62
N VAL J 85 14.38 -8.31 6.78
CA VAL J 85 14.89 -9.05 7.91
C VAL J 85 15.84 -8.15 8.68
N THR J 86 15.54 -7.91 9.94
CA THR J 86 16.36 -7.09 10.81
C THR J 86 16.93 -7.94 11.93
N ALA J 87 18.23 -7.86 12.13
CA ALA J 87 18.89 -8.56 13.22
C ALA J 87 18.99 -7.59 14.40
N VAL J 88 18.25 -7.88 15.47
CA VAL J 88 18.32 -7.11 16.70
C VAL J 88 19.36 -7.80 17.58
N ILE J 89 20.56 -7.23 17.60
CA ILE J 89 21.68 -7.83 18.33
C ILE J 89 22.08 -6.89 19.45
N PRO J 90 21.48 -7.03 20.64
CA PRO J 90 21.76 -6.06 21.72
C PRO J 90 23.24 -5.94 22.07
N CYS J 91 23.96 -7.07 22.11
CA CYS J 91 25.40 -7.06 22.32
C CYS J 91 26.05 -7.70 21.10
N PHE J 92 26.75 -6.90 20.31
CA PHE J 92 27.31 -7.38 19.05
C PHE J 92 28.47 -8.33 19.32
N PRO J 93 28.43 -9.57 18.84
CA PRO J 93 29.54 -10.49 19.10
C PRO J 93 30.77 -10.10 18.30
N TYR J 94 31.93 -10.44 18.87
CA TYR J 94 33.24 -10.18 18.27
C TYR J 94 33.49 -8.69 18.04
N ALA J 95 32.77 -7.83 18.75
CA ALA J 95 32.90 -6.39 18.55
C ALA J 95 34.28 -5.90 18.97
N ARG J 96 34.92 -6.57 19.92
CA ARG J 96 36.25 -6.17 20.35
C ARG J 96 37.33 -6.51 19.34
N GLN J 97 37.04 -7.35 18.36
CA GLN J 97 37.98 -7.66 17.28
C GLN J 97 37.64 -6.81 16.07
N ASP J 98 37.87 -5.50 16.23
CA ASP J 98 37.40 -4.49 15.28
C ASP J 98 38.52 -3.87 14.47
N LYS J 99 39.74 -4.39 14.60
CA LYS J 99 40.88 -3.82 13.88
C LYS J 99 41.98 -4.86 13.81
N LYS J 100 42.94 -4.61 12.94
CA LYS J 100 44.12 -5.46 12.82
C LYS J 100 45.32 -4.65 13.32
N ASP J 101 45.58 -4.75 14.62
CA ASP J 101 46.74 -4.12 15.23
C ASP J 101 47.80 -5.16 15.61
N LYS J 102 47.68 -6.37 15.08
CA LYS J 102 48.67 -7.43 15.26
C LYS J 102 48.87 -8.11 13.93
N SER J 103 50.05 -8.72 13.75
CA SER J 103 50.31 -9.49 12.55
C SER J 103 49.35 -10.67 12.46
N ARG J 104 48.78 -10.86 11.28
CA ARG J 104 47.90 -11.98 10.96
C ARG J 104 46.60 -11.97 11.77
N ALA J 105 46.30 -10.87 12.47
CA ALA J 105 45.11 -10.82 13.29
C ALA J 105 43.87 -10.69 12.40
N PRO J 106 42.83 -11.46 12.67
CA PRO J 106 41.57 -11.26 11.95
C PRO J 106 40.80 -10.07 12.48
N ILE J 107 40.02 -9.46 11.61
CA ILE J 107 39.02 -8.48 12.03
C ILE J 107 37.71 -9.27 12.12
N SER J 108 37.48 -9.88 13.28
CA SER J 108 36.35 -10.78 13.43
C SER J 108 35.03 -10.05 13.39
N ALA J 109 34.99 -8.79 13.85
CA ALA J 109 33.76 -8.02 13.75
C ALA J 109 33.36 -7.80 12.30
N LYS J 110 34.34 -7.52 11.42
CA LYS J 110 34.05 -7.37 10.01
C LYS J 110 33.58 -8.69 9.41
N LEU J 111 34.19 -9.81 9.83
CA LEU J 111 33.73 -11.10 9.34
C LEU J 111 32.29 -11.38 9.76
N VAL J 112 31.95 -11.05 11.01
CA VAL J 112 30.58 -11.24 11.48
C VAL J 112 29.63 -10.36 10.70
N ALA J 113 30.03 -9.11 10.42
CA ALA J 113 29.20 -8.24 9.60
C ALA J 113 28.98 -8.80 8.20
N ASN J 114 30.04 -9.32 7.59
CA ASN J 114 29.92 -9.91 6.26
C ASN J 114 29.02 -11.13 6.29
N MET J 115 29.14 -11.95 7.34
CA MET J 115 28.29 -13.13 7.47
C MET J 115 26.83 -12.74 7.63
N LEU J 116 26.55 -11.70 8.42
CA LEU J 116 25.18 -11.23 8.56
C LEU J 116 24.66 -10.68 7.24
N SER J 117 25.50 -9.97 6.50
CA SER J 117 25.10 -9.44 5.21
C SER J 117 24.79 -10.55 4.21
N VAL J 118 25.63 -11.58 4.17
CA VAL J 118 25.42 -12.66 3.21
C VAL J 118 24.26 -13.56 3.64
N ALA J 119 23.96 -13.61 4.94
CA ALA J 119 22.76 -14.31 5.39
C ALA J 119 21.50 -13.61 4.93
N GLY J 120 21.58 -12.31 4.66
CA GLY J 120 20.45 -11.60 4.09
C GLY J 120 19.86 -10.53 4.99
N ALA J 121 20.57 -10.15 6.05
CA ALA J 121 20.09 -9.07 6.91
C ALA J 121 20.01 -7.76 6.13
N ASP J 122 18.90 -7.06 6.29
CA ASP J 122 18.71 -5.76 5.67
C ASP J 122 18.90 -4.61 6.64
N HIS J 123 18.96 -4.89 7.93
CA HIS J 123 19.00 -3.86 8.95
C HIS J 123 19.56 -4.48 10.23
N ILE J 124 20.37 -3.72 10.94
CA ILE J 124 20.93 -4.16 12.22
C ILE J 124 20.55 -3.15 13.28
N ILE J 125 20.02 -3.63 14.39
CA ILE J 125 19.75 -2.81 15.56
C ILE J 125 20.58 -3.38 16.70
N THR J 126 21.42 -2.53 17.28
CA THR J 126 22.32 -2.95 18.33
C THR J 126 22.45 -1.82 19.36
N MET J 127 22.98 -2.15 20.53
CA MET J 127 23.15 -1.18 21.60
C MET J 127 24.62 -1.07 21.97
N ASP J 128 25.13 0.16 21.97
CA ASP J 128 26.46 0.49 22.47
C ASP J 128 27.53 -0.43 21.91
N LEU J 129 27.73 -0.32 20.60
CA LEU J 129 28.81 -1.03 19.94
C LEU J 129 30.13 -0.70 20.60
N HIS J 130 30.97 -1.72 20.80
CA HIS J 130 32.29 -1.49 21.38
C HIS J 130 33.05 -0.44 20.60
N ALA J 131 32.92 -0.46 19.28
CA ALA J 131 33.42 0.61 18.42
C ALA J 131 32.27 1.02 17.51
N SER J 132 31.93 2.31 17.52
CA SER J 132 30.84 2.81 16.69
C SER J 132 31.14 2.64 15.20
N GLN J 133 32.42 2.54 14.84
CA GLN J 133 32.79 2.34 13.44
C GLN J 133 32.33 1.00 12.91
N ILE J 134 31.90 0.08 13.79
CA ILE J 134 31.32 -1.18 13.34
C ILE J 134 30.08 -0.92 12.47
N GLN J 135 29.41 0.22 12.67
CA GLN J 135 28.35 0.62 11.75
C GLN J 135 28.85 0.64 10.32
N GLY J 136 30.10 1.05 10.11
CA GLY J 136 30.71 1.07 8.80
C GLY J 136 31.16 -0.27 8.28
N PHE J 137 31.06 -1.32 9.09
CA PHE J 137 31.39 -2.67 8.63
C PHE J 137 30.29 -3.25 7.75
N PHE J 138 29.11 -2.66 7.76
CA PHE J 138 27.98 -3.07 6.93
C PHE J 138 27.76 -2.07 5.81
N ASP J 139 27.07 -2.52 4.77
CA ASP J 139 26.51 -1.64 3.76
C ASP J 139 25.02 -1.42 3.94
N ILE J 140 24.46 -1.88 5.04
CA ILE J 140 23.04 -1.71 5.37
C ILE J 140 22.96 -0.75 6.55
N PRO J 141 21.80 -0.13 6.80
CA PRO J 141 21.68 0.72 7.99
C PRO J 141 21.93 -0.07 9.27
N VAL J 142 22.66 0.53 10.20
CA VAL J 142 22.97 -0.07 11.48
C VAL J 142 22.60 0.92 12.56
N ASP J 143 21.65 0.56 13.41
CA ASP J 143 21.23 1.40 14.52
C ASP J 143 22.08 1.08 15.73
N ASN J 144 22.87 2.04 16.18
CA ASN J 144 23.73 1.89 17.33
C ASN J 144 23.08 2.69 18.47
N LEU J 145 22.19 2.04 19.20
CA LEU J 145 21.47 2.69 20.29
C LEU J 145 22.38 2.87 21.50
N TYR J 146 22.12 3.92 22.25
CA TYR J 146 22.89 4.21 23.45
C TYR J 146 22.09 3.84 24.69
N ALA J 147 22.77 3.24 25.65
CA ALA J 147 22.19 3.08 26.98
C ALA J 147 22.45 4.29 27.86
N GLU J 148 23.09 5.33 27.33
CA GLU J 148 23.46 6.49 28.13
C GLU J 148 22.27 7.20 28.77
N PRO J 149 21.15 7.46 28.08
CA PRO J 149 20.01 8.07 28.80
C PRO J 149 19.53 7.24 29.98
N ALA J 150 19.47 5.91 29.83
CA ALA J 150 19.07 5.06 30.94
C ALA J 150 20.11 5.10 32.05
N VAL J 151 21.39 5.17 31.69
CA VAL J 151 22.45 5.27 32.70
C VAL J 151 22.32 6.56 33.48
N LEU J 152 22.08 7.67 32.78
CA LEU J 152 21.90 8.95 33.45
C LEU J 152 20.69 8.93 34.36
N LYS J 153 19.60 8.33 33.91
CA LYS J 153 18.42 8.18 34.76
C LYS J 153 18.74 7.40 36.02
N TRP J 154 19.44 6.27 35.87
CA TRP J 154 19.81 5.48 37.03
C TRP J 154 20.70 6.25 37.99
N ILE J 155 21.67 7.00 37.45
CA ILE J 155 22.58 7.76 38.31
C ILE J 155 21.81 8.81 39.08
N ARG J 156 20.95 9.56 38.40
CA ARG J 156 20.20 10.62 39.08
C ARG J 156 19.19 10.07 40.07
N GLU J 157 18.71 8.84 39.89
CA GLU J 157 17.72 8.29 40.81
C GLU J 157 18.31 7.42 41.92
N ASN J 158 19.55 6.96 41.81
CA ASN J 158 20.08 5.98 42.74
C ASN J 158 21.32 6.43 43.49
N ILE J 159 21.96 7.52 43.08
CA ILE J 159 23.16 8.02 43.75
C ILE J 159 22.84 9.41 44.28
N SER J 160 22.77 9.54 45.60
CA SER J 160 22.31 10.78 46.21
C SER J 160 23.26 11.93 45.92
N GLU J 161 24.56 11.67 45.96
CA GLU J 161 25.59 12.68 45.76
C GLU J 161 26.11 12.68 44.32
N TRP J 162 25.23 12.44 43.35
CA TRP J 162 25.68 12.36 41.96
C TRP J 162 26.18 13.69 41.45
N ARG J 163 25.68 14.81 42.00
CA ARG J 163 26.13 16.12 41.53
C ARG J 163 27.56 16.42 41.94
N ASN J 164 28.09 15.74 42.95
CA ASN J 164 29.48 15.90 43.34
C ASN J 164 30.33 14.69 42.97
N CYS J 165 29.79 13.77 42.19
CA CYS J 165 30.52 12.57 41.82
C CYS J 165 31.51 12.87 40.70
N THR J 166 32.37 11.88 40.44
CA THR J 166 33.27 11.93 39.31
C THR J 166 33.09 10.64 38.51
N ILE J 167 32.91 10.77 37.21
CA ILE J 167 32.74 9.62 36.33
C ILE J 167 34.12 9.19 35.87
N VAL J 168 34.44 7.92 36.05
CA VAL J 168 35.80 7.40 35.85
C VAL J 168 35.80 6.44 34.68
N SER J 169 36.73 6.66 33.74
CA SER J 169 36.98 5.70 32.69
C SER J 169 37.94 4.62 33.19
N PRO J 170 37.58 3.34 33.07
CA PRO J 170 38.50 2.28 33.50
C PRO J 170 39.67 2.05 32.55
N ASP J 171 39.62 2.58 31.33
CA ASP J 171 40.75 2.50 30.41
C ASP J 171 40.74 3.72 29.51
N ALA J 172 41.76 3.82 28.65
CA ALA J 172 41.86 4.97 27.75
C ALA J 172 40.75 4.98 26.71
N GLY J 173 40.29 3.80 26.28
CA GLY J 173 39.28 3.73 25.24
C GLY J 173 37.90 4.20 25.66
N GLY J 174 37.63 4.23 26.96
CA GLY J 174 36.34 4.67 27.46
C GLY J 174 36.23 6.17 27.66
N ALA J 175 37.26 6.93 27.28
CA ALA J 175 37.31 8.35 27.61
C ALA J 175 36.15 9.11 27.00
N LYS J 176 35.80 8.82 25.75
CA LYS J 176 34.70 9.54 25.11
C LYS J 176 33.38 9.32 25.83
N ARG J 177 33.10 8.06 26.17
CA ARG J 177 31.86 7.74 26.88
C ARG J 177 31.80 8.44 28.24
N VAL J 178 32.92 8.40 28.99
CA VAL J 178 32.95 9.04 30.29
C VAL J 178 32.84 10.56 30.17
N THR J 179 33.50 11.16 29.20
CA THR J 179 33.39 12.61 29.05
C THR J 179 31.97 13.00 28.67
N SER J 180 31.32 12.23 27.81
CA SER J 180 29.95 12.52 27.44
C SER J 180 29.03 12.44 28.67
N ILE J 181 29.18 11.40 29.48
CA ILE J 181 28.34 11.26 30.66
C ILE J 181 28.61 12.38 31.65
N ALA J 182 29.88 12.73 31.86
CA ALA J 182 30.22 13.80 32.79
C ALA J 182 29.69 15.15 32.33
N ASP J 183 29.74 15.40 31.01
CA ASP J 183 29.14 16.60 30.45
C ASP J 183 27.63 16.63 30.69
N ARG J 184 26.95 15.52 30.44
CA ARG J 184 25.51 15.50 30.66
C ARG J 184 25.14 15.67 32.12
N LEU J 185 25.96 15.16 33.03
CA LEU J 185 25.71 15.33 34.46
C LEU J 185 26.35 16.60 35.03
N ASN J 186 27.15 17.31 34.24
CA ASN J 186 27.89 18.48 34.70
C ASN J 186 28.72 18.15 35.94
N VAL J 187 29.51 17.08 35.83
CA VAL J 187 30.36 16.61 36.92
C VAL J 187 31.77 16.43 36.40
N ASP J 188 32.71 16.25 37.33
CA ASP J 188 34.08 15.98 36.97
C ASP J 188 34.21 14.56 36.40
N PHE J 189 35.31 14.35 35.68
CA PHE J 189 35.63 13.02 35.19
C PHE J 189 37.08 12.71 35.48
N ALA J 190 37.39 11.42 35.53
CA ALA J 190 38.75 10.94 35.70
C ALA J 190 38.97 9.77 34.76
N LEU J 191 40.24 9.47 34.50
CA LEU J 191 40.59 8.36 33.66
C LEU J 191 41.63 7.50 34.36
N ILE J 192 41.47 6.19 34.24
CA ILE J 192 42.41 5.22 34.79
C ILE J 192 43.01 4.44 33.64
N HIS J 193 44.33 4.32 33.62
CA HIS J 193 45.03 3.59 32.58
C HIS J 193 45.90 2.52 33.22
N LYS J 194 45.79 1.30 32.72
CA LYS J 194 46.72 0.23 33.06
C LYS J 194 47.84 0.24 32.03
N GLU J 195 49.06 0.55 32.47
CA GLU J 195 50.12 0.70 31.48
C GLU J 195 50.53 -0.67 30.92
N ARG J 196 51.15 -0.62 29.74
CA ARG J 196 51.38 -1.83 28.96
C ARG J 196 52.34 -2.77 29.66
N LYS J 197 52.10 -4.06 29.48
CA LYS J 197 52.85 -5.13 30.16
C LYS J 197 54.12 -5.39 29.37
N LYS J 198 55.17 -4.64 29.70
CA LYS J 198 56.44 -4.82 29.01
C LYS J 198 57.16 -6.08 29.48
N ALA J 199 56.94 -6.47 30.74
CA ALA J 199 57.56 -7.66 31.29
C ALA J 199 56.61 -8.24 32.33
N ASN J 200 57.11 -9.12 33.19
CA ASN J 200 56.28 -9.83 34.15
C ASN J 200 56.27 -9.19 35.54
N GLU J 201 56.43 -7.87 35.61
CA GLU J 201 56.32 -7.20 36.91
C GLU J 201 54.85 -6.96 37.25
N VAL J 202 54.63 -6.23 38.33
CA VAL J 202 53.27 -6.00 38.81
C VAL J 202 52.55 -5.02 37.87
N ASP J 203 51.31 -5.37 37.53
CA ASP J 203 50.44 -4.44 36.83
C ASP J 203 50.20 -3.22 37.71
N ARG J 204 50.49 -2.04 37.19
CA ARG J 204 50.27 -0.80 37.92
C ARG J 204 49.35 0.11 37.13
N MET J 205 48.48 0.82 37.84
CA MET J 205 47.46 1.63 37.23
C MET J 205 47.72 3.09 37.55
N VAL J 206 47.64 3.93 36.54
CA VAL J 206 47.80 5.37 36.70
C VAL J 206 46.42 6.02 36.62
N LEU J 207 46.15 6.93 37.54
CA LEU J 207 44.91 7.68 37.56
C LEU J 207 45.19 9.14 37.27
N VAL J 208 44.47 9.70 36.30
CA VAL J 208 44.52 11.13 35.99
C VAL J 208 43.16 11.72 36.34
N GLY J 209 43.16 12.74 37.17
CA GLY J 209 41.95 13.30 37.72
C GLY J 209 41.86 13.08 39.22
N ASP J 210 40.97 13.85 39.85
CA ASP J 210 40.83 13.87 41.29
C ASP J 210 39.56 13.14 41.68
N VAL J 211 39.69 12.09 42.50
CA VAL J 211 38.56 11.33 43.00
C VAL J 211 38.53 11.30 44.52
N LYS J 212 39.40 12.06 45.18
CA LYS J 212 39.53 11.98 46.63
C LYS J 212 38.27 12.49 47.32
N ASP J 213 37.77 11.69 48.27
CA ASP J 213 36.61 12.04 49.09
C ASP J 213 35.36 12.29 48.25
N ARG J 214 35.29 11.69 47.08
CA ARG J 214 34.12 11.80 46.23
C ARG J 214 33.66 10.40 45.82
N VAL J 215 32.38 10.31 45.47
CA VAL J 215 31.86 9.08 44.89
C VAL J 215 32.40 8.96 43.47
N ALA J 216 32.93 7.79 43.14
CA ALA J 216 33.45 7.51 41.82
C ALA J 216 32.51 6.56 41.12
N ILE J 217 32.10 6.91 39.90
CA ILE J 217 31.26 6.06 39.08
C ILE J 217 32.11 5.58 37.90
N LEU J 218 32.39 4.28 37.87
CA LEU J 218 33.06 3.68 36.74
C LEU J 218 32.03 3.42 35.64
N VAL J 219 32.27 3.97 34.46
CA VAL J 219 31.40 3.77 33.32
C VAL J 219 32.22 3.17 32.18
N ASP J 220 31.77 2.04 31.67
CA ASP J 220 32.42 1.38 30.55
C ASP J 220 31.35 0.73 29.69
N ASP J 221 31.76 0.31 28.49
CA ASP J 221 30.81 -0.32 27.58
C ASP J 221 30.51 -1.76 27.97
N MET J 222 31.45 -2.46 28.62
CA MET J 222 31.21 -3.85 28.95
C MET J 222 32.14 -4.27 30.08
N ALA J 223 31.73 -5.32 30.78
CA ALA J 223 32.54 -5.96 31.81
C ALA J 223 32.54 -7.46 31.51
N ASP J 224 33.58 -7.96 30.86
CA ASP J 224 33.65 -9.37 30.49
C ASP J 224 34.17 -10.20 31.66
N THR J 225 35.44 -10.00 32.03
CA THR J 225 36.02 -10.68 33.17
C THR J 225 36.06 -9.78 34.41
N CYS J 226 35.69 -8.52 34.25
CA CYS J 226 35.69 -7.52 35.31
C CYS J 226 37.09 -7.22 35.83
N GLY J 227 38.12 -7.65 35.12
CA GLY J 227 39.47 -7.25 35.49
C GLY J 227 39.66 -5.75 35.40
N THR J 228 39.14 -5.14 34.34
CA THR J 228 39.28 -3.71 34.15
C THR J 228 38.59 -2.94 35.28
N ILE J 229 37.32 -3.24 35.54
CA ILE J 229 36.59 -2.49 36.55
C ILE J 229 37.08 -2.82 37.96
N CYS J 230 37.49 -4.07 38.21
CA CYS J 230 37.98 -4.40 39.55
C CYS J 230 39.31 -3.71 39.84
N HIS J 231 40.24 -3.74 38.87
CA HIS J 231 41.50 -3.04 39.05
C HIS J 231 41.29 -1.54 39.20
N ALA J 232 40.38 -0.99 38.40
CA ALA J 232 40.04 0.43 38.52
C ALA J 232 39.45 0.73 39.89
N ALA J 233 38.64 -0.18 40.42
CA ALA J 233 38.03 0.04 41.73
C ALA J 233 39.07 0.03 42.84
N ASP J 234 40.03 -0.90 42.78
CA ASP J 234 41.12 -0.88 43.75
C ASP J 234 41.90 0.42 43.66
N LYS J 235 42.21 0.85 42.43
CA LYS J 235 42.92 2.12 42.27
C LYS J 235 42.13 3.29 42.82
N LEU J 236 40.82 3.32 42.56
CA LEU J 236 39.99 4.43 43.02
C LEU J 236 39.93 4.48 44.53
N LEU J 237 39.77 3.34 45.19
CA LEU J 237 39.80 3.35 46.65
C LEU J 237 41.17 3.77 47.19
N SER J 238 42.24 3.27 46.56
CA SER J 238 43.58 3.67 46.97
C SER J 238 43.79 5.16 46.79
N ALA J 239 43.06 5.78 45.86
CA ALA J 239 43.19 7.21 45.59
C ALA J 239 42.27 8.06 46.46
N GLY J 240 41.50 7.46 47.35
CA GLY J 240 40.67 8.20 48.27
C GLY J 240 39.21 8.35 47.90
N ALA J 241 38.70 7.58 46.95
CA ALA J 241 37.28 7.61 46.64
C ALA J 241 36.48 7.06 47.81
N THR J 242 35.37 7.71 48.12
CA THR J 242 34.52 7.26 49.22
C THR J 242 33.77 5.99 48.84
N ARG J 243 32.99 6.06 47.77
CA ARG J 243 32.25 4.91 47.26
C ARG J 243 32.54 4.76 45.78
N VAL J 244 32.48 3.53 45.29
CA VAL J 244 32.77 3.23 43.89
C VAL J 244 31.59 2.47 43.30
N TYR J 245 31.03 3.01 42.23
CA TYR J 245 30.02 2.34 41.43
C TYR J 245 30.61 1.91 40.10
N ALA J 246 30.04 0.86 39.52
CA ALA J 246 30.38 0.44 38.17
C ALA J 246 29.10 0.33 37.37
N ILE J 247 29.04 1.05 36.25
CA ILE J 247 27.90 1.01 35.35
C ILE J 247 28.39 0.58 33.98
N LEU J 248 27.84 -0.51 33.48
CA LEU J 248 28.16 -1.04 32.17
C LEU J 248 26.87 -1.15 31.38
N THR J 249 26.99 -1.21 30.06
CA THR J 249 25.78 -1.56 29.31
C THR J 249 25.72 -3.05 29.01
N HIS J 250 26.85 -3.71 28.78
CA HIS J 250 26.89 -5.14 28.52
C HIS J 250 27.54 -5.84 29.70
N GLY J 251 26.74 -6.57 30.48
CA GLY J 251 27.29 -7.39 31.53
C GLY J 251 27.54 -8.80 31.03
N ILE J 252 28.76 -9.08 30.59
CA ILE J 252 29.09 -10.42 30.13
C ILE J 252 29.39 -11.33 31.31
N PHE J 253 30.20 -10.84 32.24
CA PHE J 253 30.48 -11.53 33.50
C PHE J 253 30.95 -12.97 33.28
N SER J 254 31.81 -13.15 32.29
CA SER J 254 32.35 -14.48 32.02
C SER J 254 33.51 -14.78 32.97
N GLY J 255 33.79 -16.07 33.12
CA GLY J 255 34.91 -16.54 33.89
C GLY J 255 34.86 -16.15 35.35
N PRO J 256 35.91 -15.51 35.85
CA PRO J 256 36.01 -15.18 37.26
C PRO J 256 35.33 -13.88 37.67
N ALA J 257 34.46 -13.34 36.82
CA ALA J 257 33.91 -12.02 37.06
C ALA J 257 33.06 -11.97 38.34
N ILE J 258 32.26 -12.99 38.58
CA ILE J 258 31.35 -12.95 39.74
C ILE J 258 32.14 -12.97 41.04
N SER J 259 33.15 -13.84 41.13
CA SER J 259 33.99 -13.87 42.32
C SER J 259 34.76 -12.57 42.47
N ARG J 260 35.22 -12.00 41.35
CA ARG J 260 35.93 -10.72 41.40
C ARG J 260 35.04 -9.62 41.95
N ILE J 261 33.80 -9.54 41.48
CA ILE J 261 32.90 -8.50 41.94
C ILE J 261 32.53 -8.71 43.41
N ASN J 262 32.25 -9.96 43.78
CA ASN J 262 31.88 -10.25 45.17
C ASN J 262 33.01 -9.89 46.13
N ASN J 263 34.25 -9.96 45.68
CA ASN J 263 35.40 -9.60 46.51
C ASN J 263 35.87 -8.17 46.28
N ALA J 264 35.19 -7.42 45.42
CA ALA J 264 35.53 -6.03 45.18
C ALA J 264 34.76 -5.12 46.13
N CYS J 265 34.93 -3.82 45.96
CA CYS J 265 34.39 -2.82 46.87
C CYS J 265 33.23 -2.04 46.25
N PHE J 266 32.62 -2.59 45.20
CA PHE J 266 31.59 -1.84 44.48
C PHE J 266 30.36 -1.64 45.34
N GLU J 267 29.83 -0.42 45.33
CA GLU J 267 28.52 -0.19 45.93
C GLU J 267 27.44 -0.90 45.14
N ALA J 268 27.54 -0.87 43.80
CA ALA J 268 26.64 -1.57 42.92
C ALA J 268 27.31 -1.73 41.57
N VAL J 269 27.04 -2.84 40.91
CA VAL J 269 27.45 -3.06 39.53
C VAL J 269 26.18 -3.04 38.70
N VAL J 270 26.04 -2.03 37.85
CA VAL J 270 24.82 -1.79 37.10
C VAL J 270 25.06 -2.13 35.63
N VAL J 271 24.24 -3.00 35.09
CA VAL J 271 24.30 -3.39 33.70
C VAL J 271 22.90 -3.31 33.11
N THR J 272 22.84 -3.22 31.79
CA THR J 272 21.57 -3.37 31.12
C THR J 272 21.27 -4.85 30.91
N ASN J 273 20.07 -5.15 30.43
CA ASN J 273 19.71 -6.52 30.11
C ASN J 273 19.88 -6.83 28.63
N THR J 274 20.88 -6.24 27.98
CA THR J 274 21.28 -6.69 26.66
C THR J 274 21.77 -8.13 26.70
N ILE J 275 22.24 -8.59 27.85
CA ILE J 275 22.63 -9.98 28.08
C ILE J 275 21.79 -10.46 29.25
N PRO J 276 21.31 -11.69 29.26
CA PRO J 276 20.55 -12.17 30.43
C PRO J 276 21.40 -12.14 31.68
N GLN J 277 20.82 -11.62 32.75
CA GLN J 277 21.54 -11.44 34.00
C GLN J 277 20.94 -12.24 35.15
N GLU J 278 19.89 -13.02 34.91
CA GLU J 278 19.20 -13.71 36.00
C GLU J 278 20.16 -14.61 36.76
N ASP J 279 20.96 -15.39 36.05
CA ASP J 279 21.92 -16.28 36.70
C ASP J 279 22.99 -15.48 37.43
N LYS J 280 23.47 -14.38 36.84
CA LYS J 280 24.51 -13.59 37.46
C LYS J 280 24.02 -12.95 38.76
N MET J 281 22.78 -12.43 38.76
CA MET J 281 22.27 -11.78 39.97
C MET J 281 22.09 -12.77 41.12
N LYS J 282 21.88 -14.05 40.83
CA LYS J 282 21.70 -15.02 41.89
C LYS J 282 22.98 -15.27 42.68
N HIS J 283 24.14 -15.04 42.08
CA HIS J 283 25.41 -15.24 42.75
C HIS J 283 26.12 -13.96 43.13
N CYS J 284 25.61 -12.81 42.72
CA CYS J 284 26.22 -11.52 43.06
C CYS J 284 25.12 -10.53 43.37
N SER J 285 24.94 -10.21 44.65
CA SER J 285 23.91 -9.26 45.06
C SER J 285 24.22 -7.85 44.59
N LYS J 286 25.48 -7.54 44.29
CA LYS J 286 25.84 -6.20 43.87
C LYS J 286 25.28 -5.84 42.50
N ILE J 287 24.94 -6.83 41.67
CA ILE J 287 24.51 -6.57 40.30
C ILE J 287 23.07 -6.06 40.32
N GLN J 288 22.85 -4.94 39.64
CA GLN J 288 21.51 -4.43 39.36
C GLN J 288 21.36 -4.24 37.86
N VAL J 289 20.13 -4.34 37.37
CA VAL J 289 19.87 -4.40 35.95
C VAL J 289 18.99 -3.23 35.54
N ILE J 290 19.42 -2.50 34.51
CA ILE J 290 18.59 -1.51 33.85
C ILE J 290 17.91 -2.18 32.67
N ASP J 291 16.58 -2.20 32.67
CA ASP J 291 15.85 -2.76 31.55
C ASP J 291 15.95 -1.82 30.36
N ILE J 292 16.44 -2.31 29.23
CA ILE J 292 16.48 -1.53 28.01
C ILE J 292 15.52 -2.09 26.97
N SER J 293 14.63 -2.99 27.37
CA SER J 293 13.67 -3.57 26.42
C SER J 293 12.76 -2.51 25.82
N MET J 294 12.45 -1.45 26.56
CA MET J 294 11.62 -0.39 26.00
C MET J 294 12.37 0.35 24.90
N ILE J 295 13.68 0.54 25.06
CA ILE J 295 14.47 1.20 24.03
C ILE J 295 14.48 0.36 22.75
N LEU J 296 14.72 -0.94 22.88
CA LEU J 296 14.74 -1.82 21.72
C LEU J 296 13.36 -1.91 21.07
N ALA J 297 12.31 -2.01 21.89
CA ALA J 297 10.96 -2.08 21.36
C ALA J 297 10.60 -0.82 20.60
N GLU J 298 10.94 0.35 21.15
CA GLU J 298 10.69 1.61 20.46
C GLU J 298 11.50 1.69 19.17
N ALA J 299 12.74 1.22 19.19
CA ALA J 299 13.55 1.22 17.97
C ALA J 299 12.91 0.35 16.90
N ILE J 300 12.44 -0.84 17.27
CA ILE J 300 11.80 -1.74 16.31
C ILE J 300 10.52 -1.12 15.77
N ARG J 301 9.71 -0.54 16.66
CA ARG J 301 8.46 0.07 16.24
C ARG J 301 8.69 1.24 15.31
N ARG J 302 9.67 2.08 15.60
CA ARG J 302 9.96 3.23 14.73
C ARG J 302 10.55 2.78 13.41
N THR J 303 11.39 1.74 13.43
CA THR J 303 11.91 1.19 12.18
C THR J 303 10.78 0.69 11.30
N HIS J 304 9.83 -0.03 11.90
CA HIS J 304 8.69 -0.53 11.14
C HIS J 304 7.82 0.60 10.61
N ASN J 305 7.62 1.65 11.42
CA ASN J 305 6.75 2.75 11.03
C ASN J 305 7.47 3.81 10.21
N GLY J 306 8.76 3.64 9.93
CA GLY J 306 9.49 4.64 9.18
C GLY J 306 9.63 5.96 9.91
N GLU J 307 9.91 5.91 11.21
CA GLU J 307 10.11 7.10 12.02
C GLU J 307 11.53 7.13 12.57
N SER J 308 11.99 8.35 12.85
CA SER J 308 13.34 8.53 13.37
C SER J 308 13.49 7.90 14.75
N VAL J 309 14.67 7.34 15.02
CA VAL J 309 14.99 6.84 16.35
C VAL J 309 15.82 7.83 17.15
N SER J 310 15.97 9.05 16.66
CA SER J 310 16.76 10.06 17.36
C SER J 310 16.19 10.36 18.74
N TYR J 311 14.88 10.20 18.92
CA TYR J 311 14.27 10.42 20.22
C TYR J 311 14.87 9.51 21.29
N LEU J 312 15.31 8.32 20.90
CA LEU J 312 15.86 7.35 21.84
C LEU J 312 17.21 7.77 22.41
N PHE J 313 17.87 8.76 21.80
CA PHE J 313 19.18 9.19 22.25
C PHE J 313 19.11 10.33 23.26
N SER J 314 17.92 10.81 23.59
CA SER J 314 17.73 11.84 24.60
C SER J 314 16.75 11.46 25.69
N HIS J 315 15.95 10.41 25.49
CA HIS J 315 14.89 10.06 26.43
C HIS J 315 14.83 8.55 26.58
N VAL J 316 14.38 8.10 27.75
CA VAL J 316 14.10 6.69 28.00
C VAL J 316 12.58 6.52 27.94
N PRO J 317 12.04 5.80 26.95
CA PRO J 317 10.59 5.62 26.79
C PRO J 317 9.96 4.81 27.91
N PRO K 2 56.69 -9.85 -11.40
CA PRO K 2 56.21 -8.46 -11.35
C PRO K 2 57.23 -7.51 -10.72
N ASN K 3 57.27 -6.28 -11.21
CA ASN K 3 58.18 -5.27 -10.71
C ASN K 3 57.39 -4.16 -10.02
N ILE K 4 58.05 -3.49 -9.08
CA ILE K 4 57.44 -2.34 -8.43
C ILE K 4 57.33 -1.20 -9.42
N LYS K 5 56.11 -0.68 -9.59
CA LYS K 5 55.88 0.55 -10.34
C LYS K 5 55.26 1.55 -9.37
N ILE K 6 55.93 2.68 -9.17
CA ILE K 6 55.48 3.72 -8.27
C ILE K 6 54.94 4.86 -9.12
N PHE K 7 53.66 5.17 -8.93
CA PHE K 7 53.03 6.28 -9.64
C PHE K 7 52.59 7.33 -8.63
N SER K 8 52.79 8.59 -8.99
CA SER K 8 52.43 9.71 -8.14
C SER K 8 51.17 10.39 -8.66
N GLY K 9 50.24 10.67 -7.77
CA GLY K 9 49.19 11.62 -8.06
C GLY K 9 49.69 13.04 -7.89
N SER K 10 48.77 13.99 -8.06
CA SER K 10 49.14 15.40 -7.96
C SER K 10 49.27 15.88 -6.52
N SER K 11 48.83 15.10 -5.55
CA SER K 11 48.73 15.60 -4.18
C SER K 11 50.10 15.81 -3.56
N HIS K 12 50.91 14.74 -3.45
CA HIS K 12 52.19 14.80 -2.75
C HIS K 12 53.25 14.14 -3.63
N GLN K 13 53.77 14.92 -4.59
CA GLN K 13 54.73 14.35 -5.52
C GLN K 13 56.15 14.32 -4.94
N ASP K 14 56.47 15.24 -4.01
CA ASP K 14 57.75 15.18 -3.35
C ASP K 14 57.90 13.92 -2.52
N LEU K 15 56.83 13.53 -1.80
CA LEU K 15 56.87 12.29 -1.04
C LEU K 15 57.00 11.08 -1.96
N SER K 16 56.30 11.11 -3.10
CA SER K 16 56.43 10.02 -4.06
C SER K 16 57.85 9.93 -4.58
N GLN K 17 58.48 11.07 -4.85
CA GLN K 17 59.86 11.07 -5.29
C GLN K 17 60.79 10.50 -4.22
N LYS K 18 60.57 10.87 -2.95
CA LYS K 18 61.39 10.34 -1.89
C LYS K 18 61.24 8.84 -1.76
N ILE K 19 60.00 8.35 -1.87
CA ILE K 19 59.75 6.90 -1.81
C ILE K 19 60.45 6.20 -2.96
N ALA K 20 60.35 6.75 -4.17
CA ALA K 20 60.99 6.14 -5.33
C ALA K 20 62.50 6.11 -5.19
N ASP K 21 63.09 7.21 -4.69
CA ASP K 21 64.53 7.23 -4.48
C ASP K 21 64.95 6.20 -3.45
N ARG K 22 64.20 6.08 -2.35
CA ARG K 22 64.54 5.09 -1.34
C ARG K 22 64.37 3.67 -1.87
N LEU K 23 63.49 3.47 -2.83
CA LEU K 23 63.34 2.19 -3.50
C LEU K 23 64.29 2.00 -4.67
N GLY K 24 65.11 3.01 -4.97
CA GLY K 24 66.00 2.92 -6.13
C GLY K 24 65.26 2.84 -7.44
N LEU K 25 64.16 3.57 -7.58
CA LEU K 25 63.34 3.53 -8.77
C LEU K 25 63.06 4.93 -9.26
N GLU K 26 62.73 5.04 -10.55
CA GLU K 26 62.14 6.25 -11.08
C GLU K 26 60.62 6.16 -10.98
N LEU K 27 60.00 7.30 -10.73
CA LEU K 27 58.55 7.36 -10.71
C LEU K 27 57.99 6.96 -12.06
N GLY K 28 56.90 6.21 -12.04
CA GLY K 28 56.26 5.84 -13.28
C GLY K 28 55.77 7.05 -14.05
N LYS K 29 55.75 6.94 -15.37
CA LYS K 29 55.35 8.05 -16.22
C LYS K 29 53.84 8.18 -16.18
N VAL K 30 53.36 9.27 -15.58
CA VAL K 30 51.94 9.58 -15.56
C VAL K 30 51.77 11.08 -15.79
N VAL K 31 50.80 11.43 -16.61
CA VAL K 31 50.33 12.80 -16.74
C VAL K 31 49.00 12.89 -16.01
N THR K 32 48.98 13.67 -14.94
CA THR K 32 47.79 13.86 -14.11
C THR K 32 47.42 15.33 -14.19
N LYS K 33 46.50 15.67 -15.08
CA LYS K 33 46.08 17.04 -15.27
C LYS K 33 44.57 17.17 -15.20
N LYS K 34 44.05 18.32 -15.59
CA LYS K 34 42.61 18.53 -15.70
C LYS K 34 42.23 18.88 -17.12
N PHE K 35 41.15 18.27 -17.59
CA PHE K 35 40.51 18.74 -18.81
C PHE K 35 39.99 20.15 -18.59
N SER K 36 39.57 20.79 -19.68
CA SER K 36 39.11 22.17 -19.60
C SER K 36 37.90 22.29 -18.67
N ASN K 37 36.98 21.33 -18.72
CA ASN K 37 35.80 21.34 -17.87
C ASN K 37 36.08 20.84 -16.47
N GLN K 38 37.35 20.77 -16.06
CA GLN K 38 37.80 20.40 -14.73
C GLN K 38 37.60 18.94 -14.40
N GLU K 39 37.35 18.10 -15.40
CA GLU K 39 37.36 16.66 -15.19
C GLU K 39 38.79 16.16 -15.09
N THR K 40 39.01 15.17 -14.24
CA THR K 40 40.35 14.65 -14.04
C THR K 40 40.81 13.89 -15.28
N CYS K 41 42.01 14.22 -15.74
CA CYS K 41 42.64 13.56 -16.88
C CYS K 41 43.85 12.78 -16.38
N VAL K 42 43.86 11.48 -16.63
CA VAL K 42 44.95 10.60 -16.21
C VAL K 42 45.48 9.90 -17.44
N GLU K 43 46.79 10.06 -17.68
CA GLU K 43 47.45 9.48 -18.84
C GLU K 43 48.68 8.72 -18.34
N ILE K 44 48.50 7.42 -18.08
CA ILE K 44 49.60 6.57 -17.71
C ILE K 44 50.49 6.38 -18.94
N GLY K 45 51.76 6.72 -18.81
CA GLY K 45 52.67 6.75 -19.93
C GLY K 45 53.52 5.51 -20.15
N GLU K 46 53.21 4.40 -19.48
CA GLU K 46 53.99 3.19 -19.68
C GLU K 46 53.12 1.99 -19.36
N SER K 47 53.55 0.83 -19.84
CA SER K 47 52.86 -0.41 -19.55
C SER K 47 52.97 -0.77 -18.08
N VAL K 48 51.87 -1.25 -17.51
CA VAL K 48 51.86 -1.80 -16.16
C VAL K 48 51.42 -3.26 -16.17
N ARG K 49 51.46 -3.90 -17.34
CA ARG K 49 51.00 -5.27 -17.48
C ARG K 49 51.77 -6.20 -16.56
N GLY K 50 51.05 -6.92 -15.70
CA GLY K 50 51.69 -7.83 -14.78
C GLY K 50 52.62 -7.18 -13.79
N GLU K 51 52.47 -5.89 -13.56
CA GLU K 51 53.33 -5.14 -12.65
C GLU K 51 52.66 -5.00 -11.29
N ASP K 52 53.47 -4.76 -10.28
CA ASP K 52 53.02 -4.49 -8.93
C ASP K 52 52.98 -2.97 -8.77
N VAL K 53 51.80 -2.40 -8.95
CA VAL K 53 51.65 -0.95 -9.07
C VAL K 53 51.32 -0.37 -7.69
N TYR K 54 52.07 0.65 -7.30
CA TYR K 54 51.80 1.41 -6.10
C TYR K 54 51.54 2.84 -6.49
N ILE K 55 50.37 3.35 -6.13
CA ILE K 55 49.96 4.71 -6.44
C ILE K 55 49.95 5.50 -5.15
N VAL K 56 50.78 6.54 -5.10
CA VAL K 56 50.90 7.38 -3.92
C VAL K 56 50.01 8.59 -4.10
N GLN K 57 49.05 8.77 -3.20
CA GLN K 57 48.14 9.89 -3.26
C GLN K 57 47.62 10.15 -1.85
N SER K 58 47.96 11.29 -1.27
CA SER K 58 47.51 11.63 0.06
C SER K 58 46.18 12.35 -0.01
N GLY K 59 45.39 12.22 1.06
CA GLY K 59 44.17 12.98 1.13
C GLY K 59 44.46 14.35 1.70
N CYS K 60 44.67 15.31 0.82
CA CYS K 60 45.09 16.65 1.19
C CYS K 60 44.91 17.55 -0.02
N GLY K 61 45.09 18.84 0.18
CA GLY K 61 44.90 19.79 -0.90
C GLY K 61 43.48 19.72 -1.43
N GLU K 62 43.36 19.64 -2.75
CA GLU K 62 42.07 19.49 -3.41
C GLU K 62 41.61 18.06 -3.19
N ILE K 63 40.88 17.85 -2.09
CA ILE K 63 40.62 16.50 -1.59
C ILE K 63 39.87 15.66 -2.63
N ASN K 64 38.77 16.20 -3.15
CA ASN K 64 37.95 15.41 -4.08
C ASN K 64 38.65 15.25 -5.41
N ASP K 65 39.36 16.29 -5.85
CA ASP K 65 40.21 16.21 -7.02
C ASP K 65 41.22 15.07 -6.88
N ASN K 66 41.91 15.02 -5.75
CA ASN K 66 42.95 14.02 -5.54
C ASN K 66 42.37 12.62 -5.42
N LEU K 67 41.24 12.49 -4.72
CA LEU K 67 40.63 11.17 -4.58
C LEU K 67 40.13 10.65 -5.93
N MET K 68 39.54 11.52 -6.74
CA MET K 68 39.11 11.10 -8.06
C MET K 68 40.31 10.73 -8.92
N GLU K 69 41.39 11.50 -8.82
CA GLU K 69 42.63 11.17 -9.52
C GLU K 69 43.11 9.77 -9.13
N LEU K 70 43.12 9.49 -7.83
CA LEU K 70 43.56 8.19 -7.34
C LEU K 70 42.66 7.06 -7.85
N LEU K 71 41.35 7.27 -7.80
CA LEU K 71 40.42 6.23 -8.27
C LEU K 71 40.60 5.97 -9.77
N ILE K 72 40.73 7.04 -10.56
CA ILE K 72 40.90 6.88 -11.99
C ILE K 72 42.20 6.17 -12.30
N MET K 73 43.28 6.52 -11.59
CA MET K 73 44.57 5.85 -11.80
C MET K 73 44.52 4.39 -11.40
N ILE K 74 43.84 4.07 -10.30
CA ILE K 74 43.67 2.67 -9.89
C ILE K 74 42.92 1.91 -10.97
N ASN K 75 41.82 2.47 -11.45
CA ASN K 75 41.02 1.77 -12.45
C ASN K 75 41.78 1.61 -13.76
N ALA K 76 42.53 2.64 -14.16
CA ALA K 76 43.33 2.53 -15.37
C ALA K 76 44.38 1.42 -15.24
N CYS K 77 45.04 1.35 -14.08
CA CYS K 77 46.02 0.30 -13.88
C CYS K 77 45.39 -1.08 -13.89
N LYS K 78 44.20 -1.21 -13.27
CA LYS K 78 43.52 -2.51 -13.26
C LYS K 78 43.12 -2.94 -14.67
N ILE K 79 42.52 -2.02 -15.44
CA ILE K 79 42.12 -2.36 -16.80
C ILE K 79 43.36 -2.56 -17.68
N ALA K 80 44.47 -1.91 -17.34
CA ALA K 80 45.74 -2.14 -18.04
C ALA K 80 46.44 -3.40 -17.58
N SER K 81 45.73 -4.29 -16.87
CA SER K 81 46.21 -5.63 -16.54
C SER K 81 47.41 -5.60 -15.60
N ALA K 82 47.40 -4.68 -14.64
CA ALA K 82 48.40 -4.72 -13.59
C ALA K 82 48.19 -5.97 -12.73
N SER K 83 49.30 -6.56 -12.30
CA SER K 83 49.21 -7.74 -11.45
C SER K 83 48.54 -7.41 -10.12
N ARG K 84 48.87 -6.26 -9.55
CA ARG K 84 48.33 -5.83 -8.27
C ARG K 84 48.40 -4.32 -8.20
N VAL K 85 47.34 -3.69 -7.69
CA VAL K 85 47.29 -2.24 -7.54
C VAL K 85 47.16 -1.92 -6.07
N THR K 86 48.11 -1.17 -5.54
CA THR K 86 48.11 -0.76 -4.15
C THR K 86 47.97 0.75 -4.08
N ALA K 87 47.02 1.23 -3.28
CA ALA K 87 46.84 2.65 -3.05
C ALA K 87 47.62 3.03 -1.80
N VAL K 88 48.69 3.81 -1.98
CA VAL K 88 49.47 4.32 -0.86
C VAL K 88 48.86 5.69 -0.52
N ILE K 89 48.06 5.72 0.54
CA ILE K 89 47.34 6.93 0.92
C ILE K 89 47.84 7.36 2.29
N PRO K 90 48.90 8.19 2.36
CA PRO K 90 49.48 8.53 3.66
C PRO K 90 48.48 9.14 4.63
N CYS K 91 47.60 10.02 4.17
CA CYS K 91 46.53 10.58 4.97
C CYS K 91 45.20 10.20 4.33
N PHE K 92 44.46 9.32 4.99
CA PHE K 92 43.24 8.79 4.40
C PHE K 92 42.15 9.86 4.37
N PRO K 93 41.60 10.20 3.20
CA PRO K 93 40.57 11.23 3.16
C PRO K 93 39.26 10.75 3.76
N TYR K 94 38.51 11.69 4.31
CA TYR K 94 37.20 11.44 4.92
C TYR K 94 37.30 10.49 6.11
N ALA K 95 38.49 10.33 6.68
CA ALA K 95 38.68 9.38 7.77
C ALA K 95 37.90 9.79 9.03
N ARG K 96 37.67 11.09 9.21
CA ARG K 96 36.91 11.56 10.36
C ARG K 96 35.42 11.29 10.24
N GLN K 97 34.94 10.94 9.06
CA GLN K 97 33.54 10.55 8.87
C GLN K 97 33.44 9.03 8.88
N ASP K 98 33.70 8.46 10.06
CA ASP K 98 33.89 7.03 10.22
C ASP K 98 32.73 6.36 10.95
N LYS K 99 31.65 7.08 11.21
CA LYS K 99 30.51 6.52 11.94
C LYS K 99 29.30 7.38 11.67
N LYS K 100 28.13 6.83 12.00
CA LYS K 100 26.87 7.55 11.89
C LYS K 100 26.38 7.80 13.32
N ASP K 101 26.79 8.94 13.89
CA ASP K 101 26.32 9.38 15.19
C ASP K 101 25.36 10.55 15.09
N LYS K 102 24.84 10.81 13.89
CA LYS K 102 23.84 11.83 13.65
C LYS K 102 22.81 11.26 12.69
N SER K 103 21.60 11.81 12.75
CA SER K 103 20.56 11.40 11.82
C SER K 103 20.97 11.75 10.40
N ARG K 104 20.79 10.79 9.49
CA ARG K 104 21.05 10.96 8.05
C ARG K 104 22.51 11.21 7.74
N ALA K 105 23.41 11.02 8.70
CA ALA K 105 24.82 11.29 8.47
C ALA K 105 25.42 10.19 7.60
N PRO K 106 26.19 10.54 6.59
CA PRO K 106 26.91 9.53 5.80
C PRO K 106 28.14 9.04 6.54
N ILE K 107 28.51 7.80 6.28
CA ILE K 107 29.81 7.28 6.69
C ILE K 107 30.71 7.44 5.47
N SER K 108 31.31 8.63 5.34
CA SER K 108 32.06 8.95 4.13
C SER K 108 33.32 8.12 4.01
N ALA K 109 33.94 7.74 5.14
CA ALA K 109 35.11 6.87 5.08
C ALA K 109 34.74 5.52 4.46
N LYS K 110 33.60 4.97 4.84
CA LYS K 110 33.16 3.71 4.23
C LYS K 110 32.87 3.88 2.75
N LEU K 111 32.29 5.01 2.36
CA LEU K 111 32.05 5.26 0.94
C LEU K 111 33.36 5.35 0.18
N VAL K 112 34.36 6.02 0.74
CA VAL K 112 35.66 6.12 0.10
C VAL K 112 36.29 4.73 -0.01
N ALA K 113 36.17 3.91 1.03
CA ALA K 113 36.68 2.55 0.97
C ALA K 113 36.00 1.75 -0.13
N ASN K 114 34.67 1.86 -0.23
CA ASN K 114 33.94 1.15 -1.27
C ASN K 114 34.35 1.64 -2.66
N MET K 115 34.56 2.94 -2.81
CA MET K 115 34.98 3.49 -4.10
C MET K 115 36.37 2.98 -4.47
N LEU K 116 37.29 2.92 -3.50
CA LEU K 116 38.61 2.37 -3.77
C LEU K 116 38.52 0.89 -4.13
N SER K 117 37.65 0.14 -3.46
CA SER K 117 37.48 -1.27 -3.77
C SER K 117 36.92 -1.47 -5.17
N VAL K 118 35.93 -0.68 -5.55
CA VAL K 118 35.32 -0.85 -6.87
C VAL K 118 36.23 -0.32 -7.97
N ALA K 119 37.11 0.62 -7.65
CA ALA K 119 38.12 1.04 -8.62
C ALA K 119 39.12 -0.07 -8.90
N GLY K 120 39.28 -1.01 -7.97
CA GLY K 120 40.12 -2.16 -8.21
C GLY K 120 41.34 -2.26 -7.33
N ALA K 121 41.41 -1.47 -6.26
CA ALA K 121 42.53 -1.56 -5.35
C ALA K 121 42.57 -2.94 -4.69
N ASP K 122 43.75 -3.53 -4.64
CA ASP K 122 43.96 -4.81 -3.99
C ASP K 122 44.60 -4.68 -2.62
N HIS K 123 45.13 -3.51 -2.29
CA HIS K 123 45.90 -3.32 -1.08
C HIS K 123 45.93 -1.82 -0.78
N ILE K 124 45.82 -1.48 0.50
CA ILE K 124 45.89 -0.10 0.95
C ILE K 124 47.01 0.03 1.96
N ILE K 125 47.88 1.01 1.75
CA ILE K 125 48.92 1.37 2.71
C ILE K 125 48.66 2.79 3.14
N THR K 126 48.50 2.99 4.46
CA THR K 126 48.18 4.29 5.00
C THR K 126 48.90 4.45 6.34
N MET K 127 48.97 5.69 6.81
CA MET K 127 49.64 6.01 8.07
C MET K 127 48.66 6.63 9.04
N ASP K 128 48.57 6.05 10.24
CA ASP K 128 47.84 6.62 11.37
C ASP K 128 46.42 7.02 10.97
N LEU K 129 45.63 6.01 10.64
CA LEU K 129 44.21 6.22 10.38
C LEU K 129 43.56 6.90 11.57
N HIS K 130 42.68 7.87 11.28
CA HIS K 130 41.97 8.55 12.35
C HIS K 130 41.25 7.55 13.24
N ALA K 131 40.67 6.52 12.64
CA ALA K 131 40.14 5.37 13.37
C ALA K 131 40.73 4.12 12.75
N SER K 132 41.37 3.30 13.57
CA SER K 132 41.97 2.06 13.07
C SER K 132 40.94 1.11 12.51
N GLN K 133 39.68 1.24 12.93
CA GLN K 133 38.61 0.39 12.41
C GLN K 133 38.36 0.63 10.93
N ILE K 134 38.89 1.70 10.37
CA ILE K 134 38.79 1.93 8.93
C ILE K 134 39.43 0.78 8.17
N GLN K 135 40.40 0.08 8.77
CA GLN K 135 40.91 -1.15 8.19
C GLN K 135 39.79 -2.12 7.88
N GLY K 136 38.78 -2.18 8.75
CA GLY K 136 37.62 -3.02 8.55
C GLY K 136 36.62 -2.51 7.54
N PHE K 137 36.82 -1.32 7.00
CA PHE K 137 35.94 -0.81 5.96
C PHE K 137 36.24 -1.45 4.60
N PHE K 138 37.38 -2.12 4.47
CA PHE K 138 37.76 -2.82 3.26
C PHE K 138 37.65 -4.32 3.47
N ASP K 139 37.57 -5.06 2.37
CA ASP K 139 37.75 -6.50 2.36
C ASP K 139 39.13 -6.90 1.84
N ILE K 140 40.02 -5.93 1.64
CA ILE K 140 41.39 -6.18 1.19
C ILE K 140 42.32 -5.86 2.34
N PRO K 141 43.56 -6.33 2.34
CA PRO K 141 44.49 -5.94 3.40
C PRO K 141 44.72 -4.44 3.42
N VAL K 142 44.76 -3.88 4.63
CA VAL K 142 44.99 -2.45 4.83
C VAL K 142 46.11 -2.30 5.83
N ASP K 143 47.22 -1.70 5.40
CA ASP K 143 48.35 -1.46 6.28
C ASP K 143 48.18 -0.10 6.94
N ASN K 144 48.02 -0.10 8.26
CA ASN K 144 47.87 1.11 9.03
C ASN K 144 49.19 1.35 9.77
N LEU K 145 50.10 2.03 9.10
CA LEU K 145 51.42 2.29 9.67
C LEU K 145 51.34 3.37 10.74
N TYR K 146 52.22 3.27 11.72
CA TYR K 146 52.28 4.23 12.81
C TYR K 146 53.46 5.18 12.61
N ALA K 147 53.23 6.46 12.88
CA ALA K 147 54.32 7.41 12.98
C ALA K 147 54.89 7.46 14.39
N GLU K 148 54.38 6.61 15.30
CA GLU K 148 54.81 6.66 16.69
C GLU K 148 56.30 6.42 16.89
N PRO K 149 56.94 5.44 16.25
CA PRO K 149 58.41 5.32 16.43
C PRO K 149 59.16 6.56 16.00
N ALA K 150 58.77 7.20 14.90
CA ALA K 150 59.42 8.43 14.49
C ALA K 150 59.15 9.56 15.48
N VAL K 151 57.93 9.59 16.04
CA VAL K 151 57.60 10.60 17.04
C VAL K 151 58.45 10.42 18.29
N LEU K 152 58.61 9.18 18.74
CA LEU K 152 59.45 8.89 19.90
C LEU K 152 60.89 9.27 19.63
N LYS K 153 61.39 8.98 18.43
CA LYS K 153 62.74 9.38 18.07
C LYS K 153 62.90 10.88 18.13
N TRP K 154 61.94 11.62 17.56
CA TRP K 154 62.01 13.07 17.58
C TRP K 154 61.98 13.61 19.01
N ILE K 155 61.12 13.04 19.86
CA ILE K 155 61.02 13.50 21.24
C ILE K 155 62.34 13.28 21.97
N ARG K 156 62.90 12.08 21.84
CA ARG K 156 64.15 11.78 22.54
C ARG K 156 65.32 12.59 22.00
N GLU K 157 65.28 13.02 20.75
CA GLU K 157 66.41 13.77 20.19
C GLU K 157 66.25 15.28 20.25
N ASN K 158 65.04 15.81 20.47
CA ASN K 158 64.81 17.24 20.37
C ASN K 158 64.30 17.90 21.64
N ILE K 159 63.87 17.14 22.63
CA ILE K 159 63.36 17.68 23.88
C ILE K 159 64.28 17.21 24.99
N SER K 160 65.04 18.13 25.58
CA SER K 160 66.06 17.75 26.55
C SER K 160 65.46 17.13 27.79
N GLU K 161 64.34 17.67 28.26
CA GLU K 161 63.68 17.21 29.48
C GLU K 161 62.54 16.25 29.19
N TRP K 162 62.69 15.41 28.17
CA TRP K 162 61.61 14.52 27.78
C TRP K 162 61.31 13.48 28.85
N ARG K 163 62.31 13.13 29.67
CA ARG K 163 62.06 12.14 30.72
C ARG K 163 61.18 12.67 31.84
N ASN K 164 61.07 13.98 31.98
CA ASN K 164 60.18 14.58 32.96
C ASN K 164 58.96 15.23 32.32
N CYS K 165 58.75 15.01 31.03
CA CYS K 165 57.64 15.63 30.34
C CYS K 165 56.34 14.87 30.61
N THR K 166 55.24 15.48 30.20
CA THR K 166 53.94 14.83 30.23
C THR K 166 53.33 14.91 28.83
N ILE K 167 52.86 13.79 28.33
CA ILE K 167 52.24 13.73 27.02
C ILE K 167 50.75 14.01 27.21
N VAL K 168 50.22 14.98 26.45
CA VAL K 168 48.88 15.49 26.67
C VAL K 168 48.01 15.16 25.47
N SER K 169 46.84 14.58 25.74
CA SER K 169 45.84 14.38 24.71
C SER K 169 45.01 15.65 24.56
N PRO K 170 44.89 16.20 23.35
CA PRO K 170 44.06 17.40 23.17
C PRO K 170 42.56 17.13 23.20
N ASP K 171 42.13 15.88 23.11
CA ASP K 171 40.72 15.52 23.25
C ASP K 171 40.62 14.13 23.83
N ALA K 172 39.37 13.69 24.09
CA ALA K 172 39.15 12.37 24.66
C ALA K 172 39.54 11.26 23.69
N GLY K 173 39.37 11.48 22.39
CA GLY K 173 39.65 10.44 21.41
C GLY K 173 41.12 10.11 21.25
N GLY K 174 42.01 11.02 21.64
CA GLY K 174 43.44 10.78 21.54
C GLY K 174 44.04 10.04 22.70
N ALA K 175 43.22 9.60 23.65
CA ALA K 175 43.74 9.04 24.90
C ALA K 175 44.60 7.81 24.67
N LYS K 176 44.17 6.93 23.76
CA LYS K 176 44.94 5.70 23.51
C LYS K 176 46.32 6.03 22.95
N ARG K 177 46.38 6.94 21.99
CA ARG K 177 47.66 7.33 21.39
C ARG K 177 48.58 7.94 22.44
N VAL K 178 48.04 8.85 23.26
CA VAL K 178 48.85 9.49 24.29
C VAL K 178 49.31 8.50 25.35
N THR K 179 48.44 7.58 25.77
CA THR K 179 48.85 6.60 26.77
C THR K 179 49.93 5.69 26.20
N SER K 180 49.81 5.29 24.94
CA SER K 180 50.83 4.46 24.32
C SER K 180 52.17 5.18 24.28
N ILE K 181 52.18 6.46 23.88
CA ILE K 181 53.42 7.21 23.81
C ILE K 181 54.02 7.41 25.20
N ALA K 182 53.17 7.71 26.20
CA ALA K 182 53.66 7.91 27.56
C ALA K 182 54.24 6.62 28.13
N ASP K 183 53.60 5.48 27.84
CA ASP K 183 54.15 4.19 28.24
C ASP K 183 55.51 3.94 27.60
N ARG K 184 55.63 4.20 26.30
CA ARG K 184 56.91 3.97 25.64
C ARG K 184 58.00 4.90 26.16
N LEU K 185 57.64 6.13 26.55
CA LEU K 185 58.62 7.05 27.12
C LEU K 185 58.74 6.92 28.63
N ASN K 186 57.89 6.14 29.27
CA ASN K 186 57.84 6.02 30.73
C ASN K 186 57.69 7.39 31.38
N VAL K 187 56.69 8.15 30.92
CA VAL K 187 56.42 9.49 31.42
C VAL K 187 54.95 9.58 31.78
N ASP K 188 54.61 10.67 32.48
CA ASP K 188 53.22 10.93 32.83
C ASP K 188 52.43 11.33 31.58
N PHE K 189 51.12 11.22 31.68
CA PHE K 189 50.24 11.69 30.63
C PHE K 189 49.11 12.51 31.25
N ALA K 190 48.52 13.37 30.43
CA ALA K 190 47.37 14.15 30.81
C ALA K 190 46.39 14.17 29.66
N LEU K 191 45.14 14.50 29.96
CA LEU K 191 44.11 14.59 28.95
C LEU K 191 43.38 15.92 29.09
N ILE K 192 43.09 16.54 27.96
CA ILE K 192 42.33 17.78 27.91
C ILE K 192 41.04 17.51 27.16
N HIS K 193 39.92 17.94 27.73
CA HIS K 193 38.62 17.75 27.10
C HIS K 193 37.94 19.10 26.98
N LYS K 194 37.43 19.39 25.78
CA LYS K 194 36.55 20.52 25.58
C LYS K 194 35.11 20.05 25.74
N GLU K 195 34.42 20.55 26.77
CA GLU K 195 33.10 19.98 27.01
C GLU K 195 32.10 20.46 25.96
N ARG K 196 31.01 19.70 25.85
CA ARG K 196 30.10 19.86 24.73
C ARG K 196 29.40 21.22 24.77
N LYS K 197 29.16 21.76 23.58
CA LYS K 197 28.59 23.09 23.41
C LYS K 197 27.07 23.00 23.53
N LYS K 198 26.59 23.11 24.77
CA LYS K 198 25.16 23.04 25.00
C LYS K 198 24.46 24.33 24.57
N ALA K 199 25.15 25.45 24.66
CA ALA K 199 24.59 26.75 24.28
C ALA K 199 25.75 27.61 23.77
N ASN K 200 25.52 28.92 23.69
CA ASN K 200 26.49 29.84 23.10
C ASN K 200 27.37 30.52 24.14
N GLU K 201 27.65 29.87 25.26
CA GLU K 201 28.57 30.44 26.23
C GLU K 201 30.02 30.15 25.81
N VAL K 202 30.95 30.51 26.69
CA VAL K 202 32.36 30.36 26.37
C VAL K 202 32.74 28.88 26.38
N ASP K 203 33.50 28.48 25.36
CA ASP K 203 34.11 27.15 25.36
C ASP K 203 35.10 27.05 26.51
N ARG K 204 34.91 26.05 27.37
CA ARG K 204 35.81 25.84 28.50
C ARG K 204 36.41 24.45 28.42
N MET K 205 37.68 24.35 28.80
CA MET K 205 38.44 23.12 28.67
C MET K 205 38.79 22.60 30.05
N VAL K 206 38.58 21.31 30.25
CA VAL K 206 38.94 20.65 31.50
C VAL K 206 40.19 19.83 31.27
N LEU K 207 41.13 19.93 32.20
CA LEU K 207 42.37 19.18 32.16
C LEU K 207 42.39 18.18 33.30
N VAL K 208 42.65 16.92 32.98
CA VAL K 208 42.85 15.88 33.98
C VAL K 208 44.30 15.43 33.89
N GLY K 209 45.00 15.47 35.01
CA GLY K 209 46.42 15.23 35.04
C GLY K 209 47.20 16.48 35.42
N ASP K 210 48.45 16.27 35.81
CA ASP K 210 49.30 17.34 36.32
C ASP K 210 50.33 17.70 35.26
N VAL K 211 50.35 18.97 34.86
CA VAL K 211 51.32 19.48 33.90
C VAL K 211 52.10 20.66 34.46
N LYS K 212 51.93 20.96 35.74
CA LYS K 212 52.53 22.16 36.33
C LYS K 212 54.05 22.05 36.35
N ASP K 213 54.72 23.10 35.86
CA ASP K 213 56.18 23.21 35.86
C ASP K 213 56.85 22.07 35.10
N ARG K 214 56.14 21.50 34.14
CA ARG K 214 56.70 20.46 33.29
C ARG K 214 56.49 20.81 31.83
N VAL K 215 57.33 20.26 30.98
CA VAL K 215 57.12 20.37 29.54
C VAL K 215 55.93 19.50 29.15
N ALA K 216 55.01 20.07 28.40
CA ALA K 216 53.83 19.37 27.93
C ALA K 216 53.99 19.12 26.44
N ILE K 217 53.80 17.86 26.02
CA ILE K 217 53.84 17.48 24.62
C ILE K 217 52.42 17.10 24.23
N LEU K 218 51.82 17.90 23.36
CA LEU K 218 50.53 17.56 22.78
C LEU K 218 50.74 16.60 21.62
N VAL K 219 50.11 15.43 21.70
CA VAL K 219 50.18 14.43 20.65
C VAL K 219 48.77 14.13 20.17
N ASP K 220 48.56 14.27 18.86
CA ASP K 220 47.29 13.97 18.24
C ASP K 220 47.55 13.39 16.86
N ASP K 221 46.50 12.82 16.28
CA ASP K 221 46.63 12.23 14.95
C ASP K 221 46.67 13.27 13.85
N MET K 222 46.04 14.43 14.04
CA MET K 222 46.02 15.43 12.99
C MET K 222 45.71 16.79 13.58
N ALA K 223 46.11 17.82 12.84
CA ALA K 223 45.77 19.21 13.16
C ALA K 223 45.22 19.85 11.89
N ASP K 224 43.91 19.92 11.79
CA ASP K 224 43.27 20.48 10.59
C ASP K 224 43.21 22.00 10.69
N THR K 225 42.41 22.51 11.61
CA THR K 225 42.32 23.95 11.85
C THR K 225 43.16 24.39 13.03
N CYS K 226 43.73 23.43 13.76
CA CYS K 226 44.54 23.67 14.95
C CYS K 226 43.75 24.29 16.08
N GLY K 227 42.42 24.27 16.00
CA GLY K 227 41.63 24.70 17.13
C GLY K 227 41.84 23.83 18.34
N THR K 228 41.89 22.51 18.12
CA THR K 228 42.09 21.58 19.23
C THR K 228 43.43 21.81 19.91
N ILE K 229 44.52 21.83 19.14
CA ILE K 229 45.83 21.98 19.75
C ILE K 229 46.05 23.37 20.30
N CYS K 230 45.50 24.41 19.65
CA CYS K 230 45.68 25.75 20.18
C CYS K 230 44.92 25.95 21.49
N HIS K 231 43.68 25.49 21.54
CA HIS K 231 42.93 25.57 22.79
C HIS K 231 43.59 24.76 23.89
N ALA K 232 44.09 23.57 23.54
CA ALA K 232 44.81 22.75 24.52
C ALA K 232 46.08 23.46 24.99
N ALA K 233 46.75 24.18 24.09
CA ALA K 233 47.97 24.89 24.46
C ALA K 233 47.68 26.03 25.43
N ASP K 234 46.61 26.79 25.17
CA ASP K 234 46.21 27.82 26.12
C ASP K 234 45.89 27.21 27.48
N LYS K 235 45.13 26.10 27.48
CA LYS K 235 44.82 25.45 28.74
C LYS K 235 46.07 24.97 29.46
N LEU K 236 47.01 24.40 28.72
CA LEU K 236 48.24 23.88 29.34
C LEU K 236 49.07 24.99 29.95
N LEU K 237 49.21 26.12 29.25
CA LEU K 237 49.93 27.25 29.85
C LEU K 237 49.19 27.79 31.06
N SER K 238 47.87 27.89 30.98
CA SER K 238 47.09 28.35 32.12
C SER K 238 47.23 27.40 33.30
N ALA K 239 47.54 26.14 33.05
CA ALA K 239 47.70 25.13 34.10
C ALA K 239 49.13 25.06 34.63
N GLY K 240 50.03 25.87 34.13
CA GLY K 240 51.38 25.93 34.64
C GLY K 240 52.43 25.15 33.87
N ALA K 241 52.15 24.72 32.65
CA ALA K 241 53.16 24.07 31.84
C ALA K 241 54.26 25.07 31.47
N THR K 242 55.51 24.62 31.54
CA THR K 242 56.62 25.49 31.19
C THR K 242 56.70 25.72 29.69
N ARG K 243 56.81 24.64 28.92
CA ARG K 243 56.84 24.71 27.48
C ARG K 243 55.81 23.73 26.92
N VAL K 244 55.27 24.05 25.75
CA VAL K 244 54.25 23.23 25.11
C VAL K 244 54.70 22.89 23.70
N TYR K 245 54.76 21.60 23.40
CA TYR K 245 55.01 21.10 22.06
C TYR K 245 53.74 20.49 21.51
N ALA K 246 53.62 20.49 20.20
CA ALA K 246 52.54 19.80 19.51
C ALA K 246 53.17 18.88 18.46
N ILE K 247 52.83 17.60 18.55
CA ILE K 247 53.30 16.62 17.57
C ILE K 247 52.09 15.94 16.96
N LEU K 248 51.99 16.04 15.64
CA LEU K 248 50.92 15.43 14.87
C LEU K 248 51.55 14.53 13.83
N THR K 249 50.76 13.57 13.32
CA THR K 249 51.27 12.87 12.16
C THR K 249 50.76 13.49 10.86
N HIS K 250 49.54 13.99 10.84
CA HIS K 250 48.98 14.64 9.65
C HIS K 250 48.85 16.14 9.91
N GLY K 251 49.69 16.92 9.25
CA GLY K 251 49.53 18.36 9.32
C GLY K 251 48.70 18.87 8.16
N ILE K 252 47.40 19.02 8.39
CA ILE K 252 46.52 19.54 7.35
C ILE K 252 46.63 21.05 7.27
N PHE K 253 46.56 21.72 8.41
CA PHE K 253 46.78 23.16 8.53
C PHE K 253 45.88 23.94 7.56
N SER K 254 44.63 23.53 7.48
CA SER K 254 43.69 24.24 6.62
C SER K 254 43.13 25.47 7.34
N GLY K 255 42.62 26.41 6.56
CA GLY K 255 41.97 27.58 7.07
C GLY K 255 42.86 28.47 7.91
N PRO K 256 42.42 28.76 9.14
CA PRO K 256 43.14 29.68 10.01
C PRO K 256 44.27 29.06 10.81
N ALA K 257 44.70 27.86 10.46
CA ALA K 257 45.64 27.12 11.29
C ALA K 257 46.99 27.83 11.40
N ILE K 258 47.49 28.39 10.30
CA ILE K 258 48.81 29.00 10.33
C ILE K 258 48.82 30.23 11.23
N SER K 259 47.80 31.08 11.11
CA SER K 259 47.71 32.25 11.99
C SER K 259 47.51 31.82 13.43
N ARG K 260 46.73 30.76 13.66
CA ARG K 260 46.53 30.26 15.01
C ARG K 260 47.84 29.80 15.64
N ILE K 261 48.65 29.06 14.88
CA ILE K 261 49.91 28.55 15.40
C ILE K 261 50.89 29.70 15.63
N ASN K 262 50.96 30.63 14.69
CA ASN K 262 51.88 31.75 14.82
C ASN K 262 51.54 32.60 16.05
N ASN K 263 50.28 32.65 16.45
CA ASN K 263 49.86 33.39 17.63
C ASN K 263 49.75 32.51 18.86
N ALA K 264 50.09 31.24 18.77
CA ALA K 264 50.07 30.33 19.90
C ALA K 264 51.44 30.34 20.59
N CYS K 265 51.57 29.50 21.61
CA CYS K 265 52.74 29.46 22.46
C CYS K 265 53.60 28.23 22.23
N PHE K 266 53.42 27.56 21.10
CA PHE K 266 54.10 26.29 20.85
C PHE K 266 55.60 26.50 20.73
N GLU K 267 56.37 25.64 21.40
CA GLU K 267 57.81 25.60 21.15
C GLU K 267 58.08 25.09 19.74
N ALA K 268 57.34 24.09 19.30
CA ALA K 268 57.44 23.56 17.95
C ALA K 268 56.17 22.79 17.63
N VAL K 269 55.74 22.86 16.38
CA VAL K 269 54.65 22.04 15.88
C VAL K 269 55.28 21.04 14.93
N VAL K 270 55.23 19.76 15.29
CA VAL K 270 55.92 18.71 14.58
C VAL K 270 54.90 17.86 13.85
N VAL K 271 55.06 17.72 12.55
CA VAL K 271 54.19 16.89 11.73
C VAL K 271 55.06 16.00 10.85
N THR K 272 54.47 14.91 10.37
CA THR K 272 55.13 14.13 9.35
C THR K 272 54.85 14.75 7.98
N ASN K 273 55.51 14.21 6.96
CA ASN K 273 55.26 14.67 5.59
C ASN K 273 54.29 13.76 4.85
N THR K 274 53.31 13.19 5.56
CA THR K 274 52.19 12.56 4.89
C THR K 274 51.41 13.55 4.04
N ILE K 275 51.47 14.82 4.39
CA ILE K 275 50.89 15.92 3.61
C ILE K 275 52.04 16.86 3.28
N PRO K 276 52.09 17.44 2.10
CA PRO K 276 53.17 18.41 1.80
C PRO K 276 53.11 19.59 2.75
N GLN K 277 54.28 19.95 3.29
CA GLN K 277 54.38 21.00 4.28
C GLN K 277 55.21 22.19 3.82
N GLU K 278 55.73 22.15 2.59
CA GLU K 278 56.65 23.19 2.14
C GLU K 278 56.01 24.57 2.25
N ASP K 279 54.77 24.70 1.76
CA ASP K 279 54.07 25.97 1.83
C ASP K 279 53.79 26.37 3.27
N LYS K 280 53.40 25.41 4.11
CA LYS K 280 53.09 25.73 5.50
C LYS K 280 54.32 26.22 6.26
N MET K 281 55.48 25.58 6.03
CA MET K 281 56.68 25.98 6.74
C MET K 281 57.14 27.38 6.35
N LYS K 282 56.80 27.84 5.14
CA LYS K 282 57.22 29.18 4.73
C LYS K 282 56.50 30.28 5.49
N HIS K 283 55.31 30.01 6.02
CA HIS K 283 54.56 31.00 6.77
C HIS K 283 54.53 30.74 8.27
N CYS K 284 55.06 29.62 8.73
CA CYS K 284 55.08 29.30 10.17
C CYS K 284 56.42 28.66 10.49
N SER K 285 57.30 29.42 11.14
CA SER K 285 58.61 28.89 11.51
C SER K 285 58.52 27.79 12.57
N LYS K 286 57.42 27.74 13.33
CA LYS K 286 57.29 26.74 14.37
C LYS K 286 57.14 25.33 13.82
N ILE K 287 56.74 25.18 12.57
CA ILE K 287 56.48 23.85 12.01
C ILE K 287 57.79 23.17 11.67
N GLN K 288 57.96 21.94 12.15
CA GLN K 288 59.04 21.07 11.76
C GLN K 288 58.45 19.76 11.24
N VAL K 289 59.19 19.10 10.35
CA VAL K 289 58.67 17.97 9.61
C VAL K 289 59.51 16.73 9.91
N ILE K 290 58.84 15.64 10.28
CA ILE K 290 59.46 14.34 10.36
C ILE K 290 59.23 13.62 9.02
N ASP K 291 60.31 13.26 8.35
CA ASP K 291 60.19 12.53 7.10
C ASP K 291 59.77 11.10 7.41
N ILE K 292 58.66 10.65 6.83
CA ILE K 292 58.22 9.27 6.96
C ILE K 292 58.33 8.52 5.64
N SER K 293 59.01 9.11 4.64
CA SER K 293 59.16 8.45 3.35
C SER K 293 59.89 7.13 3.47
N MET K 294 60.81 7.00 4.43
CA MET K 294 61.50 5.73 4.60
C MET K 294 60.54 4.66 5.11
N ILE K 295 59.60 5.04 5.97
CA ILE K 295 58.62 4.08 6.47
C ILE K 295 57.74 3.59 5.32
N LEU K 296 57.24 4.52 4.50
CA LEU K 296 56.40 4.13 3.38
C LEU K 296 57.17 3.31 2.36
N ALA K 297 58.41 3.69 2.08
CA ALA K 297 59.23 2.95 1.12
C ALA K 297 59.50 1.54 1.62
N GLU K 298 59.82 1.39 2.90
CA GLU K 298 60.02 0.06 3.46
C GLU K 298 58.73 -0.75 3.43
N ALA K 299 57.60 -0.12 3.70
CA ALA K 299 56.32 -0.84 3.63
C ALA K 299 56.06 -1.33 2.21
N ILE K 300 56.30 -0.49 1.21
CA ILE K 300 56.08 -0.88 -0.17
C ILE K 300 57.03 -2.01 -0.56
N ARG K 301 58.30 -1.89 -0.18
CA ARG K 301 59.29 -2.90 -0.50
C ARG K 301 58.96 -4.24 0.14
N ARG K 302 58.54 -4.23 1.40
CA ARG K 302 58.18 -5.47 2.07
C ARG K 302 56.90 -6.06 1.52
N THR K 303 55.94 -5.22 1.15
CA THR K 303 54.74 -5.72 0.50
C THR K 303 55.07 -6.42 -0.81
N HIS K 304 55.95 -5.81 -1.60
CA HIS K 304 56.36 -6.41 -2.87
C HIS K 304 57.12 -7.71 -2.64
N ASN K 305 57.98 -7.77 -1.62
CA ASN K 305 58.80 -8.93 -1.37
C ASN K 305 58.09 -9.99 -0.52
N GLY K 306 56.85 -9.74 -0.11
CA GLY K 306 56.15 -10.69 0.74
C GLY K 306 56.77 -10.85 2.11
N GLU K 307 57.18 -9.75 2.72
CA GLU K 307 57.76 -9.75 4.05
C GLU K 307 56.88 -8.96 5.01
N SER K 308 56.98 -9.31 6.29
CA SER K 308 56.20 -8.65 7.32
C SER K 308 56.60 -7.19 7.46
N VAL K 309 55.62 -6.32 7.73
CA VAL K 309 55.88 -4.92 8.02
C VAL K 309 55.88 -4.65 9.52
N SER K 310 55.86 -5.71 10.35
CA SER K 310 55.84 -5.52 11.80
C SER K 310 57.08 -4.78 12.29
N TYR K 311 58.20 -4.93 11.57
CA TYR K 311 59.42 -4.23 11.95
C TYR K 311 59.22 -2.72 11.97
N LEU K 312 58.33 -2.20 11.12
CA LEU K 312 58.09 -0.77 11.04
C LEU K 312 57.38 -0.20 12.26
N PHE K 313 56.81 -1.05 13.11
CA PHE K 313 56.09 -0.59 14.29
C PHE K 313 56.97 -0.49 15.52
N SER K 314 58.25 -0.84 15.41
CA SER K 314 59.19 -0.72 16.51
C SER K 314 60.44 0.07 16.15
N HIS K 315 60.71 0.29 14.87
CA HIS K 315 61.95 0.93 14.43
C HIS K 315 61.65 1.90 13.30
N VAL K 316 62.48 2.92 13.19
CA VAL K 316 62.46 3.85 12.07
C VAL K 316 63.62 3.49 11.15
N PRO K 317 63.36 2.99 9.93
CA PRO K 317 64.41 2.57 9.00
C PRO K 317 65.27 3.72 8.50
N PRO L 2 5.37 5.84 -0.28
CA PRO L 2 6.54 6.72 -0.43
C PRO L 2 6.20 8.03 -1.12
N ASN L 3 6.84 9.12 -0.71
CA ASN L 3 6.63 10.43 -1.29
C ASN L 3 7.88 10.88 -2.03
N ILE L 4 7.68 11.75 -3.02
CA ILE L 4 8.81 12.33 -3.73
C ILE L 4 9.54 13.28 -2.80
N LYS L 5 10.85 13.06 -2.65
CA LYS L 5 11.73 13.99 -1.97
C LYS L 5 12.78 14.45 -2.98
N ILE L 6 12.82 15.74 -3.26
CA ILE L 6 13.76 16.30 -4.22
C ILE L 6 14.85 17.01 -3.43
N PHE L 7 16.09 16.57 -3.61
CA PHE L 7 17.24 17.18 -2.97
C PHE L 7 18.16 17.76 -4.03
N SER L 8 18.69 18.95 -3.75
CA SER L 8 19.59 19.63 -4.66
C SER L 8 21.02 19.55 -4.14
N GLY L 9 21.94 19.21 -5.04
CA GLY L 9 23.35 19.44 -4.80
C GLY L 9 23.71 20.89 -5.06
N SER L 10 24.99 21.19 -4.93
CA SER L 10 25.46 22.56 -5.12
C SER L 10 25.57 22.96 -6.58
N SER L 11 25.50 22.00 -7.50
CA SER L 11 25.83 22.28 -8.89
C SER L 11 24.79 23.17 -9.55
N HIS L 12 23.54 22.71 -9.61
CA HIS L 12 22.49 23.42 -10.34
C HIS L 12 21.25 23.51 -9.44
N GLN L 13 21.26 24.48 -8.54
CA GLN L 13 20.15 24.61 -7.59
C GLN L 13 18.95 25.32 -8.19
N ASP L 14 19.17 26.20 -9.18
CA ASP L 14 18.05 26.82 -9.87
C ASP L 14 17.22 25.79 -10.62
N LEU L 15 17.89 24.85 -11.30
CA LEU L 15 17.16 23.77 -11.97
C LEU L 15 16.41 22.90 -10.98
N SER L 16 17.03 22.60 -9.84
CA SER L 16 16.34 21.83 -8.81
C SER L 16 15.11 22.56 -8.32
N GLN L 17 15.22 23.87 -8.13
CA GLN L 17 14.06 24.66 -7.71
C GLN L 17 12.96 24.62 -8.77
N LYS L 18 13.33 24.75 -10.04
CA LYS L 18 12.33 24.69 -11.10
C LYS L 18 11.63 23.33 -11.13
N ILE L 19 12.40 22.25 -10.97
CA ILE L 19 11.82 20.92 -10.93
C ILE L 19 10.85 20.78 -9.76
N ALA L 20 11.27 21.26 -8.58
CA ALA L 20 10.43 21.16 -7.40
C ALA L 20 9.14 21.96 -7.57
N ASP L 21 9.24 23.17 -8.14
CA ASP L 21 8.04 23.97 -8.38
C ASP L 21 7.10 23.27 -9.35
N ARG L 22 7.65 22.69 -10.42
CA ARG L 22 6.80 22.00 -11.38
C ARG L 22 6.18 20.75 -10.77
N LEU L 23 6.82 20.16 -9.77
CA LEU L 23 6.26 19.03 -9.04
C LEU L 23 5.39 19.48 -7.87
N GLY L 24 5.26 20.79 -7.64
CA GLY L 24 4.49 21.28 -6.50
C GLY L 24 5.07 20.87 -5.16
N LEU L 25 6.40 20.89 -5.05
CA LEU L 25 7.09 20.48 -3.84
C LEU L 25 8.11 21.53 -3.44
N GLU L 26 8.46 21.52 -2.16
CA GLU L 26 9.63 22.24 -1.69
C GLU L 26 10.84 21.33 -1.75
N LEU L 27 11.99 21.92 -2.06
CA LEU L 27 13.23 21.17 -2.06
C LEU L 27 13.49 20.61 -0.68
N GLY L 28 14.01 19.39 -0.63
CA GLY L 28 14.36 18.80 0.65
C GLY L 28 15.45 19.59 1.34
N LYS L 29 15.42 19.57 2.66
CA LYS L 29 16.38 20.33 3.45
C LYS L 29 17.72 19.61 3.44
N VAL L 30 18.71 20.22 2.78
CA VAL L 30 20.07 19.71 2.76
C VAL L 30 21.03 20.87 2.91
N VAL L 31 22.05 20.68 3.73
CA VAL L 31 23.20 21.58 3.78
C VAL L 31 24.34 20.88 3.06
N THR L 32 24.77 21.46 1.95
CA THR L 32 25.85 20.91 1.14
C THR L 32 26.97 21.95 1.13
N LYS L 33 27.94 21.76 2.01
CA LYS L 33 29.05 22.71 2.14
C LYS L 33 30.38 21.97 2.09
N LYS L 34 31.45 22.68 2.42
CA LYS L 34 32.77 22.07 2.52
C LYS L 34 33.31 22.24 3.93
N PHE L 35 33.88 21.17 4.47
CA PHE L 35 34.70 21.28 5.66
C PHE L 35 35.90 22.17 5.37
N SER L 36 36.61 22.53 6.44
CA SER L 36 37.77 23.42 6.27
C SER L 36 38.81 22.81 5.35
N ASN L 37 39.07 21.50 5.48
CA ASN L 37 40.05 20.82 4.66
C ASN L 37 39.52 20.46 3.28
N GLN L 38 38.41 21.08 2.85
CA GLN L 38 37.80 20.94 1.53
C GLN L 38 37.16 19.58 1.30
N GLU L 39 36.93 18.81 2.35
CA GLU L 39 36.13 17.60 2.23
C GLU L 39 34.65 17.96 2.14
N THR L 40 33.92 17.21 1.35
CA THR L 40 32.50 17.49 1.15
C THR L 40 31.72 17.19 2.43
N CYS L 41 30.90 18.15 2.85
CA CYS L 41 30.04 18.01 4.01
C CYS L 41 28.59 17.99 3.53
N VAL L 42 27.89 16.93 3.86
CA VAL L 42 26.49 16.76 3.48
C VAL L 42 25.67 16.56 4.75
N GLU L 43 24.67 17.41 4.95
CA GLU L 43 23.81 17.36 6.13
C GLU L 43 22.37 17.36 5.66
N ILE L 44 21.81 16.16 5.48
CA ILE L 44 20.40 16.03 5.14
C ILE L 44 19.58 16.43 6.36
N GLY L 45 18.70 17.40 6.19
CA GLY L 45 17.98 18.01 7.28
C GLY L 45 16.60 17.44 7.57
N GLU L 46 16.24 16.31 6.98
CA GLU L 46 14.93 15.73 7.23
C GLU L 46 14.99 14.24 6.99
N SER L 47 14.00 13.54 7.53
CA SER L 47 13.90 12.11 7.33
C SER L 47 13.58 11.78 5.88
N VAL L 48 14.23 10.74 5.37
CA VAL L 48 13.91 10.19 4.06
C VAL L 48 13.49 8.74 4.16
N ARG L 49 13.12 8.30 5.36
CA ARG L 49 12.76 6.90 5.60
C ARG L 49 11.57 6.50 4.72
N GLY L 50 11.77 5.45 3.92
CA GLY L 50 10.72 4.98 3.05
C GLY L 50 10.28 5.98 2.00
N GLU L 51 11.11 6.97 1.70
CA GLU L 51 10.79 7.99 0.73
C GLU L 51 11.40 7.66 -0.63
N ASP L 52 10.83 8.26 -1.66
CA ASP L 52 11.34 8.14 -3.02
C ASP L 52 12.20 9.38 -3.27
N VAL L 53 13.50 9.23 -3.11
CA VAL L 53 14.43 10.36 -3.07
C VAL L 53 14.99 10.58 -4.47
N TYR L 54 14.90 11.82 -4.94
CA TYR L 54 15.52 12.24 -6.19
C TYR L 54 16.55 13.31 -5.88
N ILE L 55 17.80 13.06 -6.24
CA ILE L 55 18.89 14.00 -6.00
C ILE L 55 19.31 14.57 -7.34
N VAL L 56 19.17 15.90 -7.48
CA VAL L 56 19.52 16.59 -8.70
C VAL L 56 20.93 17.12 -8.57
N GLN L 57 21.81 16.69 -9.47
CA GLN L 57 23.20 17.14 -9.47
C GLN L 57 23.74 16.97 -10.87
N SER L 58 24.06 18.08 -11.52
CA SER L 58 24.61 18.04 -12.86
C SER L 58 26.12 17.91 -12.82
N GLY L 59 26.69 17.32 -13.85
CA GLY L 59 28.13 17.27 -13.96
C GLY L 59 28.61 18.55 -14.61
N CYS L 60 28.99 19.52 -13.79
CA CYS L 60 29.37 20.84 -14.25
C CYS L 60 30.03 21.56 -13.08
N GLY L 61 30.59 22.73 -13.38
CA GLY L 61 31.28 23.48 -12.35
C GLY L 61 32.43 22.68 -11.79
N GLU L 62 32.51 22.62 -10.47
CA GLU L 62 33.53 21.83 -9.78
C GLU L 62 33.12 20.37 -9.91
N ILE L 63 33.60 19.73 -10.97
CA ILE L 63 33.07 18.42 -11.39
C ILE L 63 33.26 17.39 -10.29
N ASN L 64 34.48 17.26 -9.78
CA ASN L 64 34.75 16.22 -8.80
C ASN L 64 34.10 16.54 -7.47
N ASP L 65 34.09 17.82 -7.11
CA ASP L 65 33.34 18.29 -5.94
C ASP L 65 31.88 17.88 -6.03
N ASN L 66 31.26 18.16 -7.17
CA ASN L 66 29.83 17.88 -7.33
C ASN L 66 29.55 16.39 -7.36
N LEU L 67 30.40 15.61 -8.04
CA LEU L 67 30.19 14.17 -8.08
C LEU L 67 30.36 13.55 -6.71
N MET L 68 31.35 14.00 -5.93
CA MET L 68 31.50 13.49 -4.57
C MET L 68 30.31 13.89 -3.71
N GLU L 69 29.82 15.11 -3.89
CA GLU L 69 28.61 15.56 -3.19
C GLU L 69 27.44 14.63 -3.50
N LEU L 70 27.24 14.32 -4.78
CA LEU L 70 26.16 13.45 -5.21
C LEU L 70 26.31 12.05 -4.61
N LEU L 71 27.52 11.50 -4.64
CA LEU L 71 27.72 10.15 -4.09
C LEU L 71 27.47 10.13 -2.60
N ILE L 72 27.95 11.14 -1.88
CA ILE L 72 27.76 11.18 -0.43
C ILE L 72 26.27 11.33 -0.10
N MET L 73 25.56 12.17 -0.85
CA MET L 73 24.13 12.33 -0.63
C MET L 73 23.36 11.05 -0.94
N ILE L 74 23.73 10.35 -2.01
CA ILE L 74 23.09 9.07 -2.32
C ILE L 74 23.33 8.08 -1.19
N ASN L 75 24.56 7.97 -0.72
CA ASN L 75 24.86 7.01 0.33
C ASN L 75 24.16 7.38 1.63
N ALA L 76 24.11 8.66 1.96
CA ALA L 76 23.40 9.09 3.17
C ALA L 76 21.92 8.73 3.08
N CYS L 77 21.31 8.96 1.92
CA CYS L 77 19.89 8.62 1.75
C CYS L 77 19.68 7.12 1.86
N LYS L 78 20.58 6.32 1.28
CA LYS L 78 20.45 4.86 1.36
C LYS L 78 20.58 4.37 2.79
N ILE L 79 21.58 4.86 3.52
CA ILE L 79 21.75 4.45 4.91
C ILE L 79 20.63 5.00 5.77
N ALA L 80 20.05 6.12 5.38
CA ALA L 80 18.88 6.67 6.07
C ALA L 80 17.59 5.97 5.67
N SER L 81 17.69 4.81 5.02
CA SER L 81 16.55 3.92 4.77
C SER L 81 15.54 4.54 3.81
N ALA L 82 16.03 5.26 2.80
CA ALA L 82 15.16 5.71 1.73
C ALA L 82 14.63 4.50 0.96
N SER L 83 13.38 4.57 0.54
CA SER L 83 12.79 3.49 -0.24
C SER L 83 13.51 3.33 -1.57
N ARG L 84 13.84 4.44 -2.23
CA ARG L 84 14.52 4.42 -3.51
C ARG L 84 15.28 5.72 -3.67
N VAL L 85 16.50 5.63 -4.21
CA VAL L 85 17.33 6.80 -4.43
C VAL L 85 17.59 6.90 -5.93
N THR L 86 17.21 8.03 -6.52
CA THR L 86 17.41 8.29 -7.93
C THR L 86 18.35 9.47 -8.08
N ALA L 87 19.39 9.29 -8.89
CA ALA L 87 20.31 10.37 -9.21
C ALA L 87 19.83 11.03 -10.49
N VAL L 88 19.37 12.28 -10.38
CA VAL L 88 18.99 13.07 -11.54
C VAL L 88 20.23 13.86 -11.96
N ILE L 89 20.91 13.38 -12.99
CA ILE L 89 22.16 13.97 -13.44
C ILE L 89 21.94 14.53 -14.84
N PRO L 90 21.52 15.79 -14.98
CA PRO L 90 21.20 16.31 -16.31
C PRO L 90 22.35 16.22 -17.30
N CYS L 91 23.57 16.49 -16.86
CA CYS L 91 24.77 16.33 -17.70
C CYS L 91 25.68 15.32 -17.00
N PHE L 92 25.80 14.15 -17.58
CA PHE L 92 26.55 13.07 -16.94
C PHE L 92 28.04 13.37 -16.96
N PRO L 93 28.70 13.42 -15.81
CA PRO L 93 30.14 13.71 -15.80
C PRO L 93 30.96 12.56 -16.36
N TYR L 94 32.10 12.90 -16.95
CA TYR L 94 33.03 11.95 -17.53
C TYR L 94 32.42 11.13 -18.65
N ALA L 95 31.32 11.62 -19.24
CA ALA L 95 30.63 10.86 -20.27
C ALA L 95 31.49 10.71 -21.52
N ARG L 96 32.38 11.65 -21.79
CA ARG L 96 33.25 11.56 -22.95
C ARG L 96 34.35 10.52 -22.79
N GLN L 97 34.59 10.04 -21.58
CA GLN L 97 35.55 8.96 -21.35
C GLN L 97 34.80 7.63 -21.26
N ASP L 98 34.24 7.23 -22.40
CA ASP L 98 33.31 6.13 -22.48
C ASP L 98 33.89 4.89 -23.15
N LYS L 99 35.19 4.89 -23.44
CA LYS L 99 35.81 3.76 -24.10
C LYS L 99 37.31 3.81 -23.86
N LYS L 100 37.97 2.71 -24.14
CA LYS L 100 39.43 2.62 -24.06
C LYS L 100 39.96 2.48 -25.49
N ASP L 101 40.22 3.61 -26.13
CA ASP L 101 40.83 3.65 -27.45
C ASP L 101 42.28 4.09 -27.40
N LYS L 102 42.87 4.12 -26.21
CA LYS L 102 44.27 4.43 -26.00
C LYS L 102 44.84 3.44 -25.00
N SER L 103 46.16 3.23 -25.07
CA SER L 103 46.82 2.38 -24.10
C SER L 103 46.68 2.98 -22.71
N ARG L 104 46.32 2.14 -21.73
CA ARG L 104 46.23 2.51 -20.33
C ARG L 104 45.14 3.54 -20.05
N ALA L 105 44.28 3.82 -21.02
CA ALA L 105 43.26 4.82 -20.82
C ALA L 105 42.16 4.29 -19.90
N PRO L 106 41.72 5.07 -18.93
CA PRO L 106 40.59 4.67 -18.09
C PRO L 106 39.28 4.88 -18.83
N ILE L 107 38.29 4.07 -18.49
CA ILE L 107 36.92 4.32 -18.90
C ILE L 107 36.28 5.02 -17.70
N SER L 108 36.42 6.34 -17.66
CA SER L 108 36.00 7.10 -16.49
C SER L 108 34.48 7.10 -16.34
N ALA L 109 33.74 7.05 -17.45
CA ALA L 109 32.29 6.97 -17.36
C ALA L 109 31.86 5.69 -16.66
N LYS L 110 32.51 4.57 -16.97
CA LYS L 110 32.20 3.32 -16.29
C LYS L 110 32.57 3.39 -14.81
N LEU L 111 33.68 4.04 -14.49
CA LEU L 111 34.04 4.21 -13.09
C LEU L 111 33.01 5.05 -12.34
N VAL L 112 32.52 6.11 -12.97
CA VAL L 112 31.49 6.95 -12.37
C VAL L 112 30.21 6.15 -12.17
N ALA L 113 29.85 5.33 -13.16
CA ALA L 113 28.67 4.48 -13.03
C ALA L 113 28.83 3.49 -11.87
N ASN L 114 30.01 2.88 -11.76
CA ASN L 114 30.26 1.95 -10.66
C ASN L 114 30.20 2.66 -9.30
N MET L 115 30.74 3.87 -9.24
CA MET L 115 30.70 4.64 -8.00
C MET L 115 29.27 4.99 -7.62
N LEU L 116 28.46 5.39 -8.60
CA LEU L 116 27.06 5.67 -8.32
C LEU L 116 26.32 4.40 -7.87
N SER L 117 26.63 3.27 -8.48
CA SER L 117 26.01 2.01 -8.09
C SER L 117 26.39 1.62 -6.67
N VAL L 118 27.66 1.76 -6.31
CA VAL L 118 28.11 1.37 -4.98
C VAL L 118 27.65 2.37 -3.93
N ALA L 119 27.42 3.63 -4.31
CA ALA L 119 26.82 4.59 -3.40
C ALA L 119 25.38 4.23 -3.06
N GLY L 120 24.72 3.48 -3.94
CA GLY L 120 23.39 2.98 -3.65
C GLY L 120 22.29 3.52 -4.54
N ALA L 121 22.65 4.14 -5.66
CA ALA L 121 21.65 4.63 -6.59
C ALA L 121 20.86 3.46 -7.16
N ASP L 122 19.54 3.62 -7.19
CA ASP L 122 18.64 2.62 -7.77
C ASP L 122 18.16 3.00 -9.15
N HIS L 123 18.35 4.25 -9.56
CA HIS L 123 17.79 4.76 -10.80
C HIS L 123 18.58 5.99 -11.19
N ILE L 124 18.84 6.15 -12.48
CA ILE L 124 19.53 7.31 -13.01
C ILE L 124 18.64 7.97 -14.05
N ILE L 125 18.46 9.28 -13.92
CA ILE L 125 17.76 10.09 -14.92
C ILE L 125 18.75 11.11 -15.43
N THR L 126 18.97 11.11 -16.75
CA THR L 126 19.94 11.98 -17.37
C THR L 126 19.40 12.43 -18.72
N MET L 127 20.02 13.48 -19.27
CA MET L 127 19.61 14.02 -20.55
C MET L 127 20.75 13.95 -21.54
N ASP L 128 20.48 13.36 -22.71
CA ASP L 128 21.39 13.36 -23.85
C ASP L 128 22.81 12.94 -23.46
N LEU L 129 22.91 11.67 -23.05
CA LEU L 129 24.21 11.09 -22.78
C LEU L 129 25.12 11.24 -23.99
N HIS L 130 26.39 11.58 -23.75
CA HIS L 130 27.33 11.70 -24.85
C HIS L 130 27.38 10.41 -25.66
N ALA L 131 27.30 9.27 -24.98
CA ALA L 131 27.11 7.98 -25.63
C ALA L 131 25.94 7.29 -24.95
N SER L 132 24.94 6.91 -25.73
CA SER L 132 23.77 6.24 -25.17
C SER L 132 24.12 4.90 -24.54
N GLN L 133 25.24 4.30 -24.94
CA GLN L 133 25.67 3.04 -24.35
C GLN L 133 26.05 3.18 -22.88
N ILE L 134 26.20 4.41 -22.39
CA ILE L 134 26.43 4.63 -20.97
C ILE L 134 25.27 4.07 -20.15
N GLN L 135 24.08 3.98 -20.74
CA GLN L 135 22.98 3.26 -20.08
C GLN L 135 23.40 1.86 -19.70
N GLY L 136 24.20 1.22 -20.54
CA GLY L 136 24.71 -0.12 -20.27
C GLY L 136 25.83 -0.18 -19.28
N PHE L 137 26.34 0.96 -18.83
CA PHE L 137 27.37 0.97 -17.79
C PHE L 137 26.80 0.68 -16.41
N PHE L 138 25.48 0.76 -16.25
CA PHE L 138 24.79 0.45 -15.01
C PHE L 138 24.06 -0.88 -15.13
N ASP L 139 23.74 -1.46 -13.98
CA ASP L 139 22.80 -2.57 -13.89
C ASP L 139 21.44 -2.12 -13.38
N ILE L 140 21.23 -0.81 -13.25
CA ILE L 140 19.96 -0.25 -12.80
C ILE L 140 19.34 0.46 -14.00
N PRO L 141 18.03 0.75 -13.99
CA PRO L 141 17.45 1.52 -15.09
C PRO L 141 18.08 2.90 -15.20
N VAL L 142 18.34 3.31 -16.44
CA VAL L 142 18.93 4.61 -16.72
C VAL L 142 18.05 5.30 -17.77
N ASP L 143 17.46 6.42 -17.39
CA ASP L 143 16.62 7.20 -18.30
C ASP L 143 17.51 8.20 -19.04
N ASN L 144 17.61 8.03 -20.35
CA ASN L 144 18.39 8.91 -21.19
C ASN L 144 17.40 9.79 -21.97
N LEU L 145 17.02 10.91 -21.36
CA LEU L 145 16.05 11.80 -21.96
C LEU L 145 16.69 12.60 -23.10
N TYR L 146 15.87 12.94 -24.09
CA TYR L 146 16.33 13.71 -25.23
C TYR L 146 15.88 15.15 -25.11
N ALA L 147 16.76 16.08 -25.45
CA ALA L 147 16.36 17.46 -25.63
C ALA L 147 15.88 17.73 -27.05
N GLU L 148 15.84 16.70 -27.89
CA GLU L 148 15.49 16.89 -29.30
C GLU L 148 14.10 17.49 -29.50
N PRO L 149 13.03 17.06 -28.82
CA PRO L 149 11.74 17.75 -29.01
C PRO L 149 11.80 19.23 -28.68
N ALA L 150 12.50 19.61 -27.61
CA ALA L 150 12.64 21.02 -27.28
C ALA L 150 13.46 21.74 -28.34
N VAL L 151 14.49 21.08 -28.88
CA VAL L 151 15.30 21.67 -29.93
C VAL L 151 14.45 21.92 -31.18
N LEU L 152 13.64 20.93 -31.56
CA LEU L 152 12.77 21.10 -32.72
C LEU L 152 11.77 22.22 -32.50
N LYS L 153 11.21 22.31 -31.29
CA LYS L 153 10.31 23.41 -30.98
C LYS L 153 11.00 24.75 -31.13
N TRP L 154 12.22 24.88 -30.59
CA TRP L 154 12.96 26.13 -30.71
C TRP L 154 13.25 26.46 -32.15
N ILE L 155 13.64 25.46 -32.96
CA ILE L 155 13.95 25.72 -34.36
C ILE L 155 12.72 26.21 -35.10
N ARG L 156 11.59 25.53 -34.91
CA ARG L 156 10.37 25.92 -35.61
C ARG L 156 9.84 27.27 -35.14
N GLU L 157 10.13 27.68 -33.91
CA GLU L 157 9.61 28.95 -33.43
C GLU L 157 10.57 30.13 -33.58
N ASN L 158 11.87 29.89 -33.81
CA ASN L 158 12.85 30.96 -33.78
C ASN L 158 13.61 31.16 -35.09
N ILE L 159 13.54 30.23 -36.03
CA ILE L 159 14.24 30.33 -37.30
C ILE L 159 13.18 30.36 -38.39
N SER L 160 13.05 31.52 -39.05
CA SER L 160 11.96 31.71 -40.00
C SER L 160 12.10 30.78 -41.21
N GLU L 161 13.33 30.60 -41.69
CA GLU L 161 13.60 29.78 -42.87
C GLU L 161 14.05 28.37 -42.48
N TRP L 162 13.47 27.81 -41.42
CA TRP L 162 13.90 26.49 -40.96
C TRP L 162 13.56 25.40 -41.96
N ARG L 163 12.52 25.59 -42.78
CA ARG L 163 12.17 24.58 -43.75
C ARG L 163 13.17 24.48 -44.89
N ASN L 164 13.98 25.51 -45.11
CA ASN L 164 15.04 25.46 -46.11
C ASN L 164 16.42 25.37 -45.48
N CYS L 165 16.50 25.15 -44.18
CA CYS L 165 17.78 25.09 -43.51
C CYS L 165 18.45 23.74 -43.72
N THR L 166 19.71 23.66 -43.31
CA THR L 166 20.44 22.40 -43.28
C THR L 166 21.02 22.23 -41.89
N ILE L 167 20.81 21.06 -41.31
CA ILE L 167 21.32 20.75 -39.98
C ILE L 167 22.71 20.16 -40.16
N VAL L 168 23.69 20.73 -39.46
CA VAL L 168 25.10 20.41 -39.68
C VAL L 168 25.66 19.72 -38.45
N SER L 169 26.32 18.58 -38.66
CA SER L 169 27.07 17.93 -37.60
C SER L 169 28.46 18.54 -37.52
N PRO L 170 28.89 19.01 -36.34
CA PRO L 170 30.24 19.56 -36.21
C PRO L 170 31.35 18.52 -36.20
N ASP L 171 31.02 17.24 -36.04
CA ASP L 171 32.01 16.18 -36.12
C ASP L 171 31.32 14.91 -36.62
N ALA L 172 32.12 13.86 -36.82
CA ALA L 172 31.56 12.60 -37.30
C ALA L 172 30.65 11.94 -36.28
N GLY L 173 30.93 12.10 -34.99
CA GLY L 173 30.15 11.46 -33.96
C GLY L 173 28.74 12.00 -33.80
N GLY L 174 28.49 13.21 -34.27
CA GLY L 174 27.17 13.80 -34.17
C GLY L 174 26.24 13.45 -35.30
N ALA L 175 26.65 12.57 -36.21
CA ALA L 175 25.90 12.31 -37.43
C ALA L 175 24.51 11.77 -37.13
N LYS L 176 24.39 10.85 -36.17
CA LYS L 176 23.09 10.28 -35.87
C LYS L 176 22.12 11.33 -35.36
N ARG L 177 22.59 12.18 -34.45
CA ARG L 177 21.74 13.25 -33.91
C ARG L 177 21.29 14.20 -35.00
N VAL L 178 22.22 14.61 -35.86
CA VAL L 178 21.88 15.52 -36.95
C VAL L 178 20.94 14.88 -37.95
N THR L 179 21.15 13.61 -38.29
CA THR L 179 20.25 12.97 -39.23
C THR L 179 18.86 12.82 -38.64
N SER L 180 18.77 12.51 -37.35
CA SER L 180 17.47 12.41 -36.71
C SER L 180 16.74 13.76 -36.73
N ILE L 181 17.45 14.84 -36.41
CA ILE L 181 16.82 16.15 -36.41
C ILE L 181 16.40 16.56 -37.82
N ALA L 182 17.25 16.28 -38.81
CA ALA L 182 16.92 16.64 -40.20
C ALA L 182 15.73 15.84 -40.70
N ASP L 183 15.65 14.57 -40.33
CA ASP L 183 14.48 13.75 -40.65
C ASP L 183 13.21 14.33 -40.03
N ARG L 184 13.27 14.70 -38.75
CA ARG L 184 12.09 15.25 -38.09
C ARG L 184 11.68 16.59 -38.70
N LEU L 185 12.63 17.39 -39.15
CA LEU L 185 12.32 18.66 -39.79
C LEU L 185 12.13 18.53 -41.30
N ASN L 186 12.39 17.37 -41.88
CA ASN L 186 12.35 17.16 -43.32
C ASN L 186 13.21 18.19 -44.05
N VAL L 187 14.47 18.29 -43.61
CA VAL L 187 15.42 19.24 -44.19
C VAL L 187 16.69 18.48 -44.54
N ASP L 188 17.56 19.16 -45.29
CA ASP L 188 18.86 18.60 -45.63
C ASP L 188 19.76 18.58 -44.40
N PHE L 189 20.80 17.76 -44.47
CA PHE L 189 21.81 17.74 -43.43
C PHE L 189 23.19 17.76 -44.08
N ALA L 190 24.17 18.21 -43.30
CA ALA L 190 25.55 18.21 -43.72
C ALA L 190 26.41 17.76 -42.54
N LEU L 191 27.63 17.33 -42.84
CA LEU L 191 28.55 16.90 -41.81
C LEU L 191 29.89 17.60 -42.02
N ILE L 192 30.49 18.02 -40.93
CA ILE L 192 31.81 18.66 -40.94
C ILE L 192 32.76 17.77 -40.15
N HIS L 193 33.92 17.47 -40.72
CA HIS L 193 34.91 16.65 -40.07
C HIS L 193 36.22 17.40 -40.01
N LYS L 194 36.83 17.44 -38.82
CA LYS L 194 38.19 17.92 -38.67
C LYS L 194 39.13 16.73 -38.78
N GLU L 195 39.96 16.70 -39.82
CA GLU L 195 40.76 15.49 -40.01
C GLU L 195 41.87 15.40 -38.97
N ARG L 196 42.37 14.19 -38.79
CA ARG L 196 43.24 13.88 -37.66
C ARG L 196 44.56 14.64 -37.78
N LYS L 197 45.09 15.02 -36.62
CA LYS L 197 46.29 15.84 -36.51
C LYS L 197 47.51 14.92 -36.61
N LYS L 198 47.96 14.67 -37.84
CA LYS L 198 49.11 13.81 -38.04
C LYS L 198 50.40 14.54 -37.68
N ALA L 199 50.44 15.85 -37.85
CA ALA L 199 51.61 16.65 -37.54
C ALA L 199 51.14 18.02 -37.10
N ASN L 200 52.05 19.01 -37.10
CA ASN L 200 51.75 20.34 -36.59
C ASN L 200 51.36 21.32 -37.68
N GLU L 201 50.75 20.85 -38.77
CA GLU L 201 50.28 21.79 -39.78
C GLU L 201 48.92 22.37 -39.37
N VAL L 202 48.32 23.12 -40.28
CA VAL L 202 47.05 23.78 -39.99
C VAL L 202 45.93 22.77 -39.91
N ASP L 203 45.09 22.89 -38.88
CA ASP L 203 43.86 22.13 -38.82
C ASP L 203 42.96 22.52 -39.97
N ARG L 204 42.55 21.53 -40.77
CA ARG L 204 41.67 21.78 -41.90
C ARG L 204 40.40 20.95 -41.75
N MET L 205 39.28 21.54 -42.13
CA MET L 205 37.98 20.94 -41.95
C MET L 205 37.37 20.61 -43.30
N VAL L 206 36.84 19.41 -43.43
CA VAL L 206 36.17 18.97 -44.63
C VAL L 206 34.66 19.00 -44.37
N LEU L 207 33.92 19.54 -45.33
CA LEU L 207 32.47 19.58 -45.26
C LEU L 207 31.88 18.69 -46.35
N VAL L 208 30.98 17.80 -45.95
CA VAL L 208 30.22 16.98 -46.88
C VAL L 208 28.76 17.40 -46.79
N GLY L 209 28.18 17.76 -47.93
CA GLY L 209 26.86 18.34 -47.98
C GLY L 209 26.89 19.78 -48.44
N ASP L 210 25.72 20.27 -48.84
CA ASP L 210 25.58 21.59 -49.43
C ASP L 210 24.93 22.52 -48.42
N VAL L 211 25.63 23.61 -48.09
CA VAL L 211 25.11 24.63 -47.19
C VAL L 211 25.09 26.01 -47.83
N LYS L 212 25.38 26.09 -49.12
CA LYS L 212 25.52 27.39 -49.78
C LYS L 212 24.19 28.12 -49.83
N ASP L 213 24.21 29.39 -49.41
CA ASP L 213 23.05 30.29 -49.46
C ASP L 213 21.89 29.75 -48.63
N ARG L 214 22.17 28.94 -47.63
CA ARG L 214 21.15 28.43 -46.73
C ARG L 214 21.56 28.70 -45.29
N VAL L 215 20.56 28.74 -44.42
CA VAL L 215 20.82 28.81 -43.00
C VAL L 215 21.35 27.45 -42.53
N ALA L 216 22.44 27.47 -41.80
CA ALA L 216 23.05 26.27 -41.26
C ALA L 216 22.81 26.23 -39.75
N ILE L 217 22.29 25.12 -39.27
CA ILE L 217 22.08 24.91 -37.85
C ILE L 217 23.06 23.84 -37.40
N LEU L 218 24.02 24.22 -36.57
CA LEU L 218 24.93 23.27 -35.95
C LEU L 218 24.23 22.65 -34.74
N VAL L 219 24.13 21.33 -34.74
CA VAL L 219 23.54 20.59 -33.64
C VAL L 219 24.56 19.60 -33.11
N ASP L 220 24.83 19.68 -31.81
CA ASP L 220 25.75 18.77 -31.15
C ASP L 220 25.24 18.51 -29.74
N ASP L 221 25.81 17.50 -29.10
CA ASP L 221 25.40 17.16 -27.75
C ASP L 221 25.96 18.11 -26.71
N MET L 222 27.12 18.73 -26.96
CA MET L 222 27.70 19.61 -25.97
C MET L 222 28.69 20.55 -26.64
N ALA L 223 28.94 21.67 -25.97
CA ALA L 223 29.97 22.63 -26.38
C ALA L 223 30.80 22.93 -25.13
N ASP L 224 31.95 22.27 -25.01
CA ASP L 224 32.81 22.47 -23.84
C ASP L 224 33.70 23.70 -24.01
N THR L 225 34.63 23.63 -24.96
CA THR L 225 35.48 24.76 -25.27
C THR L 225 35.00 25.52 -26.50
N CYS L 226 33.99 25.00 -27.19
CA CYS L 226 33.41 25.56 -28.40
C CYS L 226 34.40 25.58 -29.56
N GLY L 227 35.50 24.84 -29.45
CA GLY L 227 36.39 24.70 -30.58
C GLY L 227 35.70 24.00 -31.75
N THR L 228 34.94 22.95 -31.46
CA THR L 228 34.24 22.22 -32.50
C THR L 228 33.24 23.11 -33.22
N ILE L 229 32.35 23.77 -32.47
CA ILE L 229 31.31 24.57 -33.12
C ILE L 229 31.90 25.82 -33.76
N CYS L 230 32.93 26.42 -33.15
CA CYS L 230 33.51 27.61 -33.76
C CYS L 230 34.22 27.28 -35.07
N HIS L 231 35.02 26.21 -35.08
CA HIS L 231 35.67 25.80 -36.31
C HIS L 231 34.65 25.41 -37.37
N ALA L 232 33.59 24.71 -36.96
CA ALA L 232 32.52 24.37 -37.89
C ALA L 232 31.84 25.62 -38.43
N ALA L 233 31.68 26.64 -37.59
CA ALA L 233 31.04 27.88 -38.03
C ALA L 233 31.89 28.61 -39.06
N ASP L 234 33.20 28.68 -38.82
CA ASP L 234 34.09 29.27 -39.83
C ASP L 234 34.01 28.50 -41.13
N LYS L 235 34.03 27.16 -41.06
CA LYS L 235 33.91 26.36 -42.27
C LYS L 235 32.59 26.61 -42.99
N LEU L 236 31.49 26.70 -42.23
CA LEU L 236 30.18 26.90 -42.84
C LEU L 236 30.08 28.24 -43.53
N LEU L 237 30.59 29.30 -42.90
CA LEU L 237 30.60 30.59 -43.58
C LEU L 237 31.49 30.57 -44.81
N SER L 238 32.66 29.93 -44.71
CA SER L 238 33.54 29.83 -45.87
C SER L 238 32.88 29.04 -46.99
N ALA L 239 31.93 28.16 -46.66
CA ALA L 239 31.24 27.36 -47.65
C ALA L 239 29.99 28.04 -48.20
N GLY L 240 29.69 29.25 -47.76
CA GLY L 240 28.57 29.99 -48.31
C GLY L 240 27.29 29.97 -47.52
N ALA L 241 27.31 29.53 -46.26
CA ALA L 241 26.12 29.60 -45.43
C ALA L 241 25.75 31.05 -45.15
N THR L 242 24.46 31.35 -45.21
CA THR L 242 24.01 32.72 -44.94
C THR L 242 24.10 33.03 -43.46
N ARG L 243 23.43 32.24 -42.63
CA ARG L 243 23.47 32.40 -41.19
C ARG L 243 23.81 31.06 -40.55
N VAL L 244 24.44 31.11 -39.39
CA VAL L 244 24.87 29.91 -38.69
C VAL L 244 24.33 29.95 -37.27
N TYR L 245 23.58 28.92 -36.90
CA TYR L 245 23.13 28.72 -35.53
C TYR L 245 23.86 27.55 -34.93
N ALA L 246 23.99 27.56 -33.60
CA ALA L 246 24.52 26.44 -32.85
C ALA L 246 23.52 26.08 -31.78
N ILE L 247 23.08 24.82 -31.77
CA ILE L 247 22.18 24.31 -30.75
C ILE L 247 22.83 23.13 -30.07
N LEU L 248 23.00 23.23 -28.76
CA LEU L 248 23.57 22.18 -27.95
C LEU L 248 22.57 21.83 -26.86
N THR L 249 22.72 20.64 -26.28
CA THR L 249 21.93 20.40 -25.08
C THR L 249 22.71 20.72 -23.81
N HIS L 250 24.01 20.47 -23.80
CA HIS L 250 24.85 20.77 -22.64
C HIS L 250 25.78 21.94 -22.99
N GLY L 251 25.52 23.10 -22.39
CA GLY L 251 26.43 24.21 -22.55
C GLY L 251 27.42 24.24 -21.41
N ILE L 252 28.59 23.65 -21.62
CA ILE L 252 29.64 23.66 -20.59
C ILE L 252 30.38 24.98 -20.61
N PHE L 253 30.77 25.43 -21.79
CA PHE L 253 31.37 26.75 -21.99
C PHE L 253 32.58 26.98 -21.07
N SER L 254 33.41 25.95 -20.93
CA SER L 254 34.59 26.07 -20.11
C SER L 254 35.71 26.75 -20.89
N GLY L 255 36.67 27.30 -20.15
CA GLY L 255 37.86 27.89 -20.73
C GLY L 255 37.57 29.07 -21.64
N PRO L 256 38.09 29.00 -22.86
CA PRO L 256 37.97 30.12 -23.81
C PRO L 256 36.67 30.16 -24.59
N ALA L 257 35.65 29.41 -24.16
CA ALA L 257 34.44 29.27 -24.98
C ALA L 257 33.71 30.59 -25.16
N ILE L 258 33.61 31.40 -24.10
CA ILE L 258 32.84 32.63 -24.20
C ILE L 258 33.50 33.61 -25.16
N SER L 259 34.82 33.77 -25.07
CA SER L 259 35.51 34.63 -26.02
C SER L 259 35.42 34.08 -27.43
N ARG L 260 35.49 32.76 -27.58
CA ARG L 260 35.36 32.15 -28.89
C ARG L 260 34.00 32.45 -29.52
N ILE L 261 32.93 32.31 -28.73
CA ILE L 261 31.60 32.55 -29.25
C ILE L 261 31.40 34.02 -29.56
N ASN L 262 31.87 34.90 -28.67
CA ASN L 262 31.71 36.33 -28.90
C ASN L 262 32.42 36.78 -30.17
N ASN L 263 33.50 36.11 -30.55
CA ASN L 263 34.25 36.43 -31.76
C ASN L 263 33.83 35.57 -32.94
N ALA L 264 32.84 34.69 -32.76
CA ALA L 264 32.36 33.86 -33.84
C ALA L 264 31.20 34.56 -34.56
N CYS L 265 30.61 33.87 -35.53
CA CYS L 265 29.59 34.43 -36.40
C CYS L 265 28.21 33.89 -36.10
N PHE L 266 28.01 33.30 -34.93
CA PHE L 266 26.75 32.63 -34.62
C PHE L 266 25.61 33.63 -34.54
N GLU L 267 24.48 33.29 -35.17
CA GLU L 267 23.27 34.06 -34.94
C GLU L 267 22.78 33.88 -33.51
N ALA L 268 22.86 32.66 -33.00
CA ALA L 268 22.51 32.35 -31.63
C ALA L 268 23.15 31.04 -31.24
N VAL L 269 23.58 30.93 -29.99
CA VAL L 269 24.05 29.68 -29.41
C VAL L 269 23.00 29.25 -28.41
N VAL L 270 22.33 28.14 -28.70
CA VAL L 270 21.18 27.68 -27.93
C VAL L 270 21.59 26.45 -27.14
N VAL L 271 21.41 26.50 -25.83
CA VAL L 271 21.69 25.38 -24.95
C VAL L 271 20.49 25.17 -24.04
N THR L 272 20.40 23.97 -23.49
CA THR L 272 19.44 23.74 -22.43
C THR L 272 20.04 24.18 -21.09
N ASN L 273 19.21 24.16 -20.04
CA ASN L 273 19.69 24.49 -18.71
C ASN L 273 20.02 23.24 -17.90
N THR L 274 20.51 22.19 -18.56
CA THR L 274 21.12 21.08 -17.83
C THR L 274 22.33 21.54 -17.03
N ILE L 275 22.97 22.62 -17.45
CA ILE L 275 24.06 23.25 -16.74
C ILE L 275 23.62 24.69 -16.48
N PRO L 276 23.92 25.28 -15.33
CA PRO L 276 23.55 26.68 -15.12
C PRO L 276 24.23 27.58 -16.14
N GLN L 277 23.44 28.49 -16.71
CA GLN L 277 23.92 29.37 -17.77
C GLN L 277 23.88 30.83 -17.40
N GLU L 278 23.44 31.18 -16.18
CA GLU L 278 23.26 32.57 -15.80
C GLU L 278 24.55 33.36 -15.98
N ASP L 279 25.66 32.82 -15.48
CA ASP L 279 26.95 33.49 -15.62
C ASP L 279 27.37 33.59 -17.08
N LYS L 280 27.15 32.52 -17.84
CA LYS L 280 27.56 32.53 -19.25
C LYS L 280 26.79 33.57 -20.05
N MET L 281 25.48 33.68 -19.82
CA MET L 281 24.68 34.64 -20.56
C MET L 281 25.07 36.08 -20.27
N LYS L 282 25.62 36.35 -19.09
CA LYS L 282 26.01 37.71 -18.76
C LYS L 282 27.20 38.20 -19.57
N HIS L 283 28.04 37.29 -20.06
CA HIS L 283 29.20 37.66 -20.86
C HIS L 283 29.06 37.34 -22.34
N CYS L 284 27.99 36.67 -22.75
CA CYS L 284 27.77 36.33 -24.16
C CYS L 284 26.29 36.50 -24.46
N SER L 285 25.95 37.57 -25.18
CA SER L 285 24.57 37.83 -25.54
C SER L 285 24.02 36.80 -26.53
N LYS L 286 24.90 36.11 -27.26
CA LYS L 286 24.44 35.14 -28.24
C LYS L 286 23.80 33.91 -27.60
N ILE L 287 24.08 33.64 -26.33
CA ILE L 287 23.58 32.43 -25.70
C ILE L 287 22.12 32.60 -25.34
N GLN L 288 21.30 31.63 -25.74
CA GLN L 288 19.92 31.52 -25.32
C GLN L 288 19.70 30.14 -24.72
N VAL L 289 18.75 30.05 -23.80
CA VAL L 289 18.57 28.86 -22.97
C VAL L 289 17.19 28.27 -23.21
N ILE L 290 17.14 26.97 -23.51
CA ILE L 290 15.90 26.22 -23.52
C ILE L 290 15.74 25.58 -22.14
N ASP L 291 14.64 25.91 -21.46
CA ASP L 291 14.37 25.30 -20.17
C ASP L 291 13.93 23.86 -20.39
N ILE L 292 14.62 22.92 -19.77
CA ILE L 292 14.23 21.52 -19.80
C ILE L 292 13.75 21.04 -18.44
N SER L 293 13.52 21.96 -17.50
CA SER L 293 13.07 21.57 -16.17
C SER L 293 11.73 20.86 -16.22
N MET L 294 10.87 21.20 -17.19
CA MET L 294 9.59 20.50 -17.29
C MET L 294 9.80 19.05 -17.73
N ILE L 295 10.78 18.80 -18.59
CA ILE L 295 11.07 17.43 -19.00
C ILE L 295 11.56 16.61 -17.82
N LEU L 296 12.49 17.16 -17.05
CA LEU L 296 13.01 16.44 -15.89
C LEU L 296 11.93 16.24 -14.84
N ALA L 297 11.11 17.26 -14.60
CA ALA L 297 10.04 17.15 -13.62
C ALA L 297 9.03 16.09 -14.03
N GLU L 298 8.65 16.06 -15.31
CA GLU L 298 7.75 15.03 -15.79
C GLU L 298 8.38 13.64 -15.68
N ALA L 299 9.67 13.54 -15.97
CA ALA L 299 10.34 12.24 -15.83
C ALA L 299 10.32 11.77 -14.39
N ILE L 300 10.60 12.67 -13.44
CA ILE L 300 10.58 12.31 -12.02
C ILE L 300 9.18 11.91 -11.59
N ARG L 301 8.18 12.68 -12.01
CA ARG L 301 6.81 12.40 -11.64
C ARG L 301 6.34 11.06 -12.18
N ARG L 302 6.68 10.76 -13.45
CA ARG L 302 6.27 9.49 -14.04
C ARG L 302 7.04 8.32 -13.42
N THR L 303 8.31 8.53 -13.08
CA THR L 303 9.06 7.49 -12.38
C THR L 303 8.42 7.17 -11.04
N HIS L 304 8.03 8.21 -10.30
CA HIS L 304 7.38 8.01 -9.02
C HIS L 304 6.03 7.32 -9.17
N ASN L 305 5.26 7.69 -10.20
CA ASN L 305 3.93 7.14 -10.41
C ASN L 305 3.93 5.83 -11.17
N GLY L 306 5.10 5.33 -11.58
CA GLY L 306 5.14 4.11 -12.34
C GLY L 306 4.52 4.22 -13.71
N GLU L 307 4.76 5.33 -14.40
CA GLU L 307 4.25 5.56 -15.74
C GLU L 307 5.40 5.69 -16.73
N SER L 308 5.10 5.38 -17.99
CA SER L 308 6.11 5.43 -19.04
C SER L 308 6.57 6.86 -19.28
N VAL L 309 7.86 7.03 -19.58
CA VAL L 309 8.39 8.33 -19.97
C VAL L 309 8.52 8.46 -21.47
N SER L 310 7.95 7.53 -22.24
CA SER L 310 8.04 7.58 -23.69
C SER L 310 7.39 8.84 -24.24
N TYR L 311 6.39 9.38 -23.55
CA TYR L 311 5.75 10.61 -23.98
C TYR L 311 6.74 11.76 -24.10
N LEU L 312 7.79 11.75 -23.27
CA LEU L 312 8.77 12.82 -23.25
C LEU L 312 9.65 12.83 -24.50
N PHE L 313 9.65 11.76 -25.29
CA PHE L 313 10.48 11.68 -26.48
C PHE L 313 9.78 12.17 -27.73
N SER L 314 8.51 12.58 -27.63
CA SER L 314 7.77 13.14 -28.74
C SER L 314 7.17 14.49 -28.46
N HIS L 315 7.09 14.91 -27.20
CA HIS L 315 6.41 16.14 -26.82
C HIS L 315 7.21 16.86 -25.75
N VAL L 316 7.08 18.18 -25.72
CA VAL L 316 7.63 19.01 -24.65
C VAL L 316 6.47 19.39 -23.73
N PRO L 317 6.44 18.91 -22.49
CA PRO L 317 5.34 19.19 -21.55
C PRO L 317 5.27 20.66 -21.14
#